data_8YQW
#
_entry.id   8YQW
#
_cell.length_a   1.00
_cell.length_b   1.00
_cell.length_c   1.00
_cell.angle_alpha   90.00
_cell.angle_beta   90.00
_cell.angle_gamma   90.00
#
_symmetry.space_group_name_H-M   'P 1'
#
loop_
_entity.id
_entity.type
_entity.pdbx_description
1 polymer 'DNA-directed RNA polymerase subunit'
2 polymer C147L
3 polymer 'DNA-directed RNA polymerase subunit beta'
4 polymer 'DNA-directed RNA polymerase RPB3-11 homolog'
5 polymer 'DNA-directed RNA polymerase RPB5 homolog'
6 polymer 'DNA-directed RNA polymerase RPB10 homolog'
7 polymer C122R
8 polymer M1249L
9 polymer D339L
10 non-polymer 'MAGNESIUM ION'
11 non-polymer 'ZINC ION'
#
loop_
_entity_poly.entity_id
_entity_poly.type
_entity_poly.pdbx_seq_one_letter_code
_entity_poly.pdbx_strand_id
1 'polypeptide(L)'
;MEAGYAEIAAVQFNIAGDNDHKRQGVMEVTISNLFEGTLPAEGGIYDARMGTTDHHYKCITCSHQRKQCMGHPGILQMHA
PVLQPLFIAEIRRWLRVICLNCGAPIVDLKRYEHLIRPKRLIEAASSQTEGKQCYVCKAVHPKIVKDSEDYFTFWADQQG
KIDKLYPQIIREIFSRVTYDTVVKLGRSKNSHPEKLVLKAIQIPPISIRPGIRLGIGSGPQSFHDINNVIQYLVRKNLLI
PKDLQIVRGQKIPLNIDRNLQTIQQLYYNFLLDSVSTTATQGGTGKRGIVMGARPAPSIMRRLPRKEGRIRKSLLGSQVW
SISRSTICGNSDLHLDEVGYPISFARTLQVAETVQHYNINRLMPYFLNGKRQYPGCSRVYKQITQSVHDIEGLKQDFRLE
VGDILYRDVVTGDVAFFNRQPSLERSSIGVHRIVVLENPKISTFQMNVSACAWYNADFDGDQMNLWVPWSVMSRVEAELL
CSVRNWFISTKSSGPVNGQVQDSTVGSFLLTRTNTPMGKNVMNKLHAMGLFQTTQTDPPCFANYSPTDLLDGKSVVSMLL
RQTPINYQRAPTWYSEVYAPYMHYNKQDISTQIRNGELIEGVLDKKAVGAGSSGGIYHLISRRYGPQQALKMIFATQQLA
LNYVRNAGFTVSTADMLLTPEAHQEVQEIINELLLESEEINNRLLHGDIMPPIGLTTHDFYEKLQLNALKFPDRILKPIM
NSINPETNGLFQMVATGAKGSNPNMIHIMAGIGQIEINTQRIQPQFSFGRTLVYYPRFALEAQAYGFICNSYIAGLTSPE
FIFGEMNGRFDLINKALSTSSTGYANRKAIFGLQSCIVDYYRRVSIDTRLVQQLYGEDGLDARQLETVRFETIMLSDQEL
EDKFKYTGIQSPLFEEEFSRLKKDRDKYRQIFLNVENFNFSQLLTDVRQVPVNVASIVKNILLSSTSGVLPFDEKSILQK
YAMVKTFCKNLPYVFINNIQERLQTPIPVYLKRAASLMRMLIRIELATVKTLNITCEQMSAILDLIRLQYTQSLINYGEA
VGILAAQSVSEPLTQYMLDSHHRSVAGGTNKSGIVRPQEIFSAKPVEAEQSSEMLLRLKNPEVETNKTYAQEIANSIELI
TFERLILQWHLLYETYSSTKKNVMYPDFASDVEWMTDFLENHPLLQPPEDIANWCIRLELNKTTMILKSISLESIINSLR
AKHPNTYIMHSVENTASGIPIIIRIYLRESAFRRSTNTRMATDEKIAVNVVDKLLNSTIRGIPGIKNANVVKLMRHRVDA
QGKLVRLDNIYAIKTNGTNIFGAMLDDNIDPYTIVSSSIGDTMELYGIEAARQKIISEIRTVMGDKGPNHRHLLMYADLM
TRTGQVTSLEKAGLNAREPSNVLLRMALSSPVQVLTDAAVDSAVNPIYGIAAPTLMGSVPRIGTMYSDIIMDEKYITENY
KSVDSLIDML
;
A
2 'polypeptide(L)'
;MADNDNEDLIMDDLVEEYVETEEENLVDSEEESEDKDEIVESPSICEGFVQASSQTLVIIPDNERITSNVLTTFEATRLV
AVRAQQLAINGSTMLKKKYSSPIDIAKQELFNRKIPLLVMRCIKVTPEGQKIVEIWNPREMGIPLLD
;
E
3 'polypeptide(L)'
;MEPLRPQITYGPIETVDNEELTEADMLSFISAAVNSTGLIGYNIKSFDDLMDNGIPQIVKQMFNVDITYKDQRDHTEIDK
LRESVQIQFNFTDVNIERPQHRNYSQGNKINLLPNKARLCGLSYSGPVNLAAEVILTAHYSNGRQEVKRASIPPFQVSTF
PIMRGSNRCHTHHLSKTAKKEIGEDPNEPGGYFIARGGEWVVDLLENIRFNTLHIHYHTMQQGNNEIIRGEFISQPGGAF
ENSSQIIIRYMTTGAITIEINSTKFSKLRIPWYLIFRMFGMTGDDSIIEQVVFDLESNSLVNTFMIEILEKSIHVLDPIF
QPVQHELNREKIIQFLSEKVSKFVSNPSAYKSDENAVQYLNERQLTILDKILLPHMGQTADTRVRKLRFLGLLIHKILLV
IMNVFPPTDRDSYRTKRVHGSGVSLAKAFKAIFNTSVIAPIINGFKELLKQTAFEELTQRNIIEAFSAALSKNTASDLNR
SMEQSIISGNKTIMVRQRPIVNRVSTQSLERKNLLNTISALRTVNTHNTTNASKQTERADMMRRVHASYPGYICVAQSAD
TGEKVGMSKQLAITANVCTAGEVLSLKQRLLSDPAIQQLADVSNKDIVRKGLARVFINGEWIGCCTNAFELAQRYRMLRR
EGKVVHPHTTIYWDSMVDEVEFWLDVGRLTRPLLIVDNNIEKYNQACYKAAEARKKGDKDWEKHKIPFIQNTRFTPQMAK
DILAGTLTLEDLVAQGICEFITPEEAENCLVAFSIIELRKHKHDVTRRFTHVDVPQAILGLAALVSPYANCTQPARVTYE
TNQGRQTGGWYCFSWPYRVDMNRFFQFYNEMPLVKTIAHNYVIPNGLNTIVAYMIYGGYNQEDSVIVSQSFIDRGGFAGT
FYREEKVELESDIESFGKPDPLITKNLKPGANYEKLVDGFVPVGTVVKKGDIIIGKVAKIRGEKDELNKYIDRSVMYGFD
EPAVVDAVMRPHGPNDEIFGLMRLRYERNLNIGDKMSSRSGNKGIAALALPTSDMPFTEDGLQPDLIVNPHSHPSRMTNG
QMIETTVGLANALQGVVTDGTAFLPINVQLLSERLAQEGLRFNGCQKMFNGQTGEYFDAAIFIGPTYHQRLQKFVLDDRY
AVASYGPTDALTGQPLDGKRSHGGLRLGEMEHWVLTAQGAMQTIIEKSHDDSDGCISYICRNCGEPAIYNASHPIYKCMN
CDVQADIGMVDSRRSSIVFQHEMRAANVNITSVLSPRVFQPA
;
B
4 'polypeptide(L)'
;MEKIFQNVEIKPFLIDFSNLFIKNAAKKLFQLEEQLPLVPVNVVMDFKGISRAAVHGLSRVLQDEIPNYMLDIKPGGYKI
EDSTDLFMTEQFIRNRINFIPIYAKNETLVFALRSLNNSCEVKTIYSRDLIQVAGPKLKYPIFNPTFEIGFLQPGKSLII
EDIYIKKGIGRKHAAFNLAVKTHFSHLDIEQYPTDKKEYMALSGYKQSSMTSDPRHHRLGLCFPAVPLPHINQAVRTYLK
NACRIIIGRIQSIQKIYENFEEPQPELVLFSMDEEKTKAIITIKDETHTIGNLLKTYIYEMIPDISFVGYQCVPHKQEMV
LTIIHKASQEDLITLLEKSIQNIIQTFQILEKNVDELIA
;
C
5 'polypeptide(L)'
;MAMQKLFTYIYEFIEYRKMVLLEEKVPYDKFVQMVLNTGFFRINAETLNHGIVSVFIFGANGKYVHHGGDMRTLLTNTLN
EKKHYEELILIVDKPVLSKKNILDIIVEQRAANPTIVINIYPYHLFCINIPKVSAIPKHKLITQEEAQEFLGREYLQPQD
LMQISASDPPVVWLGGRPGDFVQIERPSETAMHAVVIRFITKSKI
;
D
6 'polypeptide(L)' MLIPVVCFTCGFPIGTYAAIFDKARTEYIKTKMGGTLPQNIPLDASLQIELKDLITALGIPMRVCCRTHLITTLDYRKYY H
7 'polypeptide(L)'
;MKICKACSSCMVRTYVDGNIIFRCSCGESVQGDSQNLLVSSKVYHTGEMEDKYKIFIKNAPFDPTNCQIKKDCPNCHLDY
LTQICIGSQKIIILVCRCGYMSNRG
;
G
8 'polypeptide(L)'
;MEEVITIAQIVHRGTDILSLNNEEIEALVDEIYSTLKGSNDIKNIRLIDFLFTLKDFVNHVRAEQSKLPDLSMPIEAYIR
QLLVDPDVVPIVSEKKKELRVRPSTRKEIFLINGTHLAVPAEAPIEIYGLKLRLKTFSPQCFMRMAEIGSFSPETLGYVA
SGANLTNFIRVFMKCVDQETWKKNGEGVVVTTKENIIQFTHQYIELYKFLRSGGHSWLINRLAEEMVHRKLDREDQGSHI
SNIVETEEIEPEENIKRVIFFLKELSTMYSVSPVFTSGYMPLLYDLYRAGYLEVLWNPVEQKFLQHAEQREKEQMILQQV
DMKLTEVITQARQYFKIMEEKIGRVQSDAIREILTMEGKVDDPNSILQEVIKACGKQEAELITTEYLNIKKQWELQEKNA
CAHLKLVKQLRSGLQYAELLKVLESIRVLYKEKNNTTNWNLCKACGFKLLCPHVDMLIQLQAAEASYDTMRTKLMKFSGI
NKEKENNQGLIYSYFCKICGEELAHFIQEDRTADVGIIGDLNSKLRVFIWQETMKACTFIHFGKLVDVKQFANIAVNVCL
PLVYSIENIKKEEDYDPLTQLYAVIYIYAYILNLIYSSQKNKEFLTITIHGMKADSSLNAYVTFLLEKMMQQYSGIINQL
SEITDQWIANNFREAFKKIIHQNGLQGLSVQDDTKVLLTEILLDPMYDYAATVARIDGSIPMHKPRTPKEAEYEFKTVIG
RTPAELLSQKEFYDKIYTSKYRPDFTQLTRLNDIYFQEESLRVWWGGRDEEKTSTLIYLRAYELFLKYLQNAPNFNSELA
EFKTYENAYGEQKALLAQQGFYNIFDPNTGRADQRTRLFEYKRLPISTLYDERGLPHKWTIYVYKAVDSSQKPAEIEVTR
KDVIKKIDNHYALADLRCSVCHVLQHEVGQLNIKKVQTALKASLEFNTFYAFYESRCPKGGLHDFQDKKCVKCGLFTYII
YDHLSQPELVHDYYNNYKDQYDKEKMSIRSIQIKKDMTTPSTETQPKPPQEPWTFDYGKIIKTAKILDISPAVIEAIGAM
EGRSYADIREGQGAPPPPTSMDDPRLMAVDSAVRIFLYNYNCLRHVSTFNKPPIHVERLVKHLSYEEKEDLEKVLPNVVN
EYHTTFKHLRVTDPASALLYSIEFLCISFLTLYEIKEPSWVVNIVREFALTELNTIIQSEKLLSKPGAFNFMIFGEDFVC
SGEDSSMDDISAYSSPGLFGEDIIDRLDDPFSIEDVDISLDVLDNLAPQ
;
J
9 'polypeptide(L)'
;MIDQKIFETTLNIDDPTNFCTNVEAHLLKELENIYVGKCFKNSFILNITGVIQRSPCFIMRTNNSGRGYMHVRFSAVVSY
LNAFDLIAAVKIIKNDSNIILGESLLTEPVTIVIPSSESQNNVAEVGQIVPVQLANSSVYYIPGRQQASATGSIFIPKHT
FSVYHVQEELTQEQALNLTKLVNIIEMLLESRSKKDFKQICFFEKLYYTYSISSDEILDLKIWKGPKGKEMSRLKPCNVL
SFLYDALKNKNSSLGFWARPPNLLKSSPLAYQQDQNSFNATELPIICSAEVMFVTLLKEIINYLQFINDLCDTFNNEQLI
KRHENIWMLIEQRKIGHDF
;
F
#
loop_
_chem_comp.id
_chem_comp.type
_chem_comp.name
_chem_comp.formula
MG non-polymer 'MAGNESIUM ION' 'Mg 2'
ZN non-polymer 'ZINC ION' 'Zn 2'
#
# COMPACT_ATOMS: atom_id res chain seq x y z
N GLU A 2 30.12 -3.04 37.11
CA GLU A 2 29.59 -2.33 38.28
C GLU A 2 28.13 -1.96 38.04
N ALA A 3 27.74 -1.84 36.78
CA ALA A 3 26.35 -1.62 36.40
C ALA A 3 25.71 -2.98 36.13
N GLY A 4 24.85 -3.41 37.05
CA GLY A 4 24.27 -4.74 36.94
C GLY A 4 23.28 -4.85 35.81
N TYR A 5 23.00 -6.10 35.43
CA TYR A 5 22.05 -6.37 34.37
C TYR A 5 20.63 -5.98 34.80
N ALA A 6 19.89 -5.37 33.89
CA ALA A 6 18.55 -4.91 34.20
C ALA A 6 17.69 -4.96 32.95
N GLU A 7 16.38 -4.86 33.17
CA GLU A 7 15.39 -4.82 32.11
C GLU A 7 14.34 -3.77 32.47
N ILE A 8 13.64 -3.29 31.45
CA ILE A 8 12.58 -2.30 31.66
C ILE A 8 11.26 -3.03 31.83
N ALA A 9 10.59 -2.81 32.96
CA ALA A 9 9.32 -3.45 33.25
C ALA A 9 8.12 -2.57 32.94
N ALA A 10 8.27 -1.25 33.02
CA ALA A 10 7.19 -0.33 32.72
C ALA A 10 7.78 1.00 32.29
N VAL A 11 6.98 1.79 31.61
CA VAL A 11 7.37 3.11 31.12
C VAL A 11 6.28 4.11 31.51
N GLN A 12 6.70 5.23 32.08
CA GLN A 12 5.77 6.27 32.51
C GLN A 12 5.92 7.50 31.62
N PHE A 13 4.80 8.11 31.27
CA PHE A 13 4.76 9.30 30.44
C PHE A 13 4.26 10.47 31.26
N ASN A 14 4.88 11.63 31.06
CA ASN A 14 4.54 12.82 31.84
C ASN A 14 4.88 14.05 31.02
N ILE A 15 4.39 15.19 31.47
CA ILE A 15 4.74 16.48 30.89
C ILE A 15 5.99 16.99 31.60
N ALA A 16 7.01 17.36 30.81
CA ALA A 16 8.26 17.82 31.37
C ALA A 16 8.21 19.32 31.61
N GLY A 17 8.40 19.75 32.85
CA GLY A 17 8.42 21.14 33.21
C GLY A 17 9.81 21.72 33.22
N ASP A 18 9.92 22.91 33.81
CA ASP A 18 11.22 23.58 33.90
C ASP A 18 12.18 22.82 34.80
N ASN A 19 11.66 22.28 35.92
CA ASN A 19 12.52 21.59 36.86
C ASN A 19 13.15 20.34 36.24
N ASP A 20 12.37 19.60 35.45
CA ASP A 20 12.90 18.42 34.77
C ASP A 20 14.04 18.80 33.84
N HIS A 21 13.86 19.86 33.05
CA HIS A 21 14.90 20.30 32.13
C HIS A 21 16.12 20.80 32.87
N LYS A 22 15.92 21.46 34.01
CA LYS A 22 17.05 21.97 34.77
C LYS A 22 17.84 20.86 35.43
N ARG A 23 17.18 19.81 35.91
CA ARG A 23 17.91 18.67 36.46
C ARG A 23 18.62 17.88 35.37
N GLN A 24 17.91 17.53 34.30
CA GLN A 24 18.45 16.61 33.31
C GLN A 24 19.50 17.26 32.41
N GLY A 25 19.47 18.58 32.26
CA GLY A 25 20.43 19.23 31.40
C GLY A 25 21.84 19.16 31.96
N VAL A 26 22.81 19.04 31.06
CA VAL A 26 24.21 18.97 31.45
C VAL A 26 24.93 20.30 31.29
N MET A 27 24.40 21.21 30.49
CA MET A 27 24.98 22.54 30.33
C MET A 27 23.86 23.52 30.01
N GLU A 28 24.23 24.80 30.00
CA GLU A 28 23.31 25.87 29.63
C GLU A 28 23.80 26.53 28.35
N VAL A 29 22.91 26.65 27.37
CA VAL A 29 23.26 27.28 26.10
C VAL A 29 23.20 28.79 26.28
N THR A 30 24.33 29.46 26.01
CA THR A 30 24.44 30.89 26.23
C THR A 30 24.89 31.69 25.02
N ILE A 31 25.49 31.06 24.01
CA ILE A 31 26.05 31.76 22.86
C ILE A 31 25.51 31.15 21.58
N SER A 32 25.51 31.95 20.52
CA SER A 32 25.06 31.51 19.21
C SER A 32 26.22 31.13 18.29
N ASN A 33 27.44 31.09 18.81
CA ASN A 33 28.57 30.61 18.03
C ASN A 33 28.51 29.08 17.92
N LEU A 34 28.90 28.56 16.76
CA LEU A 34 28.80 27.13 16.51
C LEU A 34 30.10 26.41 16.87
N PHE A 35 31.20 26.77 16.20
CA PHE A 35 32.45 26.06 16.34
C PHE A 35 33.58 27.04 16.66
N GLU A 36 34.41 26.66 17.64
CA GLU A 36 35.62 27.42 17.97
C GLU A 36 36.78 26.68 17.29
N GLY A 37 37.18 27.19 16.13
CA GLY A 37 38.16 26.50 15.31
C GLY A 37 37.63 25.19 14.78
N THR A 38 38.37 24.11 15.01
CA THR A 38 37.93 22.78 14.60
C THR A 38 37.12 22.07 15.68
N LEU A 39 37.05 22.61 16.88
CA LEU A 39 36.29 22.05 17.98
C LEU A 39 34.97 22.78 18.16
N PRO A 40 33.96 22.13 18.71
CA PRO A 40 32.71 22.84 19.03
C PRO A 40 32.94 23.93 20.05
N ALA A 41 32.20 25.03 19.90
CA ALA A 41 32.31 26.15 20.82
C ALA A 41 31.63 25.82 22.13
N GLU A 42 32.33 26.07 23.24
CA GLU A 42 31.77 25.83 24.56
C GLU A 42 30.64 26.82 24.83
N GLY A 43 29.50 26.31 25.28
CA GLY A 43 28.33 27.12 25.51
C GLY A 43 27.41 27.24 24.31
N GLY A 44 27.83 26.76 23.14
CA GLY A 44 27.00 26.79 21.96
C GLY A 44 26.12 25.56 21.84
N ILE A 45 25.37 25.51 20.74
CA ILE A 45 24.44 24.40 20.51
C ILE A 45 25.15 23.11 20.14
N TYR A 46 26.47 23.15 19.93
CA TYR A 46 27.24 21.96 19.60
C TYR A 46 28.18 21.54 20.72
N ASP A 47 27.97 22.03 21.93
CA ASP A 47 28.90 21.78 23.02
C ASP A 47 29.08 20.29 23.24
N ALA A 48 30.33 19.88 23.46
CA ALA A 48 30.65 18.46 23.57
C ALA A 48 30.10 17.83 24.85
N ARG A 49 29.68 18.63 25.83
CA ARG A 49 28.99 18.06 26.98
C ARG A 49 27.66 17.45 26.60
N MET A 50 27.10 17.83 25.46
CA MET A 50 25.87 17.26 24.95
C MET A 50 26.10 16.02 24.11
N GLY A 51 27.34 15.59 23.95
CA GLY A 51 27.67 14.42 23.17
C GLY A 51 28.59 14.75 22.02
N THR A 52 29.15 13.69 21.44
CA THR A 52 30.04 13.79 20.30
C THR A 52 29.44 13.03 19.11
N THR A 53 29.58 13.61 17.92
CA THR A 53 29.22 12.93 16.70
C THR A 53 30.40 12.77 15.74
N ASP A 54 31.50 13.47 15.97
CA ASP A 54 32.70 13.36 15.16
C ASP A 54 33.75 12.54 15.90
N HIS A 55 34.59 11.86 15.13
CA HIS A 55 35.71 11.11 15.71
C HIS A 55 36.83 12.02 16.22
N HIS A 56 36.77 13.31 15.91
CA HIS A 56 37.81 14.24 16.32
C HIS A 56 37.83 14.47 17.84
N TYR A 57 36.75 14.15 18.53
CA TYR A 57 36.69 14.38 19.97
C TYR A 57 35.74 13.37 20.60
N LYS A 58 35.80 13.29 21.93
CA LYS A 58 34.92 12.44 22.71
C LYS A 58 33.97 13.30 23.52
N CYS A 59 32.93 12.66 24.06
CA CYS A 59 31.95 13.38 24.87
C CYS A 59 32.58 13.83 26.18
N ILE A 60 32.36 15.10 26.55
CA ILE A 60 32.86 15.58 27.83
C ILE A 60 32.13 14.92 28.98
N THR A 61 30.84 14.63 28.81
CA THR A 61 30.03 14.12 29.91
C THR A 61 30.42 12.69 30.27
N CYS A 62 30.25 11.76 29.33
CA CYS A 62 30.48 10.34 29.60
C CYS A 62 31.87 9.86 29.18
N SER A 63 32.66 10.70 28.54
CA SER A 63 34.01 10.34 28.09
C SER A 63 34.00 9.08 27.23
N HIS A 64 33.00 9.00 26.35
CA HIS A 64 32.88 7.91 25.38
C HIS A 64 33.16 8.44 23.98
N GLN A 65 33.48 7.53 23.08
CA GLN A 65 33.66 7.90 21.68
C GLN A 65 32.29 8.08 21.03
N ARG A 66 32.31 8.30 19.71
CA ARG A 66 31.06 8.57 19.00
C ARG A 66 30.06 7.42 19.16
N LYS A 67 30.53 6.18 19.14
CA LYS A 67 29.63 5.04 19.04
C LYS A 67 28.95 4.74 20.36
N GLN A 68 29.66 4.90 21.47
CA GLN A 68 29.15 4.52 22.78
C GLN A 68 28.47 5.65 23.52
N CYS A 69 28.48 6.86 22.98
CA CYS A 69 27.85 8.02 23.61
C CYS A 69 26.46 8.20 23.01
N MET A 70 25.44 8.23 23.87
CA MET A 70 24.06 8.36 23.45
C MET A 70 23.54 9.79 23.50
N GLY A 71 24.39 10.75 23.84
CA GLY A 71 23.96 12.13 23.87
C GLY A 71 23.38 12.53 25.22
N HIS A 72 23.52 13.81 25.54
CA HIS A 72 23.02 14.35 26.79
C HIS A 72 22.37 15.70 26.52
N PRO A 73 21.24 15.98 27.14
CA PRO A 73 20.50 17.21 26.83
C PRO A 73 21.12 18.44 27.47
N GLY A 74 20.77 19.60 26.90
CA GLY A 74 21.20 20.88 27.41
C GLY A 74 20.02 21.75 27.79
N ILE A 75 20.34 22.92 28.34
CA ILE A 75 19.35 23.84 28.86
C ILE A 75 19.47 25.14 28.09
N LEU A 76 18.34 25.76 27.76
CA LEU A 76 18.32 27.12 27.24
C LEU A 76 17.34 27.93 28.06
N GLN A 77 17.85 28.90 28.81
CA GLN A 77 17.01 29.78 29.62
C GLN A 77 16.33 30.80 28.71
N MET A 78 15.02 30.65 28.54
CA MET A 78 14.25 31.63 27.78
C MET A 78 14.12 32.92 28.57
N HIS A 79 14.33 34.05 27.89
CA HIS A 79 14.14 35.34 28.54
C HIS A 79 12.67 35.63 28.77
N ALA A 80 11.80 35.15 27.89
CA ALA A 80 10.36 35.26 28.05
C ALA A 80 9.75 33.87 28.00
N PRO A 81 8.84 33.54 28.91
CA PRO A 81 8.28 32.19 28.93
C PRO A 81 7.53 31.86 27.65
N VAL A 82 7.51 30.58 27.31
CA VAL A 82 6.82 30.09 26.12
C VAL A 82 5.85 28.98 26.53
N LEU A 83 4.82 28.80 25.72
CA LEU A 83 3.87 27.72 25.92
C LEU A 83 4.38 26.44 25.28
N GLN A 84 3.98 25.30 25.84
CA GLN A 84 4.45 24.02 25.33
C GLN A 84 3.69 23.68 24.04
N PRO A 85 4.37 23.48 22.92
CA PRO A 85 3.66 23.34 21.64
C PRO A 85 2.70 22.17 21.57
N LEU A 86 3.01 21.04 22.18
CA LEU A 86 2.15 19.87 22.04
C LEU A 86 0.92 19.92 22.93
N PHE A 87 0.91 20.76 23.96
CA PHE A 87 -0.16 20.77 24.94
C PHE A 87 -0.97 22.06 24.91
N ILE A 88 -0.94 22.78 23.78
CA ILE A 88 -1.67 24.04 23.65
C ILE A 88 -3.15 23.82 23.96
N ALA A 89 -3.73 22.78 23.39
CA ALA A 89 -5.13 22.46 23.67
C ALA A 89 -5.36 22.32 25.16
N GLU A 90 -4.48 21.59 25.85
CA GLU A 90 -4.62 21.44 27.29
C GLU A 90 -4.62 22.79 27.98
N ILE A 91 -3.73 23.69 27.55
CA ILE A 91 -3.70 25.04 28.11
C ILE A 91 -5.07 25.69 27.99
N ARG A 92 -5.70 25.55 26.82
CA ARG A 92 -7.02 26.13 26.64
C ARG A 92 -8.00 25.56 27.65
N ARG A 93 -7.98 24.23 27.85
CA ARG A 93 -8.91 23.62 28.79
C ARG A 93 -8.71 24.16 30.19
N TRP A 94 -7.49 24.61 30.52
CA TRP A 94 -7.27 25.15 31.84
C TRP A 94 -7.66 26.61 31.94
N LEU A 95 -7.64 27.35 30.82
CA LEU A 95 -8.02 28.75 30.85
C LEU A 95 -9.52 28.96 30.91
N ARG A 96 -10.31 27.94 30.60
CA ARG A 96 -11.76 28.04 30.56
C ARG A 96 -12.42 27.51 31.83
N VAL A 97 -11.65 27.03 32.80
CA VAL A 97 -12.18 26.41 33.99
C VAL A 97 -11.83 27.18 35.26
N ILE A 98 -10.62 27.71 35.33
CA ILE A 98 -10.15 28.40 36.52
C ILE A 98 -10.42 29.89 36.38
N CYS A 99 -10.49 30.56 37.52
CA CYS A 99 -10.58 32.02 37.52
C CYS A 99 -9.24 32.63 37.15
N LEU A 100 -9.27 33.66 36.29
CA LEU A 100 -8.07 34.30 35.81
C LEU A 100 -7.51 35.32 36.79
N ASN A 101 -8.14 35.51 37.95
CA ASN A 101 -7.70 36.52 38.90
C ASN A 101 -7.32 35.97 40.27
N CYS A 102 -7.91 34.86 40.70
CA CYS A 102 -7.55 34.27 41.99
C CYS A 102 -7.14 32.80 41.89
N GLY A 103 -7.35 32.15 40.76
CA GLY A 103 -6.95 30.77 40.59
C GLY A 103 -7.94 29.74 41.05
N ALA A 104 -9.04 30.15 41.66
CA ALA A 104 -10.05 29.22 42.12
C ALA A 104 -10.87 28.68 40.95
N PRO A 105 -11.45 27.50 41.08
CA PRO A 105 -12.29 26.97 40.00
C PRO A 105 -13.58 27.76 39.86
N ILE A 106 -14.10 27.78 38.64
CA ILE A 106 -15.37 28.42 38.33
C ILE A 106 -16.48 27.39 38.22
N VAL A 107 -16.24 26.31 37.49
CA VAL A 107 -17.21 25.22 37.44
C VAL A 107 -17.33 24.57 38.82
N ASP A 108 -18.41 23.83 39.01
CA ASP A 108 -18.61 23.07 40.24
C ASP A 108 -17.88 21.75 40.09
N LEU A 109 -16.82 21.56 40.87
CA LEU A 109 -16.01 20.35 40.73
C LEU A 109 -16.82 19.11 41.11
N LYS A 110 -17.59 19.19 42.19
CA LYS A 110 -18.42 18.07 42.61
C LYS A 110 -19.46 17.69 41.56
N ARG A 111 -19.79 18.61 40.65
CA ARG A 111 -20.72 18.29 39.58
C ARG A 111 -20.11 17.31 38.58
N TYR A 112 -18.78 17.27 38.48
CA TYR A 112 -18.10 16.40 37.52
C TYR A 112 -17.38 15.23 38.20
N GLU A 113 -17.77 14.91 39.44
CA GLU A 113 -17.06 13.88 40.19
C GLU A 113 -17.40 12.49 39.68
N HIS A 114 -18.64 12.30 39.20
CA HIS A 114 -19.06 10.97 38.78
C HIS A 114 -18.41 10.52 37.48
N LEU A 115 -17.80 11.44 36.73
CA LEU A 115 -17.10 11.07 35.52
C LEU A 115 -15.77 10.39 35.83
N ILE A 116 -15.23 9.71 34.83
CA ILE A 116 -13.90 9.13 34.95
C ILE A 116 -12.88 10.26 34.82
N ARG A 117 -11.79 10.15 35.59
CA ARG A 117 -10.85 11.27 35.70
C ARG A 117 -10.19 11.69 34.38
N PRO A 118 -10.03 10.84 33.35
CA PRO A 118 -9.57 11.38 32.06
C PRO A 118 -10.51 12.40 31.46
N LYS A 119 -11.81 12.29 31.69
CA LYS A 119 -12.80 13.08 30.99
C LYS A 119 -13.33 14.27 31.78
N ARG A 120 -12.93 14.39 33.06
CA ARG A 120 -13.49 15.43 33.91
C ARG A 120 -13.17 16.83 33.39
N LEU A 121 -11.89 17.10 33.14
CA LEU A 121 -11.50 18.43 32.67
C LEU A 121 -12.05 18.72 31.28
N ILE A 122 -12.05 17.71 30.41
CA ILE A 122 -12.53 17.92 29.04
C ILE A 122 -14.01 18.29 29.04
N GLU A 123 -14.81 17.60 29.86
CA GLU A 123 -16.24 17.89 29.87
C GLU A 123 -16.59 19.09 30.75
N ALA A 124 -15.75 19.46 31.71
CA ALA A 124 -15.99 20.68 32.47
C ALA A 124 -15.64 21.92 31.67
N ALA A 125 -14.61 21.84 30.83
CA ALA A 125 -14.25 22.98 29.99
C ALA A 125 -15.20 23.13 28.80
N SER A 126 -15.93 22.08 28.44
CA SER A 126 -16.83 22.16 27.30
C SER A 126 -18.06 23.00 27.61
N SER A 127 -18.47 23.05 28.87
CA SER A 127 -19.59 23.90 29.25
C SER A 127 -19.23 25.37 29.11
N GLN A 128 -20.23 26.19 28.78
CA GLN A 128 -20.01 27.61 28.64
C GLN A 128 -19.64 28.22 30.00
N THR A 129 -18.57 29.01 30.01
CA THR A 129 -18.05 29.60 31.24
C THR A 129 -17.91 31.11 31.12
N GLU A 130 -18.12 31.68 29.95
CA GLU A 130 -18.07 33.12 29.78
C GLU A 130 -19.14 33.79 30.62
N GLY A 131 -18.78 34.91 31.25
CA GLY A 131 -19.72 35.67 32.06
C GLY A 131 -19.98 35.11 33.43
N LYS A 132 -19.44 33.95 33.77
CA LYS A 132 -19.65 33.38 35.09
C LYS A 132 -18.98 34.23 36.16
N GLN A 133 -19.51 34.18 37.37
CA GLN A 133 -19.03 34.98 38.48
C GLN A 133 -18.27 34.11 39.47
N CYS A 134 -17.12 34.59 39.92
CA CYS A 134 -16.31 33.85 40.87
C CYS A 134 -16.92 33.93 42.27
N TYR A 135 -16.69 32.88 43.05
CA TYR A 135 -17.26 32.79 44.39
C TYR A 135 -16.35 33.33 45.49
N VAL A 136 -15.09 33.63 45.18
CA VAL A 136 -14.15 34.04 46.22
C VAL A 136 -13.46 35.37 45.93
N CYS A 137 -13.39 35.82 44.69
CA CYS A 137 -12.76 37.10 44.38
C CYS A 137 -13.67 38.07 43.64
N LYS A 138 -14.87 37.63 43.23
CA LYS A 138 -15.84 38.48 42.55
C LYS A 138 -15.26 39.08 41.27
N ALA A 139 -14.95 38.21 40.33
CA ALA A 139 -14.48 38.61 39.01
C ALA A 139 -15.29 37.89 37.94
N VAL A 140 -15.59 38.60 36.87
CA VAL A 140 -16.35 38.04 35.75
C VAL A 140 -15.39 37.33 34.83
N HIS A 141 -15.65 36.05 34.60
CA HIS A 141 -14.76 35.24 33.75
C HIS A 141 -14.94 35.64 32.29
N PRO A 142 -13.88 36.05 31.60
CA PRO A 142 -13.99 36.38 30.19
C PRO A 142 -14.09 35.11 29.36
N LYS A 143 -14.19 35.29 28.04
CA LYS A 143 -14.12 34.16 27.12
C LYS A 143 -12.72 34.08 26.55
N ILE A 144 -12.16 32.88 26.55
CA ILE A 144 -10.82 32.64 26.05
C ILE A 144 -10.94 32.30 24.57
N VAL A 145 -10.59 33.25 23.71
CA VAL A 145 -10.73 33.08 22.27
C VAL A 145 -9.37 32.71 21.69
N LYS A 146 -9.34 31.64 20.91
CA LYS A 146 -8.13 31.22 20.25
C LYS A 146 -7.87 32.10 19.03
N ASP A 147 -6.65 32.64 18.93
CA ASP A 147 -6.30 33.42 17.76
C ASP A 147 -6.33 32.54 16.52
N SER A 148 -6.98 33.04 15.46
CA SER A 148 -7.17 32.25 14.26
C SER A 148 -5.98 32.31 13.31
N GLU A 149 -4.98 33.13 13.58
CA GLU A 149 -3.86 33.30 12.68
C GLU A 149 -2.59 32.60 13.15
N ASP A 150 -2.66 31.83 14.24
CA ASP A 150 -1.54 31.02 14.68
C ASP A 150 -2.07 29.93 15.61
N TYR A 151 -1.18 29.02 16.00
CA TYR A 151 -1.56 27.83 16.76
C TYR A 151 -1.39 27.99 18.26
N PHE A 152 -0.95 29.16 18.74
CA PHE A 152 -0.58 29.32 20.14
C PHE A 152 -1.11 30.57 20.84
N THR A 153 -1.60 31.57 20.12
CA THR A 153 -1.97 32.82 20.78
C THR A 153 -3.39 32.74 21.33
N PHE A 154 -3.56 33.21 22.56
CA PHE A 154 -4.85 33.25 23.24
C PHE A 154 -5.20 34.69 23.57
N TRP A 155 -6.49 35.01 23.52
CA TRP A 155 -6.97 36.32 23.93
C TRP A 155 -8.06 36.17 24.98
N ALA A 156 -8.11 37.12 25.89
CA ALA A 156 -9.19 37.22 26.87
C ALA A 156 -10.15 38.30 26.38
N ASP A 157 -11.42 37.92 26.19
CA ASP A 157 -12.45 38.82 25.70
C ASP A 157 -13.49 39.00 26.80
N GLN A 158 -13.56 40.20 27.37
CA GLN A 158 -14.49 40.54 28.44
C GLN A 158 -15.48 41.55 27.86
N GLN A 159 -16.59 41.03 27.32
CA GLN A 159 -17.68 41.84 26.80
C GLN A 159 -17.17 42.88 25.80
N GLY A 160 -16.33 42.43 24.87
CA GLY A 160 -15.76 43.29 23.87
C GLY A 160 -14.41 43.89 24.20
N LYS A 161 -14.04 43.91 25.48
CA LYS A 161 -12.71 44.39 25.86
C LYS A 161 -11.71 43.26 25.63
N ILE A 162 -10.74 43.49 24.75
CA ILE A 162 -9.85 42.43 24.31
C ILE A 162 -8.48 42.62 24.95
N ASP A 163 -7.87 41.50 25.32
CA ASP A 163 -6.52 41.50 25.88
C ASP A 163 -5.78 40.30 25.34
N LYS A 164 -4.46 40.44 25.20
CA LYS A 164 -3.60 39.37 24.71
C LYS A 164 -3.00 38.64 25.91
N LEU A 165 -3.27 37.33 26.00
CA LEU A 165 -2.76 36.52 27.09
C LEU A 165 -1.34 36.09 26.73
N TYR A 166 -0.37 36.91 27.15
CA TYR A 166 1.02 36.56 26.94
C TYR A 166 1.38 35.36 27.81
N PRO A 167 2.38 34.58 27.39
CA PRO A 167 2.70 33.35 28.13
C PRO A 167 3.04 33.58 29.60
N GLN A 168 3.65 34.72 29.93
CA GLN A 168 3.92 35.01 31.34
C GLN A 168 2.63 35.21 32.13
N ILE A 169 1.63 35.86 31.52
CA ILE A 169 0.35 36.03 32.17
C ILE A 169 -0.32 34.67 32.40
N ILE A 170 -0.24 33.80 31.40
CA ILE A 170 -0.80 32.45 31.55
C ILE A 170 -0.08 31.69 32.64
N ARG A 171 1.24 31.86 32.74
CA ARG A 171 2.01 31.21 33.79
C ARG A 171 1.59 31.69 35.17
N GLU A 172 1.38 33.01 35.31
CA GLU A 172 0.97 33.55 36.60
C GLU A 172 -0.44 33.10 36.96
N ILE A 173 -1.32 32.97 35.96
CA ILE A 173 -2.65 32.44 36.20
C ILE A 173 -2.59 30.99 36.65
N PHE A 174 -1.74 30.19 36.00
CA PHE A 174 -1.67 28.76 36.30
C PHE A 174 -0.99 28.49 37.63
N SER A 175 0.00 29.28 38.01
CA SER A 175 0.69 29.07 39.28
C SER A 175 -0.21 29.35 40.47
N ARG A 176 -1.38 29.94 40.25
CA ARG A 176 -2.33 30.22 41.31
C ARG A 176 -3.33 29.09 41.51
N VAL A 177 -3.19 27.99 40.77
CA VAL A 177 -4.08 26.84 40.90
C VAL A 177 -3.53 25.91 41.97
N THR A 178 -4.40 25.42 42.84
CA THR A 178 -3.98 24.50 43.89
C THR A 178 -4.01 23.07 43.38
N TYR A 179 -3.29 22.20 44.08
CA TYR A 179 -3.27 20.78 43.71
C TYR A 179 -4.62 20.13 43.94
N ASP A 180 -5.41 20.66 44.88
CA ASP A 180 -6.76 20.14 45.09
C ASP A 180 -7.61 20.32 43.83
N THR A 181 -7.50 21.48 43.19
CA THR A 181 -8.23 21.70 41.95
C THR A 181 -7.79 20.73 40.86
N VAL A 182 -6.48 20.49 40.76
CA VAL A 182 -5.96 19.59 39.73
C VAL A 182 -6.47 18.17 39.96
N VAL A 183 -6.41 17.70 41.20
CA VAL A 183 -6.84 16.34 41.50
C VAL A 183 -8.34 16.19 41.31
N LYS A 184 -9.12 17.15 41.80
CA LYS A 184 -10.57 17.04 41.68
C LYS A 184 -11.06 17.26 40.25
N LEU A 185 -10.21 17.74 39.35
CA LEU A 185 -10.56 17.88 37.94
C LEU A 185 -10.05 16.73 37.10
N GLY A 186 -9.57 15.66 37.73
CA GLY A 186 -9.21 14.46 37.01
C GLY A 186 -7.72 14.26 36.80
N ARG A 187 -7.01 15.36 36.55
CA ARG A 187 -5.59 15.27 36.23
C ARG A 187 -4.78 14.85 37.45
N SER A 188 -3.59 14.32 37.19
CA SER A 188 -2.71 13.85 38.26
C SER A 188 -1.88 15.00 38.81
N LYS A 189 -1.23 14.74 39.95
CA LYS A 189 -0.39 15.75 40.56
C LYS A 189 0.83 16.09 39.70
N ASN A 190 1.18 15.22 38.76
CA ASN A 190 2.26 15.50 37.82
C ASN A 190 1.79 16.27 36.59
N SER A 191 0.50 16.55 36.49
CA SER A 191 -0.08 17.29 35.37
C SER A 191 -0.60 18.65 35.82
N HIS A 192 0.06 19.26 36.78
CA HIS A 192 -0.30 20.61 37.19
C HIS A 192 -0.10 21.56 36.02
N PRO A 193 -1.03 22.50 35.80
CA PRO A 193 -0.91 23.37 34.62
C PRO A 193 0.31 24.26 34.61
N GLU A 194 0.98 24.46 35.75
CA GLU A 194 2.17 25.31 35.77
C GLU A 194 3.26 24.79 34.85
N LYS A 195 3.33 23.48 34.66
CA LYS A 195 4.34 22.89 33.78
C LYS A 195 4.07 23.20 32.32
N LEU A 196 2.90 23.74 31.99
CA LEU A 196 2.53 23.99 30.60
C LEU A 196 3.17 25.25 30.04
N VAL A 197 3.83 26.05 30.87
CA VAL A 197 4.56 27.23 30.42
C VAL A 197 6.03 27.02 30.76
N LEU A 198 6.88 27.14 29.76
CA LEU A 198 8.30 26.85 29.89
C LEU A 198 9.09 28.15 29.88
N LYS A 199 10.02 28.30 30.83
CA LYS A 199 11.03 29.34 30.76
C LYS A 199 12.42 28.79 30.51
N ALA A 200 12.61 27.48 30.65
CA ALA A 200 13.87 26.83 30.31
C ALA A 200 13.54 25.67 29.38
N ILE A 201 13.91 25.80 28.11
CA ILE A 201 13.64 24.75 27.16
C ILE A 201 14.81 23.78 27.12
N GLN A 202 14.54 22.58 26.61
CA GLN A 202 15.54 21.52 26.53
C GLN A 202 16.15 21.53 25.13
N ILE A 203 17.45 21.75 25.06
CA ILE A 203 18.18 21.62 23.82
C ILE A 203 18.48 20.13 23.65
N PRO A 204 17.98 19.49 22.58
CA PRO A 204 18.12 18.05 22.48
C PRO A 204 19.58 17.66 22.30
N PRO A 205 19.95 16.45 22.72
CA PRO A 205 21.35 16.04 22.61
C PRO A 205 21.81 15.94 21.15
N ILE A 206 23.12 16.12 20.97
CA ILE A 206 23.72 16.07 19.64
C ILE A 206 23.46 14.74 18.95
N SER A 207 23.14 13.70 19.71
CA SER A 207 22.94 12.38 19.13
C SER A 207 21.75 12.33 18.19
N ILE A 208 20.79 13.24 18.32
CA ILE A 208 19.60 13.23 17.45
C ILE A 208 19.63 14.34 16.42
N ARG A 209 20.68 15.15 16.38
CA ARG A 209 20.85 16.19 15.36
C ARG A 209 22.30 16.18 14.89
N PRO A 210 22.74 15.10 14.23
CA PRO A 210 24.14 15.02 13.81
C PRO A 210 24.44 16.01 12.69
N GLY A 211 25.69 16.43 12.63
CA GLY A 211 26.13 17.39 11.63
C GLY A 211 26.23 18.81 12.17
N ASP A 225 19.52 21.05 9.57
CA ASP A 225 18.21 21.65 9.38
C ASP A 225 17.55 21.96 10.71
N ILE A 226 17.49 20.97 11.59
CA ILE A 226 17.03 21.19 12.95
C ILE A 226 17.99 22.12 13.69
N ASN A 227 19.29 21.94 13.48
CA ASN A 227 20.27 22.81 14.10
C ASN A 227 20.10 24.25 13.64
N ASN A 228 19.66 24.47 12.41
CA ASN A 228 19.36 25.83 11.95
C ASN A 228 18.24 26.44 12.77
N VAL A 229 17.18 25.66 13.04
CA VAL A 229 16.07 26.16 13.84
C VAL A 229 16.54 26.47 15.25
N ILE A 230 17.36 25.60 15.83
CA ILE A 230 17.85 25.84 17.19
C ILE A 230 18.71 27.09 17.24
N GLN A 231 19.59 27.26 16.24
CA GLN A 231 20.47 28.43 16.22
C GLN A 231 19.67 29.71 16.05
N TYR A 232 18.67 29.70 15.16
CA TYR A 232 17.81 30.87 15.00
C TYR A 232 17.05 31.17 16.28
N LEU A 233 16.60 30.12 16.98
CA LEU A 233 15.87 30.29 18.23
C LEU A 233 16.75 30.92 19.30
N VAL A 234 18.01 30.46 19.42
CA VAL A 234 18.94 31.07 20.37
C VAL A 234 19.20 32.52 20.01
N ARG A 235 19.43 32.79 18.72
CA ARG A 235 19.73 34.14 18.28
C ARG A 235 18.58 35.10 18.59
N LYS A 236 17.35 34.67 18.34
CA LYS A 236 16.20 35.53 18.61
C LYS A 236 15.90 35.62 20.09
N ASN A 237 16.22 34.58 20.86
CA ASN A 237 16.07 34.65 22.31
C ASN A 237 17.01 35.69 22.91
N LEU A 238 18.23 35.79 22.38
CA LEU A 238 19.16 36.79 22.89
C LEU A 238 18.64 38.20 22.69
N LEU A 239 17.86 38.44 21.63
CA LEU A 239 17.36 39.79 21.34
C LEU A 239 16.38 40.27 22.40
N ILE A 240 15.58 39.37 22.95
CA ILE A 240 14.58 39.77 23.95
C ILE A 240 15.30 40.31 25.18
N PRO A 241 14.86 41.43 25.76
CA PRO A 241 15.51 41.94 26.97
C PRO A 241 15.46 40.92 28.10
N LYS A 242 16.56 40.83 28.85
CA LYS A 242 16.67 39.82 29.90
C LYS A 242 15.73 40.11 31.06
N ASP A 243 15.36 41.37 31.27
CA ASP A 243 14.55 41.79 32.40
C ASP A 243 13.12 42.14 32.01
N LEU A 244 12.61 41.53 30.93
CA LEU A 244 11.26 41.83 30.48
C LEU A 244 10.23 41.33 31.49
N GLN A 245 9.18 42.12 31.71
CA GLN A 245 8.06 41.77 32.56
C GLN A 245 6.77 42.11 31.86
N ILE A 246 5.78 41.22 31.96
CA ILE A 246 4.49 41.38 31.32
C ILE A 246 3.41 41.26 32.40
N VAL A 247 2.47 42.20 32.41
CA VAL A 247 1.32 42.15 33.30
C VAL A 247 0.06 42.27 32.46
N ARG A 248 -1.04 41.76 33.00
CA ARG A 248 -2.28 41.67 32.24
C ARG A 248 -2.83 43.06 31.94
N GLY A 249 -2.92 43.39 30.65
CA GLY A 249 -3.42 44.67 30.20
C GLY A 249 -2.35 45.66 29.77
N GLN A 250 -1.09 45.38 30.05
CA GLN A 250 -0.01 46.30 29.73
C GLN A 250 0.22 46.37 28.23
N LYS A 251 0.40 47.59 27.72
CA LYS A 251 0.74 47.78 26.31
C LYS A 251 2.20 47.44 26.07
N ILE A 252 2.48 46.80 24.93
CA ILE A 252 3.80 46.26 24.64
C ILE A 252 4.36 46.91 23.37
N PRO A 253 5.63 47.31 23.35
CA PRO A 253 6.20 47.84 22.11
C PRO A 253 6.12 46.83 20.98
N LEU A 254 5.88 47.34 19.77
CA LEU A 254 5.57 46.48 18.63
C LEU A 254 6.73 45.54 18.30
N ASN A 255 7.96 46.05 18.35
CA ASN A 255 9.12 45.20 18.07
C ASN A 255 9.25 44.08 19.08
N ILE A 256 9.03 44.38 20.36
CA ILE A 256 9.09 43.35 21.39
C ILE A 256 7.98 42.32 21.18
N ASP A 257 6.78 42.78 20.83
CA ASP A 257 5.68 41.85 20.58
C ASP A 257 5.99 40.91 19.41
N ARG A 258 6.52 41.46 18.31
CA ARG A 258 6.84 40.59 17.18
C ARG A 258 8.04 39.70 17.48
N ASN A 259 8.93 40.12 18.37
CA ASN A 259 10.02 39.25 18.81
C ASN A 259 9.48 38.07 19.62
N LEU A 260 8.53 38.33 20.52
CA LEU A 260 7.91 37.25 21.27
C LEU A 260 7.16 36.30 20.34
N GLN A 261 6.44 36.85 19.36
CA GLN A 261 5.77 36.03 18.37
C GLN A 261 6.77 35.17 17.61
N THR A 262 7.90 35.75 17.21
CA THR A 262 8.92 35.01 16.48
C THR A 262 9.49 33.88 17.32
N ILE A 263 9.77 34.14 18.60
CA ILE A 263 10.30 33.09 19.47
C ILE A 263 9.31 31.95 19.63
N GLN A 264 8.05 32.27 19.92
CA GLN A 264 7.08 31.20 20.11
C GLN A 264 6.84 30.42 18.82
N GLN A 265 6.81 31.12 17.68
CA GLN A 265 6.61 30.43 16.41
C GLN A 265 7.82 29.57 16.05
N LEU A 266 9.02 30.05 16.39
CA LEU A 266 10.22 29.24 16.15
C LEU A 266 10.18 27.97 16.97
N TYR A 267 9.78 28.06 18.24
CA TYR A 267 9.66 26.86 19.06
C TYR A 267 8.59 25.91 18.51
N TYR A 268 7.45 26.46 18.10
CA TYR A 268 6.38 25.63 17.56
C TYR A 268 6.81 24.93 16.27
N ASN A 269 7.58 25.62 15.43
CA ASN A 269 8.10 24.98 14.23
C ASN A 269 9.25 24.03 14.53
N PHE A 270 9.95 24.23 15.65
CA PHE A 270 10.98 23.28 16.05
C PHE A 270 10.36 21.96 16.51
N LEU A 271 9.18 22.02 17.12
CA LEU A 271 8.57 20.80 17.65
C LEU A 271 7.52 20.18 16.73
N LEU A 272 6.61 20.98 16.19
CA LEU A 272 5.43 20.48 15.48
C LEU A 272 5.26 21.17 14.12
N ASP A 273 6.35 21.31 13.36
CA ASP A 273 6.24 21.89 12.03
C ASP A 273 5.68 20.88 11.06
N SER A 274 4.55 21.21 10.42
CA SER A 274 3.89 20.33 9.46
C SER A 274 3.57 18.96 10.06
N VAL A 275 2.89 18.98 11.20
CA VAL A 275 2.52 17.76 11.89
C VAL A 275 1.00 17.66 12.00
N PRO A 297 11.71 21.13 8.92
CA PRO A 297 12.18 20.05 9.79
C PRO A 297 11.70 20.23 11.22
N SER A 298 11.08 19.18 11.78
CA SER A 298 10.58 19.22 13.14
C SER A 298 10.87 17.90 13.83
N ILE A 299 10.81 17.92 15.17
CA ILE A 299 11.10 16.73 15.95
C ILE A 299 9.99 15.70 15.77
N MET A 300 8.72 16.14 15.74
CA MET A 300 7.60 15.22 15.74
C MET A 300 7.22 14.73 14.35
N ARG A 301 7.78 15.30 13.28
CA ARG A 301 7.57 14.72 11.96
C ARG A 301 8.43 13.48 11.73
N ARG A 302 9.39 13.20 12.60
CA ARG A 302 10.23 12.02 12.45
C ARG A 302 9.48 10.73 12.74
N LEU A 303 8.40 10.81 13.49
CA LEU A 303 7.65 9.66 14.00
C LEU A 303 6.67 9.01 13.03
N PRO A 304 5.72 9.77 12.43
CA PRO A 304 4.44 9.16 12.02
C PRO A 304 4.45 8.08 10.94
N ARG A 305 4.96 8.37 9.75
CA ARG A 305 4.59 7.60 8.58
C ARG A 305 5.41 6.31 8.47
N LYS A 306 5.29 5.64 7.31
CA LYS A 306 6.05 4.42 7.04
C LYS A 306 7.54 4.66 7.04
N GLU A 307 7.98 5.83 6.57
CA GLU A 307 9.39 6.19 6.57
C GLU A 307 9.81 6.86 7.88
N GLY A 308 8.91 6.91 8.87
CA GLY A 308 9.19 7.57 10.11
C GLY A 308 10.05 6.74 11.04
N ARG A 309 10.27 7.29 12.24
CA ARG A 309 11.15 6.65 13.21
C ARG A 309 10.60 5.30 13.65
N ILE A 310 9.31 5.25 13.98
CA ILE A 310 8.76 4.05 14.61
C ILE A 310 8.73 2.88 13.62
N ARG A 311 8.27 3.12 12.40
CA ARG A 311 8.07 2.01 11.47
C ARG A 311 9.34 1.62 10.74
N LYS A 312 10.24 2.58 10.49
CA LYS A 312 11.45 2.29 9.73
C LYS A 312 12.63 1.91 10.60
N SER A 313 12.81 2.57 11.74
CA SER A 313 13.98 2.33 12.58
C SER A 313 13.75 1.34 13.69
N LEU A 314 12.55 1.30 14.27
CA LEU A 314 12.28 0.48 15.45
C LEU A 314 11.59 -0.83 15.10
N LEU A 315 10.53 -0.78 14.28
CA LEU A 315 9.81 -1.99 13.91
C LEU A 315 10.51 -2.77 12.80
N GLY A 316 11.37 -2.12 12.03
CA GLY A 316 12.18 -2.79 11.03
C GLY A 316 13.65 -2.48 11.26
N SER A 317 14.53 -2.91 10.37
CA SER A 317 15.94 -2.72 10.64
C SER A 317 16.77 -3.03 9.41
N GLN A 318 17.74 -2.15 9.12
CA GLN A 318 18.84 -2.48 8.23
C GLN A 318 19.83 -3.36 8.98
N VAL A 319 20.27 -4.45 8.35
CA VAL A 319 21.12 -5.43 9.01
C VAL A 319 22.34 -5.71 8.15
N TRP A 320 23.39 -6.21 8.79
CA TRP A 320 24.59 -6.68 8.13
C TRP A 320 24.50 -8.19 7.92
N SER A 321 25.52 -8.75 7.28
CA SER A 321 25.66 -10.19 7.10
C SER A 321 24.42 -10.80 6.48
N ILE A 322 24.00 -10.24 5.35
CA ILE A 322 22.82 -10.71 4.64
C ILE A 322 23.09 -10.59 3.15
N SER A 323 22.42 -11.43 2.37
CA SER A 323 22.63 -11.46 0.93
C SER A 323 21.29 -11.56 0.22
N ARG A 324 21.28 -11.16 -1.05
CA ARG A 324 20.09 -11.22 -1.88
C ARG A 324 20.50 -11.54 -3.31
N SER A 325 19.70 -12.36 -3.99
CA SER A 325 19.93 -12.68 -5.38
C SER A 325 18.65 -13.25 -5.98
N THR A 326 18.61 -13.29 -7.31
CA THR A 326 17.51 -13.91 -8.00
C THR A 326 17.49 -15.41 -7.73
N ILE A 327 16.31 -15.97 -7.56
CA ILE A 327 16.19 -17.38 -7.26
C ILE A 327 16.03 -18.17 -8.55
N CYS A 328 16.33 -19.46 -8.48
CA CYS A 328 16.48 -20.30 -9.65
C CYS A 328 16.08 -21.72 -9.28
N GLY A 329 15.77 -22.51 -10.29
CA GLY A 329 15.39 -23.89 -10.08
C GLY A 329 16.58 -24.84 -10.12
N ASN A 330 16.50 -25.89 -9.32
CA ASN A 330 17.54 -26.90 -9.26
C ASN A 330 16.91 -28.17 -8.72
N SER A 331 16.75 -29.18 -9.58
CA SER A 331 16.05 -30.40 -9.19
C SER A 331 16.95 -31.40 -8.47
N ASP A 332 18.24 -31.11 -8.32
CA ASP A 332 19.14 -31.98 -7.58
C ASP A 332 19.25 -31.60 -6.10
N LEU A 333 18.63 -30.50 -5.70
CA LEU A 333 18.67 -30.07 -4.30
C LEU A 333 17.48 -30.65 -3.55
N HIS A 334 17.71 -31.07 -2.31
CA HIS A 334 16.63 -31.50 -1.46
C HIS A 334 15.73 -30.32 -1.11
N LEU A 335 14.56 -30.62 -0.55
CA LEU A 335 13.61 -29.57 -0.23
C LEU A 335 14.13 -28.65 0.87
N ASP A 336 14.96 -29.18 1.76
CA ASP A 336 15.53 -28.40 2.85
C ASP A 336 16.94 -27.90 2.54
N GLU A 337 17.31 -27.85 1.27
CA GLU A 337 18.61 -27.36 0.85
C GLU A 337 18.44 -26.14 -0.04
N VAL A 338 19.42 -25.24 0.03
CA VAL A 338 19.46 -24.06 -0.81
C VAL A 338 20.84 -24.00 -1.49
N GLY A 339 20.84 -23.75 -2.79
CA GLY A 339 22.09 -23.59 -3.52
C GLY A 339 22.62 -22.19 -3.32
N TYR A 340 23.88 -22.10 -2.91
CA TYR A 340 24.47 -20.83 -2.52
C TYR A 340 25.75 -20.59 -3.30
N PRO A 341 25.88 -19.47 -3.99
CA PRO A 341 27.11 -19.21 -4.76
C PRO A 341 28.33 -19.11 -3.85
N ILE A 342 29.47 -19.56 -4.39
CA ILE A 342 30.71 -19.58 -3.61
C ILE A 342 31.20 -18.16 -3.34
N SER A 343 30.93 -17.23 -4.23
CA SER A 343 31.35 -15.84 -4.00
C SER A 343 30.65 -15.25 -2.79
N PHE A 344 29.37 -15.57 -2.60
CA PHE A 344 28.64 -15.11 -1.43
C PHE A 344 29.05 -15.89 -0.19
N ALA A 345 29.44 -17.16 -0.35
CA ALA A 345 29.84 -17.98 0.79
C ALA A 345 31.13 -17.47 1.41
N ARG A 346 31.97 -16.79 0.64
CA ARG A 346 33.19 -16.20 1.16
C ARG A 346 33.00 -14.76 1.62
N THR A 347 31.81 -14.20 1.46
CA THR A 347 31.49 -12.89 2.01
C THR A 347 30.86 -13.04 3.40
N LEU A 348 29.77 -13.80 3.49
CA LEU A 348 29.17 -14.10 4.78
C LEU A 348 30.05 -15.09 5.55
N GLN A 349 30.04 -14.97 6.86
CA GLN A 349 30.95 -15.73 7.70
C GLN A 349 30.17 -16.36 8.86
N VAL A 350 30.80 -17.36 9.48
CA VAL A 350 30.27 -18.03 10.66
C VAL A 350 31.31 -17.90 11.76
N ALA A 351 30.88 -17.47 12.95
CA ALA A 351 31.78 -17.20 14.05
C ALA A 351 31.94 -18.45 14.91
N GLU A 352 33.16 -18.99 14.94
CA GLU A 352 33.48 -20.17 15.73
C GLU A 352 34.44 -19.77 16.85
N THR A 353 34.07 -20.08 18.09
CA THR A 353 34.93 -19.83 19.23
C THR A 353 35.89 -21.00 19.39
N VAL A 354 37.19 -20.68 19.44
CA VAL A 354 38.21 -21.72 19.50
C VAL A 354 38.22 -22.34 20.89
N GLN A 355 38.03 -23.66 20.94
CA GLN A 355 38.09 -24.40 22.20
C GLN A 355 38.95 -25.63 22.02
N HIS A 356 38.99 -26.50 23.03
CA HIS A 356 39.79 -27.71 22.95
C HIS A 356 39.15 -28.79 22.08
N TYR A 357 37.83 -28.73 21.88
CA TYR A 357 37.14 -29.75 21.12
C TYR A 357 37.03 -29.43 19.63
N ASN A 358 37.39 -28.22 19.21
CA ASN A 358 37.25 -27.83 17.81
C ASN A 358 38.51 -27.19 17.24
N ILE A 359 39.62 -27.20 17.97
CA ILE A 359 40.85 -26.59 17.47
C ILE A 359 41.37 -27.35 16.26
N ASN A 360 41.23 -28.68 16.26
CA ASN A 360 41.70 -29.47 15.13
C ASN A 360 40.86 -29.24 13.88
N ARG A 361 39.54 -29.12 14.05
CA ARG A 361 38.65 -28.94 12.91
C ARG A 361 38.78 -27.53 12.34
N LEU A 362 38.93 -26.53 13.20
CA LEU A 362 39.01 -25.14 12.76
C LEU A 362 40.38 -24.77 12.19
N MET A 363 41.40 -25.57 12.43
CA MET A 363 42.73 -25.26 11.93
C MET A 363 42.81 -25.22 10.40
N PRO A 364 42.25 -26.18 9.65
CA PRO A 364 42.30 -26.06 8.19
C PRO A 364 41.65 -24.79 7.65
N TYR A 365 40.58 -24.31 8.28
CA TYR A 365 40.01 -23.02 7.88
C TYR A 365 41.00 -21.89 8.07
N PHE A 366 41.73 -21.91 9.19
CA PHE A 366 42.65 -20.84 9.52
C PHE A 366 43.83 -20.80 8.54
N LEU A 367 44.32 -21.98 8.14
CA LEU A 367 45.47 -22.03 7.24
C LEU A 367 45.13 -21.55 5.84
N ASN A 368 43.90 -21.80 5.38
CA ASN A 368 43.51 -21.36 4.04
C ASN A 368 43.45 -19.83 3.96
N GLY A 369 42.92 -19.18 4.99
CA GLY A 369 42.80 -17.74 4.94
C GLY A 369 41.83 -17.30 3.86
N LYS A 370 42.18 -16.24 3.15
CA LYS A 370 41.41 -15.75 2.02
C LYS A 370 42.00 -16.18 0.69
N ARG A 371 42.90 -17.15 0.68
CA ARG A 371 43.50 -17.63 -0.57
C ARG A 371 42.84 -18.88 -1.11
N GLN A 372 42.38 -19.79 -0.25
CA GLN A 372 41.73 -21.01 -0.70
C GLN A 372 40.39 -21.15 0.03
N TYR A 373 39.54 -22.03 -0.51
CA TYR A 373 38.24 -22.30 0.04
C TYR A 373 38.15 -23.75 0.49
N PRO A 374 37.54 -24.03 1.66
CA PRO A 374 36.99 -23.09 2.62
C PRO A 374 38.07 -22.49 3.52
N GLY A 375 37.98 -21.20 3.81
CA GLY A 375 38.97 -20.52 4.63
C GLY A 375 38.31 -19.66 5.68
N CYS A 376 38.95 -18.54 5.97
CA CYS A 376 38.47 -17.61 6.97
C CYS A 376 38.88 -16.21 6.57
N SER A 377 38.42 -15.23 7.33
CA SER A 377 38.66 -13.84 7.01
C SER A 377 39.14 -13.00 8.18
N ARG A 378 38.93 -13.44 9.41
CA ARG A 378 39.08 -12.55 10.54
C ARG A 378 39.12 -13.37 11.82
N VAL A 379 39.94 -12.92 12.79
CA VAL A 379 40.10 -13.58 14.07
C VAL A 379 39.96 -12.55 15.17
N TYR A 380 39.19 -12.88 16.21
CA TYR A 380 39.09 -12.08 17.42
C TYR A 380 39.92 -12.75 18.51
N LYS A 381 40.87 -12.01 19.09
CA LYS A 381 41.76 -12.53 20.12
C LYS A 381 41.32 -12.02 21.48
N GLN A 382 41.11 -12.95 22.42
CA GLN A 382 40.74 -12.55 23.78
C GLN A 382 41.93 -11.95 24.53
N ILE A 383 43.15 -12.38 24.19
CA ILE A 383 44.34 -11.90 24.90
C ILE A 383 44.48 -10.40 24.75
N THR A 384 44.26 -9.89 23.53
CA THR A 384 44.37 -8.46 23.26
C THR A 384 43.02 -7.75 23.25
N GLN A 385 41.93 -8.50 23.10
CA GLN A 385 40.57 -7.94 23.03
C GLN A 385 40.42 -7.08 21.78
N SER A 386 40.75 -7.65 20.63
CA SER A 386 40.68 -6.90 19.37
C SER A 386 40.52 -7.88 18.22
N VAL A 387 40.18 -7.32 17.06
CA VAL A 387 39.92 -8.09 15.85
C VAL A 387 41.07 -7.88 14.87
N HIS A 388 41.58 -8.97 14.29
CA HIS A 388 42.70 -8.94 13.38
C HIS A 388 42.31 -9.56 12.04
N ASP A 389 42.78 -8.95 10.96
CA ASP A 389 42.62 -9.56 9.64
C ASP A 389 43.53 -10.77 9.50
N ILE A 390 43.14 -11.67 8.59
CA ILE A 390 43.88 -12.93 8.46
C ILE A 390 45.11 -12.79 7.58
N GLU A 391 45.19 -11.74 6.75
CA GLU A 391 46.39 -11.49 5.97
C GLU A 391 47.46 -10.75 6.78
N GLY A 392 47.05 -10.02 7.80
CA GLY A 392 47.97 -9.31 8.67
C GLY A 392 48.60 -10.14 9.76
N LEU A 393 48.29 -11.44 9.82
CA LEU A 393 48.90 -12.34 10.78
C LEU A 393 49.24 -13.64 10.06
N LYS A 394 50.53 -14.01 10.09
CA LYS A 394 50.94 -15.29 9.52
C LYS A 394 52.00 -15.99 10.35
N GLN A 395 52.38 -15.45 11.51
CA GLN A 395 53.40 -16.04 12.36
C GLN A 395 52.81 -16.95 13.43
N ASP A 396 51.49 -17.02 13.54
CA ASP A 396 50.83 -17.86 14.54
C ASP A 396 50.74 -19.28 14.00
N PHE A 397 51.37 -20.23 14.69
CA PHE A 397 51.31 -21.62 14.25
C PHE A 397 49.90 -22.19 14.42
N ARG A 398 49.22 -21.84 15.51
CA ARG A 398 47.85 -22.29 15.75
C ARG A 398 47.06 -21.14 16.39
N LEU A 399 45.84 -21.45 16.81
CA LEU A 399 44.96 -20.51 17.48
C LEU A 399 44.93 -20.80 18.97
N GLU A 400 44.71 -19.76 19.76
CA GLU A 400 44.64 -19.89 21.21
C GLU A 400 43.19 -20.09 21.63
N VAL A 401 42.99 -21.02 22.58
CA VAL A 401 41.65 -21.30 23.08
C VAL A 401 41.01 -20.04 23.62
N GLY A 402 39.82 -19.73 23.11
CA GLY A 402 39.12 -18.51 23.44
C GLY A 402 38.98 -17.53 22.30
N ASP A 403 39.75 -17.70 21.24
CA ASP A 403 39.64 -16.84 20.07
C ASP A 403 38.36 -17.16 19.30
N ILE A 404 37.93 -16.20 18.48
CA ILE A 404 36.76 -16.35 17.64
C ILE A 404 37.22 -16.29 16.19
N LEU A 405 37.08 -17.40 15.47
CA LEU A 405 37.44 -17.48 14.07
C LEU A 405 36.19 -17.30 13.21
N TYR A 406 36.24 -16.34 12.30
CA TYR A 406 35.16 -16.10 11.35
C TYR A 406 35.52 -16.83 10.06
N ARG A 407 34.91 -17.99 9.86
CA ARG A 407 35.24 -18.88 8.76
C ARG A 407 34.22 -18.74 7.63
N ASP A 408 34.59 -19.29 6.47
CA ASP A 408 33.70 -19.23 5.32
C ASP A 408 32.49 -20.13 5.51
N VAL A 409 31.43 -19.82 4.79
CA VAL A 409 30.22 -20.65 4.82
C VAL A 409 30.47 -21.89 3.98
N VAL A 410 30.19 -23.06 4.55
CA VAL A 410 30.47 -24.34 3.91
C VAL A 410 29.15 -25.06 3.68
N THR A 411 29.24 -26.18 2.96
CA THR A 411 28.07 -27.02 2.74
C THR A 411 27.66 -27.69 4.05
N GLY A 412 26.36 -27.65 4.35
CA GLY A 412 25.84 -28.16 5.59
C GLY A 412 25.48 -27.10 6.60
N ASP A 413 25.93 -25.87 6.40
CA ASP A 413 25.53 -24.78 7.27
C ASP A 413 24.05 -24.44 7.07
N VAL A 414 23.42 -23.98 8.13
CA VAL A 414 22.01 -23.59 8.08
C VAL A 414 21.93 -22.11 7.71
N ALA A 415 20.91 -21.75 6.93
CA ALA A 415 20.72 -20.37 6.52
C ALA A 415 19.23 -20.03 6.56
N PHE A 416 18.95 -18.80 6.96
CA PHE A 416 17.60 -18.26 6.91
C PHE A 416 17.32 -17.75 5.51
N PHE A 417 16.19 -18.14 4.95
CA PHE A 417 15.91 -17.94 3.54
C PHE A 417 14.50 -17.36 3.42
N ASN A 418 14.41 -16.16 2.86
CA ASN A 418 13.23 -15.31 3.00
C ASN A 418 12.83 -14.70 1.66
N ARG A 419 11.52 -14.66 1.42
CA ARG A 419 10.97 -13.97 0.25
C ARG A 419 9.93 -12.96 0.72
N GLN A 420 10.00 -11.76 0.19
CA GLN A 420 9.08 -10.69 0.54
C GLN A 420 7.96 -10.60 -0.50
N PRO A 421 6.73 -10.28 -0.09
CA PRO A 421 6.28 -9.97 1.28
C PRO A 421 6.16 -11.21 2.16
N SER A 422 6.50 -11.09 3.44
CA SER A 422 6.50 -12.21 4.37
C SER A 422 5.12 -12.28 5.03
N LEU A 423 4.20 -12.97 4.35
CA LEU A 423 2.81 -13.02 4.81
C LEU A 423 2.50 -14.25 5.64
N GLU A 424 3.31 -15.30 5.54
CA GLU A 424 3.08 -16.54 6.25
C GLU A 424 4.24 -16.84 7.19
N ARG A 425 4.04 -17.83 8.06
CA ARG A 425 5.08 -18.26 8.97
C ARG A 425 6.22 -18.98 8.27
N SER A 426 5.94 -19.63 7.15
CA SER A 426 6.96 -20.29 6.35
C SER A 426 7.67 -19.35 5.39
N SER A 427 7.35 -18.05 5.43
CA SER A 427 8.02 -17.09 4.58
C SER A 427 9.49 -16.90 4.94
N ILE A 428 9.88 -17.28 6.15
CA ILE A 428 11.28 -17.40 6.53
C ILE A 428 11.50 -18.83 6.99
N GLY A 429 12.40 -19.54 6.30
CA GLY A 429 12.71 -20.91 6.66
C GLY A 429 14.20 -21.12 6.66
N VAL A 430 14.62 -22.16 7.37
CA VAL A 430 16.03 -22.48 7.51
C VAL A 430 16.35 -23.67 6.61
N HIS A 431 17.32 -23.49 5.73
CA HIS A 431 17.74 -24.49 4.77
C HIS A 431 19.19 -24.87 5.03
N ARG A 432 19.55 -26.10 4.68
CA ARG A 432 20.94 -26.50 4.70
C ARG A 432 21.63 -25.98 3.44
N ILE A 433 22.76 -25.32 3.60
CA ILE A 433 23.44 -24.68 2.48
C ILE A 433 24.20 -25.72 1.67
N VAL A 434 24.04 -25.67 0.35
CA VAL A 434 24.92 -26.35 -0.58
C VAL A 434 25.65 -25.27 -1.37
N VAL A 435 26.97 -25.23 -1.26
CA VAL A 435 27.75 -24.19 -1.92
C VAL A 435 28.04 -24.61 -3.35
N LEU A 436 27.71 -23.73 -4.29
CA LEU A 436 27.92 -23.99 -5.71
C LEU A 436 29.31 -23.49 -6.09
N GLU A 437 30.19 -24.42 -6.47
CA GLU A 437 31.58 -24.09 -6.73
C GLU A 437 31.81 -23.42 -8.08
N ASN A 438 30.83 -23.46 -8.98
CA ASN A 438 30.97 -22.78 -10.26
C ASN A 438 30.97 -21.28 -10.04
N PRO A 439 32.01 -20.55 -10.46
CA PRO A 439 32.03 -19.09 -10.25
C PRO A 439 31.05 -18.34 -11.13
N LYS A 440 30.46 -18.99 -12.14
CA LYS A 440 29.54 -18.32 -13.06
C LYS A 440 28.11 -18.27 -12.54
N ILE A 441 27.83 -18.88 -11.39
CA ILE A 441 26.47 -18.95 -10.86
C ILE A 441 26.30 -17.88 -9.80
N SER A 442 25.29 -17.03 -9.98
CA SER A 442 25.02 -15.94 -9.07
C SER A 442 23.65 -16.02 -8.40
N THR A 443 22.92 -17.11 -8.65
CA THR A 443 21.54 -17.23 -8.18
C THR A 443 21.45 -18.08 -6.93
N PHE A 444 20.36 -17.90 -6.20
CA PHE A 444 19.97 -18.78 -5.11
C PHE A 444 19.13 -19.90 -5.71
N GLN A 445 19.62 -21.12 -5.66
CA GLN A 445 18.94 -22.25 -6.27
C GLN A 445 18.23 -23.07 -5.21
N MET A 446 17.01 -23.50 -5.51
CA MET A 446 16.26 -24.34 -4.60
C MET A 446 15.37 -25.27 -5.41
N ASN A 447 14.94 -26.35 -4.75
CA ASN A 447 14.03 -27.29 -5.37
C ASN A 447 12.67 -26.63 -5.61
N VAL A 448 12.03 -27.01 -6.72
CA VAL A 448 10.75 -26.40 -7.08
C VAL A 448 9.67 -26.75 -6.06
N SER A 449 9.81 -27.87 -5.35
CA SER A 449 8.84 -28.23 -4.34
C SER A 449 9.00 -27.42 -3.06
N ALA A 450 10.07 -26.66 -2.93
CA ALA A 450 10.25 -25.75 -1.82
C ALA A 450 9.64 -24.39 -2.07
N CYS A 451 9.13 -24.12 -3.27
CA CYS A 451 8.54 -22.84 -3.59
C CYS A 451 7.22 -22.61 -2.88
N ALA A 452 6.53 -23.67 -2.47
CA ALA A 452 5.25 -23.53 -1.80
C ALA A 452 5.36 -22.84 -0.44
N TRP A 453 6.54 -22.90 0.18
CA TRP A 453 6.74 -22.21 1.46
C TRP A 453 6.71 -20.71 1.29
N TYR A 454 7.28 -20.20 0.21
CA TYR A 454 7.52 -18.77 0.04
C TYR A 454 6.60 -18.12 -0.98
N ASN A 455 5.68 -18.87 -1.57
CA ASN A 455 4.82 -18.36 -2.65
C ASN A 455 5.67 -17.83 -3.79
N ALA A 456 6.76 -18.53 -4.10
CA ALA A 456 7.76 -18.08 -5.03
C ALA A 456 7.65 -18.83 -6.35
N ASP A 457 8.31 -18.27 -7.37
CA ASP A 457 8.51 -18.93 -8.64
C ASP A 457 9.77 -18.35 -9.26
N PHE A 458 10.05 -18.73 -10.50
CA PHE A 458 11.32 -18.39 -11.14
C PHE A 458 11.11 -17.48 -12.35
N ASP A 459 10.24 -16.49 -12.21
CA ASP A 459 10.02 -15.49 -13.24
C ASP A 459 10.73 -14.18 -12.94
N GLY A 460 11.61 -14.15 -11.95
CA GLY A 460 12.35 -12.95 -11.61
C GLY A 460 12.26 -12.57 -10.15
N ASP A 461 11.86 -13.52 -9.30
CA ASP A 461 11.79 -13.27 -7.87
C ASP A 461 13.18 -13.22 -7.26
N GLN A 462 13.33 -12.39 -6.25
CA GLN A 462 14.56 -12.27 -5.48
C GLN A 462 14.28 -12.58 -4.02
N MET A 463 15.17 -13.34 -3.41
CA MET A 463 14.99 -13.76 -2.03
C MET A 463 16.25 -13.43 -1.23
N ASN A 464 16.05 -13.10 0.05
CA ASN A 464 17.14 -12.79 0.95
C ASN A 464 17.67 -14.07 1.58
N LEU A 465 18.93 -14.01 2.02
CA LEU A 465 19.56 -15.13 2.67
C LEU A 465 20.62 -14.61 3.63
N TRP A 466 20.47 -14.93 4.92
CA TRP A 466 21.50 -14.64 5.90
C TRP A 466 21.84 -15.91 6.66
N VAL A 467 23.12 -16.09 6.94
CA VAL A 467 23.62 -17.28 7.62
C VAL A 467 23.88 -16.91 9.07
N PRO A 468 23.26 -17.60 10.04
CA PRO A 468 23.57 -17.32 11.44
C PRO A 468 25.03 -17.58 11.76
N TRP A 469 25.63 -16.69 12.53
CA TRP A 469 27.00 -16.86 12.98
C TRP A 469 27.11 -17.13 14.47
N SER A 470 26.28 -16.49 15.29
CA SER A 470 26.30 -16.75 16.72
C SER A 470 25.76 -18.14 17.02
N VAL A 471 26.28 -18.74 18.09
CA VAL A 471 25.87 -20.09 18.48
C VAL A 471 24.39 -20.12 18.84
N MET A 472 23.92 -19.12 19.58
CA MET A 472 22.53 -19.13 20.04
C MET A 472 21.55 -19.08 18.87
N SER A 473 21.81 -18.20 17.90
CA SER A 473 20.93 -18.14 16.74
C SER A 473 21.11 -19.33 15.81
N ARG A 474 22.29 -19.97 15.87
CA ARG A 474 22.55 -21.11 14.99
C ARG A 474 21.97 -22.39 15.57
N VAL A 475 21.80 -22.44 16.90
CA VAL A 475 21.03 -23.53 17.51
C VAL A 475 19.55 -23.36 17.19
N GLU A 476 19.05 -22.14 17.32
CA GLU A 476 17.64 -21.86 17.11
C GLU A 476 17.21 -22.09 15.68
N ALA A 477 18.10 -21.89 14.71
CA ALA A 477 17.79 -22.17 13.31
C ALA A 477 17.53 -23.64 13.09
N GLU A 478 18.35 -24.51 13.69
CA GLU A 478 18.18 -25.95 13.49
C GLU A 478 16.91 -26.46 14.17
N LEU A 479 16.69 -26.11 15.42
CA LEU A 479 15.67 -26.76 16.23
C LEU A 479 14.28 -26.20 16.00
N LEU A 480 14.15 -24.90 15.73
CA LEU A 480 12.85 -24.27 15.55
C LEU A 480 12.52 -23.97 14.09
N CYS A 481 13.44 -23.33 13.38
CA CYS A 481 13.12 -22.68 12.12
C CYS A 481 13.41 -23.54 10.90
N SER A 482 13.80 -24.80 11.08
CA SER A 482 14.01 -25.68 9.95
C SER A 482 12.71 -25.85 9.17
N VAL A 483 12.82 -25.90 7.84
CA VAL A 483 11.64 -25.97 6.99
C VAL A 483 10.85 -27.25 7.16
N ARG A 484 11.41 -28.27 7.80
CA ARG A 484 10.62 -29.45 8.15
C ARG A 484 9.54 -29.12 9.17
N ASN A 485 9.70 -28.04 9.93
CA ASN A 485 8.71 -27.63 10.90
C ASN A 485 7.50 -26.98 10.27
N TRP A 486 7.54 -26.70 8.97
CA TRP A 486 6.39 -26.15 8.26
C TRP A 486 6.06 -26.91 6.98
N PHE A 487 6.35 -28.21 6.97
CA PHE A 487 5.75 -29.06 5.95
C PHE A 487 4.24 -29.06 6.09
N ILE A 488 3.74 -29.10 7.32
CA ILE A 488 2.32 -28.98 7.61
C ILE A 488 2.01 -27.52 7.86
N SER A 489 1.01 -27.01 7.15
CA SER A 489 0.65 -25.60 7.26
C SER A 489 0.04 -25.31 8.62
N THR A 490 0.52 -24.23 9.25
CA THR A 490 -0.15 -23.73 10.45
C THR A 490 -1.45 -23.01 10.12
N LYS A 491 -1.58 -22.50 8.90
CA LYS A 491 -2.82 -21.84 8.48
C LYS A 491 -3.95 -22.83 8.27
N SER A 492 -3.67 -23.93 7.55
CA SER A 492 -4.72 -24.84 7.11
C SER A 492 -4.59 -26.25 7.67
N SER A 493 -3.55 -26.53 8.45
CA SER A 493 -3.35 -27.85 9.06
C SER A 493 -3.18 -28.95 8.03
N GLY A 494 -2.66 -28.62 6.85
CA GLY A 494 -2.41 -29.60 5.83
C GLY A 494 -1.02 -29.45 5.26
N PRO A 495 -0.59 -30.41 4.45
CA PRO A 495 0.76 -30.36 3.88
C PRO A 495 0.91 -29.19 2.92
N VAL A 496 2.12 -28.66 2.85
CA VAL A 496 2.39 -27.50 2.01
C VAL A 496 3.09 -27.94 0.74
N ASN A 497 3.88 -29.01 0.83
CA ASN A 497 4.76 -29.41 -0.25
C ASN A 497 4.29 -30.71 -0.89
N GLY A 498 4.80 -30.93 -2.10
CA GLY A 498 4.41 -32.09 -2.89
C GLY A 498 5.03 -31.98 -4.27
N GLN A 499 4.42 -32.67 -5.22
CA GLN A 499 4.86 -32.58 -6.61
C GLN A 499 4.20 -31.41 -7.31
N VAL A 500 4.96 -30.77 -8.20
CA VAL A 500 4.46 -29.64 -8.99
C VAL A 500 4.93 -29.78 -10.43
N GLN A 501 4.00 -30.00 -11.34
CA GLN A 501 4.12 -29.74 -12.78
C GLN A 501 5.00 -30.69 -13.58
N ASP A 502 5.87 -31.46 -12.94
CA ASP A 502 6.70 -32.36 -13.75
C ASP A 502 6.70 -33.72 -13.10
N SER A 503 6.59 -33.73 -11.78
CA SER A 503 6.43 -34.94 -11.02
C SER A 503 4.97 -35.24 -10.73
N THR A 504 4.07 -34.32 -11.02
CA THR A 504 2.65 -34.63 -10.99
C THR A 504 2.23 -35.35 -12.27
N VAL A 505 2.65 -34.85 -13.43
CA VAL A 505 2.38 -35.56 -14.67
C VAL A 505 3.40 -36.68 -14.86
N GLY A 506 4.60 -36.53 -14.32
CA GLY A 506 5.58 -37.61 -14.39
C GLY A 506 5.19 -38.82 -13.56
N SER A 507 4.60 -38.59 -12.38
CA SER A 507 4.11 -39.69 -11.57
C SER A 507 2.96 -40.41 -12.27
N PHE A 508 2.08 -39.66 -12.93
CA PHE A 508 0.99 -40.28 -13.67
C PHE A 508 1.52 -41.15 -14.80
N LEU A 509 2.49 -40.63 -15.56
CA LEU A 509 3.05 -41.40 -16.67
C LEU A 509 3.79 -42.64 -16.17
N LEU A 510 4.48 -42.53 -15.04
CA LEU A 510 5.22 -43.66 -14.50
C LEU A 510 4.28 -44.74 -13.99
N THR A 511 3.26 -44.36 -13.24
CA THR A 511 2.34 -45.29 -12.61
C THR A 511 1.19 -45.69 -13.53
N ARG A 512 1.13 -45.12 -14.73
CA ARG A 512 0.09 -45.45 -15.70
C ARG A 512 0.17 -46.92 -16.10
N THR A 513 -0.98 -47.54 -16.28
CA THR A 513 -1.02 -48.98 -16.56
C THR A 513 -0.54 -49.29 -17.97
N ASN A 514 -1.04 -48.54 -18.95
CA ASN A 514 -0.74 -48.78 -20.35
C ASN A 514 -0.14 -47.52 -20.99
N THR A 515 0.57 -47.74 -22.07
CA THR A 515 1.29 -46.78 -22.89
C THR A 515 0.90 -46.96 -24.34
N PRO A 516 0.95 -45.91 -25.17
CA PRO A 516 0.77 -46.10 -26.62
C PRO A 516 1.66 -47.19 -27.22
N MET A 517 2.71 -47.62 -26.51
CA MET A 517 3.58 -48.70 -26.95
C MET A 517 3.16 -50.04 -26.35
N GLY A 518 2.01 -50.09 -25.69
CA GLY A 518 1.54 -51.31 -25.05
C GLY A 518 1.53 -51.23 -23.54
N LYS A 519 2.08 -52.24 -22.89
CA LYS A 519 2.15 -52.23 -21.43
C LYS A 519 3.26 -51.33 -20.94
N ASN A 520 3.00 -50.66 -19.81
CA ASN A 520 3.94 -49.69 -19.25
C ASN A 520 4.95 -50.43 -18.37
N VAL A 521 5.93 -51.04 -19.03
CA VAL A 521 6.98 -51.79 -18.35
C VAL A 521 8.33 -51.33 -18.87
N MET A 522 9.36 -51.61 -18.07
CA MET A 522 10.74 -51.29 -18.42
C MET A 522 11.63 -52.44 -17.99
N ASN A 523 12.75 -52.60 -18.69
CA ASN A 523 13.66 -53.68 -18.39
C ASN A 523 14.46 -53.37 -17.13
N LYS A 524 15.35 -54.28 -16.75
CA LYS A 524 16.11 -54.11 -15.51
C LYS A 524 17.02 -52.89 -15.57
N LEU A 525 17.66 -52.67 -16.72
CA LEU A 525 18.60 -51.55 -16.83
C LEU A 525 17.90 -50.22 -16.64
N HIS A 526 16.73 -50.05 -17.25
CA HIS A 526 16.02 -48.78 -17.12
C HIS A 526 15.34 -48.64 -15.77
N ALA A 527 14.92 -49.75 -15.16
CA ALA A 527 14.40 -49.69 -13.81
C ALA A 527 15.46 -49.25 -12.82
N MET A 528 16.70 -49.74 -13.00
CA MET A 528 17.79 -49.31 -12.16
C MET A 528 18.11 -47.83 -12.36
N GLY A 529 17.87 -47.33 -13.58
CA GLY A 529 18.20 -45.94 -13.88
C GLY A 529 17.28 -44.94 -13.23
N LEU A 530 16.09 -45.36 -12.78
CA LEU A 530 15.21 -44.44 -12.08
C LEU A 530 15.70 -44.12 -10.69
N PHE A 531 16.49 -45.01 -10.08
CA PHE A 531 16.98 -44.84 -8.73
C PHE A 531 18.38 -44.27 -8.65
N GLN A 532 19.00 -43.95 -9.77
CA GLN A 532 20.39 -43.52 -9.74
C GLN A 532 20.54 -42.03 -9.43
N THR A 533 19.44 -41.31 -9.23
CA THR A 533 19.48 -39.91 -8.86
C THR A 533 18.75 -39.61 -7.55
N THR A 534 17.98 -40.56 -7.03
CA THR A 534 17.17 -40.33 -5.84
C THR A 534 17.99 -40.08 -4.59
N GLN A 535 19.29 -40.39 -4.61
CA GLN A 535 20.22 -40.19 -3.50
C GLN A 535 19.84 -40.97 -2.26
N THR A 536 18.97 -41.98 -2.39
CA THR A 536 18.70 -42.92 -1.31
C THR A 536 19.62 -44.13 -1.47
N ASP A 537 19.42 -45.13 -0.63
CA ASP A 537 20.13 -46.39 -0.79
C ASP A 537 19.48 -47.19 -1.91
N PRO A 538 20.22 -47.59 -2.94
CA PRO A 538 19.59 -48.23 -4.09
C PRO A 538 18.95 -49.54 -3.70
N PRO A 539 17.82 -49.89 -4.30
CA PRO A 539 17.21 -51.19 -4.04
C PRO A 539 18.03 -52.33 -4.64
N CYS A 540 17.60 -53.57 -4.40
CA CYS A 540 18.32 -54.74 -4.89
C CYS A 540 17.62 -55.27 -6.13
N PHE A 541 18.33 -55.28 -7.26
CA PHE A 541 17.83 -55.80 -8.52
C PHE A 541 18.49 -57.13 -8.88
N ALA A 542 19.09 -57.82 -7.90
CA ALA A 542 19.83 -59.03 -8.20
C ALA A 542 18.93 -60.17 -8.66
N ASN A 543 17.68 -60.16 -8.23
CA ASN A 543 16.72 -61.19 -8.64
C ASN A 543 15.97 -60.76 -9.90
N TYR A 544 16.73 -60.35 -10.92
CA TYR A 544 16.15 -59.87 -12.16
C TYR A 544 17.14 -60.14 -13.29
N SER A 545 16.66 -60.80 -14.35
CA SER A 545 17.43 -60.94 -15.56
C SER A 545 17.46 -59.61 -16.31
N PRO A 546 18.43 -59.42 -17.21
CA PRO A 546 18.42 -58.21 -18.02
C PRO A 546 17.16 -58.04 -18.86
N THR A 547 16.51 -59.13 -19.23
CA THR A 547 15.31 -59.08 -20.06
C THR A 547 14.02 -59.06 -19.24
N ASP A 548 14.10 -59.11 -17.92
CA ASP A 548 12.90 -59.02 -17.09
C ASP A 548 12.32 -57.62 -17.16
N LEU A 549 10.98 -57.55 -17.13
CA LEU A 549 10.26 -56.30 -17.30
C LEU A 549 9.60 -55.91 -15.98
N LEU A 550 9.80 -54.67 -15.57
CA LEU A 550 9.21 -54.12 -14.36
C LEU A 550 8.31 -52.94 -14.72
N ASP A 551 7.15 -52.88 -14.10
CA ASP A 551 6.23 -51.79 -14.35
C ASP A 551 6.46 -50.65 -13.35
N GLY A 552 5.76 -49.55 -13.56
CA GLY A 552 5.96 -48.38 -12.72
C GLY A 552 5.48 -48.57 -11.30
N LYS A 553 4.50 -49.47 -11.09
CA LYS A 553 4.01 -49.71 -9.75
C LYS A 553 5.01 -50.50 -8.93
N SER A 554 5.78 -51.39 -9.57
CA SER A 554 6.84 -52.10 -8.87
C SER A 554 7.97 -51.16 -8.47
N VAL A 555 8.33 -50.23 -9.35
CA VAL A 555 9.43 -49.30 -9.07
C VAL A 555 9.04 -48.32 -7.98
N VAL A 556 7.80 -47.83 -8.00
CA VAL A 556 7.33 -46.93 -6.95
C VAL A 556 7.28 -47.66 -5.62
N SER A 557 6.86 -48.93 -5.64
CA SER A 557 6.77 -49.70 -4.39
C SER A 557 8.13 -49.88 -3.76
N MET A 558 9.18 -50.04 -4.57
CA MET A 558 10.53 -50.19 -4.03
C MET A 558 10.97 -48.96 -3.24
N LEU A 559 10.35 -47.81 -3.47
CA LEU A 559 10.68 -46.59 -2.77
C LEU A 559 9.78 -46.32 -1.57
N LEU A 560 8.49 -46.62 -1.67
CA LEU A 560 7.55 -46.40 -0.58
C LEU A 560 7.61 -47.48 0.49
N ARG A 561 8.40 -48.54 0.28
CA ARG A 561 8.52 -49.57 1.30
C ARG A 561 9.26 -49.06 2.53
N GLN A 562 10.10 -48.04 2.37
CA GLN A 562 10.86 -47.54 3.51
C GLN A 562 9.96 -46.79 4.49
N THR A 563 8.90 -46.18 3.98
CA THR A 563 7.91 -45.49 4.81
C THR A 563 6.54 -46.06 4.46
N PRO A 564 6.24 -47.27 4.93
CA PRO A 564 4.97 -47.92 4.55
C PRO A 564 3.77 -47.19 5.14
N ILE A 565 2.91 -46.70 4.25
CA ILE A 565 1.66 -46.04 4.64
C ILE A 565 0.50 -46.78 4.01
N ASN A 566 -0.72 -46.34 4.30
CA ASN A 566 -1.92 -46.92 3.72
C ASN A 566 -2.73 -45.80 3.08
N TYR A 567 -3.07 -45.98 1.81
CA TYR A 567 -3.75 -44.94 1.04
C TYR A 567 -4.71 -45.59 0.06
N GLN A 568 -5.92 -45.03 -0.05
CA GLN A 568 -6.88 -45.50 -1.05
C GLN A 568 -7.84 -44.36 -1.36
N ARG A 569 -7.61 -43.68 -2.48
CA ARG A 569 -8.49 -42.63 -2.97
C ARG A 569 -8.53 -42.69 -4.49
N ALA A 570 -9.55 -42.09 -5.06
CA ALA A 570 -9.65 -42.00 -6.51
C ALA A 570 -8.75 -40.88 -7.02
N PRO A 571 -7.98 -41.10 -8.07
CA PRO A 571 -7.03 -40.07 -8.52
C PRO A 571 -7.73 -38.90 -9.21
N THR A 572 -6.99 -37.81 -9.36
CA THR A 572 -7.46 -36.68 -10.16
C THR A 572 -7.70 -37.08 -11.61
N TRP A 573 -7.03 -38.13 -12.08
CA TRP A 573 -7.18 -38.57 -13.46
C TRP A 573 -8.62 -38.94 -13.78
N TYR A 574 -9.31 -39.59 -12.85
CA TYR A 574 -10.70 -39.98 -13.08
C TYR A 574 -11.63 -38.81 -12.81
N SER A 575 -12.45 -38.47 -13.80
CA SER A 575 -13.46 -37.43 -13.66
C SER A 575 -14.72 -37.88 -14.38
N GLU A 576 -15.87 -37.70 -13.74
CA GLU A 576 -17.14 -37.93 -14.43
C GLU A 576 -17.33 -37.02 -15.62
N VAL A 577 -16.59 -35.92 -15.67
CA VAL A 577 -16.68 -34.98 -16.78
C VAL A 577 -16.14 -35.59 -18.07
N TYR A 578 -15.06 -36.37 -17.96
CA TYR A 578 -14.45 -37.01 -19.12
C TYR A 578 -14.93 -38.42 -19.36
N ALA A 579 -15.60 -39.04 -18.38
CA ALA A 579 -15.94 -40.45 -18.48
C ALA A 579 -16.75 -40.81 -19.72
N PRO A 580 -17.79 -40.07 -20.12
CA PRO A 580 -18.53 -40.46 -21.32
C PRO A 580 -17.70 -40.51 -22.59
N TYR A 581 -16.67 -39.67 -22.68
CA TYR A 581 -15.94 -39.47 -23.93
C TYR A 581 -14.58 -40.12 -23.92
N MET A 582 -14.20 -40.79 -22.84
CA MET A 582 -12.91 -41.44 -22.69
C MET A 582 -13.12 -42.86 -22.18
N HIS A 583 -12.25 -43.76 -22.59
CA HIS A 583 -12.23 -45.12 -22.05
C HIS A 583 -11.20 -45.18 -20.93
N TYR A 584 -11.67 -44.99 -19.70
CA TYR A 584 -10.78 -45.10 -18.55
C TYR A 584 -10.38 -46.56 -18.34
N ASN A 585 -9.13 -46.75 -17.95
CA ASN A 585 -8.67 -48.09 -17.57
C ASN A 585 -9.06 -48.37 -16.14
N LYS A 586 -9.64 -49.55 -15.91
CA LYS A 586 -10.14 -49.89 -14.58
C LYS A 586 -9.03 -50.07 -13.55
N GLN A 587 -7.78 -50.15 -13.98
CA GLN A 587 -6.65 -50.26 -13.07
C GLN A 587 -6.01 -48.90 -12.76
N ASP A 588 -6.54 -47.82 -13.34
CA ASP A 588 -5.97 -46.49 -13.13
C ASP A 588 -6.85 -45.58 -12.29
N ILE A 589 -8.12 -45.91 -12.11
CA ILE A 589 -9.07 -45.02 -11.47
C ILE A 589 -9.26 -45.36 -10.00
N SER A 590 -8.39 -46.17 -9.43
CA SER A 590 -8.50 -46.53 -8.01
C SER A 590 -7.07 -46.72 -7.49
N THR A 591 -6.52 -45.67 -6.90
CA THR A 591 -5.18 -45.73 -6.32
C THR A 591 -5.26 -46.35 -4.95
N GLN A 592 -4.53 -47.45 -4.74
CA GLN A 592 -4.53 -48.17 -3.47
C GLN A 592 -3.10 -48.51 -3.10
N ILE A 593 -2.67 -48.04 -1.94
CA ILE A 593 -1.37 -48.36 -1.37
C ILE A 593 -1.61 -48.99 0.00
N ARG A 594 -1.06 -50.17 0.22
CA ARG A 594 -1.10 -50.79 1.54
C ARG A 594 0.31 -51.22 1.94
N ASN A 595 0.78 -50.69 3.06
CA ASN A 595 2.12 -50.96 3.59
C ASN A 595 3.21 -50.59 2.60
N GLY A 596 3.00 -49.51 1.84
CA GLY A 596 3.99 -49.01 0.93
C GLY A 596 3.97 -49.62 -0.45
N GLU A 597 3.17 -50.65 -0.70
CA GLU A 597 3.07 -51.26 -2.01
C GLU A 597 1.92 -50.62 -2.78
N LEU A 598 2.23 -50.03 -3.93
CA LEU A 598 1.22 -49.46 -4.80
C LEU A 598 0.53 -50.61 -5.55
N ILE A 599 -0.64 -51.01 -5.06
CA ILE A 599 -1.34 -52.14 -5.64
C ILE A 599 -1.88 -51.80 -7.01
N GLU A 600 -2.48 -50.63 -7.16
CA GLU A 600 -3.08 -50.22 -8.42
C GLU A 600 -3.32 -48.72 -8.39
N GLY A 601 -3.68 -48.18 -9.55
CA GLY A 601 -3.99 -46.78 -9.67
C GLY A 601 -2.78 -45.93 -10.06
N VAL A 602 -3.07 -44.71 -10.49
CA VAL A 602 -2.05 -43.77 -10.89
C VAL A 602 -1.83 -42.76 -9.77
N LEU A 603 -0.64 -42.17 -9.76
CA LEU A 603 -0.29 -41.13 -8.80
C LEU A 603 -0.34 -39.78 -9.50
N ASP A 604 -1.17 -38.87 -9.00
CA ASP A 604 -1.29 -37.54 -9.59
C ASP A 604 -1.63 -36.58 -8.45
N LYS A 605 -2.17 -35.41 -8.81
CA LYS A 605 -2.32 -34.31 -7.85
C LYS A 605 -3.03 -34.73 -6.58
N LYS A 606 -3.97 -35.66 -6.67
CA LYS A 606 -4.70 -36.11 -5.49
C LYS A 606 -3.78 -36.77 -4.48
N ALA A 607 -2.87 -37.61 -4.94
CA ALA A 607 -2.01 -38.38 -4.04
C ALA A 607 -0.68 -37.69 -3.76
N VAL A 608 -0.07 -37.08 -4.77
CA VAL A 608 1.29 -36.56 -4.65
C VAL A 608 1.37 -35.06 -4.82
N GLY A 609 0.26 -34.38 -5.09
CA GLY A 609 0.32 -32.96 -5.34
C GLY A 609 0.58 -32.15 -4.09
N ALA A 610 1.05 -30.93 -4.31
CA ALA A 610 1.32 -30.02 -3.20
C ALA A 610 0.02 -29.49 -2.61
N GLY A 611 -0.09 -29.52 -1.28
CA GLY A 611 -1.29 -29.07 -0.62
C GLY A 611 -2.40 -30.08 -0.55
N SER A 612 -2.13 -31.34 -0.86
CA SER A 612 -3.14 -32.39 -0.89
C SER A 612 -3.27 -32.99 0.51
N SER A 613 -4.35 -32.64 1.20
CA SER A 613 -4.61 -33.21 2.52
C SER A 613 -4.92 -34.69 2.40
N GLY A 614 -4.34 -35.48 3.30
CA GLY A 614 -4.52 -36.91 3.26
C GLY A 614 -3.74 -37.61 2.18
N GLY A 615 -2.81 -36.92 1.53
CA GLY A 615 -2.02 -37.48 0.46
C GLY A 615 -0.87 -38.33 0.98
N ILE A 616 -0.04 -38.77 0.04
CA ILE A 616 1.05 -39.69 0.36
C ILE A 616 2.01 -39.06 1.36
N TYR A 617 2.37 -37.79 1.13
CA TYR A 617 3.35 -37.14 1.98
C TYR A 617 2.74 -36.65 3.28
N HIS A 618 1.45 -36.33 3.29
CA HIS A 618 0.77 -36.02 4.54
C HIS A 618 0.71 -37.25 5.44
N LEU A 619 0.52 -38.44 4.86
CA LEU A 619 0.47 -39.66 5.65
C LEU A 619 1.85 -40.07 6.15
N ILE A 620 2.89 -39.83 5.34
CA ILE A 620 4.25 -40.17 5.76
C ILE A 620 4.67 -39.27 6.91
N SER A 621 4.29 -37.99 6.86
CA SER A 621 4.62 -37.06 7.94
C SER A 621 3.95 -37.46 9.24
N ARG A 622 2.69 -37.88 9.19
CA ARG A 622 1.98 -38.22 10.41
C ARG A 622 2.50 -39.51 11.04
N ARG A 623 3.18 -40.35 10.26
CA ARG A 623 3.67 -41.63 10.76
C ARG A 623 5.17 -41.64 11.00
N TYR A 624 5.94 -40.86 10.24
CA TYR A 624 7.40 -40.91 10.31
C TYR A 624 8.06 -39.55 10.48
N GLY A 625 7.31 -38.46 10.48
CA GLY A 625 7.87 -37.16 10.69
C GLY A 625 7.98 -36.34 9.43
N PRO A 626 7.87 -35.01 9.56
CA PRO A 626 7.92 -34.15 8.37
C PRO A 626 9.26 -34.12 7.67
N GLN A 627 10.35 -34.48 8.36
CA GLN A 627 11.64 -34.55 7.67
C GLN A 627 11.71 -35.77 6.77
N GLN A 628 11.15 -36.90 7.23
CA GLN A 628 11.09 -38.08 6.38
C GLN A 628 10.16 -37.89 5.20
N ALA A 629 9.10 -37.09 5.38
CA ALA A 629 8.21 -36.78 4.27
C ALA A 629 8.91 -35.94 3.21
N LEU A 630 9.79 -35.04 3.63
CA LEU A 630 10.53 -34.23 2.67
C LEU A 630 11.48 -35.08 1.84
N LYS A 631 12.10 -36.09 2.46
CA LYS A 631 12.96 -37.00 1.71
C LYS A 631 12.18 -37.74 0.64
N MET A 632 10.94 -38.14 0.95
CA MET A 632 10.15 -38.89 -0.01
C MET A 632 9.61 -38.00 -1.13
N ILE A 633 9.36 -36.72 -0.85
CA ILE A 633 8.98 -35.80 -1.93
C ILE A 633 10.13 -35.68 -2.92
N PHE A 634 11.37 -35.61 -2.43
CA PHE A 634 12.52 -35.55 -3.31
C PHE A 634 12.72 -36.86 -4.04
N ALA A 635 12.65 -37.98 -3.32
CA ALA A 635 12.96 -39.28 -3.92
C ALA A 635 11.94 -39.66 -4.97
N THR A 636 10.66 -39.38 -4.73
CA THR A 636 9.64 -39.66 -5.73
C THR A 636 9.69 -38.68 -6.89
N GLN A 637 10.20 -37.47 -6.66
CA GLN A 637 10.37 -36.51 -7.73
C GLN A 637 11.46 -36.94 -8.69
N GLN A 638 12.48 -37.64 -8.19
CA GLN A 638 13.54 -38.15 -9.06
C GLN A 638 13.08 -39.36 -9.85
N LEU A 639 12.23 -40.22 -9.27
CA LEU A 639 11.65 -41.31 -10.03
C LEU A 639 10.78 -40.79 -11.16
N ALA A 640 9.94 -39.79 -10.87
CA ALA A 640 9.04 -39.25 -11.87
C ALA A 640 9.80 -38.57 -12.99
N LEU A 641 10.83 -37.79 -12.65
CA LEU A 641 11.59 -37.07 -13.68
C LEU A 641 12.48 -38.01 -14.47
N ASN A 642 12.99 -39.07 -13.85
CA ASN A 642 13.82 -40.03 -14.58
C ASN A 642 13.01 -40.92 -15.50
N TYR A 643 11.71 -41.10 -15.21
CA TYR A 643 10.85 -41.80 -16.15
C TYR A 643 10.63 -40.99 -17.41
N VAL A 644 10.29 -39.70 -17.25
CA VAL A 644 10.12 -38.80 -18.38
C VAL A 644 11.45 -38.52 -19.09
N ARG A 645 12.57 -38.91 -18.48
CA ARG A 645 13.88 -38.73 -19.10
C ARG A 645 13.99 -39.49 -20.41
N ASN A 646 13.22 -40.56 -20.61
CA ASN A 646 13.14 -41.19 -21.92
C ASN A 646 11.72 -41.58 -22.30
N ALA A 647 10.71 -41.12 -21.55
CA ALA A 647 9.33 -41.21 -22.01
C ALA A 647 8.94 -39.99 -22.83
N GLY A 648 9.45 -38.82 -22.46
CA GLY A 648 9.17 -37.60 -23.17
C GLY A 648 7.80 -37.04 -22.86
N PHE A 649 7.72 -35.71 -22.79
CA PHE A 649 6.44 -35.03 -22.61
C PHE A 649 6.51 -33.68 -23.28
N THR A 650 5.59 -33.41 -24.19
CA THR A 650 5.61 -32.19 -24.96
C THR A 650 4.19 -31.67 -25.14
N VAL A 651 4.08 -30.42 -25.57
CA VAL A 651 2.83 -29.83 -25.99
C VAL A 651 3.07 -29.13 -27.32
N SER A 652 2.15 -29.30 -28.26
CA SER A 652 2.28 -28.75 -29.60
C SER A 652 1.04 -27.94 -29.94
N THR A 653 1.05 -27.33 -31.13
CA THR A 653 -0.10 -26.57 -31.59
C THR A 653 -1.25 -27.50 -32.00
N ALA A 654 -0.93 -28.66 -32.56
CA ALA A 654 -1.96 -29.61 -32.97
C ALA A 654 -2.69 -30.21 -31.79
N ASP A 655 -2.13 -30.12 -30.58
CA ASP A 655 -2.84 -30.55 -29.39
C ASP A 655 -4.03 -29.67 -29.08
N MET A 656 -4.09 -28.46 -29.66
CA MET A 656 -5.13 -27.50 -29.38
C MET A 656 -6.13 -27.38 -30.54
N LEU A 657 -6.00 -28.22 -31.55
CA LEU A 657 -6.74 -28.08 -32.79
C LEU A 657 -7.88 -29.08 -32.85
N LEU A 658 -9.09 -28.58 -33.02
CA LEU A 658 -10.24 -29.43 -33.27
C LEU A 658 -10.21 -29.96 -34.70
N THR A 659 -10.74 -31.16 -34.88
CA THR A 659 -10.89 -31.68 -36.23
C THR A 659 -11.95 -30.89 -36.97
N PRO A 660 -11.92 -30.91 -38.30
CA PRO A 660 -12.96 -30.19 -39.06
C PRO A 660 -14.37 -30.64 -38.72
N GLU A 661 -14.56 -31.93 -38.44
CA GLU A 661 -15.88 -32.41 -38.03
C GLU A 661 -16.24 -31.90 -36.63
N ALA A 662 -15.26 -31.82 -35.74
CA ALA A 662 -15.52 -31.34 -34.38
C ALA A 662 -15.70 -29.83 -34.33
N HIS A 663 -15.00 -29.09 -35.20
CA HIS A 663 -15.21 -27.65 -35.27
C HIS A 663 -16.63 -27.33 -35.73
N GLN A 664 -17.18 -28.13 -36.64
CA GLN A 664 -18.56 -27.94 -37.06
C GLN A 664 -19.53 -28.22 -35.93
N GLU A 665 -19.18 -29.12 -35.02
CA GLU A 665 -20.04 -29.44 -33.89
C GLU A 665 -20.00 -28.37 -32.81
N VAL A 666 -18.87 -27.68 -32.65
CA VAL A 666 -18.77 -26.63 -31.65
C VAL A 666 -19.61 -25.43 -32.05
N GLN A 667 -19.57 -25.06 -33.33
CA GLN A 667 -20.34 -23.89 -33.75
C GLN A 667 -21.80 -24.21 -33.97
N GLU A 668 -22.17 -25.48 -34.02
CA GLU A 668 -23.57 -25.85 -33.89
C GLU A 668 -24.05 -25.67 -32.46
N ILE A 669 -23.17 -25.90 -31.49
CA ILE A 669 -23.50 -25.68 -30.09
C ILE A 669 -23.64 -24.20 -29.79
N ILE A 670 -22.71 -23.38 -30.32
CA ILE A 670 -22.77 -21.94 -30.10
C ILE A 670 -23.97 -21.34 -30.82
N ASN A 671 -24.30 -21.86 -32.01
CA ASN A 671 -25.46 -21.35 -32.73
C ASN A 671 -26.76 -21.63 -31.98
N GLU A 672 -26.81 -22.71 -31.21
CA GLU A 672 -27.98 -22.98 -30.38
C GLU A 672 -28.05 -22.02 -29.21
N LEU A 673 -26.91 -21.61 -28.66
CA LEU A 673 -26.90 -20.60 -27.62
C LEU A 673 -27.40 -19.27 -28.14
N LEU A 674 -26.94 -18.87 -29.33
CA LEU A 674 -27.38 -17.61 -29.91
C LEU A 674 -28.82 -17.70 -30.40
N LEU A 675 -29.28 -18.90 -30.74
CA LEU A 675 -30.69 -19.09 -31.07
C LEU A 675 -31.55 -18.90 -29.82
N GLU A 676 -31.15 -19.49 -28.70
CA GLU A 676 -31.88 -19.31 -27.46
C GLU A 676 -31.82 -17.86 -26.98
N SER A 677 -30.67 -17.21 -27.17
CA SER A 677 -30.56 -15.79 -26.86
C SER A 677 -31.50 -14.96 -27.72
N GLU A 678 -31.67 -15.35 -28.98
CA GLU A 678 -32.58 -14.61 -29.86
C GLU A 678 -34.03 -14.80 -29.47
N GLU A 679 -34.39 -15.99 -29.00
CA GLU A 679 -35.76 -16.23 -28.58
C GLU A 679 -36.15 -15.38 -27.37
N ILE A 680 -35.18 -15.01 -26.54
CA ILE A 680 -35.45 -14.06 -25.46
C ILE A 680 -35.70 -12.67 -26.03
N ASN A 681 -34.94 -12.30 -27.06
CA ASN A 681 -35.14 -11.00 -27.70
C ASN A 681 -36.50 -10.93 -28.40
N ASN A 682 -36.93 -12.02 -29.01
CA ASN A 682 -38.25 -12.03 -29.66
C ASN A 682 -39.36 -11.85 -28.64
N ARG A 683 -39.21 -12.47 -27.46
CA ARG A 683 -40.16 -12.24 -26.39
C ARG A 683 -40.15 -10.79 -25.94
N LEU A 684 -38.96 -10.20 -25.84
CA LEU A 684 -38.85 -8.81 -25.43
C LEU A 684 -39.48 -7.87 -26.45
N LEU A 685 -39.24 -8.11 -27.74
CA LEU A 685 -39.78 -7.24 -28.78
C LEU A 685 -41.30 -7.31 -28.82
N HIS A 686 -41.87 -8.45 -28.50
CA HIS A 686 -43.32 -8.61 -28.43
C HIS A 686 -43.89 -8.26 -27.07
N GLY A 687 -43.06 -7.86 -26.12
CA GLY A 687 -43.53 -7.61 -24.77
C GLY A 687 -44.03 -8.85 -24.06
N ASP A 688 -43.39 -9.99 -24.29
CA ASP A 688 -43.76 -11.24 -23.64
C ASP A 688 -43.01 -11.47 -22.35
N ILE A 689 -41.92 -10.74 -22.12
CA ILE A 689 -41.11 -10.92 -20.91
C ILE A 689 -41.78 -10.18 -19.77
N MET A 690 -42.18 -10.92 -18.73
CA MET A 690 -42.76 -10.35 -17.53
C MET A 690 -41.90 -10.74 -16.34
N PRO A 691 -41.31 -9.80 -15.62
CA PRO A 691 -40.43 -10.15 -14.51
C PRO A 691 -41.23 -10.59 -13.30
N PRO A 692 -40.65 -11.40 -12.42
CA PRO A 692 -41.32 -11.73 -11.16
C PRO A 692 -41.29 -10.55 -10.21
N ILE A 693 -42.03 -10.69 -9.10
CA ILE A 693 -42.03 -9.66 -8.08
C ILE A 693 -40.61 -9.49 -7.54
N GLY A 694 -40.18 -8.25 -7.41
CA GLY A 694 -38.85 -7.96 -6.91
C GLY A 694 -37.79 -7.78 -7.98
N LEU A 695 -38.12 -8.00 -9.24
CA LEU A 695 -37.19 -7.78 -10.34
C LEU A 695 -37.82 -6.85 -11.36
N THR A 696 -37.01 -5.94 -11.91
CA THR A 696 -37.46 -5.16 -13.04
C THR A 696 -37.30 -5.97 -14.32
N THR A 697 -37.92 -5.49 -15.40
CA THR A 697 -37.82 -6.18 -16.67
C THR A 697 -36.39 -6.19 -17.19
N HIS A 698 -35.63 -5.11 -16.93
CA HIS A 698 -34.23 -5.07 -17.34
C HIS A 698 -33.41 -6.12 -16.60
N ASP A 699 -33.63 -6.26 -15.29
CA ASP A 699 -32.87 -7.23 -14.51
C ASP A 699 -33.26 -8.66 -14.86
N PHE A 700 -34.55 -8.90 -15.09
CA PHE A 700 -34.99 -10.24 -15.49
C PHE A 700 -34.46 -10.61 -16.86
N TYR A 701 -34.48 -9.66 -17.80
CA TYR A 701 -33.96 -9.92 -19.13
C TYR A 701 -32.47 -10.23 -19.09
N GLU A 702 -31.74 -9.52 -18.22
CA GLU A 702 -30.31 -9.80 -18.06
C GLU A 702 -30.08 -11.16 -17.42
N LYS A 703 -30.94 -11.53 -16.47
CA LYS A 703 -30.84 -12.86 -15.86
C LYS A 703 -31.08 -13.95 -16.88
N LEU A 704 -32.05 -13.75 -17.77
CA LEU A 704 -32.32 -14.73 -18.83
C LEU A 704 -31.16 -14.81 -19.81
N GLN A 705 -30.58 -13.66 -20.16
CA GLN A 705 -29.52 -13.65 -21.18
C GLN A 705 -28.23 -14.24 -20.64
N LEU A 706 -27.92 -14.01 -19.36
CA LEU A 706 -26.72 -14.59 -18.78
C LEU A 706 -26.85 -16.11 -18.67
N ASN A 707 -28.06 -16.60 -18.39
CA ASN A 707 -28.26 -18.04 -18.27
C ASN A 707 -28.28 -18.73 -19.63
N ALA A 708 -28.82 -18.06 -20.65
CA ALA A 708 -28.95 -18.67 -21.97
C ALA A 708 -27.64 -18.75 -22.72
N LEU A 709 -26.61 -18.04 -22.28
CA LEU A 709 -25.34 -17.95 -23.00
C LEU A 709 -24.22 -18.68 -22.25
N LYS A 710 -24.56 -19.76 -21.58
CA LYS A 710 -23.58 -20.62 -20.91
C LYS A 710 -23.39 -21.88 -21.73
N PHE A 711 -22.14 -22.32 -21.83
CA PHE A 711 -21.85 -23.53 -22.57
C PHE A 711 -22.47 -24.73 -21.88
N PRO A 712 -23.03 -25.68 -22.63
CA PRO A 712 -23.52 -26.92 -22.03
C PRO A 712 -22.37 -27.83 -21.65
N ASP A 713 -22.70 -28.88 -20.89
CA ASP A 713 -21.72 -29.89 -20.54
C ASP A 713 -21.24 -30.67 -21.75
N ARG A 714 -22.06 -30.78 -22.79
CA ARG A 714 -21.74 -31.52 -24.00
C ARG A 714 -20.76 -30.79 -24.90
N ILE A 715 -20.22 -29.64 -24.46
CA ILE A 715 -19.21 -28.95 -25.25
C ILE A 715 -17.91 -29.74 -25.30
N LEU A 716 -17.71 -30.65 -24.35
CA LEU A 716 -16.52 -31.50 -24.36
C LEU A 716 -16.64 -32.69 -25.28
N LYS A 717 -17.82 -32.99 -25.81
CA LYS A 717 -17.92 -34.06 -26.79
C LYS A 717 -17.08 -33.78 -28.03
N PRO A 718 -17.15 -32.61 -28.68
CA PRO A 718 -16.23 -32.34 -29.79
C PRO A 718 -14.80 -32.10 -29.32
N ILE A 719 -14.61 -31.56 -28.12
CA ILE A 719 -13.25 -31.36 -27.60
C ILE A 719 -12.56 -32.70 -27.38
N MET A 720 -13.27 -33.65 -26.78
CA MET A 720 -12.70 -34.96 -26.50
C MET A 720 -12.62 -35.85 -27.73
N ASN A 721 -13.41 -35.59 -28.77
CA ASN A 721 -13.29 -36.36 -30.00
C ASN A 721 -12.13 -35.91 -30.87
N SER A 722 -11.53 -34.75 -30.57
CA SER A 722 -10.39 -34.25 -31.31
C SER A 722 -9.06 -34.61 -30.68
N ILE A 723 -9.06 -35.21 -29.49
CA ILE A 723 -7.83 -35.45 -28.75
C ILE A 723 -7.72 -36.93 -28.41
N ASN A 724 -6.47 -37.37 -28.20
CA ASN A 724 -6.17 -38.70 -27.68
C ASN A 724 -5.65 -38.55 -26.27
N PRO A 725 -6.39 -38.99 -25.25
CA PRO A 725 -5.91 -38.81 -23.87
C PRO A 725 -4.59 -39.49 -23.59
N GLU A 726 -4.26 -40.57 -24.30
CA GLU A 726 -3.00 -41.25 -24.08
C GLU A 726 -1.80 -40.44 -24.53
N THR A 727 -1.96 -39.59 -25.54
CA THR A 727 -0.82 -38.88 -26.11
C THR A 727 -0.92 -37.37 -26.00
N ASN A 728 -2.09 -36.79 -25.77
CA ASN A 728 -2.23 -35.35 -25.80
C ASN A 728 -1.62 -34.73 -24.55
N GLY A 729 -0.57 -33.93 -24.74
CA GLY A 729 0.09 -33.31 -23.60
C GLY A 729 -0.75 -32.26 -22.90
N LEU A 730 -1.49 -31.47 -23.68
CA LEU A 730 -2.33 -30.43 -23.08
C LEU A 730 -3.41 -31.04 -22.20
N PHE A 731 -4.02 -32.15 -22.64
CA PHE A 731 -5.06 -32.79 -21.85
C PHE A 731 -4.48 -33.43 -20.59
N GLN A 732 -3.30 -34.05 -20.69
CA GLN A 732 -2.72 -34.73 -19.55
C GLN A 732 -2.27 -33.75 -18.47
N MET A 733 -1.84 -32.54 -18.86
CA MET A 733 -1.49 -31.54 -17.88
C MET A 733 -2.71 -31.07 -17.09
N VAL A 734 -3.89 -31.15 -17.69
CA VAL A 734 -5.13 -30.71 -17.05
C VAL A 734 -5.79 -31.85 -16.27
N ALA A 735 -5.89 -33.02 -16.90
CA ALA A 735 -6.62 -34.13 -16.29
C ALA A 735 -5.92 -34.66 -15.04
N THR A 736 -4.60 -34.54 -14.95
CA THR A 736 -3.87 -35.01 -13.78
C THR A 736 -3.72 -33.95 -12.71
N GLY A 737 -4.12 -32.71 -12.96
CA GLY A 737 -3.97 -31.64 -12.00
C GLY A 737 -2.61 -30.97 -12.02
N ALA A 738 -1.75 -31.29 -12.98
CA ALA A 738 -0.43 -30.66 -13.03
C ALA A 738 -0.53 -29.17 -13.31
N LYS A 739 -1.38 -28.78 -14.25
CA LYS A 739 -1.53 -27.38 -14.63
C LYS A 739 -2.77 -27.17 -15.49
N GLY A 740 -3.58 -26.17 -15.15
CA GLY A 740 -4.72 -25.81 -15.98
C GLY A 740 -6.02 -26.44 -15.50
N SER A 741 -7.11 -26.00 -16.13
CA SER A 741 -8.44 -26.44 -15.78
C SER A 741 -9.23 -26.66 -17.06
N ASN A 742 -10.45 -27.19 -16.89
CA ASN A 742 -11.31 -27.45 -18.05
C ASN A 742 -11.71 -26.18 -18.80
N PRO A 743 -12.10 -25.08 -18.14
CA PRO A 743 -12.37 -23.86 -18.90
C PRO A 743 -11.18 -23.34 -19.67
N ASN A 744 -9.96 -23.66 -19.24
CA ASN A 744 -8.79 -23.29 -20.02
C ASN A 744 -8.78 -24.03 -21.37
N MET A 745 -9.07 -25.33 -21.36
CA MET A 745 -9.14 -26.07 -22.62
C MET A 745 -10.29 -25.57 -23.48
N ILE A 746 -11.45 -25.30 -22.88
CA ILE A 746 -12.60 -24.85 -23.65
C ILE A 746 -12.30 -23.52 -24.33
N HIS A 747 -11.69 -22.58 -23.59
CA HIS A 747 -11.35 -21.28 -24.17
C HIS A 747 -10.37 -21.43 -25.31
N ILE A 748 -9.35 -22.28 -25.15
CA ILE A 748 -8.36 -22.48 -26.19
C ILE A 748 -8.99 -23.12 -27.42
N MET A 749 -9.83 -24.13 -27.22
CA MET A 749 -10.25 -25.01 -28.30
C MET A 749 -11.67 -24.75 -28.81
N ALA A 750 -12.64 -24.55 -27.92
CA ALA A 750 -14.04 -24.46 -28.33
C ALA A 750 -14.53 -23.01 -28.45
N GLY A 751 -14.45 -22.26 -27.36
CA GLY A 751 -14.95 -20.90 -27.37
C GLY A 751 -14.85 -20.23 -26.02
N ILE A 752 -14.59 -18.92 -25.99
CA ILE A 752 -14.47 -18.22 -24.73
C ILE A 752 -15.83 -18.05 -24.07
N GLY A 753 -16.83 -17.62 -24.85
CA GLY A 753 -18.17 -17.46 -24.31
C GLY A 753 -18.48 -16.06 -23.85
N GLN A 754 -19.21 -15.94 -22.74
CA GLN A 754 -19.70 -14.65 -22.27
C GLN A 754 -18.70 -14.02 -21.32
N ILE A 755 -18.20 -12.82 -21.68
CA ILE A 755 -17.41 -12.04 -20.75
C ILE A 755 -18.33 -11.45 -19.70
N GLU A 756 -17.98 -11.67 -18.43
CA GLU A 756 -18.86 -11.36 -17.31
C GLU A 756 -18.05 -10.63 -16.25
N ILE A 757 -18.28 -9.33 -16.11
CA ILE A 757 -17.58 -8.50 -15.14
C ILE A 757 -18.56 -8.16 -14.03
N ASN A 758 -18.18 -8.48 -12.78
CA ASN A 758 -19.03 -8.28 -11.62
C ASN A 758 -20.36 -9.02 -11.77
N THR A 759 -20.30 -10.24 -12.29
CA THR A 759 -21.45 -11.12 -12.47
C THR A 759 -22.50 -10.52 -13.40
N GLN A 760 -22.09 -9.72 -14.37
CA GLN A 760 -23.02 -9.15 -15.33
C GLN A 760 -22.29 -8.91 -16.65
N ARG A 761 -23.07 -8.71 -17.70
CA ARG A 761 -22.53 -8.57 -19.04
C ARG A 761 -21.85 -7.21 -19.20
N ILE A 762 -21.39 -6.91 -20.40
CA ILE A 762 -20.73 -5.64 -20.67
C ILE A 762 -21.77 -4.53 -20.65
N GLN A 763 -21.60 -3.59 -19.73
CA GLN A 763 -22.50 -2.45 -19.63
C GLN A 763 -22.18 -1.44 -20.73
N PRO A 764 -23.19 -0.73 -21.22
CA PRO A 764 -22.92 0.30 -22.25
C PRO A 764 -22.37 1.59 -21.66
N GLN A 765 -21.07 1.80 -21.78
CA GLN A 765 -20.45 3.06 -21.43
C GLN A 765 -20.14 3.93 -22.63
N PHE A 766 -20.48 3.50 -23.84
CA PHE A 766 -20.23 4.27 -25.05
C PHE A 766 -21.54 4.93 -25.49
N SER A 767 -21.85 6.05 -24.86
CA SER A 767 -22.90 6.97 -25.31
C SER A 767 -24.29 6.30 -25.34
N PHE A 768 -24.78 5.99 -24.15
CA PHE A 768 -26.22 5.80 -23.92
C PHE A 768 -26.80 4.69 -24.79
N GLY A 769 -26.44 3.47 -24.45
CA GLY A 769 -27.04 2.30 -25.06
C GLY A 769 -26.15 1.60 -26.05
N ARG A 770 -24.95 2.11 -26.30
CA ARG A 770 -23.97 1.44 -27.14
C ARG A 770 -22.82 0.96 -26.27
N THR A 771 -22.41 -0.28 -26.48
CA THR A 771 -21.27 -0.81 -25.74
C THR A 771 -19.95 -0.43 -26.40
N LEU A 772 -19.92 -0.36 -27.73
CA LEU A 772 -18.73 0.02 -28.48
C LEU A 772 -19.16 0.82 -29.70
N VAL A 773 -18.18 1.35 -30.43
CA VAL A 773 -18.46 2.04 -31.68
C VAL A 773 -18.82 1.08 -32.81
N TYR A 774 -18.58 -0.22 -32.61
CA TYR A 774 -18.85 -1.22 -33.62
C TYR A 774 -20.27 -1.74 -33.58
N TYR A 775 -21.04 -1.42 -32.55
CA TYR A 775 -22.39 -1.92 -32.42
C TYR A 775 -23.38 -0.75 -32.33
N PRO A 776 -24.59 -0.93 -32.83
CA PRO A 776 -25.56 0.16 -32.81
C PRO A 776 -26.11 0.46 -31.43
N ARG A 777 -26.96 1.46 -31.32
CA ARG A 777 -27.61 1.77 -30.06
C ARG A 777 -28.76 0.81 -29.81
N PHE A 778 -28.89 0.36 -28.56
CA PHE A 778 -29.92 -0.60 -28.17
C PHE A 778 -29.81 -1.89 -28.98
N ALA A 779 -28.59 -2.29 -29.29
CA ALA A 779 -28.36 -3.55 -30.00
C ALA A 779 -28.85 -4.71 -29.15
N LEU A 780 -29.46 -5.70 -29.80
CA LEU A 780 -30.05 -6.82 -29.10
C LEU A 780 -29.22 -8.08 -29.19
N GLU A 781 -28.28 -8.17 -30.12
CA GLU A 781 -27.47 -9.36 -30.28
C GLU A 781 -26.57 -9.58 -29.06
N ALA A 782 -26.28 -10.85 -28.79
CA ALA A 782 -25.47 -11.19 -27.63
C ALA A 782 -24.03 -10.75 -27.78
N GLN A 783 -23.54 -10.64 -29.02
CA GLN A 783 -22.15 -10.28 -29.24
C GLN A 783 -21.86 -8.87 -28.77
N ALA A 784 -22.85 -7.98 -28.84
CA ALA A 784 -22.67 -6.59 -28.44
C ALA A 784 -22.41 -6.42 -26.96
N TYR A 785 -22.62 -7.44 -26.14
CA TYR A 785 -22.53 -7.32 -24.69
C TYR A 785 -21.49 -8.26 -24.09
N GLY A 786 -20.53 -8.71 -24.88
CA GLY A 786 -19.41 -9.46 -24.36
C GLY A 786 -19.41 -10.95 -24.63
N PHE A 787 -20.28 -11.44 -25.50
CA PHE A 787 -20.26 -12.85 -25.86
C PHE A 787 -19.21 -13.08 -26.94
N ILE A 788 -18.17 -13.82 -26.59
CA ILE A 788 -17.08 -14.12 -27.52
C ILE A 788 -17.34 -15.50 -28.10
N CYS A 789 -17.66 -15.55 -29.39
CA CYS A 789 -18.00 -16.80 -30.04
C CYS A 789 -16.79 -17.61 -30.46
N ASN A 790 -15.61 -17.02 -30.48
CA ASN A 790 -14.42 -17.67 -31.00
C ASN A 790 -13.56 -18.21 -29.87
N SER A 791 -12.71 -19.17 -30.23
CA SER A 791 -11.71 -19.69 -29.32
C SER A 791 -10.40 -18.93 -29.52
N TYR A 792 -9.43 -19.20 -28.65
CA TYR A 792 -8.12 -18.59 -28.82
C TYR A 792 -7.40 -19.18 -30.04
N ILE A 793 -7.59 -20.46 -30.31
CA ILE A 793 -6.88 -21.08 -31.41
C ILE A 793 -7.42 -20.57 -32.75
N ALA A 794 -8.67 -20.12 -32.79
CA ALA A 794 -9.22 -19.52 -34.00
C ALA A 794 -8.96 -18.03 -34.09
N GLY A 795 -8.68 -17.38 -32.97
CA GLY A 795 -8.45 -15.95 -32.96
C GLY A 795 -9.73 -15.16 -32.72
N LEU A 796 -9.59 -14.05 -32.01
CA LEU A 796 -10.70 -13.16 -31.73
C LEU A 796 -10.74 -12.03 -32.73
N THR A 797 -11.95 -11.52 -32.97
CA THR A 797 -12.10 -10.34 -33.80
C THR A 797 -11.79 -9.09 -32.97
N SER A 798 -11.84 -7.93 -33.61
CA SER A 798 -11.54 -6.68 -32.91
C SER A 798 -12.49 -6.42 -31.75
N PRO A 799 -13.82 -6.48 -31.92
CA PRO A 799 -14.69 -6.28 -30.76
C PRO A 799 -14.52 -7.34 -29.68
N GLU A 800 -14.25 -8.58 -30.07
CA GLU A 800 -14.04 -9.64 -29.08
C GLU A 800 -12.75 -9.41 -28.31
N PHE A 801 -11.70 -8.94 -28.98
CA PHE A 801 -10.45 -8.66 -28.30
C PHE A 801 -10.60 -7.50 -27.33
N ILE A 802 -11.40 -6.50 -27.69
CA ILE A 802 -11.63 -5.37 -26.79
C ILE A 802 -12.38 -5.82 -25.54
N PHE A 803 -13.42 -6.63 -25.70
CA PHE A 803 -14.14 -7.14 -24.54
C PHE A 803 -13.27 -8.05 -23.71
N GLY A 804 -12.41 -8.84 -24.36
CA GLY A 804 -11.45 -9.64 -23.62
C GLY A 804 -10.42 -8.81 -22.90
N GLU A 805 -10.00 -7.69 -23.48
CA GLU A 805 -9.08 -6.78 -22.81
C GLU A 805 -9.75 -6.09 -21.63
N MET A 806 -11.06 -5.83 -21.70
CA MET A 806 -11.77 -5.28 -20.56
C MET A 806 -11.73 -6.24 -19.39
N ASN A 807 -11.98 -7.53 -19.66
CA ASN A 807 -11.94 -8.53 -18.60
C ASN A 807 -10.52 -8.74 -18.09
N GLY A 808 -9.53 -8.74 -18.98
CA GLY A 808 -8.17 -8.97 -18.57
C GLY A 808 -7.54 -7.81 -17.83
N ARG A 809 -8.05 -6.60 -18.02
CA ARG A 809 -7.54 -5.45 -17.27
C ARG A 809 -7.90 -5.55 -15.79
N PHE A 810 -9.07 -6.13 -15.48
CA PHE A 810 -9.46 -6.31 -14.09
C PHE A 810 -8.50 -7.25 -13.36
N ASP A 811 -8.05 -8.30 -14.03
CA ASP A 811 -7.08 -9.21 -13.42
C ASP A 811 -5.82 -8.48 -13.01
N LEU A 812 -5.38 -7.51 -13.81
CA LEU A 812 -4.20 -6.74 -13.46
C LEU A 812 -4.50 -5.72 -12.37
N ILE A 813 -5.69 -5.11 -12.40
CA ILE A 813 -6.05 -4.14 -11.38
C ILE A 813 -6.25 -4.83 -10.03
N ASN A 814 -6.96 -5.96 -10.03
CA ASN A 814 -7.20 -6.67 -8.77
C ASN A 814 -5.91 -7.26 -8.20
N LYS A 815 -4.96 -7.61 -9.05
CA LYS A 815 -3.67 -8.10 -8.54
C LYS A 815 -2.90 -6.99 -7.85
N ALA A 816 -2.90 -5.79 -8.43
CA ALA A 816 -2.21 -4.67 -7.80
C ALA A 816 -2.93 -4.23 -6.53
N LEU A 817 -4.25 -4.39 -6.48
CA LEU A 817 -5.00 -4.07 -5.28
C LEU A 817 -4.84 -5.14 -4.21
N SER A 818 -4.66 -6.40 -4.60
CA SER A 818 -4.52 -7.47 -3.63
C SER A 818 -3.26 -7.37 -2.80
N THR A 819 -2.32 -6.50 -3.18
CA THR A 819 -1.13 -6.27 -2.38
C THR A 819 -1.34 -5.15 -1.37
N SER A 820 -1.88 -4.01 -1.82
CA SER A 820 -2.09 -2.89 -0.92
C SER A 820 -3.28 -3.11 0.00
N SER A 821 -4.40 -3.62 -0.53
CA SER A 821 -5.58 -3.83 0.29
C SER A 821 -5.33 -4.89 1.36
N THR A 822 -4.61 -5.95 1.00
CA THR A 822 -4.25 -6.96 1.99
C THR A 822 -3.25 -6.40 3.00
N GLY A 823 -2.33 -5.54 2.53
CA GLY A 823 -1.35 -4.97 3.44
C GLY A 823 -1.96 -4.06 4.48
N TYR A 824 -2.97 -3.28 4.09
CA TYR A 824 -3.68 -2.45 5.05
C TYR A 824 -4.39 -3.30 6.10
N ALA A 825 -5.05 -4.37 5.67
CA ALA A 825 -5.79 -5.21 6.58
C ALA A 825 -4.89 -6.10 7.42
N ASN A 826 -3.76 -6.54 6.85
CA ASN A 826 -2.83 -7.39 7.60
C ASN A 826 -2.20 -6.63 8.75
N ARG A 827 -1.83 -5.37 8.54
CA ARG A 827 -1.15 -4.62 9.59
C ARG A 827 -2.08 -4.23 10.71
N LYS A 828 -3.37 -4.00 10.41
CA LYS A 828 -4.32 -3.71 11.47
C LYS A 828 -4.71 -4.95 12.25
N ALA A 829 -4.73 -6.11 11.58
CA ALA A 829 -5.04 -7.35 12.27
C ALA A 829 -3.91 -7.77 13.19
N ILE A 830 -2.66 -7.52 12.78
CA ILE A 830 -1.52 -7.92 13.61
C ILE A 830 -1.36 -7.01 14.81
N PHE A 831 -1.60 -5.71 14.63
CA PHE A 831 -1.47 -4.81 15.77
C PHE A 831 -2.61 -4.96 16.77
N GLY A 832 -3.72 -5.58 16.36
CA GLY A 832 -4.79 -5.85 17.28
C GLY A 832 -4.64 -7.16 18.00
N LEU A 833 -3.99 -8.13 17.35
CA LEU A 833 -3.93 -9.50 17.86
C LEU A 833 -2.58 -9.91 18.42
N GLN A 834 -1.51 -9.17 18.16
CA GLN A 834 -0.18 -9.66 18.49
C GLN A 834 0.05 -9.84 19.98
N SER A 835 -0.65 -9.08 20.82
CA SER A 835 -0.45 -9.19 22.27
C SER A 835 -1.00 -10.49 22.84
N CYS A 836 -1.73 -11.27 22.06
CA CYS A 836 -2.30 -12.52 22.54
C CYS A 836 -1.21 -13.60 22.52
N ILE A 837 -0.90 -14.14 23.69
CA ILE A 837 0.21 -15.07 23.87
C ILE A 837 -0.23 -16.20 24.78
N VAL A 838 0.16 -17.43 24.44
CA VAL A 838 -0.19 -18.58 25.26
C VAL A 838 0.63 -18.56 26.54
N ASP A 839 -0.05 -18.61 27.68
CA ASP A 839 0.63 -18.61 28.97
C ASP A 839 0.84 -20.06 29.43
N TYR A 840 1.23 -20.23 30.69
CA TYR A 840 1.56 -21.54 31.22
C TYR A 840 0.35 -22.40 31.51
N TYR A 841 -0.86 -21.85 31.38
CA TYR A 841 -2.08 -22.61 31.54
C TYR A 841 -2.71 -23.01 30.22
N ARG A 842 -2.01 -22.76 29.11
CA ARG A 842 -2.54 -22.86 27.74
C ARG A 842 -3.66 -21.86 27.48
N ARG A 843 -3.86 -20.89 28.36
CA ARG A 843 -4.78 -19.79 28.10
C ARG A 843 -4.12 -18.78 27.17
N VAL A 844 -4.95 -17.96 26.54
CA VAL A 844 -4.50 -16.85 25.72
C VAL A 844 -4.89 -15.57 26.43
N SER A 845 -3.91 -14.70 26.67
CA SER A 845 -4.14 -13.53 27.50
C SER A 845 -3.42 -12.31 26.92
N ILE A 846 -3.85 -11.13 27.36
CA ILE A 846 -3.10 -9.91 27.05
C ILE A 846 -2.52 -9.37 28.36
N ASP A 847 -1.34 -9.89 28.69
CA ASP A 847 -0.46 -9.55 29.81
C ASP A 847 -0.97 -9.95 31.18
N THR A 848 -2.29 -9.97 31.39
CA THR A 848 -2.91 -10.65 32.53
C THR A 848 -4.29 -11.15 32.14
N ARG A 849 -4.84 -10.57 31.07
CA ARG A 849 -6.27 -10.54 30.84
C ARG A 849 -6.67 -11.60 29.82
N LEU A 850 -7.58 -12.48 30.21
CA LEU A 850 -7.90 -13.65 29.40
C LEU A 850 -8.56 -13.25 28.08
N VAL A 851 -8.04 -13.80 26.99
CA VAL A 851 -8.72 -13.77 25.71
C VAL A 851 -9.38 -15.11 25.41
N GLN A 852 -8.71 -16.21 25.80
CA GLN A 852 -9.27 -17.55 25.69
C GLN A 852 -8.93 -18.31 26.96
N GLN A 853 -9.88 -19.13 27.41
CA GLN A 853 -9.62 -19.99 28.56
C GLN A 853 -8.70 -21.15 28.16
N LEU A 854 -8.70 -21.51 26.89
CA LEU A 854 -7.81 -22.53 26.35
C LEU A 854 -7.66 -22.23 24.87
N TYR A 855 -6.42 -22.29 24.37
CA TYR A 855 -6.17 -21.91 22.99
C TYR A 855 -6.92 -22.84 22.04
N GLY A 856 -7.73 -22.26 21.17
CA GLY A 856 -8.49 -23.03 20.20
C GLY A 856 -9.55 -23.89 20.84
N GLU A 857 -9.77 -23.68 22.14
CA GLU A 857 -10.74 -24.42 22.96
C GLU A 857 -10.35 -25.90 23.08
N ASP A 858 -9.23 -26.29 22.47
CA ASP A 858 -8.70 -27.64 22.63
C ASP A 858 -7.24 -27.65 23.05
N GLY A 859 -6.52 -26.53 22.97
CA GLY A 859 -5.15 -26.47 23.44
C GLY A 859 -4.13 -27.12 22.57
N LEU A 860 -4.40 -27.27 21.28
CA LEU A 860 -3.52 -27.99 20.37
C LEU A 860 -2.88 -27.05 19.37
N ASP A 861 -1.77 -27.52 18.78
CA ASP A 861 -1.12 -26.83 17.69
C ASP A 861 -1.82 -27.18 16.38
N ALA A 862 -1.90 -26.20 15.49
CA ALA A 862 -2.58 -26.41 14.21
C ALA A 862 -1.76 -27.28 13.26
N ARG A 863 -0.45 -27.40 13.48
CA ARG A 863 0.40 -28.24 12.66
C ARG A 863 0.34 -29.70 13.07
N GLN A 864 -0.43 -30.05 14.10
CA GLN A 864 -0.42 -31.38 14.68
C GLN A 864 -1.82 -32.00 14.67
N LEU A 865 -2.60 -31.73 13.63
CA LEU A 865 -3.98 -32.17 13.54
C LEU A 865 -4.14 -33.22 12.46
N GLU A 866 -5.03 -34.18 12.71
CA GLU A 866 -5.31 -35.27 11.80
C GLU A 866 -6.81 -35.32 11.55
N THR A 867 -7.20 -35.39 10.29
CA THR A 867 -8.60 -35.46 9.91
C THR A 867 -9.07 -36.91 10.03
N VAL A 868 -10.07 -37.14 10.88
CA VAL A 868 -10.45 -38.49 11.29
C VAL A 868 -11.97 -38.59 11.29
N ARG A 869 -12.49 -39.73 10.84
CA ARG A 869 -13.92 -39.98 10.79
C ARG A 869 -14.41 -40.66 12.06
N PHE A 870 -15.56 -40.20 12.56
CA PHE A 870 -16.21 -40.78 13.73
C PHE A 870 -17.31 -41.71 13.25
N GLU A 871 -17.20 -42.99 13.61
CA GLU A 871 -18.04 -44.01 12.98
C GLU A 871 -19.49 -43.94 13.44
N THR A 872 -19.72 -43.67 14.72
CA THR A 872 -21.05 -43.82 15.30
C THR A 872 -22.02 -42.70 14.91
N ILE A 873 -21.53 -41.62 14.31
CA ILE A 873 -22.34 -40.42 14.17
C ILE A 873 -23.54 -40.66 13.26
N MET A 874 -23.31 -41.29 12.10
CA MET A 874 -24.37 -41.43 11.11
C MET A 874 -25.21 -42.69 11.31
N LEU A 875 -24.82 -43.58 12.21
CA LEU A 875 -25.50 -44.85 12.37
C LEU A 875 -26.83 -44.66 13.08
N SER A 876 -27.81 -45.48 12.70
CA SER A 876 -29.08 -45.52 13.38
C SER A 876 -28.95 -46.29 14.70
N ASP A 877 -30.00 -46.25 15.50
CA ASP A 877 -29.95 -46.90 16.82
C ASP A 877 -29.81 -48.40 16.70
N GLN A 878 -30.37 -49.01 15.65
CA GLN A 878 -30.28 -50.45 15.50
C GLN A 878 -28.90 -50.88 15.00
N GLU A 879 -28.34 -50.15 14.03
CA GLU A 879 -27.01 -50.48 13.54
C GLU A 879 -25.90 -49.89 14.40
N LEU A 880 -26.24 -49.05 15.37
CA LEU A 880 -25.27 -48.71 16.41
C LEU A 880 -25.11 -49.85 17.39
N GLU A 881 -26.23 -50.47 17.79
CA GLU A 881 -26.17 -51.60 18.71
C GLU A 881 -25.70 -52.86 18.02
N ASP A 882 -25.94 -52.98 16.71
CA ASP A 882 -25.46 -54.14 15.96
C ASP A 882 -23.93 -54.17 15.93
N LYS A 883 -23.31 -53.02 15.72
CA LYS A 883 -21.87 -52.94 15.48
C LYS A 883 -21.04 -52.80 16.76
N PHE A 884 -21.53 -52.07 17.77
CA PHE A 884 -20.71 -51.69 18.90
C PHE A 884 -21.11 -52.31 20.22
N LYS A 885 -22.21 -53.04 20.29
CA LYS A 885 -22.61 -53.70 21.52
C LYS A 885 -22.00 -55.11 21.55
N TYR A 886 -21.17 -55.37 22.54
CA TYR A 886 -20.49 -56.65 22.68
C TYR A 886 -21.42 -57.60 23.43
N THR A 887 -21.71 -58.75 22.82
CA THR A 887 -22.61 -59.74 23.40
C THR A 887 -21.90 -60.99 23.87
N GLY A 888 -20.56 -61.02 23.82
CA GLY A 888 -19.83 -62.21 24.23
C GLY A 888 -19.94 -62.49 25.71
N ILE A 889 -19.90 -61.45 26.53
CA ILE A 889 -19.96 -61.57 27.99
C ILE A 889 -21.23 -60.89 28.48
N GLN A 890 -22.01 -61.59 29.30
CA GLN A 890 -23.25 -61.04 29.84
C GLN A 890 -22.95 -60.36 31.17
N SER A 891 -22.38 -59.17 31.07
CA SER A 891 -22.01 -58.37 32.23
C SER A 891 -22.62 -56.98 32.13
N PRO A 892 -22.93 -56.36 33.27
CA PRO A 892 -23.40 -54.96 33.23
C PRO A 892 -22.35 -53.98 32.76
N LEU A 893 -21.07 -54.36 32.76
CA LEU A 893 -20.02 -53.47 32.30
C LEU A 893 -20.18 -53.10 30.84
N PHE A 894 -20.54 -54.08 30.01
CA PHE A 894 -20.71 -53.83 28.59
C PHE A 894 -22.05 -53.19 28.27
N GLU A 895 -22.99 -53.21 29.22
CA GLU A 895 -24.22 -52.43 29.05
C GLU A 895 -23.93 -50.94 29.17
N GLU A 896 -22.97 -50.56 30.03
CA GLU A 896 -22.60 -49.16 30.15
C GLU A 896 -21.48 -48.77 29.19
N GLU A 897 -20.69 -49.75 28.72
CA GLU A 897 -19.71 -49.46 27.69
C GLU A 897 -20.39 -49.06 26.38
N PHE A 898 -21.56 -49.65 26.11
CA PHE A 898 -22.32 -49.26 24.93
C PHE A 898 -23.15 -48.00 25.19
N SER A 899 -23.78 -47.90 26.36
CA SER A 899 -24.60 -46.73 26.65
C SER A 899 -23.76 -45.46 26.67
N ARG A 900 -22.46 -45.58 27.02
CA ARG A 900 -21.57 -44.43 26.90
C ARG A 900 -21.28 -44.11 25.44
N LEU A 901 -21.27 -45.11 24.57
CA LEU A 901 -21.08 -44.86 23.15
C LEU A 901 -22.28 -44.13 22.55
N LYS A 902 -23.49 -44.48 23.00
CA LYS A 902 -24.69 -43.88 22.44
C LYS A 902 -24.83 -42.42 22.86
N LYS A 903 -24.52 -42.10 24.12
CA LYS A 903 -24.69 -40.75 24.59
C LYS A 903 -23.55 -39.82 24.18
N ASP A 904 -22.41 -40.37 23.75
CA ASP A 904 -21.44 -39.56 23.02
C ASP A 904 -21.94 -39.27 21.61
N ARG A 905 -22.60 -40.25 20.98
CA ARG A 905 -23.19 -40.04 19.66
C ARG A 905 -24.29 -39.00 19.72
N ASP A 906 -25.14 -39.06 20.75
CA ASP A 906 -26.22 -38.09 20.89
C ASP A 906 -25.70 -36.69 21.16
N LYS A 907 -24.68 -36.58 22.02
CA LYS A 907 -24.13 -35.27 22.34
C LYS A 907 -23.47 -34.63 21.13
N TYR A 908 -22.77 -35.41 20.31
CA TYR A 908 -22.19 -34.89 19.09
C TYR A 908 -23.27 -34.41 18.13
N ARG A 909 -24.34 -35.18 17.97
CA ARG A 909 -25.44 -34.77 17.10
C ARG A 909 -26.11 -33.52 17.63
N GLN A 910 -26.39 -33.47 18.93
CA GLN A 910 -27.08 -32.33 19.51
C GLN A 910 -26.30 -31.04 19.32
N ILE A 911 -24.98 -31.09 19.54
CA ILE A 911 -24.17 -29.88 19.47
C ILE A 911 -24.03 -29.41 18.02
N PHE A 912 -23.75 -30.33 17.10
CA PHE A 912 -23.43 -29.94 15.74
C PHE A 912 -24.66 -29.77 14.87
N LEU A 913 -25.83 -30.26 15.29
CA LEU A 913 -27.07 -29.84 14.65
C LEU A 913 -27.43 -28.42 15.03
N ASN A 914 -27.07 -28.00 16.25
CA ASN A 914 -27.26 -26.61 16.67
C ASN A 914 -26.37 -25.68 15.86
N VAL A 915 -25.12 -26.07 15.61
CA VAL A 915 -24.23 -25.22 14.82
C VAL A 915 -24.76 -25.08 13.40
N GLU A 916 -25.38 -26.15 12.89
CA GLU A 916 -26.08 -26.07 11.61
C GLU A 916 -27.19 -25.03 11.64
N ASN A 917 -27.78 -24.80 12.80
CA ASN A 917 -28.94 -23.92 12.90
C ASN A 917 -28.56 -22.45 12.76
N PHE A 918 -27.49 -22.01 13.42
CA PHE A 918 -27.14 -20.60 13.40
C PHE A 918 -26.10 -20.27 12.32
N ASN A 919 -26.11 -21.01 11.22
CA ASN A 919 -25.25 -20.75 10.08
C ASN A 919 -26.08 -20.74 8.81
N PHE A 920 -25.46 -20.32 7.71
CA PHE A 920 -26.14 -20.35 6.42
C PHE A 920 -26.07 -21.75 5.80
N SER A 921 -24.86 -22.24 5.56
CA SER A 921 -24.65 -23.52 4.89
C SER A 921 -23.53 -24.31 5.57
N GLN A 922 -23.59 -24.43 6.89
CA GLN A 922 -22.57 -25.18 7.64
C GLN A 922 -23.20 -26.50 8.11
N LEU A 923 -23.02 -27.54 7.30
CA LEU A 923 -23.66 -28.83 7.57
C LEU A 923 -22.87 -29.63 8.59
N LEU A 924 -23.58 -30.53 9.26
CA LEU A 924 -22.94 -31.48 10.15
C LEU A 924 -22.04 -32.42 9.36
N THR A 925 -20.91 -32.78 9.96
CA THR A 925 -20.00 -33.77 9.40
C THR A 925 -19.67 -34.79 10.47
N ASP A 926 -19.40 -36.03 10.04
CA ASP A 926 -18.88 -37.06 10.92
C ASP A 926 -17.36 -37.15 10.84
N VAL A 927 -16.70 -36.04 10.51
CA VAL A 927 -15.26 -35.98 10.32
C VAL A 927 -14.72 -34.78 11.07
N ARG A 928 -13.77 -35.04 11.97
CA ARG A 928 -13.17 -34.00 12.81
C ARG A 928 -11.67 -34.00 12.61
N GLN A 929 -11.04 -32.88 12.94
CA GLN A 929 -9.59 -32.79 13.06
C GLN A 929 -9.23 -33.09 14.51
N VAL A 930 -8.47 -34.15 14.73
CA VAL A 930 -8.12 -34.59 16.07
C VAL A 930 -6.61 -34.70 16.14
N PRO A 931 -6.03 -34.64 17.34
CA PRO A 931 -4.58 -34.77 17.45
C PRO A 931 -4.06 -36.18 17.25
N VAL A 932 -4.85 -37.21 17.58
CA VAL A 932 -4.41 -38.60 17.53
C VAL A 932 -5.36 -39.38 16.65
N ASN A 933 -4.80 -40.12 15.69
CA ASN A 933 -5.56 -41.06 14.88
C ASN A 933 -5.53 -42.40 15.60
N VAL A 934 -6.55 -42.64 16.43
CA VAL A 934 -6.57 -43.85 17.24
C VAL A 934 -6.77 -45.09 16.38
N ALA A 935 -7.54 -44.96 15.30
CA ALA A 935 -7.80 -46.11 14.45
C ALA A 935 -6.54 -46.62 13.78
N SER A 936 -5.66 -45.72 13.33
CA SER A 936 -4.45 -46.16 12.66
C SER A 936 -3.43 -46.72 13.63
N ILE A 937 -3.46 -46.30 14.90
CA ILE A 937 -2.57 -46.86 15.90
C ILE A 937 -2.89 -48.33 16.13
N VAL A 938 -4.18 -48.64 16.26
CA VAL A 938 -4.61 -50.03 16.46
C VAL A 938 -4.28 -50.87 15.24
N LYS A 939 -4.53 -50.33 14.04
CA LYS A 939 -4.26 -51.08 12.82
C LYS A 939 -2.76 -51.38 12.67
N ASN A 940 -1.92 -50.39 12.99
CA ASN A 940 -0.48 -50.59 12.87
C ASN A 940 0.02 -51.68 13.82
N ILE A 941 -0.45 -51.67 15.07
CA ILE A 941 0.03 -52.65 16.05
C ILE A 941 -0.50 -54.04 15.72
N LEU A 942 -1.74 -54.12 15.22
CA LEU A 942 -2.28 -55.41 14.82
C LEU A 942 -1.43 -56.04 13.71
N LEU A 943 -0.96 -55.22 12.77
CA LEU A 943 -0.12 -55.73 11.69
C LEU A 943 1.19 -56.30 12.23
N SER A 944 1.81 -55.61 13.18
CA SER A 944 3.10 -56.02 13.71
C SER A 944 3.00 -57.12 14.76
N SER A 945 1.79 -57.50 15.17
CA SER A 945 1.62 -58.52 16.19
C SER A 945 1.86 -59.89 15.60
N THR A 946 2.66 -60.71 16.30
CA THR A 946 2.90 -62.08 15.87
C THR A 946 1.70 -62.99 16.15
N SER A 947 0.81 -62.58 17.05
CA SER A 947 -0.40 -63.35 17.31
C SER A 947 -1.36 -63.26 16.13
N GLY A 948 -2.29 -64.21 16.08
CA GLY A 948 -3.34 -64.20 15.08
C GLY A 948 -4.67 -63.82 15.68
N VAL A 949 -5.63 -64.75 15.63
CA VAL A 949 -6.93 -64.57 16.26
C VAL A 949 -6.85 -65.15 17.67
N LEU A 950 -7.02 -64.29 18.67
CA LEU A 950 -6.90 -64.71 20.05
C LEU A 950 -8.08 -65.56 20.49
N PRO A 951 -7.85 -66.54 21.35
CA PRO A 951 -8.97 -67.27 21.95
C PRO A 951 -9.72 -66.40 22.94
N PHE A 952 -10.99 -66.76 23.16
CA PHE A 952 -11.82 -66.00 24.07
C PHE A 952 -11.26 -66.07 25.49
N ASP A 953 -11.18 -64.93 26.15
CA ASP A 953 -10.60 -64.82 27.49
C ASP A 953 -11.42 -63.82 28.28
N GLU A 954 -12.22 -64.30 29.23
CA GLU A 954 -13.12 -63.43 29.97
C GLU A 954 -12.36 -62.39 30.79
N LYS A 955 -11.29 -62.80 31.46
CA LYS A 955 -10.57 -61.86 32.32
C LYS A 955 -9.79 -60.83 31.51
N SER A 956 -9.31 -61.21 30.32
CA SER A 956 -8.55 -60.26 29.50
C SER A 956 -9.47 -59.22 28.87
N ILE A 957 -10.66 -59.65 28.42
CA ILE A 957 -11.62 -58.71 27.84
C ILE A 957 -12.10 -57.73 28.91
N LEU A 958 -12.38 -58.22 30.12
CA LEU A 958 -12.78 -57.32 31.20
C LEU A 958 -11.63 -56.40 31.59
N GLN A 959 -10.41 -56.91 31.63
CA GLN A 959 -9.26 -56.08 31.99
C GLN A 959 -9.07 -54.94 31.00
N LYS A 960 -9.16 -55.25 29.70
CA LYS A 960 -8.95 -54.21 28.69
C LYS A 960 -10.00 -53.12 28.80
N TYR A 961 -11.24 -53.48 29.11
CA TYR A 961 -12.27 -52.47 29.32
C TYR A 961 -11.94 -51.58 30.51
N ALA A 962 -11.46 -52.17 31.60
CA ALA A 962 -11.06 -51.39 32.76
C ALA A 962 -9.87 -50.49 32.43
N MET A 963 -8.96 -50.98 31.59
CA MET A 963 -7.81 -50.16 31.19
C MET A 963 -8.26 -48.96 30.37
N VAL A 964 -9.18 -49.16 29.42
CA VAL A 964 -9.60 -48.06 28.56
C VAL A 964 -10.45 -47.06 29.34
N LYS A 965 -11.32 -47.54 30.23
CA LYS A 965 -12.17 -46.65 31.00
C LYS A 965 -11.34 -45.75 31.90
N THR A 966 -10.30 -46.30 32.52
CA THR A 966 -9.41 -45.49 33.35
C THR A 966 -8.62 -44.50 32.51
N PHE A 967 -8.18 -44.91 31.32
CA PHE A 967 -7.44 -44.01 30.44
C PHE A 967 -8.30 -42.82 30.03
N CYS A 968 -9.56 -43.05 29.71
CA CYS A 968 -10.46 -41.95 29.38
C CYS A 968 -10.75 -41.08 30.59
N LYS A 969 -10.72 -41.67 31.79
CA LYS A 969 -10.95 -40.91 33.01
C LYS A 969 -9.78 -39.97 33.31
N ASN A 970 -8.55 -40.42 33.04
CA ASN A 970 -7.35 -39.65 33.31
C ASN A 970 -6.88 -38.83 32.11
N LEU A 971 -7.65 -38.82 31.02
CA LEU A 971 -7.21 -38.11 29.81
C LEU A 971 -6.98 -36.62 30.02
N PRO A 972 -7.81 -35.86 30.75
CA PRO A 972 -7.54 -34.43 30.90
C PRO A 972 -6.23 -34.11 31.60
N TYR A 973 -5.61 -35.07 32.28
CA TYR A 973 -4.32 -34.84 32.91
C TYR A 973 -3.20 -34.63 31.88
N VAL A 974 -3.47 -34.90 30.61
CA VAL A 974 -2.53 -34.52 29.55
C VAL A 974 -2.30 -33.02 29.58
N PHE A 975 -3.31 -32.25 29.98
CA PHE A 975 -3.21 -30.79 30.02
C PHE A 975 -2.59 -30.26 31.28
N ILE A 976 -2.22 -31.10 32.25
CA ILE A 976 -1.60 -30.57 33.45
C ILE A 976 -0.18 -31.10 33.61
N ASN A 977 -0.04 -32.37 34.02
CA ASN A 977 1.24 -33.04 34.17
C ASN A 977 0.95 -34.43 34.73
N ASN A 978 2.02 -35.23 34.84
CA ASN A 978 1.91 -36.55 35.44
C ASN A 978 1.96 -36.52 36.97
N ILE A 979 2.35 -35.39 37.57
CA ILE A 979 2.38 -35.31 39.02
C ILE A 979 0.97 -35.26 39.58
N GLN A 980 0.10 -34.47 38.97
CA GLN A 980 -1.27 -34.36 39.45
C GLN A 980 -2.08 -35.60 39.10
N GLU A 981 -1.74 -36.28 38.01
CA GLU A 981 -2.41 -37.52 37.66
C GLU A 981 -2.16 -38.59 38.72
N ARG A 982 -0.93 -38.67 39.22
CA ARG A 982 -0.62 -39.62 40.30
C ARG A 982 -1.38 -39.26 41.57
N LEU A 983 -1.48 -37.97 41.88
CA LEU A 983 -2.19 -37.51 43.07
C LEU A 983 -3.70 -37.51 42.90
N GLN A 984 -4.19 -37.61 41.67
CA GLN A 984 -5.63 -37.61 41.38
C GLN A 984 -6.32 -36.36 41.92
N THR A 985 -5.67 -35.21 41.74
CA THR A 985 -6.27 -33.96 42.14
C THR A 985 -7.42 -33.59 41.18
N PRO A 986 -8.40 -32.81 41.65
CA PRO A 986 -9.55 -32.50 40.80
C PRO A 986 -9.14 -31.77 39.52
N ILE A 987 -9.86 -32.07 38.45
CA ILE A 987 -9.60 -31.49 37.14
C ILE A 987 -10.55 -30.32 36.92
N PRO A 988 -10.06 -29.18 36.40
CA PRO A 988 -10.98 -28.09 36.07
C PRO A 988 -12.00 -28.52 35.04
N VAL A 989 -13.20 -27.94 35.14
CA VAL A 989 -14.29 -28.32 34.25
C VAL A 989 -13.94 -28.01 32.80
N TYR A 990 -13.29 -26.87 32.56
CA TYR A 990 -12.96 -26.51 31.19
C TYR A 990 -11.90 -27.42 30.57
N LEU A 991 -11.16 -28.16 31.39
CA LEU A 991 -10.21 -29.15 30.87
C LEU A 991 -10.86 -30.49 30.59
N LYS A 992 -11.94 -30.82 31.31
CA LYS A 992 -12.72 -31.99 30.95
C LYS A 992 -13.38 -31.84 29.59
N ARG A 993 -13.86 -30.63 29.29
CA ARG A 993 -14.47 -30.37 27.99
C ARG A 993 -13.44 -30.44 26.87
N ALA A 994 -12.19 -30.09 27.14
CA ALA A 994 -11.17 -30.06 26.11
C ALA A 994 -10.89 -31.46 25.57
N ALA A 995 -10.96 -32.48 26.43
CA ALA A 995 -10.68 -33.85 26.04
C ALA A 995 -11.94 -34.60 25.60
N SER A 996 -12.98 -33.89 25.18
CA SER A 996 -14.24 -34.54 24.85
C SER A 996 -14.14 -35.36 23.57
N LEU A 997 -13.57 -34.78 22.51
CA LEU A 997 -13.45 -35.52 21.25
C LEU A 997 -12.48 -36.68 21.38
N MET A 998 -11.37 -36.48 22.12
CA MET A 998 -10.42 -37.58 22.29
C MET A 998 -11.00 -38.68 23.15
N ARG A 999 -11.73 -38.34 24.20
CA ARG A 999 -12.44 -39.36 24.97
C ARG A 999 -13.45 -40.09 24.09
N MET A 1000 -14.16 -39.34 23.24
CA MET A 1000 -15.16 -39.92 22.37
C MET A 1000 -14.55 -40.83 21.32
N LEU A 1001 -13.45 -40.39 20.71
CA LEU A 1001 -12.82 -41.18 19.64
C LEU A 1001 -12.20 -42.45 20.19
N ILE A 1002 -11.59 -42.38 21.38
CA ILE A 1002 -10.95 -43.56 21.96
C ILE A 1002 -11.99 -44.62 22.28
N ARG A 1003 -13.16 -44.21 22.76
CA ARG A 1003 -14.20 -45.17 23.08
C ARG A 1003 -14.79 -45.82 21.84
N ILE A 1004 -14.69 -45.18 20.68
CA ILE A 1004 -15.16 -45.78 19.44
C ILE A 1004 -14.13 -46.75 18.89
N GLU A 1005 -12.89 -46.30 18.72
CA GLU A 1005 -11.87 -47.10 18.07
C GLU A 1005 -11.27 -48.17 18.99
N LEU A 1006 -11.44 -48.04 20.29
CA LEU A 1006 -10.98 -49.04 21.25
C LEU A 1006 -12.15 -49.76 21.91
N ALA A 1007 -13.29 -49.85 21.21
CA ALA A 1007 -14.44 -50.57 21.73
C ALA A 1007 -14.11 -52.06 21.84
N THR A 1008 -14.83 -52.72 22.75
CA THR A 1008 -14.57 -54.14 22.99
C THR A 1008 -14.75 -54.97 21.74
N VAL A 1009 -15.69 -54.59 20.87
CA VAL A 1009 -15.88 -55.32 19.62
C VAL A 1009 -14.70 -55.14 18.67
N LYS A 1010 -13.93 -54.06 18.84
CA LYS A 1010 -12.81 -53.76 17.95
C LYS A 1010 -11.46 -54.19 18.51
N THR A 1011 -11.40 -54.64 19.77
CA THR A 1011 -10.16 -54.99 20.42
C THR A 1011 -10.20 -56.43 20.94
N LEU A 1012 -10.81 -57.32 20.17
CA LEU A 1012 -10.86 -58.72 20.56
C LEU A 1012 -9.54 -59.43 20.30
N ASN A 1013 -8.81 -59.02 19.27
CA ASN A 1013 -7.54 -59.63 18.90
C ASN A 1013 -6.33 -58.83 19.41
N ILE A 1014 -6.50 -58.12 20.51
CA ILE A 1014 -5.44 -57.33 21.12
C ILE A 1014 -5.25 -57.80 22.54
N THR A 1015 -4.02 -58.16 22.89
CA THR A 1015 -3.75 -58.64 24.24
C THR A 1015 -3.71 -57.46 25.21
N CYS A 1016 -3.74 -57.78 26.51
CA CYS A 1016 -3.64 -56.74 27.52
C CYS A 1016 -2.27 -56.07 27.50
N GLU A 1017 -1.25 -56.75 26.97
CA GLU A 1017 0.06 -56.12 26.82
C GLU A 1017 0.07 -55.17 25.63
N GLN A 1018 -0.60 -55.53 24.54
CA GLN A 1018 -0.66 -54.65 23.38
C GLN A 1018 -1.54 -53.42 23.66
N MET A 1019 -2.53 -53.56 24.54
CA MET A 1019 -3.36 -52.41 24.89
C MET A 1019 -2.55 -51.33 25.58
N SER A 1020 -1.63 -51.71 26.47
CA SER A 1020 -0.77 -50.74 27.13
C SER A 1020 0.12 -50.02 26.11
N ALA A 1021 0.54 -50.72 25.07
CA ALA A 1021 1.30 -50.06 24.00
C ALA A 1021 0.44 -49.05 23.26
N ILE A 1022 -0.84 -49.37 23.05
CA ILE A 1022 -1.73 -48.45 22.36
C ILE A 1022 -2.02 -47.23 23.24
N LEU A 1023 -2.31 -47.46 24.51
CA LEU A 1023 -2.64 -46.35 25.41
C LEU A 1023 -1.44 -45.44 25.65
N ASP A 1024 -0.23 -46.02 25.68
CA ASP A 1024 0.97 -45.21 25.83
C ASP A 1024 1.25 -44.39 24.57
N LEU A 1025 0.91 -44.92 23.40
CA LEU A 1025 1.11 -44.17 22.16
C LEU A 1025 0.11 -43.04 22.02
N ILE A 1026 -1.12 -43.25 22.47
CA ILE A 1026 -2.16 -42.23 22.30
C ILE A 1026 -1.83 -40.98 23.09
N ARG A 1027 -1.41 -41.14 24.35
CA ARG A 1027 -1.13 -39.98 25.17
C ARG A 1027 0.25 -39.39 24.91
N LEU A 1028 1.14 -40.14 24.24
CA LEU A 1028 2.39 -39.55 23.79
C LEU A 1028 2.16 -38.66 22.57
N GLN A 1029 1.29 -39.09 21.66
CA GLN A 1029 0.93 -38.25 20.52
C GLN A 1029 0.03 -37.10 20.93
N TYR A 1030 -0.75 -37.29 22.00
CA TYR A 1030 -1.60 -36.22 22.49
C TYR A 1030 -0.80 -35.19 23.28
N THR A 1031 0.35 -35.58 23.80
CA THR A 1031 1.25 -34.61 24.44
C THR A 1031 2.07 -33.84 23.40
N GLN A 1032 2.40 -34.47 22.29
CA GLN A 1032 3.21 -33.83 21.26
C GLN A 1032 2.41 -32.84 20.42
N SER A 1033 1.09 -32.84 20.54
CA SER A 1033 0.23 -31.98 19.74
C SER A 1033 -0.27 -30.76 20.49
N LEU A 1034 0.15 -30.59 21.74
CA LEU A 1034 -0.28 -29.44 22.53
C LEU A 1034 0.49 -28.19 22.10
N ILE A 1035 -0.13 -27.03 22.34
CA ILE A 1035 0.46 -25.76 21.95
C ILE A 1035 1.54 -25.39 22.97
N ASN A 1036 2.62 -24.79 22.48
CA ASN A 1036 3.75 -24.44 23.34
C ASN A 1036 3.41 -23.23 24.20
N TYR A 1037 3.96 -23.23 25.41
CA TYR A 1037 3.89 -22.04 26.26
C TYR A 1037 4.63 -20.89 25.61
N GLY A 1038 4.01 -19.71 25.63
CA GLY A 1038 4.67 -18.54 25.12
C GLY A 1038 4.67 -18.40 23.61
N GLU A 1039 3.68 -18.96 22.93
CA GLU A 1039 3.61 -18.88 21.48
C GLU A 1039 2.73 -17.70 21.08
N ALA A 1040 3.24 -16.88 20.15
CA ALA A 1040 2.52 -15.72 19.66
C ALA A 1040 1.43 -16.20 18.71
N VAL A 1041 0.32 -16.65 19.31
CA VAL A 1041 -0.77 -17.22 18.52
C VAL A 1041 -1.67 -16.15 17.91
N GLY A 1042 -1.59 -14.91 18.41
CA GLY A 1042 -2.32 -13.84 17.76
C GLY A 1042 -1.68 -13.40 16.45
N ILE A 1043 -0.35 -13.47 16.38
CA ILE A 1043 0.34 -13.26 15.11
C ILE A 1043 0.05 -14.41 14.15
N LEU A 1044 -0.03 -15.63 14.68
CA LEU A 1044 -0.35 -16.79 13.84
C LEU A 1044 -1.73 -16.67 13.23
N ALA A 1045 -2.70 -16.19 14.00
CA ALA A 1045 -4.07 -16.08 13.51
C ALA A 1045 -4.18 -14.98 12.46
N ALA A 1046 -3.51 -13.85 12.67
CA ALA A 1046 -3.58 -12.76 11.71
C ALA A 1046 -2.93 -13.14 10.39
N GLN A 1047 -1.83 -13.89 10.43
CA GLN A 1047 -1.21 -14.38 9.20
C GLN A 1047 -2.12 -15.35 8.47
N SER A 1048 -2.78 -16.25 9.21
CA SER A 1048 -3.59 -17.29 8.61
C SER A 1048 -4.91 -16.78 8.06
N VAL A 1049 -5.38 -15.62 8.51
CA VAL A 1049 -6.65 -15.07 8.06
C VAL A 1049 -6.45 -14.01 6.99
N SER A 1050 -5.38 -13.21 7.09
CA SER A 1050 -5.13 -12.17 6.12
C SER A 1050 -4.53 -12.68 4.82
N GLU A 1051 -4.02 -13.91 4.82
CA GLU A 1051 -3.42 -14.46 3.61
C GLU A 1051 -4.48 -14.91 2.61
N PRO A 1052 -5.57 -15.56 3.04
CA PRO A 1052 -6.67 -15.83 2.09
C PRO A 1052 -7.36 -14.58 1.56
N LEU A 1053 -7.08 -13.40 2.12
CA LEU A 1053 -7.66 -12.17 1.60
C LEU A 1053 -7.02 -11.74 0.28
N THR A 1054 -5.81 -12.23 -0.03
CA THR A 1054 -5.21 -11.95 -1.32
C THR A 1054 -6.02 -12.59 -2.45
N GLN A 1055 -6.45 -13.84 -2.25
CA GLN A 1055 -7.28 -14.49 -3.26
C GLN A 1055 -8.69 -13.92 -3.27
N TYR A 1056 -9.18 -13.45 -2.12
CA TYR A 1056 -10.48 -12.78 -2.08
C TYR A 1056 -10.45 -11.51 -2.91
N MET A 1057 -9.36 -10.75 -2.84
CA MET A 1057 -9.23 -9.54 -3.63
C MET A 1057 -8.98 -9.83 -5.10
N LEU A 1058 -8.33 -10.96 -5.41
CA LEU A 1058 -8.09 -11.32 -6.80
C LEU A 1058 -9.38 -11.63 -7.53
N ASP A 1059 -10.35 -12.23 -6.85
CA ASP A 1059 -11.65 -12.54 -7.43
C ASP A 1059 -12.67 -11.43 -7.20
N SER A 1060 -12.21 -10.18 -7.11
CA SER A 1060 -13.11 -9.07 -6.84
C SER A 1060 -14.13 -8.87 -7.96
N HIS A 1061 -13.74 -9.11 -9.20
CA HIS A 1061 -14.62 -8.90 -10.35
C HIS A 1061 -15.51 -10.10 -10.65
N HIS A 1062 -15.43 -11.15 -9.86
CA HIS A 1062 -16.36 -12.27 -9.93
C HIS A 1062 -17.49 -12.15 -8.93
N ARG A 1063 -17.54 -11.05 -8.18
CA ARG A 1063 -18.56 -10.82 -7.17
C ARG A 1063 -19.37 -9.58 -7.54
N SER A 1064 -20.61 -9.53 -7.04
CA SER A 1064 -21.50 -8.43 -7.34
C SER A 1064 -21.00 -7.13 -6.72
N VAL A 1065 -21.13 -6.04 -7.46
CA VAL A 1065 -20.78 -4.71 -6.98
C VAL A 1065 -22.00 -3.82 -6.84
N ALA A 1066 -23.19 -4.32 -7.16
CA ALA A 1066 -24.40 -3.52 -7.12
C ALA A 1066 -24.72 -3.10 -5.69
N GLY A 1067 -25.32 -1.91 -5.56
CA GLY A 1067 -25.74 -1.41 -4.27
C GLY A 1067 -26.71 -2.33 -3.57
N GLY A 1068 -26.45 -2.63 -2.30
CA GLY A 1068 -27.23 -3.59 -1.56
C GLY A 1068 -26.66 -5.00 -1.56
N THR A 1069 -25.79 -5.32 -2.50
CA THR A 1069 -25.10 -6.60 -2.55
C THR A 1069 -23.62 -6.44 -2.89
N ASN A 1070 -23.04 -5.30 -2.50
CA ASN A 1070 -21.65 -4.99 -2.82
C ASN A 1070 -20.73 -5.92 -2.02
N LYS A 1071 -20.13 -6.87 -2.73
CA LYS A 1071 -19.14 -7.78 -2.15
C LYS A 1071 -17.82 -7.69 -2.90
N SER A 1072 -17.62 -6.61 -3.65
CA SER A 1072 -16.42 -6.45 -4.46
C SER A 1072 -15.26 -5.96 -3.59
N GLY A 1073 -14.06 -6.15 -4.11
CA GLY A 1073 -12.87 -5.67 -3.43
C GLY A 1073 -12.73 -6.28 -2.05
N ILE A 1074 -12.35 -5.45 -1.08
CA ILE A 1074 -12.37 -5.84 0.32
C ILE A 1074 -13.36 -4.91 1.01
N VAL A 1075 -14.62 -5.33 1.07
CA VAL A 1075 -15.68 -4.54 1.64
C VAL A 1075 -16.39 -5.28 2.77
N ARG A 1076 -16.80 -6.52 2.52
CA ARG A 1076 -17.30 -7.36 3.61
C ARG A 1076 -16.24 -7.59 4.68
N PRO A 1077 -14.99 -7.92 4.36
CA PRO A 1077 -13.97 -8.00 5.43
C PRO A 1077 -13.80 -6.73 6.21
N GLN A 1078 -13.88 -5.56 5.56
CA GLN A 1078 -13.79 -4.30 6.30
C GLN A 1078 -14.98 -4.10 7.20
N GLU A 1079 -16.17 -4.55 6.79
CA GLU A 1079 -17.34 -4.41 7.65
C GLU A 1079 -17.20 -5.24 8.92
N ILE A 1080 -16.56 -6.40 8.84
CA ILE A 1080 -16.39 -7.26 10.02
C ILE A 1080 -15.29 -6.71 10.92
N PHE A 1081 -14.11 -6.46 10.34
CA PHE A 1081 -12.95 -6.11 11.16
C PHE A 1081 -13.04 -4.72 11.74
N SER A 1082 -13.73 -3.80 11.06
CA SER A 1082 -13.93 -2.46 11.60
C SER A 1082 -15.14 -2.37 12.52
N ALA A 1083 -15.85 -3.48 12.73
CA ALA A 1083 -17.02 -3.51 13.60
C ALA A 1083 -18.02 -2.44 13.20
N LYS A 1084 -18.21 -2.28 11.89
CA LYS A 1084 -19.07 -1.23 11.38
C LYS A 1084 -20.52 -1.49 11.79
N PRO A 1085 -21.28 -0.43 12.07
CA PRO A 1085 -22.69 -0.62 12.44
C PRO A 1085 -23.52 -1.12 11.26
N VAL A 1086 -24.72 -1.60 11.58
CA VAL A 1086 -25.59 -2.20 10.58
C VAL A 1086 -25.91 -1.21 9.47
N GLU A 1087 -25.90 0.08 9.77
CA GLU A 1087 -26.21 1.09 8.77
C GLU A 1087 -25.14 1.20 7.69
N ALA A 1088 -23.91 0.78 7.99
CA ALA A 1088 -22.80 0.89 7.06
C ALA A 1088 -22.54 -0.40 6.29
N GLU A 1089 -23.45 -1.36 6.35
CA GLU A 1089 -23.25 -2.65 5.69
C GLU A 1089 -23.85 -2.62 4.29
N GLN A 1090 -23.05 -2.98 3.30
CA GLN A 1090 -23.46 -2.94 1.91
C GLN A 1090 -23.89 -4.29 1.35
N SER A 1091 -23.78 -5.37 2.12
CA SER A 1091 -24.14 -6.69 1.62
C SER A 1091 -24.85 -7.52 2.69
N SER A 1092 -25.61 -6.88 3.57
CA SER A 1092 -26.26 -7.61 4.64
C SER A 1092 -27.32 -8.55 4.11
N GLU A 1093 -27.39 -9.75 4.68
CA GLU A 1093 -28.36 -10.76 4.30
C GLU A 1093 -28.99 -11.35 5.55
N MET A 1094 -29.87 -12.32 5.34
CA MET A 1094 -30.59 -12.97 6.42
C MET A 1094 -31.27 -14.20 5.87
N LEU A 1095 -31.21 -15.30 6.62
CA LEU A 1095 -31.85 -16.55 6.23
C LEU A 1095 -32.96 -16.86 7.22
N LEU A 1096 -34.17 -17.00 6.72
CA LEU A 1096 -35.36 -17.23 7.54
C LEU A 1096 -35.91 -18.61 7.25
N ARG A 1097 -36.14 -19.39 8.29
CA ARG A 1097 -36.70 -20.73 8.16
C ARG A 1097 -38.17 -20.69 8.53
N LEU A 1098 -39.00 -21.28 7.68
CA LEU A 1098 -40.44 -21.25 7.89
C LEU A 1098 -40.81 -21.98 9.18
N LYS A 1099 -41.80 -21.42 9.89
CA LYS A 1099 -42.19 -21.99 11.18
C LYS A 1099 -42.71 -23.41 11.05
N ASN A 1100 -43.21 -23.77 9.87
CA ASN A 1100 -43.82 -25.07 9.67
C ASN A 1100 -42.90 -25.95 8.84
N PRO A 1101 -42.42 -27.08 9.39
CA PRO A 1101 -41.70 -28.04 8.54
C PRO A 1101 -42.53 -28.56 7.37
N GLU A 1102 -43.86 -28.52 7.49
CA GLU A 1102 -44.71 -28.92 6.37
C GLU A 1102 -44.74 -27.85 5.29
N VAL A 1103 -44.83 -26.57 5.68
CA VAL A 1103 -44.86 -25.50 4.70
C VAL A 1103 -43.53 -25.39 3.97
N GLU A 1104 -42.43 -25.66 4.67
CA GLU A 1104 -41.10 -25.54 4.07
C GLU A 1104 -40.85 -26.54 2.96
N THR A 1105 -41.68 -27.56 2.83
CA THR A 1105 -41.49 -28.54 1.76
C THR A 1105 -41.97 -28.00 0.41
N ASN A 1106 -43.03 -27.20 0.41
CA ASN A 1106 -43.66 -26.72 -0.83
C ASN A 1106 -43.16 -25.33 -1.16
N LYS A 1107 -42.75 -25.14 -2.42
CA LYS A 1107 -42.11 -23.89 -2.83
C LYS A 1107 -43.10 -22.76 -3.01
N THR A 1108 -44.33 -23.04 -3.43
CA THR A 1108 -45.31 -21.97 -3.62
C THR A 1108 -45.60 -21.25 -2.30
N TYR A 1109 -45.77 -22.02 -1.22
CA TYR A 1109 -45.92 -21.39 0.09
C TYR A 1109 -44.65 -20.64 0.49
N ALA A 1110 -43.48 -21.21 0.20
CA ALA A 1110 -42.25 -20.49 0.49
C ALA A 1110 -42.09 -19.25 -0.38
N GLN A 1111 -42.62 -19.29 -1.61
CA GLN A 1111 -42.50 -18.15 -2.50
C GLN A 1111 -43.47 -17.02 -2.14
N GLU A 1112 -44.67 -17.38 -1.68
CA GLU A 1112 -45.64 -16.34 -1.31
C GLU A 1112 -45.30 -15.71 0.04
N ILE A 1113 -44.62 -16.44 0.92
CA ILE A 1113 -44.12 -15.84 2.15
C ILE A 1113 -42.94 -14.92 1.84
N ALA A 1114 -42.08 -15.31 0.90
CA ALA A 1114 -40.94 -14.48 0.55
C ALA A 1114 -41.38 -13.17 -0.07
N ASN A 1115 -42.39 -13.21 -0.93
CA ASN A 1115 -42.93 -11.98 -1.51
C ASN A 1115 -43.80 -11.22 -0.52
N SER A 1116 -44.30 -11.89 0.51
CA SER A 1116 -45.06 -11.21 1.55
C SER A 1116 -44.18 -10.24 2.33
N ILE A 1117 -42.92 -10.58 2.53
CA ILE A 1117 -41.98 -9.75 3.28
C ILE A 1117 -41.05 -9.11 2.27
N GLU A 1118 -41.42 -7.92 1.82
CA GLU A 1118 -40.59 -7.15 0.90
C GLU A 1118 -41.02 -5.70 1.04
N LEU A 1119 -40.12 -4.85 1.52
CA LEU A 1119 -40.52 -3.50 1.91
C LEU A 1119 -40.99 -2.72 0.69
N ILE A 1120 -42.30 -2.54 0.59
CA ILE A 1120 -42.87 -1.63 -0.39
C ILE A 1120 -43.36 -0.40 0.36
N THR A 1121 -42.56 0.66 0.37
CA THR A 1121 -43.02 1.90 0.97
C THR A 1121 -44.07 2.54 0.07
N PHE A 1122 -44.83 3.46 0.66
CA PHE A 1122 -45.82 4.19 -0.13
C PHE A 1122 -45.16 5.06 -1.18
N GLU A 1123 -43.89 5.42 -0.98
CA GLU A 1123 -43.20 6.30 -1.91
C GLU A 1123 -42.96 5.62 -3.26
N ARG A 1124 -42.69 4.31 -3.27
CA ARG A 1124 -42.34 3.67 -4.53
C ARG A 1124 -43.56 3.30 -5.36
N LEU A 1125 -44.77 3.54 -4.86
CA LEU A 1125 -45.98 3.37 -5.65
C LEU A 1125 -46.43 4.68 -6.30
N ILE A 1126 -45.65 5.74 -6.16
CA ILE A 1126 -46.03 7.08 -6.55
C ILE A 1126 -45.27 7.48 -7.81
N LEU A 1127 -45.99 8.08 -8.76
CA LEU A 1127 -45.33 8.76 -9.88
C LEU A 1127 -45.04 10.22 -9.54
N GLN A 1128 -46.01 10.93 -8.98
CA GLN A 1128 -45.81 12.31 -8.61
C GLN A 1128 -46.77 12.69 -7.49
N TRP A 1129 -46.34 13.64 -6.65
CA TRP A 1129 -47.19 14.15 -5.59
C TRP A 1129 -47.17 15.67 -5.60
N HIS A 1130 -48.29 16.27 -5.18
CA HIS A 1130 -48.43 17.71 -5.07
C HIS A 1130 -48.97 18.06 -3.69
N LEU A 1131 -48.33 19.03 -3.05
CA LEU A 1131 -48.81 19.56 -1.77
C LEU A 1131 -49.62 20.83 -2.06
N LEU A 1132 -50.91 20.78 -1.78
CA LEU A 1132 -51.84 21.85 -2.11
C LEU A 1132 -52.37 22.52 -0.85
N TYR A 1133 -52.52 23.83 -0.91
CA TYR A 1133 -53.09 24.61 0.18
C TYR A 1133 -54.60 24.72 -0.02
N GLU A 1134 -55.28 23.61 0.25
CA GLU A 1134 -56.71 23.51 0.03
C GLU A 1134 -57.38 22.84 1.21
N THR A 1135 -58.66 23.17 1.41
CA THR A 1135 -59.52 22.54 2.39
C THR A 1135 -60.71 21.92 1.68
N TYR A 1136 -61.26 20.86 2.26
CA TYR A 1136 -62.42 20.20 1.67
C TYR A 1136 -63.63 20.40 2.55
N SER A 1137 -64.67 21.00 1.98
CA SER A 1137 -66.00 21.01 2.53
C SER A 1137 -66.96 20.52 1.45
N SER A 1138 -67.80 19.55 1.79
CA SER A 1138 -68.63 18.91 0.77
C SER A 1138 -69.63 19.89 0.16
N THR A 1139 -70.21 20.76 0.98
CA THR A 1139 -71.25 21.67 0.53
C THR A 1139 -70.70 22.99 0.01
N LYS A 1140 -69.92 23.70 0.83
CA LYS A 1140 -69.35 24.97 0.39
C LYS A 1140 -68.30 24.74 -0.68
N LYS A 1141 -68.34 25.53 -1.74
CA LYS A 1141 -67.35 25.46 -2.80
C LYS A 1141 -66.07 26.15 -2.33
N ASN A 1142 -65.05 25.35 -2.04
CA ASN A 1142 -63.75 25.89 -1.70
C ASN A 1142 -62.87 25.97 -2.95
N VAL A 1143 -61.89 26.88 -2.89
CA VAL A 1143 -61.02 27.09 -4.04
C VAL A 1143 -60.13 25.87 -4.25
N MET A 1144 -59.84 25.58 -5.52
CA MET A 1144 -59.01 24.44 -5.88
C MET A 1144 -57.99 24.85 -6.94
N TYR A 1145 -56.89 24.12 -6.97
CA TYR A 1145 -55.86 24.36 -7.98
C TYR A 1145 -56.46 24.17 -9.37
N PRO A 1146 -56.17 25.05 -10.33
CA PRO A 1146 -56.80 24.92 -11.66
C PRO A 1146 -56.42 23.64 -12.38
N ASP A 1147 -55.21 23.13 -12.19
CA ASP A 1147 -54.80 21.91 -12.88
C ASP A 1147 -55.56 20.68 -12.38
N PHE A 1148 -55.99 20.68 -11.13
CA PHE A 1148 -56.66 19.53 -10.53
C PHE A 1148 -58.11 19.84 -10.17
N ALA A 1149 -58.70 20.87 -10.78
CA ALA A 1149 -60.13 21.12 -10.59
C ALA A 1149 -60.98 20.03 -11.22
N SER A 1150 -60.43 19.27 -12.16
CA SER A 1150 -61.13 18.12 -12.72
C SER A 1150 -61.27 16.98 -11.73
N ASP A 1151 -60.51 17.00 -10.63
CA ASP A 1151 -60.63 15.98 -9.61
C ASP A 1151 -61.99 15.98 -8.93
N VAL A 1152 -62.76 17.05 -9.07
CA VAL A 1152 -64.06 17.15 -8.41
C VAL A 1152 -65.04 16.10 -8.92
N GLU A 1153 -64.82 15.59 -10.14
CA GLU A 1153 -65.73 14.59 -10.68
C GLU A 1153 -65.72 13.31 -9.85
N TRP A 1154 -64.54 12.87 -9.40
CA TRP A 1154 -64.49 11.68 -8.56
C TRP A 1154 -64.57 12.01 -7.07
N MET A 1155 -64.55 13.28 -6.68
CA MET A 1155 -64.88 13.63 -5.30
C MET A 1155 -66.31 13.25 -4.98
N THR A 1156 -67.26 13.63 -5.84
CA THR A 1156 -68.66 13.37 -5.59
C THR A 1156 -68.93 11.87 -5.52
N ASP A 1157 -68.33 11.10 -6.43
CA ASP A 1157 -68.51 9.65 -6.41
C ASP A 1157 -68.01 9.05 -5.11
N PHE A 1158 -66.87 9.52 -4.60
CA PHE A 1158 -66.34 8.99 -3.35
C PHE A 1158 -67.30 9.24 -2.20
N LEU A 1159 -67.95 10.40 -2.17
CA LEU A 1159 -68.82 10.72 -1.05
C LEU A 1159 -70.10 9.91 -1.06
N GLU A 1160 -70.67 9.65 -2.24
CA GLU A 1160 -71.87 8.81 -2.31
C GLU A 1160 -71.54 7.33 -2.25
N ASN A 1161 -70.29 6.94 -2.50
CA ASN A 1161 -69.86 5.55 -2.36
C ASN A 1161 -69.29 5.25 -0.99
N HIS A 1162 -69.08 6.27 -0.15
CA HIS A 1162 -68.57 6.08 1.21
C HIS A 1162 -69.39 6.94 2.16
N PRO A 1163 -70.65 6.59 2.39
CA PRO A 1163 -71.48 7.38 3.33
C PRO A 1163 -70.96 7.35 4.76
N LEU A 1164 -70.17 6.34 5.14
CA LEU A 1164 -69.57 6.30 6.45
C LEU A 1164 -68.28 7.11 6.55
N LEU A 1165 -67.63 7.39 5.42
CA LEU A 1165 -66.41 8.19 5.40
C LEU A 1165 -66.75 9.63 4.98
N GLN A 1166 -67.46 10.31 5.85
CA GLN A 1166 -67.67 11.71 5.53
C GLN A 1166 -66.48 12.56 6.00
N PRO A 1167 -66.17 13.64 5.30
CA PRO A 1167 -65.07 14.51 5.73
C PRO A 1167 -65.33 15.09 7.10
N PRO A 1168 -64.31 15.21 7.95
CA PRO A 1168 -64.52 15.70 9.31
C PRO A 1168 -64.74 17.20 9.37
N GLU A 1169 -64.90 17.72 10.58
CA GLU A 1169 -65.09 19.15 10.79
C GLU A 1169 -63.78 19.89 11.07
N ASP A 1170 -62.66 19.17 11.22
CA ASP A 1170 -61.39 19.78 11.58
C ASP A 1170 -60.35 19.61 10.49
N ILE A 1171 -60.77 19.61 9.23
CA ILE A 1171 -59.82 19.52 8.12
C ILE A 1171 -59.05 20.83 8.04
N ALA A 1172 -57.72 20.73 8.02
CA ALA A 1172 -56.88 21.90 7.89
C ALA A 1172 -56.83 22.36 6.44
N ASN A 1173 -56.13 23.46 6.20
CA ASN A 1173 -55.99 24.00 4.85
C ASN A 1173 -54.72 23.47 4.17
N TRP A 1174 -54.56 22.14 4.17
CA TRP A 1174 -53.39 21.51 3.56
C TRP A 1174 -53.82 20.19 2.96
N CYS A 1175 -53.48 19.99 1.69
CA CYS A 1175 -53.89 18.80 0.96
C CYS A 1175 -52.70 18.23 0.19
N ILE A 1176 -52.65 16.90 0.12
CA ILE A 1176 -51.59 16.17 -0.58
C ILE A 1176 -52.27 15.36 -1.67
N ARG A 1177 -51.90 15.62 -2.92
CA ARG A 1177 -52.45 14.92 -4.08
C ARG A 1177 -51.42 13.94 -4.61
N LEU A 1178 -51.87 12.75 -4.95
CA LEU A 1178 -50.97 11.65 -5.29
C LEU A 1178 -51.45 11.02 -6.58
N GLU A 1179 -50.50 10.58 -7.40
CA GLU A 1179 -50.80 9.92 -8.66
C GLU A 1179 -50.05 8.59 -8.65
N LEU A 1180 -50.80 7.50 -8.44
CA LEU A 1180 -50.19 6.19 -8.27
C LEU A 1180 -49.61 5.68 -9.58
N ASN A 1181 -48.47 4.99 -9.48
CA ASN A 1181 -47.86 4.32 -10.63
C ASN A 1181 -48.58 3.01 -10.85
N LYS A 1182 -49.30 2.89 -11.97
CA LYS A 1182 -50.09 1.69 -12.23
C LYS A 1182 -49.23 0.49 -12.60
N THR A 1183 -48.07 0.72 -13.23
CA THR A 1183 -47.20 -0.41 -13.56
C THR A 1183 -46.66 -1.08 -12.31
N THR A 1184 -46.24 -0.28 -11.32
CA THR A 1184 -45.79 -0.84 -10.05
C THR A 1184 -46.92 -1.49 -9.28
N MET A 1185 -48.13 -0.93 -9.37
CA MET A 1185 -49.29 -1.57 -8.74
C MET A 1185 -49.61 -2.91 -9.39
N ILE A 1186 -49.18 -3.14 -10.62
CA ILE A 1186 -49.40 -4.43 -11.29
C ILE A 1186 -48.23 -5.37 -11.07
N LEU A 1187 -47.01 -4.85 -11.23
CA LEU A 1187 -45.82 -5.69 -11.09
C LEU A 1187 -45.67 -6.18 -9.65
N LYS A 1188 -45.95 -5.34 -8.67
CA LYS A 1188 -45.89 -5.74 -7.27
C LYS A 1188 -47.17 -6.37 -6.78
N SER A 1189 -48.24 -6.33 -7.57
CA SER A 1189 -49.54 -6.91 -7.22
C SER A 1189 -50.07 -6.31 -5.91
N ILE A 1190 -50.26 -4.99 -5.94
CA ILE A 1190 -50.77 -4.26 -4.79
C ILE A 1190 -52.10 -3.64 -5.19
N SER A 1191 -53.15 -3.95 -4.43
CA SER A 1191 -54.47 -3.42 -4.68
C SER A 1191 -54.58 -2.02 -4.08
N LEU A 1192 -55.61 -1.30 -4.51
CA LEU A 1192 -55.83 0.05 -3.99
C LEU A 1192 -56.30 0.00 -2.54
N GLU A 1193 -57.16 -0.95 -2.20
CA GLU A 1193 -57.66 -1.04 -0.83
C GLU A 1193 -56.55 -1.44 0.13
N SER A 1194 -55.53 -2.14 -0.35
CA SER A 1194 -54.37 -2.44 0.50
C SER A 1194 -53.62 -1.17 0.85
N ILE A 1195 -53.51 -0.24 -0.09
CA ILE A 1195 -52.84 1.03 0.18
C ILE A 1195 -53.68 1.88 1.13
N ILE A 1196 -54.99 1.99 0.84
CA ILE A 1196 -55.85 2.88 1.61
C ILE A 1196 -55.94 2.42 3.07
N ASN A 1197 -56.13 1.12 3.28
CA ASN A 1197 -56.23 0.60 4.64
C ASN A 1197 -54.91 0.77 5.38
N SER A 1198 -53.78 0.57 4.69
CA SER A 1198 -52.48 0.74 5.33
C SER A 1198 -52.25 2.19 5.74
N LEU A 1199 -52.67 3.14 4.91
CA LEU A 1199 -52.46 4.55 5.22
C LEU A 1199 -53.42 5.03 6.31
N ARG A 1200 -54.67 4.59 6.27
CA ARG A 1200 -55.62 5.00 7.28
C ARG A 1200 -55.27 4.45 8.66
N ALA A 1201 -54.77 3.21 8.71
CA ALA A 1201 -54.40 2.61 9.99
C ALA A 1201 -53.23 3.34 10.64
N LYS A 1202 -52.22 3.73 9.86
CA LYS A 1202 -51.02 4.34 10.41
C LYS A 1202 -51.16 5.84 10.66
N HIS A 1203 -51.98 6.53 9.86
CA HIS A 1203 -52.11 7.99 9.93
C HIS A 1203 -53.55 8.35 10.25
N PRO A 1204 -53.90 8.51 11.53
CA PRO A 1204 -55.27 8.88 11.89
C PRO A 1204 -55.56 10.38 11.81
N ASN A 1205 -54.54 11.22 11.79
CA ASN A 1205 -54.72 12.67 11.75
C ASN A 1205 -54.91 13.19 10.33
N THR A 1206 -55.31 12.34 9.40
CA THR A 1206 -55.50 12.71 8.00
C THR A 1206 -56.83 12.18 7.51
N TYR A 1207 -57.32 12.78 6.43
CA TYR A 1207 -58.50 12.33 5.72
C TYR A 1207 -58.12 11.99 4.30
N ILE A 1208 -58.49 10.79 3.84
CA ILE A 1208 -57.99 10.22 2.59
C ILE A 1208 -59.15 10.00 1.64
N MET A 1209 -58.98 10.48 0.40
CA MET A 1209 -59.93 10.25 -0.68
C MET A 1209 -59.18 9.68 -1.88
N HIS A 1210 -59.89 8.89 -2.68
CA HIS A 1210 -59.27 8.28 -3.84
C HIS A 1210 -60.33 8.03 -4.90
N SER A 1211 -59.86 7.82 -6.13
CA SER A 1211 -60.74 7.51 -7.26
C SER A 1211 -61.03 6.00 -7.26
N VAL A 1212 -61.69 5.53 -8.32
CA VAL A 1212 -62.01 4.11 -8.41
C VAL A 1212 -60.83 3.34 -8.97
N GLU A 1213 -60.85 2.04 -8.76
CA GLU A 1213 -59.82 1.14 -9.31
C GLU A 1213 -60.15 0.90 -10.78
N ASN A 1214 -59.44 1.63 -11.65
CA ASN A 1214 -59.71 1.62 -13.08
C ASN A 1214 -58.80 0.63 -13.78
N THR A 1215 -59.35 -0.06 -14.78
CA THR A 1215 -58.62 -1.05 -15.55
C THR A 1215 -58.22 -0.54 -16.93
N ALA A 1216 -58.49 0.73 -17.24
CA ALA A 1216 -58.21 1.31 -18.55
C ALA A 1216 -57.06 2.28 -18.43
N SER A 1217 -56.06 2.13 -19.30
CA SER A 1217 -54.91 3.02 -19.29
C SER A 1217 -55.31 4.42 -19.71
N GLY A 1218 -54.53 5.41 -19.24
CA GLY A 1218 -54.80 6.80 -19.51
C GLY A 1218 -55.62 7.51 -18.46
N ILE A 1219 -56.33 6.77 -17.62
CA ILE A 1219 -57.10 7.32 -16.51
C ILE A 1219 -56.36 6.97 -15.22
N PRO A 1220 -55.74 7.94 -14.55
CA PRO A 1220 -54.91 7.62 -13.38
C PRO A 1220 -55.76 7.37 -12.14
N ILE A 1221 -55.10 6.80 -11.14
CA ILE A 1221 -55.68 6.61 -9.81
C ILE A 1221 -55.08 7.66 -8.90
N ILE A 1222 -55.93 8.53 -8.35
CA ILE A 1222 -55.49 9.69 -7.59
C ILE A 1222 -55.79 9.45 -6.12
N ILE A 1223 -54.75 9.57 -5.29
CA ILE A 1223 -54.88 9.50 -3.84
C ILE A 1223 -54.77 10.92 -3.31
N ARG A 1224 -55.79 11.40 -2.63
CA ARG A 1224 -55.80 12.75 -2.10
C ARG A 1224 -55.99 12.70 -0.60
N ILE A 1225 -54.98 13.18 0.13
CA ILE A 1225 -54.94 13.08 1.58
C ILE A 1225 -55.03 14.47 2.17
N TYR A 1226 -56.10 14.74 2.91
CA TYR A 1226 -56.30 16.01 3.59
C TYR A 1226 -55.79 15.90 5.02
N LEU A 1227 -55.10 16.95 5.49
CA LEU A 1227 -54.58 16.97 6.84
C LEU A 1227 -55.60 17.57 7.78
N ARG A 1228 -55.85 16.87 8.89
CA ARG A 1228 -56.73 17.41 9.91
C ARG A 1228 -55.96 18.38 10.80
N GLU A 1229 -56.71 19.26 11.48
CA GLU A 1229 -56.09 20.27 12.32
C GLU A 1229 -55.34 19.64 13.49
N SER A 1230 -55.70 18.40 13.86
CA SER A 1230 -55.02 17.69 14.94
C SER A 1230 -53.57 17.38 14.62
N ALA A 1231 -53.18 17.38 13.34
CA ALA A 1231 -51.78 17.14 12.99
C ALA A 1231 -50.89 18.26 13.49
N PHE A 1232 -51.35 19.50 13.41
CA PHE A 1232 -50.58 20.64 13.89
C PHE A 1232 -50.68 20.84 15.39
N ARG A 1233 -51.75 20.32 16.02
CA ARG A 1233 -51.89 20.39 17.47
C ARG A 1233 -51.01 19.37 18.20
N ARG A 1234 -50.36 18.46 17.47
CA ARG A 1234 -49.53 17.45 18.13
C ARG A 1234 -48.39 18.09 18.91
N SER A 1235 -47.63 18.96 18.24
CA SER A 1235 -46.56 19.70 18.92
C SER A 1235 -46.41 21.04 18.20
N THR A 1236 -47.12 22.05 18.71
CA THR A 1236 -46.99 23.41 18.20
C THR A 1236 -46.44 24.36 19.24
N ASN A 1237 -46.16 23.90 20.45
CA ASN A 1237 -45.40 24.70 21.41
C ASN A 1237 -43.99 24.95 20.89
N THR A 1238 -43.45 24.02 20.10
CA THR A 1238 -42.20 24.22 19.38
C THR A 1238 -42.51 25.14 18.20
N ARG A 1239 -42.54 26.44 18.50
CA ARG A 1239 -42.98 27.45 17.53
C ARG A 1239 -42.02 27.62 16.37
N MET A 1240 -40.82 27.04 16.41
CA MET A 1240 -39.90 27.15 15.29
C MET A 1240 -40.27 26.15 14.20
N ALA A 1241 -41.53 26.17 13.79
CA ALA A 1241 -42.01 25.31 12.71
C ALA A 1241 -43.31 25.91 12.17
N THR A 1242 -43.25 26.50 10.98
CA THR A 1242 -44.45 27.05 10.37
C THR A 1242 -45.36 25.91 9.90
N ASP A 1243 -46.64 26.26 9.69
CA ASP A 1243 -47.60 25.26 9.24
C ASP A 1243 -47.15 24.57 7.97
N GLU A 1244 -46.43 25.29 7.11
CA GLU A 1244 -45.87 24.66 5.91
C GLU A 1244 -44.80 23.65 6.26
N LYS A 1245 -44.10 23.84 7.38
CA LYS A 1245 -43.06 22.90 7.78
C LYS A 1245 -43.65 21.62 8.34
N ILE A 1246 -44.72 21.72 9.13
CA ILE A 1246 -45.39 20.51 9.60
C ILE A 1246 -46.04 19.77 8.45
N ALA A 1247 -46.67 20.50 7.53
CA ALA A 1247 -47.34 19.85 6.40
C ALA A 1247 -46.35 19.10 5.53
N VAL A 1248 -45.19 19.70 5.27
CA VAL A 1248 -44.16 19.01 4.50
C VAL A 1248 -43.63 17.81 5.27
N ASN A 1249 -43.45 17.96 6.58
CA ASN A 1249 -43.01 16.82 7.40
C ASN A 1249 -44.04 15.71 7.40
N VAL A 1250 -45.32 16.04 7.32
CA VAL A 1250 -46.35 15.02 7.20
C VAL A 1250 -46.21 14.27 5.87
N VAL A 1251 -45.82 14.98 4.81
CA VAL A 1251 -45.60 14.32 3.51
C VAL A 1251 -44.51 13.27 3.62
N ASP A 1252 -43.42 13.60 4.31
CA ASP A 1252 -42.32 12.64 4.45
C ASP A 1252 -42.73 11.41 5.25
N LYS A 1253 -43.51 11.60 6.32
CA LYS A 1253 -43.97 10.47 7.11
C LYS A 1253 -44.88 9.56 6.29
N LEU A 1254 -45.83 10.15 5.55
CA LEU A 1254 -46.80 9.35 4.81
C LEU A 1254 -46.14 8.58 3.68
N LEU A 1255 -45.19 9.20 2.98
CA LEU A 1255 -44.50 8.52 1.90
C LEU A 1255 -43.72 7.32 2.41
N ASN A 1256 -43.05 7.45 3.55
CA ASN A 1256 -42.23 6.39 4.11
C ASN A 1256 -43.03 5.35 4.89
N SER A 1257 -44.36 5.35 4.76
CA SER A 1257 -45.15 4.37 5.47
C SER A 1257 -45.00 3.00 4.83
N THR A 1258 -45.02 1.96 5.66
CA THR A 1258 -44.80 0.60 5.20
C THR A 1258 -46.07 0.03 4.62
N ILE A 1259 -45.98 -0.54 3.42
CA ILE A 1259 -47.07 -1.27 2.80
C ILE A 1259 -46.55 -2.66 2.42
N ARG A 1260 -47.07 -3.68 3.10
CA ARG A 1260 -46.82 -5.08 2.76
C ARG A 1260 -45.33 -5.41 2.76
N GLY A 1261 -44.74 -5.35 3.95
CA GLY A 1261 -43.37 -5.81 4.12
C GLY A 1261 -42.88 -5.56 5.52
N ILE A 1262 -41.63 -5.94 5.76
CA ILE A 1262 -40.96 -5.61 7.00
C ILE A 1262 -39.86 -4.60 6.67
N PRO A 1263 -39.61 -3.62 7.52
CA PRO A 1263 -38.58 -2.61 7.21
C PRO A 1263 -37.20 -3.23 7.19
N GLY A 1264 -36.34 -2.67 6.32
CA GLY A 1264 -34.94 -3.01 6.28
C GLY A 1264 -34.55 -4.03 5.23
N ILE A 1265 -35.49 -4.81 4.72
CA ILE A 1265 -35.19 -5.85 3.74
C ILE A 1265 -35.74 -5.41 2.39
N LYS A 1266 -34.91 -5.52 1.36
CA LYS A 1266 -35.23 -5.07 0.01
C LYS A 1266 -35.76 -6.20 -0.87
N ASN A 1267 -35.03 -7.30 -0.95
CA ASN A 1267 -35.44 -8.46 -1.73
C ASN A 1267 -35.46 -9.67 -0.83
N ALA A 1268 -36.43 -10.56 -1.05
CA ALA A 1268 -36.54 -11.81 -0.31
C ALA A 1268 -36.74 -12.94 -1.32
N ASN A 1269 -35.65 -13.64 -1.64
CA ASN A 1269 -35.70 -14.76 -2.56
C ASN A 1269 -36.10 -16.03 -1.83
N VAL A 1270 -36.16 -17.13 -2.57
CA VAL A 1270 -36.40 -18.45 -2.00
C VAL A 1270 -35.20 -19.32 -2.36
N VAL A 1271 -34.62 -19.98 -1.35
CA VAL A 1271 -33.46 -20.83 -1.56
C VAL A 1271 -33.80 -22.24 -1.12
N LYS A 1272 -33.10 -23.19 -1.71
CA LYS A 1272 -33.19 -24.59 -1.31
C LYS A 1272 -31.96 -24.93 -0.47
N LEU A 1273 -32.19 -25.45 0.73
CA LEU A 1273 -31.11 -25.78 1.65
C LEU A 1273 -31.28 -27.19 2.18
N MET A 1274 -30.16 -27.80 2.52
CA MET A 1274 -30.10 -29.17 3.04
C MET A 1274 -29.73 -29.14 4.52
N ARG A 1275 -30.47 -29.89 5.33
CA ARG A 1275 -30.24 -29.97 6.76
C ARG A 1275 -30.32 -31.42 7.21
N HIS A 1276 -29.70 -31.69 8.34
CA HIS A 1276 -29.74 -33.03 8.92
C HIS A 1276 -30.87 -33.14 9.94
N ARG A 1277 -31.29 -34.37 10.20
CA ARG A 1277 -32.36 -34.63 11.14
C ARG A 1277 -32.30 -36.08 11.57
N VAL A 1278 -32.66 -36.33 12.82
CA VAL A 1278 -32.68 -37.69 13.36
C VAL A 1278 -34.05 -38.30 13.09
N ASP A 1279 -34.06 -39.49 12.49
CA ASP A 1279 -35.30 -40.20 12.19
C ASP A 1279 -35.86 -40.81 13.48
N ALA A 1280 -37.02 -41.46 13.34
CA ALA A 1280 -37.60 -42.18 14.46
C ALA A 1280 -36.85 -43.46 14.79
N GLN A 1281 -36.08 -43.99 13.84
CA GLN A 1281 -35.24 -45.15 14.07
C GLN A 1281 -33.82 -44.78 14.46
N GLY A 1282 -33.55 -43.50 14.72
CA GLY A 1282 -32.26 -43.06 15.19
C GLY A 1282 -31.27 -42.64 14.12
N LYS A 1283 -31.59 -42.86 12.85
CA LYS A 1283 -30.67 -42.53 11.78
C LYS A 1283 -30.62 -41.02 11.54
N LEU A 1284 -29.46 -40.55 11.10
CA LEU A 1284 -29.27 -39.15 10.75
C LEU A 1284 -29.27 -39.04 9.23
N VAL A 1285 -30.19 -38.24 8.69
CA VAL A 1285 -30.41 -38.13 7.25
C VAL A 1285 -30.31 -36.67 6.84
N ARG A 1286 -29.68 -36.43 5.69
CA ARG A 1286 -29.58 -35.09 5.14
C ARG A 1286 -30.79 -34.85 4.24
N LEU A 1287 -31.59 -33.84 4.60
CA LEU A 1287 -32.84 -33.54 3.90
C LEU A 1287 -32.60 -32.37 2.95
N ASP A 1288 -32.63 -32.64 1.66
CA ASP A 1288 -32.32 -31.63 0.66
C ASP A 1288 -33.54 -30.82 0.23
N ASN A 1289 -34.75 -31.28 0.52
CA ASN A 1289 -35.98 -30.64 0.04
C ASN A 1289 -36.55 -29.67 1.07
N ILE A 1290 -35.74 -28.72 1.53
CA ILE A 1290 -36.17 -27.74 2.51
C ILE A 1290 -36.03 -26.35 1.90
N TYR A 1291 -37.09 -25.57 1.97
CA TYR A 1291 -37.14 -24.24 1.38
C TYR A 1291 -37.10 -23.19 2.48
N ALA A 1292 -36.26 -22.18 2.29
CA ALA A 1292 -36.15 -21.06 3.21
C ALA A 1292 -36.23 -19.75 2.44
N ILE A 1293 -36.00 -18.65 3.14
CA ILE A 1293 -36.01 -17.32 2.55
C ILE A 1293 -34.71 -16.63 2.89
N LYS A 1294 -33.95 -16.27 1.86
CA LYS A 1294 -32.73 -15.47 2.03
C LYS A 1294 -33.06 -14.04 1.61
N THR A 1295 -33.13 -13.14 2.59
CA THR A 1295 -33.52 -11.77 2.32
C THR A 1295 -32.30 -10.94 1.91
N ASN A 1296 -32.58 -9.78 1.34
CA ASN A 1296 -31.57 -8.76 1.06
C ASN A 1296 -31.84 -7.60 2.00
N GLY A 1297 -31.01 -7.45 3.01
CA GLY A 1297 -31.28 -6.54 4.10
C GLY A 1297 -31.54 -7.29 5.39
N THR A 1298 -31.25 -6.63 6.51
CA THR A 1298 -31.27 -7.27 7.81
C THR A 1298 -32.23 -6.57 8.76
N ASN A 1299 -33.15 -7.34 9.33
CA ASN A 1299 -33.95 -6.88 10.46
C ASN A 1299 -34.36 -8.13 11.24
N ILE A 1300 -33.59 -8.47 12.28
CA ILE A 1300 -33.90 -9.66 13.07
C ILE A 1300 -35.20 -9.46 13.83
N PHE A 1301 -35.38 -8.29 14.43
CA PHE A 1301 -36.59 -8.03 15.19
C PHE A 1301 -37.83 -7.99 14.30
N GLY A 1302 -37.70 -7.46 13.09
CA GLY A 1302 -38.81 -7.48 12.16
C GLY A 1302 -39.20 -8.89 11.76
N ALA A 1303 -38.20 -9.75 11.50
CA ALA A 1303 -38.49 -11.14 11.19
C ALA A 1303 -38.90 -11.92 12.43
N MET A 1304 -38.45 -11.48 13.61
CA MET A 1304 -38.85 -12.13 14.85
C MET A 1304 -40.32 -11.93 15.15
N LEU A 1305 -40.91 -10.85 14.63
CA LEU A 1305 -42.32 -10.57 14.85
C LEU A 1305 -43.23 -11.25 13.84
N ASP A 1306 -42.69 -11.81 12.77
CA ASP A 1306 -43.48 -12.50 11.77
C ASP A 1306 -43.93 -13.87 12.28
N ASP A 1307 -45.14 -14.26 11.91
CA ASP A 1307 -45.68 -15.55 12.31
C ASP A 1307 -45.41 -16.65 11.28
N ASN A 1308 -44.87 -16.31 10.12
CA ASN A 1308 -44.49 -17.28 9.11
C ASN A 1308 -43.03 -17.67 9.18
N ILE A 1309 -42.29 -17.11 10.13
CA ILE A 1309 -40.85 -17.36 10.29
C ILE A 1309 -40.62 -18.00 11.65
N ASP A 1310 -39.75 -18.99 11.69
CA ASP A 1310 -39.34 -19.56 12.97
C ASP A 1310 -38.41 -18.58 13.65
N PRO A 1311 -38.77 -18.02 14.82
CA PRO A 1311 -37.95 -16.95 15.40
C PRO A 1311 -36.69 -17.44 16.08
N TYR A 1312 -36.59 -18.72 16.40
CA TYR A 1312 -35.45 -19.24 17.15
C TYR A 1312 -34.26 -19.61 16.26
N THR A 1313 -34.45 -19.66 14.95
CA THR A 1313 -33.39 -20.03 14.01
C THR A 1313 -33.23 -18.97 12.94
N ILE A 1314 -33.22 -17.70 13.33
CA ILE A 1314 -32.99 -16.60 12.42
C ILE A 1314 -31.48 -16.39 12.31
N VAL A 1315 -30.97 -16.44 11.09
CA VAL A 1315 -29.55 -16.33 10.82
C VAL A 1315 -29.32 -15.03 10.07
N SER A 1316 -28.78 -14.03 10.75
CA SER A 1316 -28.39 -12.78 10.13
C SER A 1316 -26.90 -12.80 9.80
N SER A 1317 -26.54 -12.12 8.72
CA SER A 1317 -25.15 -11.93 8.38
C SER A 1317 -24.55 -10.70 9.07
N SER A 1318 -25.36 -9.96 9.82
CA SER A 1318 -24.94 -8.72 10.47
C SER A 1318 -24.47 -9.05 11.88
N ILE A 1319 -23.21 -8.69 12.18
CA ILE A 1319 -22.70 -8.85 13.54
C ILE A 1319 -23.35 -7.84 14.46
N GLY A 1320 -23.56 -6.60 13.98
CA GLY A 1320 -24.15 -5.58 14.82
C GLY A 1320 -25.57 -5.89 15.23
N ASP A 1321 -26.34 -6.50 14.32
CA ASP A 1321 -27.72 -6.84 14.64
C ASP A 1321 -27.79 -8.05 15.57
N THR A 1322 -26.92 -9.04 15.35
CA THR A 1322 -26.87 -10.20 16.24
C THR A 1322 -26.42 -9.81 17.64
N MET A 1323 -25.45 -8.90 17.74
CA MET A 1323 -25.01 -8.41 19.04
C MET A 1323 -26.13 -7.63 19.73
N GLU A 1324 -26.91 -6.88 18.96
CA GLU A 1324 -27.95 -6.04 19.56
C GLU A 1324 -29.03 -6.88 20.23
N LEU A 1325 -29.48 -7.94 19.57
CA LEU A 1325 -30.61 -8.72 20.06
C LEU A 1325 -30.21 -9.95 20.86
N TYR A 1326 -29.11 -10.62 20.51
CA TYR A 1326 -28.77 -11.89 21.11
C TYR A 1326 -27.72 -11.80 22.21
N GLY A 1327 -26.65 -11.04 21.99
CA GLY A 1327 -25.66 -10.84 23.02
C GLY A 1327 -24.25 -11.01 22.49
N ILE A 1328 -23.28 -10.95 23.40
CA ILE A 1328 -21.88 -11.04 23.02
C ILE A 1328 -21.50 -12.46 22.61
N GLU A 1329 -22.11 -13.48 23.22
CA GLU A 1329 -21.74 -14.85 22.89
C GLU A 1329 -22.24 -15.24 21.50
N ALA A 1330 -23.44 -14.79 21.14
CA ALA A 1330 -23.92 -15.03 19.78
C ALA A 1330 -23.17 -14.18 18.78
N ALA A 1331 -22.79 -12.97 19.16
CA ALA A 1331 -21.98 -12.13 18.29
C ALA A 1331 -20.60 -12.72 18.07
N ARG A 1332 -20.06 -13.42 19.08
CA ARG A 1332 -18.80 -14.13 18.89
C ARG A 1332 -18.94 -15.22 17.84
N GLN A 1333 -20.03 -15.98 17.91
CA GLN A 1333 -20.29 -17.01 16.89
C GLN A 1333 -20.58 -16.40 15.53
N LYS A 1334 -21.06 -15.16 15.49
CA LYS A 1334 -21.35 -14.50 14.22
C LYS A 1334 -20.09 -14.03 13.53
N ILE A 1335 -19.12 -13.54 14.30
CA ILE A 1335 -17.84 -13.13 13.72
C ILE A 1335 -17.13 -14.33 13.12
N ILE A 1336 -17.21 -15.48 13.79
CA ILE A 1336 -16.59 -16.70 13.27
C ILE A 1336 -17.23 -17.10 11.95
N SER A 1337 -18.57 -17.06 11.90
CA SER A 1337 -19.27 -17.49 10.70
C SER A 1337 -19.03 -16.53 9.54
N GLU A 1338 -18.86 -15.25 9.83
CA GLU A 1338 -18.72 -14.26 8.76
C GLU A 1338 -17.30 -14.17 8.24
N ILE A 1339 -16.30 -14.40 9.07
CA ILE A 1339 -14.93 -14.47 8.57
C ILE A 1339 -14.75 -15.71 7.71
N ARG A 1340 -15.34 -16.83 8.13
CA ARG A 1340 -15.21 -18.07 7.38
C ARG A 1340 -15.85 -17.95 6.00
N THR A 1341 -16.95 -17.22 5.90
CA THR A 1341 -17.57 -16.99 4.60
C THR A 1341 -16.63 -16.24 3.67
N VAL A 1342 -15.94 -15.24 4.18
CA VAL A 1342 -14.99 -14.48 3.37
C VAL A 1342 -13.78 -15.33 3.01
N MET A 1343 -13.35 -16.19 3.93
CA MET A 1343 -12.12 -16.96 3.75
C MET A 1343 -12.20 -17.93 2.57
N GLY A 1344 -13.39 -18.30 2.14
CA GLY A 1344 -13.54 -19.26 1.05
C GLY A 1344 -13.56 -20.67 1.56
N ASP A 1345 -13.01 -21.61 0.78
CA ASP A 1345 -12.88 -22.99 1.21
C ASP A 1345 -11.43 -23.42 1.38
N LYS A 1346 -10.48 -22.71 0.77
CA LYS A 1346 -9.07 -22.83 1.12
C LYS A 1346 -8.76 -21.89 2.28
N GLY A 1347 -9.55 -22.06 3.34
CA GLY A 1347 -9.52 -21.15 4.47
C GLY A 1347 -8.67 -21.66 5.60
N PRO A 1348 -8.43 -20.81 6.59
CA PRO A 1348 -7.59 -21.21 7.73
C PRO A 1348 -8.32 -22.16 8.66
N ASN A 1349 -7.55 -22.74 9.57
CA ASN A 1349 -8.12 -23.59 10.61
C ASN A 1349 -9.12 -22.80 11.46
N HIS A 1350 -9.99 -23.55 12.15
CA HIS A 1350 -11.01 -22.91 12.95
C HIS A 1350 -10.42 -22.12 14.12
N ARG A 1351 -9.28 -22.56 14.65
CA ARG A 1351 -8.69 -21.91 15.81
C ARG A 1351 -8.12 -20.54 15.48
N HIS A 1352 -7.96 -20.20 14.20
CA HIS A 1352 -7.56 -18.86 13.81
C HIS A 1352 -8.76 -17.92 13.66
N LEU A 1353 -9.95 -18.46 13.40
CA LEU A 1353 -11.16 -17.67 13.50
C LEU A 1353 -11.58 -17.45 14.94
N LEU A 1354 -11.32 -18.43 15.80
CA LEU A 1354 -11.59 -18.28 17.23
C LEU A 1354 -10.78 -17.14 17.83
N MET A 1355 -9.54 -16.96 17.37
CA MET A 1355 -8.69 -15.92 17.92
C MET A 1355 -9.23 -14.53 17.59
N TYR A 1356 -9.74 -14.35 16.36
CA TYR A 1356 -10.30 -13.06 15.99
C TYR A 1356 -11.53 -12.74 16.82
N ALA A 1357 -12.46 -13.69 16.90
CA ALA A 1357 -13.73 -13.43 17.59
C ALA A 1357 -13.52 -13.26 19.10
N ASP A 1358 -12.61 -14.04 19.68
CA ASP A 1358 -12.38 -13.95 21.12
C ASP A 1358 -11.70 -12.63 21.48
N LEU A 1359 -10.83 -12.13 20.60
CA LEU A 1359 -10.25 -10.81 20.83
C LEU A 1359 -11.29 -9.70 20.69
N MET A 1360 -12.08 -9.76 19.62
CA MET A 1360 -13.03 -8.69 19.32
C MET A 1360 -14.19 -8.63 20.30
N THR A 1361 -14.43 -9.68 21.08
CA THR A 1361 -15.55 -9.74 22.01
C THR A 1361 -15.09 -9.89 23.45
N ARG A 1362 -13.84 -9.56 23.75
CA ARG A 1362 -13.27 -9.82 25.07
C ARG A 1362 -13.92 -8.97 26.17
N THR A 1363 -14.30 -7.73 25.86
CA THR A 1363 -14.78 -6.79 26.86
C THR A 1363 -16.29 -6.80 27.03
N GLY A 1364 -17.00 -7.71 26.36
CA GLY A 1364 -18.44 -7.71 26.37
C GLY A 1364 -19.07 -6.87 25.29
N GLN A 1365 -18.27 -6.15 24.51
CA GLN A 1365 -18.73 -5.41 23.37
C GLN A 1365 -17.88 -5.80 22.17
N VAL A 1366 -18.44 -5.67 20.97
CA VAL A 1366 -17.70 -5.99 19.76
C VAL A 1366 -16.79 -4.80 19.47
N THR A 1367 -15.50 -4.98 19.73
CA THR A 1367 -14.51 -3.96 19.39
C THR A 1367 -13.90 -4.27 18.03
N SER A 1368 -13.29 -3.26 17.43
CA SER A 1368 -12.78 -3.37 16.08
C SER A 1368 -11.28 -3.59 16.08
N LEU A 1369 -10.74 -3.86 14.89
CA LEU A 1369 -9.31 -3.94 14.67
C LEU A 1369 -8.73 -2.61 14.19
N GLU A 1370 -9.38 -1.52 14.55
CA GLU A 1370 -8.94 -0.17 14.23
C GLU A 1370 -8.29 0.46 15.44
N LYS A 1371 -7.90 1.73 15.32
CA LYS A 1371 -7.32 2.45 16.44
C LYS A 1371 -8.29 2.53 17.61
N ALA A 1372 -9.58 2.66 17.31
CA ALA A 1372 -10.58 2.75 18.38
C ALA A 1372 -10.67 1.45 19.17
N GLY A 1373 -10.59 0.31 18.49
CA GLY A 1373 -10.64 -0.96 19.17
C GLY A 1373 -9.44 -1.23 20.05
N LEU A 1374 -8.25 -0.81 19.59
CA LEU A 1374 -7.04 -0.96 20.40
C LEU A 1374 -7.13 -0.13 21.68
N ASN A 1375 -7.70 1.07 21.59
CA ASN A 1375 -7.94 1.90 22.77
C ASN A 1375 -8.83 1.21 23.79
N ALA A 1376 -9.85 0.48 23.34
CA ALA A 1376 -10.77 -0.16 24.28
C ALA A 1376 -10.12 -1.35 25.00
N ARG A 1377 -9.29 -2.11 24.29
CA ARG A 1377 -8.74 -3.33 24.88
C ARG A 1377 -7.44 -3.07 25.63
N GLU A 1378 -6.55 -2.25 25.06
CA GLU A 1378 -5.24 -1.97 25.65
C GLU A 1378 -5.03 -0.47 25.69
N PRO A 1379 -5.72 0.24 26.59
CA PRO A 1379 -5.56 1.70 26.62
C PRO A 1379 -4.21 2.14 27.16
N SER A 1380 -3.67 1.43 28.15
CA SER A 1380 -2.42 1.83 28.79
C SER A 1380 -1.19 1.41 28.01
N ASN A 1381 -1.35 0.61 26.95
CA ASN A 1381 -0.23 0.25 26.08
C ASN A 1381 -0.05 1.37 25.06
N VAL A 1382 0.62 2.43 25.51
CA VAL A 1382 0.86 3.59 24.65
C VAL A 1382 1.80 3.22 23.51
N LEU A 1383 2.84 2.44 23.78
CA LEU A 1383 3.84 2.14 22.77
C LEU A 1383 3.29 1.27 21.66
N LEU A 1384 2.47 0.27 22.00
CA LEU A 1384 1.72 -0.43 20.97
C LEU A 1384 0.82 0.51 20.20
N ARG A 1385 0.13 1.39 20.90
CA ARG A 1385 -0.87 2.25 20.29
C ARG A 1385 -0.21 3.36 19.48
N MET A 1386 0.97 3.81 19.91
CA MET A 1386 1.75 4.76 19.12
C MET A 1386 2.21 4.15 17.81
N ALA A 1387 2.61 2.88 17.85
CA ALA A 1387 3.19 2.24 16.68
C ALA A 1387 2.16 2.00 15.58
N LEU A 1388 0.89 1.84 15.94
CA LEU A 1388 -0.12 1.53 14.94
C LEU A 1388 -0.33 2.67 13.93
N SER A 1389 -0.92 3.79 14.34
CA SER A 1389 -1.30 4.80 13.36
C SER A 1389 -0.70 6.18 13.61
N SER A 1390 -0.89 6.76 14.80
CA SER A 1390 -0.64 8.19 15.00
C SER A 1390 0.12 8.42 16.30
N PRO A 1391 1.46 8.43 16.24
CA PRO A 1391 2.24 8.57 17.48
C PRO A 1391 2.04 9.89 18.21
N VAL A 1392 1.87 11.00 17.48
CA VAL A 1392 1.87 12.30 18.14
C VAL A 1392 0.61 12.50 18.98
N GLN A 1393 -0.54 12.11 18.44
CA GLN A 1393 -1.78 12.24 19.20
C GLN A 1393 -1.79 11.28 20.40
N VAL A 1394 -1.30 10.06 20.21
CA VAL A 1394 -1.25 9.09 21.31
C VAL A 1394 -0.27 9.54 22.37
N LEU A 1395 0.90 10.03 21.96
CA LEU A 1395 1.90 10.49 22.92
C LEU A 1395 1.40 11.69 23.71
N THR A 1396 0.73 12.63 23.03
CA THR A 1396 0.21 13.81 23.72
C THR A 1396 -0.81 13.41 24.78
N ASP A 1397 -1.72 12.50 24.46
CA ASP A 1397 -2.70 12.04 25.44
C ASP A 1397 -2.04 11.32 26.60
N ALA A 1398 -1.01 10.52 26.33
CA ALA A 1398 -0.35 9.76 27.38
C ALA A 1398 0.33 10.67 28.40
N ALA A 1399 0.90 11.78 27.93
CA ALA A 1399 1.61 12.68 28.83
C ALA A 1399 0.65 13.39 29.78
N VAL A 1400 -0.45 13.93 29.25
CA VAL A 1400 -1.39 14.65 30.09
C VAL A 1400 -2.11 13.71 31.04
N ASP A 1401 -2.31 12.45 30.63
CA ASP A 1401 -2.94 11.46 31.49
C ASP A 1401 -1.98 10.81 32.46
N SER A 1402 -0.68 11.04 32.31
CA SER A 1402 0.36 10.37 33.10
C SER A 1402 0.21 8.86 32.99
N ALA A 1403 0.26 8.37 31.76
CA ALA A 1403 0.01 6.96 31.49
C ALA A 1403 1.21 6.12 31.86
N VAL A 1404 0.95 5.04 32.60
CA VAL A 1404 1.94 4.02 32.91
C VAL A 1404 1.80 2.90 31.90
N ASN A 1405 2.90 2.55 31.24
CA ASN A 1405 2.88 1.55 30.18
C ASN A 1405 3.70 0.34 30.60
N PRO A 1406 3.08 -0.71 31.11
CA PRO A 1406 3.82 -1.96 31.36
C PRO A 1406 4.31 -2.56 30.05
N ILE A 1407 5.49 -3.16 30.09
CA ILE A 1407 6.14 -3.68 28.90
C ILE A 1407 5.70 -5.12 28.72
N TYR A 1408 4.92 -5.39 27.67
CA TYR A 1408 4.45 -6.72 27.35
C TYR A 1408 4.14 -6.77 25.86
N GLY A 1409 3.97 -7.97 25.35
CA GLY A 1409 3.65 -8.14 23.94
C GLY A 1409 4.87 -8.07 23.05
N ILE A 1410 4.73 -7.47 21.87
CA ILE A 1410 5.81 -7.38 20.90
C ILE A 1410 6.26 -5.94 20.67
N ALA A 1411 5.30 -5.04 20.40
CA ALA A 1411 5.67 -3.69 20.00
C ALA A 1411 6.22 -2.88 21.17
N ALA A 1412 5.66 -3.05 22.36
CA ALA A 1412 6.16 -2.31 23.52
C ALA A 1412 7.61 -2.66 23.85
N PRO A 1413 8.02 -3.93 23.92
CA PRO A 1413 9.47 -4.20 24.05
C PRO A 1413 10.28 -3.72 22.86
N THR A 1414 9.72 -3.79 21.65
CA THR A 1414 10.49 -3.46 20.46
C THR A 1414 10.77 -1.97 20.36
N LEU A 1415 9.77 -1.13 20.67
CA LEU A 1415 9.98 0.31 20.66
C LEU A 1415 10.92 0.77 21.76
N MET A 1416 11.10 -0.03 22.81
CA MET A 1416 12.03 0.27 23.89
C MET A 1416 13.40 -0.35 23.68
N GLY A 1417 13.64 -0.96 22.52
CA GLY A 1417 14.92 -1.54 22.20
C GLY A 1417 15.15 -2.94 22.71
N SER A 1418 14.17 -3.55 23.35
CA SER A 1418 14.32 -4.88 23.91
C SER A 1418 13.67 -5.91 23.00
N VAL A 1419 13.66 -7.16 23.46
CA VAL A 1419 13.03 -8.24 22.71
C VAL A 1419 11.79 -8.73 23.46
N PRO A 1420 10.74 -9.12 22.74
CA PRO A 1420 9.56 -9.67 23.42
C PRO A 1420 9.88 -10.93 24.22
N ARG A 1421 9.17 -11.09 25.33
CA ARG A 1421 9.30 -12.28 26.18
C ARG A 1421 8.36 -13.34 25.62
N ILE A 1422 8.77 -13.93 24.50
CA ILE A 1422 7.93 -14.81 23.71
C ILE A 1422 8.80 -15.95 23.20
N GLY A 1423 8.21 -17.13 23.04
CA GLY A 1423 8.91 -18.24 22.44
C GLY A 1423 10.06 -18.76 23.27
N THR A 1424 11.28 -18.68 22.72
CA THR A 1424 12.45 -19.12 23.47
C THR A 1424 12.74 -18.24 24.67
N MET A 1425 12.25 -17.01 24.68
CA MET A 1425 12.46 -16.09 25.79
C MET A 1425 11.36 -16.15 26.82
N TYR A 1426 10.35 -17.02 26.64
CA TYR A 1426 9.21 -17.00 27.54
C TYR A 1426 9.57 -17.52 28.92
N SER A 1427 10.26 -18.66 28.98
CA SER A 1427 10.73 -19.23 30.24
C SER A 1427 12.19 -18.88 30.41
N ASP A 1428 12.56 -18.44 31.61
CA ASP A 1428 13.93 -18.06 31.89
C ASP A 1428 14.71 -19.22 32.47
N ILE A 1429 16.02 -19.25 32.17
CA ILE A 1429 16.90 -20.33 32.57
C ILE A 1429 17.72 -19.87 33.75
N ILE A 1430 17.91 -20.76 34.73
CA ILE A 1430 18.77 -20.49 35.87
C ILE A 1430 19.78 -21.62 35.98
N MET A 1431 20.97 -21.29 36.44
CA MET A 1431 22.04 -22.27 36.59
C MET A 1431 21.70 -23.23 37.71
N ASP A 1432 21.95 -24.53 37.47
CA ASP A 1432 21.69 -25.56 38.48
C ASP A 1432 22.81 -25.53 39.50
N GLU A 1433 22.60 -24.80 40.59
CA GLU A 1433 23.66 -24.58 41.57
C GLU A 1433 24.09 -25.89 42.23
N LYS A 1434 23.13 -26.74 42.60
CA LYS A 1434 23.46 -27.95 43.35
C LYS A 1434 24.12 -28.99 42.45
N TYR A 1435 23.63 -29.14 41.22
CA TYR A 1435 24.19 -30.13 40.30
C TYR A 1435 25.64 -29.82 39.97
N ILE A 1436 25.97 -28.54 39.81
CA ILE A 1436 27.32 -28.16 39.39
C ILE A 1436 28.33 -28.42 40.51
N THR A 1437 27.95 -28.14 41.76
CA THR A 1437 28.88 -28.34 42.86
C THR A 1437 29.29 -29.79 42.99
N GLU A 1438 28.34 -30.71 42.81
CA GLU A 1438 28.65 -32.13 42.95
C GLU A 1438 29.41 -32.69 41.77
N ASN A 1439 29.17 -32.18 40.56
CA ASN A 1439 29.69 -32.80 39.34
C ASN A 1439 30.81 -32.02 38.69
N TYR A 1440 30.94 -30.72 38.93
CA TYR A 1440 31.92 -29.88 38.27
C TYR A 1440 32.97 -29.41 39.26
N LYS A 1441 34.07 -28.88 38.71
CA LYS A 1441 35.17 -28.36 39.50
C LYS A 1441 35.57 -26.99 38.99
N SER A 1442 36.16 -26.19 39.87
CA SER A 1442 36.59 -24.85 39.52
C SER A 1442 37.80 -24.89 38.58
N ILE B 39 -8.69 17.71 52.28
CA ILE B 39 -8.12 18.42 51.14
C ILE B 39 -6.97 17.63 50.54
N VAL B 40 -6.81 17.73 49.22
CA VAL B 40 -5.75 17.05 48.50
C VAL B 40 -4.60 18.03 48.32
N GLU B 41 -3.56 17.88 49.13
CA GLU B 41 -2.47 18.82 49.19
C GLU B 41 -1.33 18.41 48.24
N SER B 42 -0.18 19.05 48.41
CA SER B 42 0.94 18.86 47.52
C SER B 42 1.47 17.43 47.57
N PRO B 43 2.08 16.94 46.49
CA PRO B 43 2.61 15.57 46.50
C PRO B 43 3.68 15.39 47.56
N SER B 44 3.67 14.22 48.17
CA SER B 44 4.58 13.88 49.26
C SER B 44 5.60 12.85 48.79
N ILE B 45 6.63 12.64 49.61
CA ILE B 45 7.67 11.67 49.28
C ILE B 45 7.16 10.24 49.38
N CYS B 46 6.07 10.01 50.12
CA CYS B 46 5.53 8.65 50.25
C CYS B 46 5.09 8.11 48.89
N GLU B 47 4.59 8.98 48.01
CA GLU B 47 4.44 8.62 46.62
C GLU B 47 5.55 9.26 45.79
N GLY B 48 5.52 9.01 44.49
CA GLY B 48 6.58 9.46 43.61
C GLY B 48 7.76 8.52 43.50
N PHE B 49 7.70 7.35 44.13
CA PHE B 49 8.75 6.35 43.99
C PHE B 49 8.72 5.76 42.59
N VAL B 50 9.87 5.69 41.95
CA VAL B 50 9.97 5.11 40.62
C VAL B 50 10.49 3.68 40.75
N GLN B 51 11.32 3.43 41.76
CA GLN B 51 11.91 2.13 41.97
C GLN B 51 10.87 1.17 42.54
N ALA B 52 10.56 0.12 41.79
CA ALA B 52 9.64 -0.90 42.28
C ALA B 52 10.29 -1.67 43.43
N SER B 53 9.47 -2.03 44.41
CA SER B 53 9.98 -2.74 45.58
C SER B 53 10.47 -4.12 45.19
N SER B 54 11.43 -4.64 45.97
CA SER B 54 12.01 -5.93 45.68
C SER B 54 11.00 -7.04 45.94
N GLN B 55 11.21 -8.18 45.29
CA GLN B 55 10.30 -9.30 45.34
C GLN B 55 10.95 -10.48 46.05
N THR B 56 10.10 -11.38 46.55
CA THR B 56 10.53 -12.63 47.15
C THR B 56 10.16 -13.77 46.22
N LEU B 57 11.15 -14.58 45.86
CA LEU B 57 10.94 -15.70 44.94
C LEU B 57 10.25 -16.83 45.70
N VAL B 58 9.00 -17.11 45.35
CA VAL B 58 8.21 -18.14 46.00
C VAL B 58 8.16 -19.34 45.07
N ILE B 59 8.78 -20.43 45.48
CA ILE B 59 8.88 -21.63 44.65
C ILE B 59 7.74 -22.57 45.04
N ILE B 60 6.92 -22.93 44.06
CA ILE B 60 5.81 -23.85 44.31
C ILE B 60 6.39 -25.22 44.65
N PRO B 61 5.90 -25.87 45.71
CA PRO B 61 6.42 -27.21 46.05
C PRO B 61 6.22 -28.19 44.90
N ASP B 62 7.15 -29.13 44.79
CA ASP B 62 7.20 -30.00 43.62
C ASP B 62 5.92 -30.81 43.44
N ASN B 63 5.21 -31.11 44.53
CA ASN B 63 3.98 -31.89 44.43
C ASN B 63 2.76 -31.04 44.10
N GLU B 64 2.92 -29.73 43.96
CA GLU B 64 1.81 -28.83 43.64
C GLU B 64 1.99 -28.15 42.30
N ARG B 65 2.97 -28.57 41.52
CA ARG B 65 3.23 -27.94 40.22
C ARG B 65 2.14 -28.32 39.22
N ILE B 66 1.73 -27.33 38.43
CA ILE B 66 0.63 -27.50 37.50
C ILE B 66 1.09 -27.56 36.04
N THR B 67 2.21 -26.94 35.71
CA THR B 67 2.67 -26.94 34.32
C THR B 67 3.16 -28.34 33.93
N SER B 68 3.34 -28.53 32.63
CA SER B 68 3.64 -29.86 32.10
C SER B 68 5.05 -30.30 32.49
N ASN B 69 5.21 -31.60 32.65
CA ASN B 69 6.51 -32.21 32.91
C ASN B 69 7.28 -32.50 31.64
N VAL B 70 6.83 -31.96 30.52
CA VAL B 70 7.49 -32.14 29.23
C VAL B 70 7.98 -30.78 28.75
N LEU B 71 9.23 -30.72 28.32
CA LEU B 71 9.77 -29.47 27.81
C LEU B 71 9.07 -29.08 26.52
N THR B 72 8.77 -27.79 26.39
CA THR B 72 8.31 -27.31 25.10
C THR B 72 9.48 -27.22 24.14
N THR B 73 9.16 -27.11 22.85
CA THR B 73 10.22 -26.96 21.87
C THR B 73 10.99 -25.66 22.09
N PHE B 74 10.29 -24.61 22.50
CA PHE B 74 10.95 -23.35 22.85
C PHE B 74 11.91 -23.53 24.01
N GLU B 75 11.47 -24.25 25.06
CA GLU B 75 12.31 -24.43 26.24
C GLU B 75 13.52 -25.30 25.94
N ALA B 76 13.34 -26.39 25.18
CA ALA B 76 14.47 -27.23 24.83
C ALA B 76 15.45 -26.48 23.94
N THR B 77 14.94 -25.71 22.98
CA THR B 77 15.82 -24.90 22.13
C THR B 77 16.60 -23.89 22.95
N ARG B 78 15.94 -23.21 23.88
CA ARG B 78 16.62 -22.25 24.73
C ARG B 78 17.67 -22.91 25.61
N LEU B 79 17.35 -24.07 26.17
CA LEU B 79 18.32 -24.79 27.01
C LEU B 79 19.55 -25.17 26.19
N VAL B 80 19.35 -25.72 25.00
CA VAL B 80 20.47 -26.13 24.18
C VAL B 80 21.31 -24.93 23.77
N ALA B 81 20.65 -23.82 23.39
CA ALA B 81 21.39 -22.63 22.99
C ALA B 81 22.21 -22.06 24.13
N VAL B 82 21.62 -21.96 25.32
CA VAL B 82 22.34 -21.41 26.46
C VAL B 82 23.52 -22.32 26.82
N ARG B 83 23.30 -23.64 26.83
CA ARG B 83 24.37 -24.56 27.16
C ARG B 83 25.49 -24.50 26.12
N ALA B 84 25.14 -24.39 24.84
CA ALA B 84 26.15 -24.30 23.80
C ALA B 84 26.98 -23.03 23.92
N GLN B 85 26.33 -21.90 24.21
CA GLN B 85 27.08 -20.67 24.40
C GLN B 85 28.00 -20.75 25.61
N GLN B 86 27.51 -21.33 26.71
CA GLN B 86 28.34 -21.46 27.90
C GLN B 86 29.49 -22.43 27.68
N LEU B 87 29.30 -23.46 26.84
CA LEU B 87 30.41 -24.32 26.46
C LEU B 87 31.41 -23.57 25.60
N ALA B 88 30.92 -22.68 24.73
CA ALA B 88 31.83 -21.82 23.97
C ALA B 88 32.60 -20.90 24.91
N ILE B 89 32.05 -20.59 26.08
CA ILE B 89 32.79 -19.81 27.06
C ILE B 89 33.74 -20.68 27.86
N ASN B 90 33.22 -21.73 28.49
CA ASN B 90 34.01 -22.53 29.42
C ASN B 90 34.62 -23.77 28.75
N GLY B 91 33.77 -24.64 28.20
CA GLY B 91 34.22 -25.87 27.60
C GLY B 91 34.21 -27.08 28.53
N SER B 92 33.88 -26.89 29.80
CA SER B 92 33.90 -27.99 30.77
C SER B 92 32.56 -28.72 30.74
N THR B 93 32.59 -29.99 30.38
CA THR B 93 31.39 -30.82 30.36
C THR B 93 31.69 -32.18 30.95
N MET B 94 30.63 -32.85 31.40
CA MET B 94 30.74 -34.21 31.92
C MET B 94 30.29 -35.25 30.91
N LEU B 95 30.12 -34.87 29.65
CA LEU B 95 29.74 -35.81 28.60
C LEU B 95 30.90 -36.76 28.32
N LYS B 96 30.59 -38.05 28.22
CA LYS B 96 31.62 -39.05 27.97
C LYS B 96 32.10 -39.01 26.52
N LYS B 97 31.17 -38.90 25.58
CA LYS B 97 31.55 -38.88 24.17
C LYS B 97 32.22 -37.55 23.82
N LYS B 98 32.92 -37.54 22.69
CA LYS B 98 33.64 -36.37 22.22
C LYS B 98 32.98 -35.83 20.96
N TYR B 99 32.71 -34.53 20.94
CA TYR B 99 32.11 -33.87 19.80
C TYR B 99 32.89 -32.60 19.49
N SER B 100 32.86 -32.20 18.21
CA SER B 100 33.66 -31.10 17.72
C SER B 100 32.91 -29.77 17.72
N SER B 101 31.65 -29.75 18.18
CA SER B 101 30.87 -28.52 18.17
C SER B 101 30.22 -28.32 19.53
N PRO B 102 30.08 -27.07 19.98
CA PRO B 102 29.32 -26.83 21.21
C PRO B 102 27.86 -27.23 21.08
N ILE B 103 27.29 -27.08 19.89
CA ILE B 103 25.89 -27.41 19.68
C ILE B 103 25.65 -28.90 19.86
N ASP B 104 26.55 -29.73 19.31
CA ASP B 104 26.42 -31.17 19.46
C ASP B 104 26.55 -31.59 20.92
N ILE B 105 27.50 -30.99 21.63
CA ILE B 105 27.68 -31.32 23.05
C ILE B 105 26.45 -30.93 23.84
N ALA B 106 25.89 -29.74 23.57
CA ALA B 106 24.69 -29.32 24.27
C ALA B 106 23.51 -30.23 23.97
N LYS B 107 23.33 -30.62 22.72
CA LYS B 107 22.24 -31.51 22.36
C LYS B 107 22.38 -32.87 23.05
N GLN B 108 23.60 -33.42 23.06
CA GLN B 108 23.79 -34.71 23.71
C GLN B 108 23.66 -34.61 25.22
N GLU B 109 24.04 -33.47 25.80
CA GLU B 109 23.80 -33.27 27.23
C GLU B 109 22.31 -33.25 27.54
N LEU B 110 21.53 -32.57 26.70
CA LEU B 110 20.08 -32.55 26.91
C LEU B 110 19.49 -33.95 26.74
N PHE B 111 19.93 -34.68 25.71
CA PHE B 111 19.36 -36.00 25.45
C PHE B 111 19.80 -37.03 26.49
N ASN B 112 21.01 -36.89 27.03
CA ASN B 112 21.52 -37.83 28.02
C ASN B 112 21.22 -37.40 29.45
N ARG B 113 20.47 -36.32 29.62
CA ARG B 113 20.06 -35.83 30.94
C ARG B 113 21.26 -35.52 31.82
N LYS B 114 22.11 -34.61 31.31
CA LYS B 114 23.31 -34.18 32.02
C LYS B 114 23.51 -32.68 31.93
N ILE B 115 22.46 -31.91 31.62
CA ILE B 115 22.57 -30.49 31.37
C ILE B 115 22.45 -29.72 32.70
N PRO B 116 23.41 -28.86 33.02
CA PRO B 116 23.41 -28.17 34.33
C PRO B 116 22.60 -26.88 34.31
N LEU B 117 21.31 -26.99 33.96
CA LEU B 117 20.43 -25.84 33.88
C LEU B 117 19.07 -26.23 34.47
N LEU B 118 18.31 -25.21 34.84
CA LEU B 118 16.96 -25.39 35.36
C LEU B 118 16.00 -24.46 34.63
N VAL B 119 14.76 -24.91 34.49
CA VAL B 119 13.70 -24.12 33.87
C VAL B 119 12.86 -23.52 34.98
N MET B 120 12.76 -22.19 35.00
CA MET B 120 11.92 -21.49 35.95
C MET B 120 10.75 -20.89 35.19
N ARG B 121 9.55 -21.38 35.48
CA ARG B 121 8.32 -20.93 34.83
C ARG B 121 7.64 -19.95 35.76
N CYS B 122 7.71 -18.67 35.42
CA CYS B 122 7.13 -17.62 36.26
C CYS B 122 5.62 -17.65 36.16
N ILE B 123 4.96 -17.96 37.26
CA ILE B 123 3.51 -18.14 37.26
C ILE B 123 2.80 -16.82 37.53
N LYS B 124 3.16 -16.13 38.61
CA LYS B 124 2.44 -14.90 38.94
C LYS B 124 3.33 -13.96 39.73
N VAL B 125 3.01 -12.67 39.68
CA VAL B 125 3.62 -11.65 40.52
C VAL B 125 2.51 -11.05 41.37
N THR B 126 2.56 -11.31 42.67
CA THR B 126 1.52 -10.89 43.59
C THR B 126 1.69 -9.41 43.97
N PRO B 127 0.60 -8.67 44.14
CA PRO B 127 0.73 -7.27 44.56
C PRO B 127 1.41 -7.08 45.90
N GLU B 128 1.42 -8.09 46.77
CA GLU B 128 2.08 -7.94 48.05
C GLU B 128 3.58 -8.22 47.99
N GLY B 129 4.11 -8.55 46.81
CA GLY B 129 5.55 -8.63 46.64
C GLY B 129 6.08 -9.95 46.15
N GLN B 130 5.32 -11.02 46.31
CA GLN B 130 5.82 -12.34 45.97
C GLN B 130 5.90 -12.53 44.46
N LYS B 131 6.80 -13.43 44.05
CA LYS B 131 6.95 -13.86 42.66
C LYS B 131 6.83 -15.38 42.65
N ILE B 132 5.63 -15.87 42.40
CA ILE B 132 5.36 -17.31 42.41
C ILE B 132 5.86 -17.90 41.10
N VAL B 133 6.77 -18.87 41.20
CA VAL B 133 7.38 -19.53 40.05
C VAL B 133 7.36 -21.03 40.28
N GLU B 134 7.57 -21.77 39.20
CA GLU B 134 7.79 -23.22 39.26
C GLU B 134 9.17 -23.51 38.69
N ILE B 135 9.93 -24.33 39.41
CA ILE B 135 11.27 -24.73 38.98
C ILE B 135 11.19 -26.15 38.46
N TRP B 136 11.67 -26.37 37.25
CA TRP B 136 11.62 -27.67 36.59
C TRP B 136 13.02 -28.13 36.25
N ASN B 137 13.31 -29.40 36.54
CA ASN B 137 14.62 -29.97 36.27
C ASN B 137 14.59 -30.64 34.91
N PRO B 138 15.25 -30.10 33.89
CA PRO B 138 15.18 -30.70 32.55
C PRO B 138 15.87 -32.05 32.43
N ARG B 139 16.61 -32.48 33.45
CA ARG B 139 17.21 -33.80 33.44
C ARG B 139 16.23 -34.89 33.82
N GLU B 140 15.00 -34.53 34.18
CA GLU B 140 13.95 -35.51 34.46
C GLU B 140 12.62 -35.08 33.84
N MET B 141 12.67 -34.37 32.72
CA MET B 141 11.50 -34.02 31.94
C MET B 141 11.57 -34.71 30.58
N GLY B 142 10.45 -34.70 29.86
CA GLY B 142 10.43 -35.27 28.53
C GLY B 142 10.95 -34.29 27.51
N ILE B 143 11.85 -34.75 26.66
CA ILE B 143 12.50 -33.92 25.65
C ILE B 143 11.77 -34.10 24.32
N PRO B 144 11.27 -33.02 23.72
CA PRO B 144 10.58 -33.17 22.42
C PRO B 144 11.51 -33.38 21.24
N LEU B 145 12.78 -32.99 21.33
CA LEU B 145 13.65 -32.98 20.17
C LEU B 145 14.10 -34.40 19.81
N LEU B 146 14.66 -34.53 18.61
CA LEU B 146 15.05 -35.82 18.05
C LEU B 146 16.47 -35.75 17.52
N ASP B 147 17.14 -36.90 17.53
CA ASP B 147 18.47 -37.03 16.96
C ASP B 147 18.80 -38.49 16.69
N LEU C 4 -23.28 26.71 -47.35
CA LEU C 4 -23.09 26.28 -48.73
C LEU C 4 -23.57 24.84 -48.91
N ARG C 5 -24.07 24.54 -50.11
CA ARG C 5 -24.43 23.15 -50.29
C ARG C 5 -23.31 22.39 -51.00
N PRO C 6 -23.08 21.13 -50.64
CA PRO C 6 -22.04 20.36 -51.33
C PRO C 6 -22.41 20.11 -52.79
N GLN C 7 -21.44 20.34 -53.67
CA GLN C 7 -21.66 20.25 -55.11
C GLN C 7 -21.01 19.06 -55.77
N ILE C 8 -20.10 18.37 -55.10
CA ILE C 8 -19.40 17.25 -55.72
C ILE C 8 -20.30 16.02 -55.72
N THR C 9 -20.06 15.13 -56.68
CA THR C 9 -20.73 13.84 -56.73
C THR C 9 -19.70 12.76 -57.02
N TYR C 10 -19.95 11.58 -56.48
CA TYR C 10 -19.07 10.43 -56.65
C TYR C 10 -19.77 9.38 -57.51
N GLY C 11 -18.97 8.55 -58.16
CA GLY C 11 -19.50 7.47 -58.95
C GLY C 11 -20.35 6.55 -58.11
N PRO C 12 -21.33 5.90 -58.73
CA PRO C 12 -22.27 5.08 -57.96
C PRO C 12 -21.57 3.99 -57.19
N ILE C 13 -22.02 3.76 -55.95
CA ILE C 13 -21.42 2.76 -55.09
C ILE C 13 -21.71 1.34 -55.56
N GLU C 14 -22.69 1.17 -56.45
CA GLU C 14 -23.02 -0.14 -56.98
C GLU C 14 -21.99 -0.66 -57.98
N THR C 15 -21.06 0.18 -58.42
CA THR C 15 -20.06 -0.20 -59.41
C THR C 15 -18.64 -0.26 -58.87
N VAL C 16 -18.46 -0.11 -57.56
CA VAL C 16 -17.13 -0.24 -56.96
C VAL C 16 -16.79 -1.72 -56.87
N ASP C 17 -15.58 -2.07 -57.30
CA ASP C 17 -15.12 -3.46 -57.35
C ASP C 17 -14.10 -3.68 -56.24
N ASN C 18 -14.54 -4.24 -55.12
CA ASN C 18 -13.69 -4.50 -53.98
C ASN C 18 -13.72 -5.96 -53.55
N GLU C 19 -14.25 -6.85 -54.39
CA GLU C 19 -14.34 -8.25 -54.00
C GLU C 19 -12.97 -8.91 -53.88
N GLU C 20 -11.94 -8.33 -54.48
CA GLU C 20 -10.59 -8.87 -54.41
C GLU C 20 -9.82 -8.37 -53.20
N LEU C 21 -10.41 -7.49 -52.39
CA LEU C 21 -9.70 -6.92 -51.26
C LEU C 21 -9.46 -7.98 -50.19
N THR C 22 -8.22 -8.08 -49.75
CA THR C 22 -7.83 -8.96 -48.66
C THR C 22 -7.46 -8.13 -47.44
N GLU C 23 -7.57 -8.75 -46.26
CA GLU C 23 -7.21 -8.05 -45.03
C GLU C 23 -5.75 -7.67 -44.99
N ALA C 24 -4.90 -8.31 -45.80
CA ALA C 24 -3.51 -7.89 -45.92
C ALA C 24 -3.38 -6.63 -46.77
N ASP C 25 -4.31 -6.41 -47.70
CA ASP C 25 -4.32 -5.19 -48.49
C ASP C 25 -4.72 -3.99 -47.64
N MET C 26 -5.58 -4.20 -46.63
CA MET C 26 -6.01 -3.10 -45.78
C MET C 26 -4.88 -2.58 -44.90
N LEU C 27 -3.88 -3.41 -44.62
CA LEU C 27 -2.72 -2.93 -43.87
C LEU C 27 -2.06 -1.74 -44.55
N SER C 28 -2.09 -1.70 -45.89
CA SER C 28 -1.54 -0.57 -46.61
C SER C 28 -2.18 0.73 -46.15
N PHE C 29 -3.51 0.72 -45.93
CA PHE C 29 -4.17 1.90 -45.41
C PHE C 29 -3.52 2.36 -44.12
N ILE C 30 -3.30 1.43 -43.19
CA ILE C 30 -2.62 1.77 -41.95
C ILE C 30 -1.26 2.38 -42.25
N SER C 31 -0.52 1.75 -43.17
CA SER C 31 0.76 2.30 -43.59
C SER C 31 0.61 3.76 -44.00
N ALA C 32 -0.37 4.03 -44.86
CA ALA C 32 -0.59 5.40 -45.32
C ALA C 32 -0.80 6.33 -44.13
N ALA C 33 -1.63 5.91 -43.18
CA ALA C 33 -1.88 6.73 -42.00
C ALA C 33 -0.58 7.02 -41.26
N VAL C 34 0.22 5.97 -41.03
CA VAL C 34 1.45 6.18 -40.28
C VAL C 34 2.41 7.06 -41.07
N ASN C 35 2.30 7.05 -42.40
CA ASN C 35 3.17 7.91 -43.20
C ASN C 35 2.71 9.35 -43.21
N SER C 36 1.46 9.62 -42.85
CA SER C 36 0.98 10.99 -42.88
C SER C 36 1.40 11.73 -41.61
N THR C 37 1.14 11.15 -40.45
CA THR C 37 1.48 11.76 -39.18
C THR C 37 2.87 11.39 -38.68
N GLY C 38 3.64 10.63 -39.44
CA GLY C 38 4.85 10.10 -38.86
C GLY C 38 4.48 9.19 -37.71
N LEU C 39 5.35 9.12 -36.72
CA LEU C 39 5.02 8.45 -35.47
C LEU C 39 4.93 9.41 -34.28
N ILE C 40 5.75 10.45 -34.27
CA ILE C 40 5.72 11.44 -33.19
C ILE C 40 5.67 12.85 -33.76
N GLY C 41 5.16 12.98 -35.00
CA GLY C 41 5.19 14.28 -35.67
C GLY C 41 4.44 15.37 -34.92
N TYR C 42 3.46 14.98 -34.09
CA TYR C 42 2.72 15.98 -33.33
C TYR C 42 3.60 16.71 -32.34
N ASN C 43 4.58 16.04 -31.75
CA ASN C 43 5.47 16.71 -30.80
C ASN C 43 6.23 17.84 -31.47
N ILE C 44 6.85 17.55 -32.62
CA ILE C 44 7.60 18.56 -33.35
C ILE C 44 6.69 19.68 -33.81
N LYS C 45 5.51 19.33 -34.34
CA LYS C 45 4.58 20.35 -34.80
C LYS C 45 4.13 21.26 -33.66
N SER C 46 3.82 20.67 -32.50
CA SER C 46 3.37 21.44 -31.36
C SER C 46 4.47 22.37 -30.85
N PHE C 47 5.71 21.87 -30.77
CA PHE C 47 6.79 22.73 -30.32
C PHE C 47 7.08 23.85 -31.30
N ASP C 48 7.00 23.56 -32.60
CA ASP C 48 7.20 24.61 -33.61
C ASP C 48 6.09 25.65 -33.54
N ASP C 49 4.86 25.21 -33.26
CA ASP C 49 3.76 26.16 -33.07
C ASP C 49 4.00 27.03 -31.85
N LEU C 50 4.50 26.44 -30.76
CA LEU C 50 4.84 27.23 -29.59
C LEU C 50 5.94 28.23 -29.89
N MET C 51 6.91 27.85 -30.72
CA MET C 51 8.04 28.74 -31.01
C MET C 51 7.62 29.89 -31.90
N ASP C 52 6.99 29.60 -33.04
CA ASP C 52 6.66 30.64 -34.00
C ASP C 52 5.47 31.48 -33.58
N ASN C 53 4.46 30.88 -32.95
CA ASN C 53 3.20 31.56 -32.71
C ASN C 53 2.85 31.71 -31.24
N GLY C 54 3.20 30.75 -30.41
CA GLY C 54 2.75 30.74 -29.02
C GLY C 54 3.42 31.75 -28.12
N ILE C 55 4.74 31.61 -27.95
CA ILE C 55 5.47 32.51 -27.05
C ILE C 55 5.39 33.95 -27.50
N PRO C 56 5.56 34.29 -28.79
CA PRO C 56 5.36 35.70 -29.19
C PRO C 56 3.99 36.24 -28.84
N GLN C 57 2.93 35.45 -29.05
CA GLN C 57 1.59 35.92 -28.69
C GLN C 57 1.46 36.12 -27.18
N ILE C 58 1.98 35.17 -26.40
CA ILE C 58 1.87 35.26 -24.94
C ILE C 58 2.59 36.50 -24.43
N VAL C 59 3.80 36.76 -24.94
CA VAL C 59 4.56 37.90 -24.46
C VAL C 59 3.96 39.21 -24.93
N LYS C 60 3.54 39.29 -26.21
CA LYS C 60 3.06 40.53 -26.76
C LYS C 60 1.61 40.85 -26.37
N GLN C 61 0.87 39.90 -25.81
CA GLN C 61 -0.55 40.14 -25.53
C GLN C 61 -0.91 39.98 -24.07
N MET C 62 -0.38 38.99 -23.38
CA MET C 62 -0.84 38.63 -22.05
C MET C 62 0.09 39.11 -20.94
N PHE C 63 1.05 39.99 -21.25
CA PHE C 63 2.01 40.46 -20.26
C PHE C 63 2.18 41.96 -20.36
N ASN C 64 1.05 42.68 -20.41
CA ASN C 64 1.07 44.13 -20.32
C ASN C 64 1.09 44.54 -18.86
N VAL C 65 2.10 45.33 -18.48
CA VAL C 65 2.30 45.72 -17.09
C VAL C 65 1.81 47.15 -16.91
N ASP C 66 0.94 47.36 -15.92
CA ASP C 66 0.39 48.67 -15.58
C ASP C 66 0.16 48.70 -14.07
N ILE C 67 1.14 49.21 -13.34
CA ILE C 67 1.11 49.20 -11.88
C ILE C 67 1.39 50.61 -11.38
N THR C 68 0.96 50.91 -10.16
CA THR C 68 1.18 52.20 -9.54
C THR C 68 1.72 52.00 -8.14
N TYR C 69 2.70 52.83 -7.77
CA TYR C 69 3.39 52.69 -6.49
C TYR C 69 3.45 54.04 -5.79
N LYS C 70 3.44 53.99 -4.46
CA LYS C 70 3.54 55.20 -3.65
C LYS C 70 4.93 55.82 -3.78
N ASP C 71 4.96 57.15 -3.87
CA ASP C 71 6.22 57.88 -3.88
C ASP C 71 6.68 58.07 -2.44
N GLN C 72 7.74 57.37 -2.06
CA GLN C 72 8.21 57.31 -0.68
C GLN C 72 9.49 58.11 -0.47
N ARG C 73 9.61 59.25 -1.15
CA ARG C 73 10.81 60.06 -1.09
C ARG C 73 10.70 61.05 0.08
N ASP C 74 11.69 61.92 0.21
CA ASP C 74 11.74 62.93 1.26
C ASP C 74 11.35 64.29 0.68
N HIS C 75 11.51 65.35 1.48
CA HIS C 75 11.06 66.67 1.06
C HIS C 75 11.72 67.09 -0.25
N THR C 76 13.04 67.30 -0.24
CA THR C 76 13.91 67.29 -1.42
C THR C 76 13.21 67.89 -2.65
N GLU C 77 12.87 69.18 -2.53
CA GLU C 77 12.19 69.94 -3.59
C GLU C 77 10.73 69.50 -3.73
N ILE C 78 10.31 69.23 -4.96
CA ILE C 78 8.89 69.03 -5.29
C ILE C 78 8.41 67.64 -4.93
N ASP C 79 9.28 66.84 -4.32
CA ASP C 79 8.91 65.47 -3.98
C ASP C 79 7.76 65.41 -2.97
N LYS C 80 7.53 66.49 -2.22
CA LYS C 80 6.37 66.53 -1.33
C LYS C 80 5.06 66.58 -2.11
N LEU C 81 5.06 67.16 -3.29
CA LEU C 81 3.84 67.39 -4.06
C LEU C 81 3.51 66.25 -5.01
N ARG C 82 4.38 65.23 -5.10
CA ARG C 82 4.16 64.06 -5.94
C ARG C 82 3.86 62.88 -5.03
N GLU C 83 2.79 62.12 -5.34
CA GLU C 83 2.38 61.04 -4.46
C GLU C 83 2.59 59.65 -5.03
N SER C 84 2.49 59.47 -6.34
CA SER C 84 2.56 58.13 -6.90
C SER C 84 3.28 58.15 -8.24
N VAL C 85 3.79 56.99 -8.61
CA VAL C 85 4.46 56.77 -9.90
C VAL C 85 3.85 55.54 -10.55
N GLN C 86 3.52 55.65 -11.84
CA GLN C 86 2.82 54.60 -12.56
C GLN C 86 3.78 53.96 -13.57
N ILE C 87 4.17 52.73 -13.31
CA ILE C 87 5.05 51.97 -14.20
C ILE C 87 4.18 51.22 -15.20
N GLN C 88 4.36 51.53 -16.48
CA GLN C 88 3.56 50.94 -17.55
C GLN C 88 4.48 50.54 -18.69
N PHE C 89 4.48 49.26 -19.04
CA PHE C 89 5.31 48.82 -20.16
C PHE C 89 4.76 47.54 -20.76
N ASN C 90 5.15 47.27 -22.00
CA ASN C 90 4.80 46.05 -22.70
C ASN C 90 5.92 45.72 -23.69
N PHE C 91 6.00 44.45 -24.06
CA PHE C 91 7.02 43.95 -24.97
C PHE C 91 6.47 43.98 -26.40
N THR C 92 7.32 44.43 -27.33
CA THR C 92 6.90 44.66 -28.71
C THR C 92 7.43 43.63 -29.70
N ASP C 93 8.63 43.11 -29.49
CA ASP C 93 9.23 42.16 -30.41
C ASP C 93 9.76 40.96 -29.62
N VAL C 94 9.50 39.76 -30.14
CA VAL C 94 9.87 38.53 -29.46
C VAL C 94 10.44 37.57 -30.49
N ASN C 95 11.57 36.95 -30.18
CA ASN C 95 12.00 35.82 -31.01
C ASN C 95 12.92 34.89 -30.23
N ILE C 96 13.04 33.66 -30.73
CA ILE C 96 13.87 32.63 -30.14
C ILE C 96 14.80 32.10 -31.22
N GLU C 97 16.08 31.96 -30.88
CA GLU C 97 17.10 31.52 -31.80
C GLU C 97 17.55 30.10 -31.45
N ARG C 98 18.49 29.59 -32.23
CA ARG C 98 19.03 28.25 -32.02
C ARG C 98 20.08 28.26 -30.92
N PRO C 99 20.28 27.13 -30.24
CA PRO C 99 21.22 27.11 -29.11
C PRO C 99 22.62 27.51 -29.52
N GLN C 100 23.28 28.26 -28.65
CA GLN C 100 24.60 28.79 -28.92
C GLN C 100 25.53 28.52 -27.74
N HIS C 101 26.82 28.47 -28.05
CA HIS C 101 27.86 28.31 -27.05
C HIS C 101 29.00 29.27 -27.39
N ARG C 102 29.66 29.76 -26.36
CA ARG C 102 30.77 30.70 -26.53
C ARG C 102 32.08 29.94 -26.41
N ASN C 103 32.88 29.98 -27.48
CA ASN C 103 34.16 29.29 -27.50
C ASN C 103 35.22 30.12 -26.77
N TYR C 104 36.13 29.41 -26.09
CA TYR C 104 37.07 29.99 -25.15
C TYR C 104 36.41 31.11 -24.34
N SER C 105 36.96 32.31 -24.34
CA SER C 105 36.36 33.42 -23.61
C SER C 105 36.32 34.65 -24.50
N GLN C 106 35.23 35.40 -24.41
CA GLN C 106 34.97 36.57 -25.25
C GLN C 106 34.92 36.18 -26.73
N GLY C 107 34.36 35.01 -27.01
CA GLY C 107 34.18 34.55 -28.38
C GLY C 107 32.97 35.20 -29.03
N ASN C 108 32.52 34.60 -30.13
CA ASN C 108 31.40 35.14 -30.89
C ASN C 108 30.22 34.18 -30.98
N LYS C 109 30.01 33.36 -29.96
CA LYS C 109 28.78 32.56 -29.81
C LYS C 109 28.55 31.65 -31.01
N ILE C 110 29.45 30.67 -31.14
CA ILE C 110 29.34 29.64 -32.16
C ILE C 110 28.16 28.73 -31.83
N ASN C 111 27.78 27.89 -32.80
CA ASN C 111 26.65 26.99 -32.61
C ASN C 111 26.99 25.90 -31.60
N LEU C 112 25.94 25.35 -30.98
CA LEU C 112 26.07 24.28 -29.99
C LEU C 112 25.28 23.08 -30.49
N LEU C 113 25.98 22.00 -30.84
CA LEU C 113 25.34 20.79 -31.31
C LEU C 113 24.86 19.94 -30.14
N PRO C 114 23.83 19.11 -30.36
CA PRO C 114 23.25 18.34 -29.24
C PRO C 114 24.22 17.40 -28.54
N ASN C 115 25.18 16.84 -29.25
CA ASN C 115 26.09 15.88 -28.63
C ASN C 115 27.04 16.58 -27.65
N LYS C 116 27.48 17.79 -27.98
CA LYS C 116 28.30 18.55 -27.03
C LYS C 116 27.50 18.88 -25.78
N ALA C 117 26.22 19.23 -25.94
CA ALA C 117 25.38 19.46 -24.78
C ALA C 117 25.24 18.22 -23.92
N ARG C 118 25.06 17.06 -24.56
CA ARG C 118 24.93 15.81 -23.81
C ARG C 118 26.21 15.48 -23.07
N LEU C 119 27.36 15.62 -23.72
CA LEU C 119 28.62 15.23 -23.11
C LEU C 119 29.03 16.20 -22.00
N CYS C 120 28.92 17.50 -22.27
CA CYS C 120 29.38 18.52 -21.33
C CYS C 120 28.35 18.85 -20.25
N GLY C 121 27.20 18.20 -20.25
CA GLY C 121 26.16 18.54 -19.30
C GLY C 121 25.53 19.88 -19.54
N LEU C 122 25.66 20.40 -20.76
CA LEU C 122 25.16 21.73 -21.09
C LEU C 122 23.64 21.71 -21.28
N SER C 123 23.10 22.87 -21.63
CA SER C 123 21.67 23.05 -21.83
C SER C 123 21.43 23.37 -23.30
N TYR C 124 20.61 22.56 -23.97
CA TYR C 124 20.27 22.80 -25.36
C TYR C 124 19.15 23.84 -25.42
N SER C 125 19.56 25.09 -25.16
CA SER C 125 18.64 26.21 -25.03
C SER C 125 19.06 27.33 -25.97
N GLY C 126 18.09 27.87 -26.70
CA GLY C 126 18.33 28.96 -27.61
C GLY C 126 17.94 30.30 -27.04
N PRO C 127 18.67 31.35 -27.40
CA PRO C 127 18.43 32.66 -26.78
C PRO C 127 17.05 33.22 -27.12
N VAL C 128 16.49 33.95 -26.16
CA VAL C 128 15.21 34.64 -26.31
C VAL C 128 15.48 36.13 -26.31
N ASN C 129 15.14 36.80 -27.41
CA ASN C 129 15.36 38.24 -27.55
C ASN C 129 14.02 38.94 -27.46
N LEU C 130 13.98 40.00 -26.65
CA LEU C 130 12.80 40.81 -26.40
C LEU C 130 13.10 42.27 -26.67
N ALA C 131 12.07 43.01 -27.08
CA ALA C 131 12.11 44.46 -27.17
C ALA C 131 10.89 45.00 -26.46
N ALA C 132 10.98 46.26 -26.00
CA ALA C 132 9.92 46.78 -25.16
C ALA C 132 9.82 48.30 -25.28
N GLU C 133 8.71 48.83 -24.80
CA GLU C 133 8.50 50.26 -24.61
C GLU C 133 7.89 50.47 -23.22
N VAL C 134 8.37 51.49 -22.53
CA VAL C 134 8.02 51.72 -21.13
C VAL C 134 7.50 53.14 -20.97
N ILE C 135 6.44 53.29 -20.18
CA ILE C 135 5.81 54.59 -19.94
C ILE C 135 5.66 54.76 -18.43
N LEU C 136 6.31 55.79 -17.89
CA LEU C 136 6.24 56.12 -16.47
C LEU C 136 5.40 57.37 -16.30
N THR C 137 4.42 57.31 -15.39
CA THR C 137 3.54 58.43 -15.11
C THR C 137 3.67 58.81 -13.64
N ALA C 138 3.94 60.08 -13.38
CA ALA C 138 4.02 60.61 -12.03
C ALA C 138 2.79 61.48 -11.77
N HIS C 139 2.15 61.25 -10.64
CA HIS C 139 0.92 61.92 -10.26
C HIS C 139 1.20 62.86 -9.10
N TYR C 140 0.73 64.10 -9.23
CA TYR C 140 0.99 65.15 -8.26
C TYR C 140 -0.26 65.47 -7.45
N SER C 141 -0.04 66.11 -6.30
CA SER C 141 -1.13 66.35 -5.35
C SER C 141 -2.19 67.27 -5.93
N ASN C 142 -1.78 68.29 -6.67
CA ASN C 142 -2.74 69.26 -7.17
C ASN C 142 -3.66 68.65 -8.23
N GLY C 143 -3.13 67.74 -9.05
CA GLY C 143 -3.95 67.08 -10.04
C GLY C 143 -3.25 66.82 -11.36
N ARG C 144 -2.15 67.53 -11.62
CA ARG C 144 -1.43 67.34 -12.86
C ARG C 144 -0.58 66.07 -12.80
N GLN C 145 -0.11 65.64 -13.97
CA GLN C 145 0.69 64.44 -14.07
C GLN C 145 1.72 64.62 -15.19
N GLU C 146 2.81 63.86 -15.08
CA GLU C 146 3.91 63.93 -16.05
C GLU C 146 4.23 62.55 -16.58
N VAL C 147 4.50 62.46 -17.89
CA VAL C 147 4.68 61.19 -18.58
C VAL C 147 6.07 61.16 -19.21
N LYS C 148 6.80 60.08 -18.99
CA LYS C 148 8.10 59.84 -19.60
C LYS C 148 8.06 58.51 -20.32
N ARG C 149 8.37 58.52 -21.63
CA ARG C 149 8.26 57.33 -22.47
C ARG C 149 9.64 56.99 -23.03
N ALA C 150 10.01 55.72 -22.93
CA ALA C 150 11.28 55.22 -23.46
C ALA C 150 11.03 53.97 -24.29
N SER C 151 11.90 53.75 -25.27
CA SER C 151 11.86 52.56 -26.11
C SER C 151 13.21 51.85 -25.99
N ILE C 152 13.19 50.53 -25.94
CA ILE C 152 14.35 49.72 -25.59
C ILE C 152 14.76 48.92 -26.82
N PRO C 153 16.04 48.92 -27.20
CA PRO C 153 16.49 48.06 -28.29
C PRO C 153 16.41 46.60 -27.87
N PRO C 154 16.33 45.67 -28.83
CA PRO C 154 16.20 44.25 -28.47
C PRO C 154 17.37 43.77 -27.62
N PHE C 155 17.06 42.93 -26.64
CA PHE C 155 18.05 42.39 -25.73
C PHE C 155 17.64 40.97 -25.37
N GLN C 156 18.63 40.18 -24.93
CA GLN C 156 18.42 38.77 -24.63
C GLN C 156 18.15 38.61 -23.15
N VAL C 157 16.96 38.11 -22.82
CA VAL C 157 16.58 37.92 -21.42
C VAL C 157 17.16 36.63 -20.85
N SER C 158 17.06 35.53 -21.59
CA SER C 158 17.46 34.21 -21.12
C SER C 158 17.51 33.28 -22.32
N THR C 159 17.61 31.98 -22.06
CA THR C 159 17.54 30.96 -23.10
C THR C 159 16.41 30.00 -22.79
N PHE C 160 15.66 29.63 -23.83
CA PHE C 160 14.55 28.70 -23.78
C PHE C 160 14.97 27.33 -24.29
N PRO C 161 14.57 26.27 -23.58
CA PRO C 161 14.95 24.91 -24.03
C PRO C 161 14.40 24.61 -25.41
N ILE C 162 15.21 23.91 -26.20
CA ILE C 162 14.87 23.56 -27.58
C ILE C 162 14.66 22.05 -27.65
N MET C 163 13.52 21.65 -28.21
CA MET C 163 13.26 20.24 -28.43
C MET C 163 14.12 19.75 -29.59
N ARG C 164 14.77 18.60 -29.40
CA ARG C 164 15.67 18.07 -30.42
C ARG C 164 14.87 17.65 -31.65
N GLY C 165 15.37 18.03 -32.82
CA GLY C 165 14.69 17.73 -34.06
C GLY C 165 13.69 18.77 -34.50
N SER C 166 13.43 19.79 -33.70
CA SER C 166 12.43 20.79 -34.02
C SER C 166 13.03 21.83 -34.95
N ASN C 167 12.28 22.91 -35.20
CA ASN C 167 12.72 23.93 -36.14
C ASN C 167 13.96 24.66 -35.63
N ARG C 168 14.01 24.97 -34.34
CA ARG C 168 15.13 25.67 -33.75
C ARG C 168 16.27 24.74 -33.36
N CYS C 169 16.28 23.50 -33.84
CA CYS C 169 17.38 22.58 -33.59
C CYS C 169 18.37 22.64 -34.73
N HIS C 170 19.66 22.53 -34.39
CA HIS C 170 20.68 22.52 -35.42
C HIS C 170 20.56 21.28 -36.30
N THR C 171 20.04 20.18 -35.76
CA THR C 171 19.81 18.97 -36.54
C THR C 171 18.47 19.07 -37.26
N HIS C 172 18.25 20.16 -37.97
CA HIS C 172 17.06 20.37 -38.79
C HIS C 172 17.52 20.91 -40.13
N HIS C 173 18.68 21.57 -40.12
CA HIS C 173 19.36 22.04 -41.32
C HIS C 173 20.46 21.08 -41.76
N LEU C 174 20.52 19.89 -41.19
CA LEU C 174 21.52 18.90 -41.50
C LEU C 174 20.89 17.70 -42.19
N SER C 175 21.68 17.04 -43.02
CA SER C 175 21.24 15.83 -43.70
C SER C 175 21.40 14.62 -42.79
N LYS C 176 20.90 13.47 -43.25
CA LYS C 176 21.00 12.25 -42.46
C LYS C 176 22.45 11.82 -42.29
N THR C 177 23.26 11.94 -43.34
CA THR C 177 24.68 11.65 -43.21
C THR C 177 25.36 12.63 -42.26
N ALA C 178 25.06 13.93 -42.39
CA ALA C 178 25.64 14.93 -41.50
C ALA C 178 25.17 14.72 -40.07
N LYS C 179 23.90 14.33 -39.89
CA LYS C 179 23.41 13.99 -38.56
C LYS C 179 24.18 12.80 -38.00
N LYS C 180 24.40 11.78 -38.82
CA LYS C 180 25.11 10.58 -38.37
C LYS C 180 26.53 10.93 -37.94
N GLU C 181 27.20 11.80 -38.68
CA GLU C 181 28.61 12.06 -38.46
C GLU C 181 28.87 13.06 -37.32
N ILE C 182 27.86 13.78 -36.84
CA ILE C 182 28.04 14.66 -35.70
C ILE C 182 27.63 13.97 -34.39
N GLY C 183 27.50 12.64 -34.41
CA GLY C 183 27.18 11.89 -33.22
C GLY C 183 25.71 11.72 -32.91
N GLU C 184 24.83 12.10 -33.83
CA GLU C 184 23.40 11.94 -33.63
C GLU C 184 22.93 10.60 -34.16
N ASP C 185 21.82 10.14 -33.60
CA ASP C 185 21.17 8.94 -34.12
C ASP C 185 20.49 9.30 -35.43
N PRO C 186 21.02 8.89 -36.59
CA PRO C 186 20.46 9.36 -37.87
C PRO C 186 19.04 8.89 -38.11
N ASN C 187 18.58 7.85 -37.42
CA ASN C 187 17.26 7.29 -37.66
C ASN C 187 16.22 7.73 -36.63
N GLU C 188 16.64 8.35 -35.53
CA GLU C 188 15.66 8.76 -34.53
C GLU C 188 14.93 10.02 -34.99
N PRO C 189 13.69 10.20 -34.54
CA PRO C 189 12.92 11.39 -34.97
C PRO C 189 13.13 12.59 -34.06
N GLY C 190 13.65 12.37 -32.85
CA GLY C 190 13.85 13.44 -31.91
C GLY C 190 12.69 13.59 -30.95
N GLY C 191 12.36 14.82 -30.56
CA GLY C 191 11.21 15.05 -29.73
C GLY C 191 11.48 15.12 -28.25
N TYR C 192 12.73 15.26 -27.82
CA TYR C 192 13.08 15.34 -26.42
C TYR C 192 13.91 16.58 -26.17
N PHE C 193 14.11 16.89 -24.90
CA PHE C 193 14.90 18.04 -24.47
C PHE C 193 16.17 17.56 -23.80
N ILE C 194 17.24 18.32 -23.99
CA ILE C 194 18.54 18.01 -23.39
C ILE C 194 18.81 19.06 -22.32
N ALA C 195 18.81 18.64 -21.07
CA ALA C 195 19.04 19.55 -19.94
C ALA C 195 19.98 18.89 -18.95
N ARG C 196 21.05 19.60 -18.60
CA ARG C 196 22.07 19.10 -17.67
C ARG C 196 22.61 17.75 -18.11
N GLY C 197 22.77 17.59 -19.42
CA GLY C 197 23.29 16.37 -19.99
C GLY C 197 22.32 15.22 -20.04
N GLY C 198 21.09 15.40 -19.57
CA GLY C 198 20.10 14.34 -19.61
C GLY C 198 19.04 14.59 -20.65
N GLU C 199 18.37 13.54 -21.08
CA GLU C 199 17.31 13.62 -22.08
C GLU C 199 15.97 13.42 -21.41
N TRP C 200 15.04 14.34 -21.67
CA TRP C 200 13.76 14.37 -20.99
C TRP C 200 12.64 14.45 -22.02
N VAL C 201 11.59 13.68 -21.79
CA VAL C 201 10.41 13.66 -22.65
C VAL C 201 9.30 14.40 -21.94
N VAL C 202 8.76 15.43 -22.57
CA VAL C 202 7.59 16.13 -22.05
C VAL C 202 6.36 15.37 -22.54
N ASP C 203 5.72 14.64 -21.64
CA ASP C 203 4.69 13.70 -22.03
C ASP C 203 3.38 14.41 -22.36
N LEU C 204 2.54 13.71 -23.12
CA LEU C 204 1.19 14.18 -23.36
C LEU C 204 0.36 14.06 -22.09
N LEU C 205 -0.47 15.06 -21.82
CA LEU C 205 -1.26 15.13 -20.61
C LEU C 205 -2.74 15.07 -20.95
N GLU C 206 -3.46 14.15 -20.31
CA GLU C 206 -4.92 14.21 -20.33
C GLU C 206 -5.40 15.46 -19.61
N ASN C 207 -6.36 16.14 -20.22
CA ASN C 207 -7.02 17.25 -19.56
C ASN C 207 -8.49 17.23 -19.97
N ILE C 208 -9.32 17.84 -19.13
CA ILE C 208 -10.72 17.96 -19.50
C ILE C 208 -10.87 18.94 -20.66
N ARG C 209 -11.99 18.82 -21.36
CA ARG C 209 -12.25 19.68 -22.49
C ARG C 209 -12.68 21.06 -22.01
N PHE C 210 -12.07 22.10 -22.58
CA PHE C 210 -12.43 23.45 -22.18
C PHE C 210 -13.69 23.90 -22.91
N ASN C 211 -14.31 24.95 -22.36
CA ASN C 211 -15.57 25.49 -22.87
C ASN C 211 -16.69 24.46 -22.83
N THR C 212 -16.58 23.49 -21.92
CA THR C 212 -17.63 22.50 -21.73
C THR C 212 -17.95 22.39 -20.25
N LEU C 213 -19.21 22.05 -19.96
CA LEU C 213 -19.69 21.93 -18.60
C LEU C 213 -19.52 20.50 -18.13
N HIS C 214 -18.82 20.32 -17.02
CA HIS C 214 -18.60 19.02 -16.40
C HIS C 214 -19.37 18.98 -15.09
N ILE C 215 -20.43 18.18 -15.05
CA ILE C 215 -21.33 18.13 -13.91
C ILE C 215 -21.01 16.89 -13.09
N HIS C 216 -20.68 17.09 -11.81
CA HIS C 216 -20.28 16.00 -10.94
C HIS C 216 -21.03 16.08 -9.61
N TYR C 217 -21.31 14.91 -9.04
CA TYR C 217 -21.88 14.86 -7.71
C TYR C 217 -20.77 14.87 -6.65
N HIS C 218 -21.11 15.37 -5.48
CA HIS C 218 -20.17 15.42 -4.37
C HIS C 218 -20.12 14.09 -3.62
N ASN C 225 -22.63 21.72 2.68
CA ASN C 225 -22.36 20.54 1.88
C ASN C 225 -22.98 20.70 0.50
N GLU C 226 -22.29 20.22 -0.53
CA GLU C 226 -22.71 20.38 -1.91
C GLU C 226 -23.61 19.20 -2.30
N ILE C 227 -24.77 19.51 -2.89
CA ILE C 227 -25.59 18.47 -3.48
C ILE C 227 -25.02 18.05 -4.82
N ILE C 228 -24.75 19.02 -5.69
CA ILE C 228 -24.19 18.80 -7.02
C ILE C 228 -23.21 19.92 -7.30
N ARG C 229 -22.51 19.80 -8.43
CA ARG C 229 -21.52 20.79 -8.81
C ARG C 229 -21.38 20.77 -10.32
N GLY C 230 -21.21 21.96 -10.91
CA GLY C 230 -20.98 22.08 -12.33
C GLY C 230 -19.81 22.99 -12.62
N GLU C 231 -18.78 22.46 -13.28
CA GLU C 231 -17.56 23.20 -13.56
C GLU C 231 -17.47 23.50 -15.05
N PHE C 232 -16.99 24.69 -15.37
CA PHE C 232 -16.90 25.15 -16.76
C PHE C 232 -15.66 26.01 -16.88
N ILE C 233 -14.63 25.50 -17.54
CA ILE C 233 -13.42 26.25 -17.81
C ILE C 233 -13.57 26.91 -19.18
N SER C 234 -13.40 28.22 -19.22
CA SER C 234 -13.67 29.01 -20.42
C SER C 234 -12.37 29.64 -20.91
N GLN C 235 -12.08 29.46 -22.20
CA GLN C 235 -10.87 29.98 -22.82
C GLN C 235 -11.26 30.81 -24.03
N PRO C 236 -10.78 32.05 -24.15
CA PRO C 236 -11.30 32.97 -25.18
C PRO C 236 -10.95 32.59 -26.61
N GLY C 237 -10.31 31.45 -26.82
CA GLY C 237 -10.03 30.98 -28.17
C GLY C 237 -8.56 30.98 -28.52
N GLY C 238 -7.96 29.80 -28.53
CA GLY C 238 -6.55 29.65 -28.80
C GLY C 238 -5.92 28.77 -27.74
N ALA C 239 -4.83 28.11 -28.11
CA ALA C 239 -4.17 27.18 -27.20
C ALA C 239 -3.47 27.87 -26.05
N PHE C 240 -3.05 29.12 -26.24
CA PHE C 240 -2.18 29.80 -25.28
C PHE C 240 -2.87 30.92 -24.50
N GLU C 241 -4.17 31.09 -24.67
CA GLU C 241 -4.90 32.10 -23.93
C GLU C 241 -5.12 31.67 -22.48
N ASN C 242 -5.36 32.66 -21.62
CA ASN C 242 -5.66 32.39 -20.22
C ASN C 242 -7.07 31.84 -20.08
N SER C 243 -7.23 30.90 -19.15
CA SER C 243 -8.52 30.26 -18.91
C SER C 243 -9.06 30.65 -17.54
N SER C 244 -10.36 30.86 -17.48
CA SER C 244 -11.07 31.16 -16.24
C SER C 244 -12.22 30.19 -16.07
N GLN C 245 -12.33 29.58 -14.90
CA GLN C 245 -13.36 28.60 -14.65
C GLN C 245 -14.44 29.16 -13.73
N ILE C 246 -15.66 28.65 -13.88
CA ILE C 246 -16.76 28.95 -12.98
C ILE C 246 -17.26 27.63 -12.40
N ILE C 247 -17.52 27.62 -11.10
CA ILE C 247 -18.06 26.46 -10.42
C ILE C 247 -19.44 26.83 -9.88
N ILE C 248 -20.47 26.17 -10.40
CA ILE C 248 -21.84 26.43 -9.99
C ILE C 248 -22.24 25.31 -9.05
N ARG C 249 -22.27 25.60 -7.75
CA ARG C 249 -22.60 24.64 -6.73
C ARG C 249 -24.06 24.77 -6.31
N TYR C 250 -24.68 23.63 -6.03
CA TYR C 250 -26.02 23.59 -5.45
C TYR C 250 -25.87 23.02 -4.04
N MET C 251 -26.07 23.86 -3.03
CA MET C 251 -25.82 23.48 -1.66
C MET C 251 -27.09 22.90 -1.03
N THR C 252 -26.91 22.19 0.09
CA THR C 252 -28.02 21.55 0.78
C THR C 252 -28.97 22.56 1.40
N THR C 253 -28.55 23.81 1.56
CA THR C 253 -29.43 24.87 2.08
C THR C 253 -30.37 25.41 1.02
N GLY C 254 -30.23 24.97 -0.23
CA GLY C 254 -31.00 25.50 -1.33
C GLY C 254 -30.31 26.60 -2.10
N ALA C 255 -29.14 27.03 -1.67
CA ALA C 255 -28.43 28.14 -2.30
C ALA C 255 -27.64 27.65 -3.51
N ILE C 256 -27.69 28.45 -4.58
CA ILE C 256 -26.88 28.23 -5.77
C ILE C 256 -25.84 29.34 -5.81
N THR C 257 -24.57 28.96 -5.76
CA THR C 257 -23.47 29.92 -5.75
C THR C 257 -22.59 29.71 -6.97
N ILE C 258 -22.19 30.81 -7.60
CA ILE C 258 -21.31 30.78 -8.76
C ILE C 258 -19.96 31.33 -8.33
N GLU C 259 -18.98 30.44 -8.23
CA GLU C 259 -17.61 30.81 -7.89
C GLU C 259 -16.81 30.97 -9.16
N ILE C 260 -16.05 32.06 -9.25
CA ILE C 260 -15.22 32.35 -10.41
C ILE C 260 -13.76 32.31 -9.97
N ASN C 261 -12.99 31.41 -10.54
CA ASN C 261 -11.56 31.32 -10.29
C ASN C 261 -10.80 31.76 -11.53
N SER C 262 -9.87 32.69 -11.36
CA SER C 262 -9.10 33.23 -12.46
C SER C 262 -7.80 33.82 -11.89
N THR C 263 -7.11 34.61 -12.70
CA THR C 263 -5.89 35.27 -12.25
C THR C 263 -6.16 36.45 -11.34
N LYS C 264 -7.43 36.79 -11.10
CA LYS C 264 -7.77 37.98 -10.33
C LYS C 264 -8.71 37.66 -9.17
N PHE C 265 -9.53 36.63 -9.31
CA PHE C 265 -10.42 36.18 -8.25
C PHE C 265 -9.91 34.89 -7.64
N SER C 266 -10.51 34.51 -6.51
CA SER C 266 -10.14 33.26 -5.84
C SER C 266 -11.21 32.90 -4.82
N LYS C 267 -11.80 31.73 -4.98
CA LYS C 267 -12.56 31.03 -3.94
C LYS C 267 -13.79 31.78 -3.44
N LEU C 268 -14.18 32.88 -4.09
CA LEU C 268 -15.29 33.70 -3.62
C LEU C 268 -16.58 33.19 -4.25
N ARG C 269 -17.44 32.59 -3.44
CA ARG C 269 -18.73 32.08 -3.90
C ARG C 269 -19.75 33.21 -3.85
N ILE C 270 -20.36 33.50 -4.99
CA ILE C 270 -21.33 34.59 -5.12
C ILE C 270 -22.70 33.97 -5.37
N PRO C 271 -23.78 34.48 -4.76
CA PRO C 271 -25.11 34.02 -5.14
C PRO C 271 -25.35 34.22 -6.63
N TRP C 272 -26.06 33.27 -7.23
CA TRP C 272 -26.11 33.22 -8.69
C TRP C 272 -26.79 34.44 -9.28
N TYR C 273 -27.83 34.95 -8.61
CA TYR C 273 -28.58 36.09 -9.16
C TYR C 273 -27.82 37.39 -9.09
N LEU C 274 -26.78 37.48 -8.25
CA LEU C 274 -26.01 38.72 -8.16
C LEU C 274 -25.16 38.94 -9.41
N ILE C 275 -24.66 37.85 -10.00
CA ILE C 275 -23.92 37.98 -11.26
C ILE C 275 -24.81 38.56 -12.35
N PHE C 276 -26.09 38.19 -12.35
CA PHE C 276 -27.04 38.77 -13.30
C PHE C 276 -27.30 40.24 -12.99
N ARG C 277 -27.40 40.58 -11.71
CA ARG C 277 -27.67 41.96 -11.33
C ARG C 277 -26.52 42.89 -11.72
N MET C 278 -25.29 42.43 -11.55
CA MET C 278 -24.13 43.26 -11.86
C MET C 278 -24.01 43.60 -13.34
N PHE C 279 -24.69 42.87 -14.21
CA PHE C 279 -24.67 43.13 -15.64
C PHE C 279 -25.88 43.92 -16.12
N GLY C 280 -26.75 44.36 -15.20
CA GLY C 280 -27.89 45.17 -15.55
C GLY C 280 -29.22 44.44 -15.56
N MET C 281 -29.21 43.11 -15.49
CA MET C 281 -30.45 42.33 -15.42
C MET C 281 -30.79 42.15 -13.95
N THR C 282 -31.58 43.08 -13.42
CA THR C 282 -31.94 43.07 -12.01
C THR C 282 -33.34 42.53 -11.74
N GLY C 283 -34.18 42.43 -12.76
CA GLY C 283 -35.51 41.86 -12.56
C GLY C 283 -35.44 40.36 -12.37
N ASP C 284 -36.09 39.86 -11.32
CA ASP C 284 -36.05 38.43 -11.02
C ASP C 284 -36.71 37.61 -12.13
N ASP C 285 -37.82 38.09 -12.68
CA ASP C 285 -38.52 37.32 -13.70
C ASP C 285 -37.65 37.12 -14.94
N SER C 286 -36.88 38.14 -15.32
CA SER C 286 -35.94 37.98 -16.42
C SER C 286 -34.77 37.09 -16.02
N ILE C 287 -34.33 37.19 -14.76
CA ILE C 287 -33.25 36.34 -14.29
C ILE C 287 -33.68 34.87 -14.28
N ILE C 288 -34.90 34.61 -13.82
CA ILE C 288 -35.41 33.24 -13.85
C ILE C 288 -35.58 32.78 -15.29
N GLU C 289 -35.96 33.68 -16.19
CA GLU C 289 -36.19 33.30 -17.58
C GLU C 289 -34.93 32.85 -18.29
N GLN C 290 -33.75 33.26 -17.83
CA GLN C 290 -32.52 32.79 -18.45
C GLN C 290 -32.24 31.33 -18.17
N VAL C 291 -32.85 30.76 -17.13
CA VAL C 291 -32.65 29.37 -16.78
C VAL C 291 -33.76 28.49 -17.32
N VAL C 292 -35.01 28.93 -17.23
CA VAL C 292 -36.14 28.12 -17.66
C VAL C 292 -36.58 28.44 -19.09
N PHE C 293 -36.10 29.55 -19.66
CA PHE C 293 -36.32 29.93 -21.06
C PHE C 293 -37.76 30.36 -21.31
N ASP C 294 -38.63 30.17 -20.32
CA ASP C 294 -40.03 30.51 -20.46
C ASP C 294 -40.73 30.52 -19.10
N LEU C 295 -41.30 31.65 -18.72
CA LEU C 295 -42.10 31.70 -17.50
C LEU C 295 -43.52 31.22 -17.70
N GLU C 296 -43.95 31.02 -18.94
CA GLU C 296 -45.32 30.64 -19.24
C GLU C 296 -45.45 29.18 -19.69
N SER C 297 -44.41 28.38 -19.53
CA SER C 297 -44.47 26.97 -19.89
C SER C 297 -44.99 26.15 -18.72
N ASN C 298 -45.85 25.19 -19.01
CA ASN C 298 -46.45 24.34 -17.99
C ASN C 298 -45.70 23.02 -17.81
N SER C 299 -44.54 22.88 -18.43
CA SER C 299 -43.77 21.64 -18.33
C SER C 299 -43.35 21.37 -16.90
N LEU C 300 -43.31 20.08 -16.53
CA LEU C 300 -42.90 19.69 -15.19
C LEU C 300 -41.43 19.92 -14.95
N VAL C 301 -40.62 20.05 -16.01
CA VAL C 301 -39.24 20.43 -15.84
C VAL C 301 -39.14 21.87 -15.33
N ASN C 302 -39.96 22.76 -15.89
CA ASN C 302 -39.96 24.15 -15.44
C ASN C 302 -40.49 24.26 -14.01
N THR C 303 -41.53 23.50 -13.67
CA THR C 303 -42.04 23.52 -12.31
C THR C 303 -40.97 23.10 -11.31
N PHE C 304 -40.19 22.08 -11.65
CA PHE C 304 -39.10 21.64 -10.78
C PHE C 304 -38.04 22.75 -10.65
N MET C 305 -37.68 23.38 -11.76
CA MET C 305 -36.60 24.37 -11.74
C MET C 305 -37.04 25.65 -11.06
N ILE C 306 -38.26 26.12 -11.35
CA ILE C 306 -38.76 27.35 -10.75
C ILE C 306 -38.82 27.20 -9.23
N GLU C 307 -39.23 26.04 -8.74
CA GLU C 307 -39.28 25.80 -7.31
C GLU C 307 -37.89 25.88 -6.69
N ILE C 308 -36.88 25.33 -7.38
CA ILE C 308 -35.51 25.39 -6.88
C ILE C 308 -34.96 26.81 -6.97
N LEU C 309 -35.17 27.46 -8.11
CA LEU C 309 -34.62 28.81 -8.32
C LEU C 309 -35.25 29.81 -7.35
N GLU C 310 -36.56 29.73 -7.15
CA GLU C 310 -37.23 30.65 -6.23
C GLU C 310 -36.69 30.53 -4.83
N LYS C 311 -36.49 29.30 -4.35
CA LYS C 311 -35.98 29.10 -2.99
C LYS C 311 -34.56 29.62 -2.84
N SER C 312 -33.74 29.53 -3.89
CA SER C 312 -32.35 29.96 -3.80
C SER C 312 -32.22 31.47 -3.68
N ILE C 313 -33.19 32.23 -4.19
CA ILE C 313 -33.13 33.69 -4.12
C ILE C 313 -33.24 34.16 -2.67
N HIS C 314 -34.05 33.47 -1.87
CA HIS C 314 -34.34 33.88 -0.49
C HIS C 314 -33.49 33.14 0.53
N VAL C 315 -32.29 32.72 0.16
CA VAL C 315 -31.34 32.09 1.07
C VAL C 315 -30.26 33.13 1.39
N LEU C 316 -29.97 33.27 2.68
CA LEU C 316 -29.16 34.38 3.16
C LEU C 316 -27.68 34.03 3.07
N ASP C 317 -26.91 34.83 2.31
CA ASP C 317 -25.47 34.62 2.19
C ASP C 317 -24.75 35.43 3.26
N PRO C 318 -23.93 34.81 4.10
CA PRO C 318 -23.27 35.57 5.18
C PRO C 318 -22.38 36.68 4.68
N ILE C 319 -21.73 36.51 3.53
CA ILE C 319 -20.79 37.52 3.04
C ILE C 319 -21.52 38.59 2.25
N PHE C 320 -22.44 38.20 1.38
CA PHE C 320 -23.13 39.12 0.48
C PHE C 320 -24.47 39.59 1.05
N GLN C 321 -24.57 39.66 2.38
CA GLN C 321 -25.80 40.13 3.02
C GLN C 321 -26.17 41.56 2.66
N PRO C 322 -25.27 42.56 2.73
CA PRO C 322 -25.71 43.94 2.48
C PRO C 322 -26.28 44.17 1.09
N VAL C 323 -25.76 43.49 0.08
CA VAL C 323 -26.17 43.72 -1.31
C VAL C 323 -27.13 42.65 -1.81
N GLN C 324 -27.60 41.76 -0.92
CA GLN C 324 -28.45 40.66 -1.36
C GLN C 324 -29.77 41.17 -1.92
N HIS C 325 -30.38 42.14 -1.24
CA HIS C 325 -31.68 42.67 -1.65
C HIS C 325 -31.56 43.97 -2.45
N GLU C 326 -30.38 44.25 -3.00
CA GLU C 326 -30.15 45.51 -3.70
C GLU C 326 -30.47 45.37 -5.17
N LEU C 327 -31.15 46.37 -5.72
CA LEU C 327 -31.47 46.43 -7.14
C LEU C 327 -30.65 47.44 -7.90
N ASN C 328 -29.74 48.14 -7.23
CA ASN C 328 -28.86 49.12 -7.86
C ASN C 328 -27.58 48.39 -8.28
N ARG C 329 -27.38 48.22 -9.58
CA ARG C 329 -26.24 47.45 -10.06
C ARG C 329 -24.93 48.15 -9.74
N GLU C 330 -24.93 49.49 -9.65
CA GLU C 330 -23.70 50.20 -9.31
C GLU C 330 -23.22 49.84 -7.92
N LYS C 331 -24.15 49.73 -6.96
CA LYS C 331 -23.78 49.46 -5.59
C LYS C 331 -23.42 47.99 -5.36
N ILE C 332 -23.81 47.10 -6.26
CA ILE C 332 -23.36 45.71 -6.18
C ILE C 332 -21.95 45.59 -6.73
N ILE C 333 -21.65 46.29 -7.82
CA ILE C 333 -20.29 46.30 -8.36
C ILE C 333 -19.33 46.92 -7.35
N GLN C 334 -19.74 48.02 -6.71
CA GLN C 334 -18.89 48.67 -5.73
C GLN C 334 -18.60 47.74 -4.55
N PHE C 335 -19.61 47.00 -4.10
CA PHE C 335 -19.41 46.08 -2.99
C PHE C 335 -18.41 44.99 -3.35
N LEU C 336 -18.52 44.42 -4.55
CA LEU C 336 -17.64 43.33 -4.93
C LEU C 336 -16.24 43.84 -5.26
N SER C 337 -16.15 45.02 -5.88
CA SER C 337 -14.83 45.58 -6.19
C SER C 337 -14.03 45.83 -4.91
N GLU C 338 -14.68 46.37 -3.88
CA GLU C 338 -14.03 46.52 -2.60
C GLU C 338 -13.75 45.17 -1.95
N LYS C 339 -14.57 44.16 -2.25
CA LYS C 339 -14.39 42.84 -1.66
C LYS C 339 -13.24 42.07 -2.30
N VAL C 340 -12.95 42.31 -3.58
CA VAL C 340 -11.94 41.52 -4.28
C VAL C 340 -10.65 42.30 -4.56
N SER C 341 -10.69 43.62 -4.57
CA SER C 341 -9.46 44.39 -4.75
C SER C 341 -8.60 44.27 -3.49
N LYS C 342 -7.33 43.92 -3.68
CA LYS C 342 -6.46 43.62 -2.55
C LYS C 342 -5.70 44.83 -2.03
N PHE C 343 -5.80 45.98 -2.69
CA PHE C 343 -5.19 47.21 -2.20
C PHE C 343 -6.14 48.04 -1.35
N VAL C 344 -7.39 47.60 -1.17
CA VAL C 344 -8.34 48.28 -0.32
C VAL C 344 -8.20 47.67 1.08
N SER C 345 -7.50 48.37 1.97
CA SER C 345 -7.24 47.87 3.30
C SER C 345 -8.05 48.59 4.37
N ASN C 346 -8.75 49.67 4.03
CA ASN C 346 -9.64 50.35 4.96
C ASN C 346 -10.88 50.80 4.19
N PRO C 347 -12.06 50.31 4.55
CA PRO C 347 -13.27 50.72 3.86
C PRO C 347 -13.73 52.11 4.28
N SER C 348 -14.49 52.74 3.38
CA SER C 348 -15.16 54.02 3.60
C SER C 348 -14.17 55.18 3.63
N ALA C 349 -12.86 54.87 3.59
CA ALA C 349 -11.85 55.92 3.50
C ALA C 349 -11.72 56.47 2.10
N TYR C 350 -12.14 55.71 1.09
CA TYR C 350 -12.16 56.17 -0.29
C TYR C 350 -13.53 56.64 -0.74
N LYS C 351 -14.59 56.27 -0.02
CA LYS C 351 -15.94 56.64 -0.42
C LYS C 351 -16.17 58.15 -0.35
N SER C 352 -15.33 58.87 0.40
CA SER C 352 -15.43 60.32 0.41
C SER C 352 -14.90 60.94 -0.88
N ASP C 353 -14.14 60.17 -1.65
CA ASP C 353 -13.60 60.63 -2.93
C ASP C 353 -14.41 60.00 -4.05
N GLU C 354 -14.99 60.84 -4.91
CA GLU C 354 -15.88 60.34 -5.96
C GLU C 354 -15.10 59.70 -7.11
N ASN C 355 -13.94 60.26 -7.46
CA ASN C 355 -13.15 59.69 -8.54
C ASN C 355 -12.58 58.33 -8.16
N ALA C 356 -12.33 58.11 -6.86
CA ALA C 356 -11.89 56.79 -6.42
C ALA C 356 -12.99 55.76 -6.57
N VAL C 357 -14.23 56.14 -6.29
CA VAL C 357 -15.35 55.23 -6.50
C VAL C 357 -15.52 54.93 -7.98
N GLN C 358 -15.31 55.94 -8.83
CA GLN C 358 -15.36 55.71 -10.27
C GLN C 358 -14.20 54.84 -10.74
N TYR C 359 -13.08 54.87 -10.04
CA TYR C 359 -11.94 54.03 -10.41
C TYR C 359 -12.21 52.57 -10.07
N LEU C 360 -12.75 52.31 -8.88
CA LEU C 360 -13.02 50.93 -8.48
C LEU C 360 -14.11 50.29 -9.32
N ASN C 361 -15.10 51.09 -9.74
CA ASN C 361 -16.17 50.53 -10.57
C ASN C 361 -15.68 50.23 -11.98
N GLU C 362 -14.88 51.13 -12.56
CA GLU C 362 -14.33 50.88 -13.88
C GLU C 362 -13.36 49.71 -13.86
N ARG C 363 -12.60 49.56 -12.78
CA ARG C 363 -11.69 48.43 -12.65
C ARG C 363 -12.44 47.11 -12.60
N GLN C 364 -13.52 47.05 -11.82
CA GLN C 364 -14.26 45.80 -11.67
C GLN C 364 -14.92 45.39 -12.97
N LEU C 365 -15.50 46.33 -13.71
CA LEU C 365 -16.14 46.00 -14.97
C LEU C 365 -15.12 45.49 -15.98
N THR C 366 -13.94 46.11 -16.04
CA THR C 366 -12.90 45.63 -16.94
C THR C 366 -12.46 44.22 -16.57
N ILE C 367 -12.34 43.95 -15.27
CA ILE C 367 -11.95 42.61 -14.82
C ILE C 367 -13.09 41.62 -15.08
N LEU C 368 -14.33 42.04 -14.86
CA LEU C 368 -15.46 41.13 -14.98
C LEU C 368 -15.64 40.64 -16.42
N ASP C 369 -15.48 41.53 -17.39
CA ASP C 369 -15.70 41.16 -18.79
C ASP C 369 -14.58 40.31 -19.36
N LYS C 370 -13.46 40.16 -18.65
CA LYS C 370 -12.34 39.38 -19.15
C LYS C 370 -12.17 38.04 -18.44
N ILE C 371 -12.88 37.81 -17.33
CA ILE C 371 -12.76 36.56 -16.60
C ILE C 371 -14.07 35.80 -16.52
N LEU C 372 -15.22 36.44 -16.75
CA LEU C 372 -16.51 35.76 -16.74
C LEU C 372 -16.82 35.32 -18.16
N LEU C 373 -16.73 34.02 -18.41
CA LEU C 373 -16.99 33.43 -19.71
C LEU C 373 -16.28 34.16 -20.85
N PRO C 374 -14.95 34.23 -20.82
CA PRO C 374 -14.24 34.98 -21.88
C PRO C 374 -14.40 34.38 -23.27
N HIS C 375 -14.82 33.13 -23.38
CA HIS C 375 -15.00 32.52 -24.70
C HIS C 375 -16.22 33.04 -25.42
N MET C 376 -17.15 33.68 -24.71
CA MET C 376 -18.30 34.32 -25.33
C MET C 376 -18.01 35.77 -25.75
N GLY C 377 -16.83 36.27 -25.45
CA GLY C 377 -16.46 37.65 -25.72
C GLY C 377 -15.73 38.23 -24.54
N GLN C 378 -15.03 39.34 -24.78
CA GLN C 378 -14.29 40.02 -23.72
C GLN C 378 -14.54 41.52 -23.69
N THR C 379 -15.44 42.02 -24.53
CA THR C 379 -15.87 43.41 -24.49
C THR C 379 -17.18 43.52 -23.72
N ALA C 380 -17.62 44.75 -23.48
CA ALA C 380 -18.85 44.99 -22.74
C ALA C 380 -20.09 44.76 -23.58
N ASP C 381 -19.96 44.64 -24.90
CA ASP C 381 -21.13 44.48 -25.76
C ASP C 381 -21.73 43.07 -25.65
N THR C 382 -21.04 42.15 -24.98
CA THR C 382 -21.49 40.77 -24.86
C THR C 382 -21.92 40.42 -23.44
N ARG C 383 -22.37 41.40 -22.66
CA ARG C 383 -22.76 41.14 -21.28
C ARG C 383 -24.04 40.32 -21.20
N VAL C 384 -25.07 40.74 -21.94
CA VAL C 384 -26.33 40.00 -21.91
C VAL C 384 -26.18 38.64 -22.56
N ARG C 385 -25.30 38.52 -23.56
CA ARG C 385 -25.03 37.24 -24.19
C ARG C 385 -24.43 36.26 -23.19
N LYS C 386 -23.52 36.75 -22.33
CA LYS C 386 -22.94 35.89 -21.31
C LYS C 386 -23.98 35.43 -20.29
N LEU C 387 -24.94 36.31 -19.97
CA LEU C 387 -25.98 35.92 -19.03
C LEU C 387 -26.91 34.88 -19.62
N ARG C 388 -27.17 34.95 -20.93
CA ARG C 388 -27.93 33.89 -21.58
C ARG C 388 -27.18 32.56 -21.52
N PHE C 389 -25.86 32.61 -21.71
CA PHE C 389 -25.07 31.39 -21.64
C PHE C 389 -24.96 30.88 -20.21
N LEU C 390 -24.86 31.79 -19.24
CA LEU C 390 -24.80 31.37 -17.84
C LEU C 390 -26.09 30.69 -17.41
N GLY C 391 -27.23 31.23 -17.83
CA GLY C 391 -28.49 30.58 -17.53
C GLY C 391 -28.63 29.22 -18.17
N LEU C 392 -28.04 29.04 -19.36
CA LEU C 392 -28.05 27.73 -19.99
C LEU C 392 -27.24 26.72 -19.18
N LEU C 393 -26.12 27.15 -18.60
CA LEU C 393 -25.33 26.25 -17.76
C LEU C 393 -26.09 25.85 -16.50
N ILE C 394 -26.78 26.80 -15.88
CA ILE C 394 -27.58 26.47 -14.70
C ILE C 394 -28.72 25.53 -15.08
N HIS C 395 -29.29 25.71 -16.26
CA HIS C 395 -30.34 24.83 -16.73
C HIS C 395 -29.85 23.39 -16.85
N LYS C 396 -28.65 23.20 -17.43
CA LYS C 396 -28.11 21.86 -17.59
C LYS C 396 -27.83 21.21 -16.24
N ILE C 397 -27.32 21.98 -15.28
CA ILE C 397 -26.99 21.42 -13.97
C ILE C 397 -28.24 20.98 -13.23
N LEU C 398 -29.32 21.75 -13.35
CA LEU C 398 -30.58 21.36 -12.70
C LEU C 398 -31.19 20.13 -13.36
N LEU C 399 -30.88 19.90 -14.64
CA LEU C 399 -31.37 18.69 -15.31
C LEU C 399 -30.75 17.44 -14.72
N VAL C 400 -29.60 17.56 -14.06
CA VAL C 400 -28.97 16.41 -13.44
C VAL C 400 -29.47 16.23 -12.02
N ILE C 401 -29.76 17.33 -11.31
CA ILE C 401 -30.39 17.23 -9.99
C ILE C 401 -31.74 16.53 -10.11
N MET C 402 -32.51 16.89 -11.13
CA MET C 402 -33.79 16.25 -11.41
C MET C 402 -33.64 14.78 -11.78
N ASN C 403 -32.41 14.28 -11.87
CA ASN C 403 -32.10 12.93 -12.30
C ASN C 403 -32.57 12.64 -13.72
N VAL C 404 -32.90 13.69 -14.48
CA VAL C 404 -33.24 13.52 -15.89
C VAL C 404 -32.04 13.01 -16.66
N PHE C 405 -30.87 13.59 -16.41
CA PHE C 405 -29.66 13.26 -17.14
C PHE C 405 -28.57 12.82 -16.18
N PRO C 406 -27.66 11.96 -16.64
CA PRO C 406 -26.57 11.51 -15.76
C PRO C 406 -25.47 12.53 -15.67
N PRO C 407 -24.64 12.48 -14.64
CA PRO C 407 -23.49 13.37 -14.57
C PRO C 407 -22.44 13.02 -15.63
N THR C 408 -21.39 13.81 -15.65
CA THR C 408 -20.35 13.64 -16.67
C THR C 408 -19.52 12.40 -16.41
N ASP C 409 -19.26 11.63 -17.47
CA ASP C 409 -18.38 10.48 -17.41
C ASP C 409 -16.94 10.98 -17.41
N ARG C 410 -16.24 10.81 -16.29
CA ARG C 410 -14.88 11.33 -16.19
C ARG C 410 -13.88 10.54 -17.03
N ASP C 411 -14.24 9.34 -17.49
CA ASP C 411 -13.30 8.50 -18.21
C ASP C 411 -13.45 8.57 -19.72
N SER C 412 -14.59 9.03 -20.22
CA SER C 412 -14.80 9.10 -21.66
C SER C 412 -13.89 10.14 -22.29
N TYR C 413 -13.42 9.84 -23.50
CA TYR C 413 -12.63 10.81 -24.25
C TYR C 413 -13.46 11.72 -25.12
N ARG C 414 -14.79 11.65 -25.05
CA ARG C 414 -15.61 12.64 -25.73
C ARG C 414 -15.37 14.03 -25.15
N THR C 415 -14.97 14.10 -23.88
CA THR C 415 -14.76 15.35 -23.17
C THR C 415 -13.37 15.40 -22.54
N LYS C 416 -12.36 14.99 -23.30
CA LYS C 416 -10.98 15.02 -22.85
C LYS C 416 -10.10 15.60 -23.94
N ARG C 417 -8.95 16.12 -23.54
CA ARG C 417 -7.96 16.66 -24.46
C ARG C 417 -6.59 16.15 -24.07
N VAL C 418 -5.71 16.05 -25.06
CA VAL C 418 -4.33 15.61 -24.87
C VAL C 418 -3.41 16.76 -25.25
N HIS C 419 -2.63 17.24 -24.28
CA HIS C 419 -1.83 18.44 -24.45
C HIS C 419 -0.36 18.07 -24.45
N GLY C 420 0.34 18.45 -25.51
CA GLY C 420 1.73 18.11 -25.69
C GLY C 420 2.67 19.15 -25.09
N SER C 421 3.90 19.13 -25.59
CA SER C 421 4.92 20.04 -25.06
C SER C 421 4.61 21.50 -25.36
N GLY C 422 3.96 21.77 -26.49
CA GLY C 422 3.68 23.17 -26.84
C GLY C 422 2.75 23.83 -25.85
N VAL C 423 1.66 23.13 -25.48
CA VAL C 423 0.71 23.69 -24.53
C VAL C 423 1.29 23.69 -23.13
N SER C 424 1.90 22.57 -22.73
CA SER C 424 2.38 22.43 -21.36
C SER C 424 3.52 23.39 -21.06
N LEU C 425 4.43 23.60 -22.02
CA LEU C 425 5.52 24.52 -21.78
C LEU C 425 5.06 25.97 -21.78
N ALA C 426 3.95 26.26 -22.47
CA ALA C 426 3.39 27.61 -22.43
C ALA C 426 2.83 27.93 -21.05
N LYS C 427 2.16 26.97 -20.42
CA LYS C 427 1.65 27.20 -19.06
C LYS C 427 2.77 27.40 -18.08
N ALA C 428 3.85 26.62 -18.20
CA ALA C 428 5.02 26.82 -17.35
C ALA C 428 5.71 28.14 -17.66
N PHE C 429 5.72 28.54 -18.93
CA PHE C 429 6.34 29.81 -19.31
C PHE C 429 5.62 30.98 -18.67
N LYS C 430 4.28 30.94 -18.62
CA LYS C 430 3.52 32.04 -18.04
C LYS C 430 3.84 32.24 -16.57
N ALA C 431 3.82 31.15 -15.80
CA ALA C 431 4.09 31.24 -14.37
C ALA C 431 5.54 31.57 -14.06
N ILE C 432 6.42 31.50 -15.06
CA ILE C 432 7.84 31.77 -14.87
C ILE C 432 8.23 33.14 -15.39
N PHE C 433 7.64 33.56 -16.51
CA PHE C 433 8.01 34.83 -17.12
C PHE C 433 7.71 36.01 -16.19
N ASN C 434 6.54 36.01 -15.57
CA ASN C 434 6.19 37.13 -14.70
C ASN C 434 6.92 37.08 -13.36
N THR C 435 7.54 35.96 -13.03
CA THR C 435 8.33 35.84 -11.82
C THR C 435 9.80 36.15 -12.06
N SER C 436 10.37 35.65 -13.16
CA SER C 436 11.78 35.80 -13.44
C SER C 436 12.10 37.01 -14.33
N VAL C 437 11.10 37.64 -14.93
CA VAL C 437 11.30 38.79 -15.79
C VAL C 437 10.49 39.99 -15.30
N ILE C 438 9.17 39.85 -15.24
CA ILE C 438 8.31 40.98 -14.89
C ILE C 438 8.58 41.44 -13.47
N ALA C 439 8.67 40.52 -12.53
CA ALA C 439 8.91 40.89 -11.14
C ALA C 439 10.25 41.62 -10.94
N PRO C 440 11.37 41.15 -11.49
CA PRO C 440 12.61 41.94 -11.35
C PRO C 440 12.53 43.33 -11.94
N ILE C 441 11.83 43.51 -13.06
CA ILE C 441 11.72 44.83 -13.66
C ILE C 441 10.89 45.76 -12.79
N ILE C 442 9.82 45.23 -12.19
CA ILE C 442 8.99 46.04 -11.29
C ILE C 442 9.80 46.49 -10.09
N ASN C 443 10.59 45.59 -9.50
CA ASN C 443 11.48 45.98 -8.42
C ASN C 443 12.58 46.90 -8.92
N GLY C 444 12.98 46.74 -10.18
CA GLY C 444 14.02 47.60 -10.73
C GLY C 444 13.59 49.05 -10.82
N PHE C 445 12.37 49.29 -11.29
CA PHE C 445 11.88 50.67 -11.40
C PHE C 445 11.52 51.27 -10.05
N LYS C 446 11.11 50.45 -9.08
CA LYS C 446 10.82 50.96 -7.75
C LYS C 446 12.07 51.56 -7.11
N GLU C 447 13.19 50.86 -7.22
CA GLU C 447 14.41 51.31 -6.57
C GLU C 447 15.07 52.47 -7.30
N LEU C 448 14.82 52.62 -8.60
CA LEU C 448 15.30 53.81 -9.30
C LEU C 448 14.51 55.04 -8.89
N LEU C 449 13.18 54.93 -8.85
CA LEU C 449 12.34 56.07 -8.51
C LEU C 449 12.48 56.49 -7.05
N LYS C 450 12.93 55.58 -6.18
CA LYS C 450 13.13 55.95 -4.78
C LYS C 450 14.42 56.75 -4.61
N GLN C 451 15.47 56.39 -5.34
CA GLN C 451 16.78 57.03 -5.20
C GLN C 451 16.98 58.21 -6.13
N THR C 452 16.02 58.50 -7.01
CA THR C 452 16.17 59.60 -7.94
C THR C 452 14.79 60.22 -8.20
N ALA C 453 14.77 61.55 -8.33
CA ALA C 453 13.52 62.24 -8.61
C ALA C 453 12.97 61.84 -9.97
N PHE C 454 11.64 61.83 -10.08
CA PHE C 454 10.98 61.47 -11.32
C PHE C 454 11.38 62.42 -12.45
N GLU C 455 11.42 63.72 -12.17
CA GLU C 455 11.67 64.71 -13.21
C GLU C 455 13.14 64.80 -13.59
N GLU C 456 14.04 64.30 -12.75
CA GLU C 456 15.46 64.29 -13.07
C GLU C 456 15.83 63.18 -14.04
N LEU C 457 14.90 62.28 -14.36
CA LEU C 457 15.22 61.13 -15.19
C LEU C 457 15.33 61.51 -16.66
N THR C 458 16.13 60.74 -17.38
CA THR C 458 16.30 60.87 -18.82
C THR C 458 15.98 59.53 -19.47
N GLN C 459 16.07 59.49 -20.80
CA GLN C 459 15.85 58.23 -21.51
C GLN C 459 16.88 57.18 -21.13
N ARG C 460 18.13 57.59 -20.93
CA ARG C 460 19.19 56.66 -20.58
C ARG C 460 18.91 55.95 -19.26
N ASN C 461 18.46 56.70 -18.25
CA ASN C 461 18.21 56.11 -16.93
C ASN C 461 17.11 55.05 -17.01
N ILE C 462 16.05 55.32 -17.77
CA ILE C 462 14.95 54.36 -17.87
C ILE C 462 15.40 53.12 -18.64
N ILE C 463 16.15 53.31 -19.71
CA ILE C 463 16.63 52.18 -20.50
C ILE C 463 17.63 51.35 -19.71
N GLU C 464 18.48 52.01 -18.92
CA GLU C 464 19.47 51.28 -18.14
C GLU C 464 18.83 50.41 -17.07
N ALA C 465 17.82 50.93 -16.37
CA ALA C 465 17.22 50.19 -15.26
C ALA C 465 16.56 48.91 -15.75
N PHE C 466 15.89 48.97 -16.90
CA PHE C 466 15.24 47.79 -17.45
C PHE C 466 16.25 46.69 -17.75
N SER C 467 17.38 47.05 -18.37
CA SER C 467 18.42 46.07 -18.65
C SER C 467 19.19 45.68 -17.40
N ALA C 468 19.53 46.65 -16.55
CA ALA C 468 20.34 46.36 -15.36
C ALA C 468 19.60 45.44 -14.41
N ALA C 469 18.29 45.66 -14.22
CA ALA C 469 17.54 44.83 -13.29
C ALA C 469 17.48 43.38 -13.77
N LEU C 470 17.46 43.19 -15.09
CA LEU C 470 17.49 41.85 -15.68
C LEU C 470 18.95 41.38 -15.81
N SER C 471 19.57 41.18 -14.65
CA SER C 471 20.94 40.69 -14.59
C SER C 471 20.94 39.20 -14.85
N LYS C 472 22.10 38.56 -14.72
CA LYS C 472 22.18 37.12 -14.95
C LYS C 472 21.56 36.31 -13.82
N ASN C 473 21.16 36.97 -12.72
CA ASN C 473 20.24 36.31 -11.79
C ASN C 473 18.92 35.98 -12.48
N THR C 474 18.40 36.94 -13.26
CA THR C 474 17.15 36.73 -13.99
C THR C 474 17.36 35.85 -15.22
N ALA C 475 18.49 36.03 -15.91
CA ALA C 475 18.77 35.21 -17.10
C ALA C 475 18.87 33.74 -16.73
N SER C 476 19.57 33.43 -15.64
CA SER C 476 19.59 32.07 -15.13
C SER C 476 18.19 31.64 -14.69
N ASP C 477 17.45 32.54 -14.04
CA ASP C 477 16.18 32.17 -13.43
C ASP C 477 15.19 31.65 -14.46
N LEU C 478 15.10 32.30 -15.62
CA LEU C 478 14.14 31.86 -16.62
C LEU C 478 14.50 30.50 -17.20
N ASN C 479 15.77 30.33 -17.58
CA ASN C 479 16.19 29.07 -18.19
C ASN C 479 16.17 27.93 -17.18
N ARG C 480 16.67 28.17 -15.96
CA ARG C 480 16.71 27.12 -14.96
C ARG C 480 15.33 26.77 -14.41
N SER C 481 14.40 27.74 -14.39
CA SER C 481 13.04 27.42 -13.97
C SER C 481 12.33 26.58 -15.02
N MET C 482 12.60 26.84 -16.30
CA MET C 482 12.06 26.00 -17.35
C MET C 482 12.64 24.59 -17.28
N GLU C 483 13.95 24.49 -17.04
CA GLU C 483 14.58 23.18 -16.92
C GLU C 483 14.04 22.40 -15.73
N GLN C 484 13.90 23.07 -14.58
CA GLN C 484 13.35 22.39 -13.40
C GLN C 484 11.92 21.95 -13.66
N SER C 485 11.14 22.76 -14.38
CA SER C 485 9.80 22.33 -14.78
C SER C 485 9.87 21.14 -15.73
N ILE C 486 10.85 21.14 -16.64
CA ILE C 486 11.01 20.02 -17.56
C ILE C 486 11.49 18.77 -16.82
N ILE C 487 12.35 18.94 -15.82
CA ILE C 487 12.91 17.79 -15.14
C ILE C 487 11.96 17.27 -14.05
N SER C 488 11.48 18.16 -13.19
CA SER C 488 10.69 17.72 -12.03
C SER C 488 9.33 17.16 -12.46
N GLY C 489 8.81 17.58 -13.60
CA GLY C 489 7.55 17.08 -14.10
C GLY C 489 6.37 17.34 -13.17
N VAL C 504 2.67 20.14 -16.65
CA VAL C 504 3.90 19.66 -17.27
C VAL C 504 4.31 18.33 -16.67
N SER C 505 3.85 17.24 -17.26
CA SER C 505 4.25 15.89 -16.85
C SER C 505 5.37 15.42 -17.76
N THR C 506 6.55 15.19 -17.20
CA THR C 506 7.72 14.80 -17.96
C THR C 506 8.37 13.58 -17.32
N GLN C 507 9.32 13.00 -18.05
CA GLN C 507 10.09 11.85 -17.59
C GLN C 507 11.42 11.84 -18.32
N SER C 508 12.39 11.18 -17.70
CA SER C 508 13.68 10.99 -18.37
C SER C 508 13.54 9.99 -19.49
N LEU C 509 14.25 10.24 -20.59
CA LEU C 509 14.21 9.34 -21.74
C LEU C 509 15.17 8.20 -21.49
N GLU C 510 14.65 7.04 -21.15
CA GLU C 510 15.44 5.83 -20.97
C GLU C 510 15.48 5.07 -22.29
N ARG C 511 16.68 4.89 -22.83
CA ARG C 511 16.84 4.24 -24.12
C ARG C 511 17.11 2.75 -23.93
N LYS C 512 16.07 2.04 -23.48
CA LYS C 512 16.16 0.59 -23.43
C LYS C 512 16.33 0.00 -24.82
N ASN C 513 15.56 0.50 -25.78
CA ASN C 513 15.67 0.13 -27.18
C ASN C 513 14.86 1.15 -27.98
N LEU C 514 14.84 1.00 -29.30
CA LEU C 514 14.13 1.95 -30.14
C LEU C 514 12.62 1.89 -29.94
N LEU C 515 12.08 0.72 -29.60
CA LEU C 515 10.65 0.63 -29.33
C LEU C 515 10.28 1.44 -28.10
N ASN C 516 11.11 1.39 -27.05
CA ASN C 516 10.82 2.15 -25.84
C ASN C 516 10.84 3.64 -26.10
N THR C 517 11.78 4.11 -26.92
CA THR C 517 11.89 5.54 -27.18
C THR C 517 10.64 6.07 -27.88
N ILE C 518 10.16 5.35 -28.88
CA ILE C 518 8.95 5.77 -29.59
C ILE C 518 7.73 5.63 -28.69
N SER C 519 7.65 4.55 -27.93
CA SER C 519 6.51 4.35 -27.04
C SER C 519 6.46 5.38 -25.93
N ALA C 520 7.61 5.96 -25.57
CA ALA C 520 7.62 7.01 -24.55
C ALA C 520 7.08 8.32 -25.09
N LEU C 521 7.25 8.58 -26.38
CA LEU C 521 6.76 9.80 -27.01
C LEU C 521 5.32 9.69 -27.48
N ARG C 522 4.74 8.49 -27.47
CA ARG C 522 3.33 8.29 -27.77
C ARG C 522 2.52 8.03 -26.50
N THR C 523 3.07 8.40 -25.35
CA THR C 523 2.49 8.10 -24.06
C THR C 523 1.63 9.25 -23.58
N VAL C 524 0.43 8.93 -23.11
CA VAL C 524 -0.52 9.91 -22.59
C VAL C 524 -0.62 9.69 -21.08
N ASN C 525 -0.34 10.74 -20.31
CA ASN C 525 -0.33 10.67 -18.86
C ASN C 525 -1.47 11.50 -18.28
N THR C 526 -2.00 11.04 -17.16
CA THR C 526 -3.09 11.72 -16.47
C THR C 526 -2.53 12.63 -15.38
N HIS C 527 -3.30 13.63 -15.03
CA HIS C 527 -2.81 14.61 -14.06
C HIS C 527 -2.67 13.97 -12.78
N ASN C 528 -2.00 14.65 -11.88
CA ASN C 528 -2.03 14.23 -10.50
C ASN C 528 -2.30 15.39 -9.53
N SER C 533 -8.73 10.37 -7.47
CA SER C 533 -7.45 10.42 -6.78
C SER C 533 -7.33 9.25 -5.79
N LYS C 534 -7.71 9.49 -4.55
CA LYS C 534 -7.68 8.46 -3.52
C LYS C 534 -9.01 7.74 -3.34
N GLN C 535 -10.08 8.22 -3.98
CA GLN C 535 -11.37 7.55 -3.88
C GLN C 535 -11.26 6.14 -4.45
N THR C 536 -11.74 5.16 -3.68
CA THR C 536 -11.52 3.76 -4.05
C THR C 536 -12.20 3.42 -5.37
N GLU C 537 -13.44 3.88 -5.56
CA GLU C 537 -14.12 3.61 -6.83
C GLU C 537 -13.56 4.49 -7.94
N ARG C 538 -13.13 5.71 -7.61
CA ARG C 538 -12.54 6.58 -8.62
C ARG C 538 -11.15 6.11 -9.03
N ALA C 539 -10.43 5.46 -8.11
CA ALA C 539 -9.09 4.98 -8.42
C ALA C 539 -9.11 3.74 -9.29
N ASP C 540 -10.14 2.92 -9.17
CA ASP C 540 -10.27 1.70 -9.96
C ASP C 540 -10.84 1.98 -11.35
N MET C 541 -11.81 2.90 -11.45
CA MET C 541 -12.43 3.18 -12.73
C MET C 541 -11.46 3.81 -13.72
N MET C 542 -10.55 4.67 -13.25
CA MET C 542 -9.67 5.37 -14.15
C MET C 542 -8.57 4.48 -14.71
N ARG C 543 -8.38 3.30 -14.13
CA ARG C 543 -7.36 2.35 -14.58
C ARG C 543 -7.88 1.32 -15.56
N ARG C 544 -9.19 1.30 -15.81
CA ARG C 544 -9.78 0.34 -16.73
C ARG C 544 -9.65 0.84 -18.17
N VAL C 545 -9.95 -0.05 -19.11
CA VAL C 545 -10.05 0.33 -20.51
C VAL C 545 -11.49 0.77 -20.77
N HIS C 546 -11.64 1.98 -21.31
CA HIS C 546 -12.94 2.58 -21.52
C HIS C 546 -13.44 2.29 -22.93
N ALA C 547 -14.76 2.30 -23.09
CA ALA C 547 -15.39 2.01 -24.38
C ALA C 547 -15.07 3.07 -25.43
N SER C 548 -14.54 4.22 -25.04
CA SER C 548 -14.18 5.27 -25.97
C SER C 548 -12.74 5.17 -26.45
N TYR C 549 -12.01 4.15 -26.04
CA TYR C 549 -10.59 3.97 -26.37
C TYR C 549 -10.35 3.44 -27.77
N PRO C 550 -11.07 2.38 -28.24
CA PRO C 550 -10.67 1.73 -29.51
C PRO C 550 -10.41 2.68 -30.66
N GLY C 551 -9.18 2.64 -31.16
CA GLY C 551 -8.73 3.47 -32.25
C GLY C 551 -7.91 4.68 -31.83
N TYR C 552 -7.98 5.06 -30.56
CA TYR C 552 -7.28 6.23 -30.06
C TYR C 552 -6.27 5.88 -28.98
N ILE C 553 -6.66 5.09 -27.99
CA ILE C 553 -5.78 4.61 -26.94
C ILE C 553 -5.63 3.11 -27.11
N CYS C 554 -4.40 2.63 -27.06
CA CYS C 554 -4.15 1.20 -27.15
C CYS C 554 -4.87 0.46 -26.02
N VAL C 555 -5.65 -0.56 -26.38
CA VAL C 555 -6.42 -1.28 -25.38
C VAL C 555 -5.59 -2.28 -24.59
N ALA C 556 -4.36 -2.57 -25.04
CA ALA C 556 -3.53 -3.56 -24.38
C ALA C 556 -2.36 -2.98 -23.61
N GLN C 557 -1.85 -1.82 -24.00
CA GLN C 557 -0.61 -1.30 -23.41
C GLN C 557 -0.88 -0.63 -22.07
N SER C 558 -0.34 -1.22 -21.01
CA SER C 558 -0.34 -0.62 -19.69
C SER C 558 0.71 -1.33 -18.85
N ALA C 559 0.93 -0.82 -17.65
CA ALA C 559 1.77 -1.52 -16.70
C ALA C 559 1.01 -2.73 -16.15
N ASP C 560 1.72 -3.86 -16.03
CA ASP C 560 1.11 -5.07 -15.54
C ASP C 560 1.26 -5.26 -14.04
N THR C 561 2.04 -4.42 -13.37
CA THR C 561 2.28 -4.58 -11.95
C THR C 561 2.46 -3.21 -11.30
N GLY C 562 2.01 -3.09 -10.06
CA GLY C 562 2.26 -1.91 -9.26
C GLY C 562 1.10 -0.94 -9.28
N GLU C 563 1.40 0.27 -8.79
CA GLU C 563 0.41 1.33 -8.74
C GLU C 563 0.07 1.88 -10.12
N LYS C 564 0.95 1.69 -11.09
CA LYS C 564 0.83 2.32 -12.39
C LYS C 564 0.03 1.50 -13.40
N VAL C 565 -0.68 0.47 -12.94
CA VAL C 565 -1.49 -0.34 -13.83
C VAL C 565 -2.62 0.53 -14.36
N GLY C 566 -2.64 0.76 -15.67
CA GLY C 566 -3.69 1.53 -16.29
C GLY C 566 -3.58 3.03 -16.14
N MET C 567 -2.50 3.53 -15.52
CA MET C 567 -2.35 4.97 -15.32
C MET C 567 -1.68 5.67 -16.48
N SER C 568 -0.87 4.95 -17.26
CA SER C 568 -0.16 5.53 -18.39
C SER C 568 -0.70 4.88 -19.65
N LYS C 569 -1.02 5.71 -20.65
CA LYS C 569 -1.74 5.27 -21.83
C LYS C 569 -0.89 5.47 -23.07
N GLN C 570 -1.22 4.69 -24.10
CA GLN C 570 -0.47 4.70 -25.35
C GLN C 570 -1.42 5.03 -26.50
N LEU C 571 -0.97 5.90 -27.40
CA LEU C 571 -1.73 6.19 -28.60
C LEU C 571 -1.82 4.95 -29.48
N ALA C 572 -2.99 4.71 -30.04
CA ALA C 572 -3.12 3.65 -31.02
C ALA C 572 -2.32 4.00 -32.28
N ILE C 573 -2.15 3.01 -33.16
CA ILE C 573 -1.15 3.12 -34.21
C ILE C 573 -1.52 4.22 -35.20
N THR C 574 -2.81 4.37 -35.51
CA THR C 574 -3.25 5.39 -36.45
C THR C 574 -3.76 6.66 -35.78
N ALA C 575 -3.70 6.74 -34.45
CA ALA C 575 -4.18 7.91 -33.74
C ALA C 575 -3.20 9.06 -33.87
N ASN C 576 -3.74 10.27 -33.82
CA ASN C 576 -2.95 11.49 -33.91
C ASN C 576 -3.50 12.50 -32.92
N VAL C 577 -2.76 13.59 -32.74
CA VAL C 577 -3.20 14.71 -31.90
C VAL C 577 -3.41 15.91 -32.82
N CYS C 578 -4.62 16.46 -32.79
CA CYS C 578 -4.95 17.58 -33.66
C CYS C 578 -4.29 18.87 -33.18
N THR C 579 -4.11 19.78 -34.12
CA THR C 579 -3.71 21.16 -33.84
C THR C 579 -4.91 22.07 -33.99
N ALA C 580 -4.79 23.29 -33.44
CA ALA C 580 -5.87 24.26 -33.55
C ALA C 580 -6.10 24.65 -35.00
N GLY C 581 -7.36 24.84 -35.36
CA GLY C 581 -7.72 25.20 -36.71
C GLY C 581 -8.15 26.65 -36.83
N GLU C 582 -8.57 27.01 -38.04
CA GLU C 582 -9.02 28.37 -38.33
C GLU C 582 -10.47 28.49 -37.88
N VAL C 583 -10.65 28.88 -36.61
CA VAL C 583 -11.99 29.00 -36.04
C VAL C 583 -12.73 30.18 -36.64
N LEU C 584 -12.02 31.22 -37.06
CA LEU C 584 -12.67 32.41 -37.60
C LEU C 584 -13.34 32.11 -38.93
N SER C 585 -12.70 31.31 -39.79
CA SER C 585 -13.28 31.00 -41.08
C SER C 585 -14.59 30.23 -40.93
N LEU C 586 -14.63 29.23 -40.03
CA LEU C 586 -15.85 28.47 -39.84
C LEU C 586 -16.92 29.31 -39.15
N LYS C 587 -16.53 30.12 -38.17
CA LYS C 587 -17.51 30.95 -37.47
C LYS C 587 -18.17 31.95 -38.42
N GLN C 588 -17.38 32.59 -39.28
CA GLN C 588 -17.95 33.56 -40.22
C GLN C 588 -18.85 32.87 -41.25
N ARG C 589 -18.55 31.63 -41.59
CA ARG C 589 -19.40 30.91 -42.53
C ARG C 589 -20.70 30.44 -41.88
N LEU C 590 -20.63 29.98 -40.63
CA LEU C 590 -21.84 29.63 -39.90
C LEU C 590 -22.70 30.86 -39.68
N LEU C 591 -22.08 32.03 -39.50
CA LEU C 591 -22.84 33.27 -39.31
C LEU C 591 -23.30 33.88 -40.63
N SER C 592 -22.77 33.42 -41.76
CA SER C 592 -23.30 33.77 -43.07
C SER C 592 -24.25 32.72 -43.61
N ASP C 593 -24.54 31.68 -42.82
CA ASP C 593 -25.43 30.62 -43.24
C ASP C 593 -26.88 31.06 -43.11
N PRO C 594 -27.68 31.00 -44.16
CA PRO C 594 -29.12 31.28 -44.01
C PRO C 594 -29.83 30.30 -43.10
N ALA C 595 -29.26 29.11 -42.88
CA ALA C 595 -29.90 28.10 -42.04
C ALA C 595 -29.74 28.38 -40.55
N ILE C 596 -28.79 29.24 -40.16
CA ILE C 596 -28.50 29.51 -38.75
C ILE C 596 -28.95 30.93 -38.43
N GLN C 597 -29.79 31.07 -37.41
CA GLN C 597 -30.22 32.37 -36.92
C GLN C 597 -29.25 32.82 -35.84
N GLN C 598 -28.75 34.04 -35.97
CA GLN C 598 -27.80 34.57 -35.01
C GLN C 598 -28.44 34.70 -33.63
N LEU C 599 -27.61 34.62 -32.60
CA LEU C 599 -28.11 34.59 -31.23
C LEU C 599 -28.79 35.89 -30.83
N ALA C 600 -28.53 36.99 -31.55
CA ALA C 600 -29.19 38.25 -31.27
C ALA C 600 -30.59 38.33 -31.87
N ASP C 601 -30.93 37.42 -32.78
CA ASP C 601 -32.20 37.46 -33.49
C ASP C 601 -33.21 36.46 -32.98
N VAL C 602 -32.89 35.71 -31.93
CA VAL C 602 -33.79 34.72 -31.35
C VAL C 602 -33.95 35.00 -29.87
N SER C 603 -35.16 34.78 -29.37
CA SER C 603 -35.45 34.92 -27.95
C SER C 603 -35.41 33.56 -27.28
N ASN C 604 -35.34 33.57 -25.95
CA ASN C 604 -35.43 32.33 -25.20
C ASN C 604 -36.78 31.66 -25.42
N LYS C 605 -37.84 32.46 -25.55
CA LYS C 605 -39.15 31.91 -25.88
C LYS C 605 -39.16 31.29 -27.27
N ASP C 606 -38.46 31.92 -28.23
CA ASP C 606 -38.40 31.38 -29.58
C ASP C 606 -37.71 30.03 -29.62
N ILE C 607 -36.66 29.86 -28.81
CA ILE C 607 -35.92 28.61 -28.81
C ILE C 607 -36.80 27.45 -28.34
N VAL C 608 -37.58 27.67 -27.28
CA VAL C 608 -38.39 26.59 -26.74
C VAL C 608 -39.72 26.44 -27.50
N ARG C 609 -40.34 27.54 -27.92
CA ARG C 609 -41.63 27.42 -28.59
C ARG C 609 -41.48 26.94 -30.03
N LYS C 610 -40.41 27.32 -30.71
CA LYS C 610 -40.16 26.86 -32.07
C LYS C 610 -39.24 25.64 -32.12
N GLY C 611 -38.77 25.17 -30.98
CA GLY C 611 -37.92 23.99 -30.95
C GLY C 611 -36.60 24.18 -31.67
N LEU C 612 -35.98 25.34 -31.52
CA LEU C 612 -34.72 25.60 -32.18
C LEU C 612 -33.58 24.79 -31.54
N ALA C 613 -32.54 24.57 -32.33
CA ALA C 613 -31.39 23.76 -31.91
C ALA C 613 -30.18 24.67 -31.78
N ARG C 614 -29.56 24.66 -30.61
CA ARG C 614 -28.40 25.51 -30.37
C ARG C 614 -27.20 24.99 -31.14
N VAL C 615 -26.43 25.92 -31.72
CA VAL C 615 -25.24 25.59 -32.49
C VAL C 615 -24.03 26.17 -31.76
N PHE C 616 -23.02 25.33 -31.53
CA PHE C 616 -21.81 25.74 -30.84
C PHE C 616 -20.61 25.52 -31.76
N ILE C 617 -19.64 26.44 -31.69
CA ILE C 617 -18.34 26.23 -32.31
C ILE C 617 -17.27 26.47 -31.25
N ASN C 618 -16.51 25.41 -30.94
CA ASN C 618 -15.52 25.43 -29.86
C ASN C 618 -16.16 25.81 -28.53
N GLY C 619 -17.39 25.40 -28.30
CA GLY C 619 -18.08 25.66 -27.07
C GLY C 619 -18.84 26.98 -27.01
N GLU C 620 -18.58 27.89 -27.94
CA GLU C 620 -19.24 29.19 -27.96
C GLU C 620 -20.59 29.07 -28.65
N TRP C 621 -21.65 29.36 -27.92
CA TRP C 621 -22.98 29.37 -28.50
C TRP C 621 -23.12 30.57 -29.44
N ILE C 622 -23.33 30.29 -30.72
CA ILE C 622 -23.34 31.34 -31.73
C ILE C 622 -24.73 31.56 -32.35
N GLY C 623 -25.61 30.58 -32.31
CA GLY C 623 -26.89 30.75 -32.96
C GLY C 623 -27.76 29.51 -32.79
N CYS C 624 -28.84 29.49 -33.56
CA CYS C 624 -29.79 28.38 -33.52
C CYS C 624 -30.16 28.00 -34.94
N CYS C 625 -30.60 26.75 -35.10
CA CYS C 625 -31.06 26.24 -36.38
C CYS C 625 -32.36 25.47 -36.18
N THR C 626 -33.15 25.38 -37.25
CA THR C 626 -34.42 24.68 -37.17
C THR C 626 -34.29 23.17 -37.37
N ASN C 627 -33.13 22.71 -37.85
CA ASN C 627 -32.90 21.28 -38.10
C ASN C 627 -31.45 20.97 -37.76
N ALA C 628 -31.23 20.35 -36.60
CA ALA C 628 -29.87 20.06 -36.15
C ALA C 628 -29.24 18.94 -36.98
N PHE C 629 -30.01 17.90 -37.28
CA PHE C 629 -29.49 16.78 -38.05
C PHE C 629 -29.12 17.20 -39.46
N GLU C 630 -29.95 18.03 -40.08
CA GLU C 630 -29.70 18.45 -41.46
C GLU C 630 -28.48 19.35 -41.56
N LEU C 631 -28.23 20.17 -40.54
CA LEU C 631 -27.06 21.05 -40.57
C LEU C 631 -25.77 20.26 -40.40
N ALA C 632 -25.74 19.35 -39.43
CA ALA C 632 -24.55 18.52 -39.24
C ALA C 632 -24.30 17.63 -40.44
N GLN C 633 -25.37 17.09 -41.04
CA GLN C 633 -25.21 16.28 -42.24
C GLN C 633 -24.68 17.11 -43.40
N ARG C 634 -25.13 18.37 -43.52
CA ARG C 634 -24.72 19.19 -44.65
C ARG C 634 -23.29 19.68 -44.50
N TYR C 635 -22.85 19.99 -43.28
CA TYR C 635 -21.48 20.44 -43.07
C TYR C 635 -20.47 19.30 -43.07
N ARG C 636 -20.92 18.08 -42.77
CA ARG C 636 -20.04 16.93 -42.92
C ARG C 636 -19.72 16.68 -44.39
N MET C 637 -20.72 16.86 -45.27
CA MET C 637 -20.46 16.69 -46.70
C MET C 637 -19.60 17.83 -47.25
N LEU C 638 -19.64 19.00 -46.63
CA LEU C 638 -18.74 20.08 -47.01
C LEU C 638 -17.31 19.81 -46.56
N ARG C 639 -17.14 19.06 -45.48
CA ARG C 639 -15.82 18.69 -45.02
C ARG C 639 -15.17 17.67 -45.94
N ARG C 640 -15.98 16.86 -46.64
CA ARG C 640 -15.43 15.85 -47.53
C ARG C 640 -14.69 16.47 -48.71
N GLU C 641 -15.22 17.55 -49.29
CA GLU C 641 -14.46 18.25 -50.31
C GLU C 641 -13.22 18.89 -49.71
N GLY C 642 -13.35 19.48 -48.51
CA GLY C 642 -12.25 20.09 -47.82
C GLY C 642 -11.95 21.52 -48.23
N LYS C 643 -12.53 22.00 -49.33
CA LYS C 643 -12.28 23.36 -49.80
C LYS C 643 -12.94 24.41 -48.92
N VAL C 644 -14.00 24.05 -48.19
CA VAL C 644 -14.80 24.98 -47.42
C VAL C 644 -14.65 24.73 -45.92
N VAL C 645 -14.80 23.49 -45.50
CA VAL C 645 -14.65 23.08 -44.10
C VAL C 645 -13.39 22.23 -44.00
N HIS C 646 -12.54 22.55 -43.04
CA HIS C 646 -11.26 21.86 -42.92
C HIS C 646 -11.49 20.38 -42.60
N PRO C 647 -10.68 19.48 -43.16
CA PRO C 647 -10.88 18.05 -42.88
C PRO C 647 -10.74 17.68 -41.42
N HIS C 648 -10.01 18.46 -40.63
CA HIS C 648 -9.78 18.17 -39.21
C HIS C 648 -10.80 18.84 -38.31
N THR C 649 -12.02 19.07 -38.79
CA THR C 649 -13.06 19.73 -38.02
C THR C 649 -14.01 18.68 -37.46
N THR C 650 -14.21 18.71 -36.14
CA THR C 650 -15.13 17.80 -35.49
C THR C 650 -16.55 18.35 -35.62
N ILE C 651 -17.46 17.52 -36.10
CA ILE C 651 -18.86 17.88 -36.25
C ILE C 651 -19.67 16.87 -35.45
N TYR C 652 -20.24 17.31 -34.34
CA TYR C 652 -20.98 16.44 -33.45
C TYR C 652 -22.43 16.89 -33.39
N TRP C 653 -23.36 15.94 -33.51
CA TRP C 653 -24.78 16.21 -33.39
C TRP C 653 -25.31 15.44 -32.20
N ASP C 654 -25.81 16.15 -31.19
CA ASP C 654 -26.34 15.53 -29.98
C ASP C 654 -27.82 15.26 -30.20
N SER C 655 -28.16 14.00 -30.49
CA SER C 655 -29.56 13.67 -30.74
C SER C 655 -30.38 13.65 -29.47
N MET C 656 -29.75 13.62 -28.30
CA MET C 656 -30.48 13.61 -27.04
C MET C 656 -31.07 14.98 -26.72
N VAL C 657 -30.32 16.05 -26.95
CA VAL C 657 -30.77 17.41 -26.68
C VAL C 657 -30.85 18.26 -27.93
N ASP C 658 -30.56 17.70 -29.11
CA ASP C 658 -30.68 18.38 -30.40
C ASP C 658 -29.80 19.63 -30.43
N GLU C 659 -28.50 19.38 -30.35
CA GLU C 659 -27.48 20.43 -30.43
C GLU C 659 -26.38 20.00 -31.40
N VAL C 660 -25.79 20.97 -32.08
CA VAL C 660 -24.72 20.74 -33.03
C VAL C 660 -23.46 21.42 -32.52
N GLU C 661 -22.38 20.66 -32.42
CA GLU C 661 -21.11 21.17 -31.89
C GLU C 661 -20.03 21.07 -32.96
N PHE C 662 -19.31 22.17 -33.16
CA PHE C 662 -18.12 22.20 -34.00
C PHE C 662 -16.90 22.38 -33.11
N TRP C 663 -15.89 21.55 -33.31
CA TRP C 663 -14.66 21.62 -32.52
C TRP C 663 -13.48 21.73 -33.46
N LEU C 664 -12.60 22.70 -33.19
CA LEU C 664 -11.38 22.91 -33.96
C LEU C 664 -10.18 23.14 -33.07
N ASP C 665 -10.26 22.82 -31.79
CA ASP C 665 -9.20 23.17 -30.86
C ASP C 665 -8.10 22.11 -30.85
N VAL C 666 -6.94 22.52 -30.35
CA VAL C 666 -5.81 21.60 -30.22
C VAL C 666 -6.09 20.59 -29.13
N GLY C 667 -5.52 19.41 -29.27
CA GLY C 667 -5.60 18.38 -28.25
C GLY C 667 -6.59 17.27 -28.50
N ARG C 668 -7.27 17.26 -29.64
CA ARG C 668 -8.20 16.19 -29.96
C ARG C 668 -7.45 15.03 -30.58
N LEU C 669 -7.84 13.81 -30.21
CA LEU C 669 -7.32 12.62 -30.87
C LEU C 669 -8.15 12.32 -32.09
N THR C 670 -7.49 12.06 -33.21
CA THR C 670 -8.19 11.68 -34.43
C THR C 670 -7.53 10.47 -35.05
N ARG C 671 -8.31 9.74 -35.83
CA ARG C 671 -7.83 8.62 -36.62
C ARG C 671 -8.58 8.62 -37.93
N PRO C 672 -7.95 8.18 -39.02
CA PRO C 672 -8.67 8.07 -40.29
C PRO C 672 -9.56 6.84 -40.31
N LEU C 673 -10.76 7.01 -40.86
CA LEU C 673 -11.72 5.93 -41.01
C LEU C 673 -12.22 5.95 -42.45
N LEU C 674 -12.26 4.78 -43.08
CA LEU C 674 -12.73 4.70 -44.46
C LEU C 674 -14.24 4.86 -44.50
N ILE C 675 -14.71 5.75 -45.36
CA ILE C 675 -16.13 6.09 -45.43
C ILE C 675 -16.88 4.98 -46.15
N VAL C 676 -18.04 4.61 -45.60
CA VAL C 676 -18.92 3.61 -46.19
C VAL C 676 -20.14 4.33 -46.76
N ASP C 677 -20.42 4.08 -48.02
CA ASP C 677 -21.56 4.68 -48.71
C ASP C 677 -22.54 3.60 -49.12
N ASN C 678 -23.82 3.97 -49.20
CA ASN C 678 -24.87 3.03 -49.56
C ASN C 678 -25.80 3.68 -50.57
N ASN C 679 -26.84 2.95 -50.97
CA ASN C 679 -27.85 3.42 -51.89
C ASN C 679 -29.22 3.47 -51.22
N ILE C 680 -29.24 3.94 -49.97
CA ILE C 680 -30.50 3.97 -49.22
C ILE C 680 -31.50 4.93 -49.84
N GLU C 681 -31.05 5.91 -50.63
CA GLU C 681 -32.00 6.78 -51.31
C GLU C 681 -32.74 6.03 -52.41
N LYS C 682 -32.01 5.31 -53.25
CA LYS C 682 -32.66 4.51 -54.28
C LYS C 682 -33.42 3.33 -53.67
N TYR C 683 -32.90 2.75 -52.60
CA TYR C 683 -33.60 1.64 -51.95
C TYR C 683 -34.94 2.09 -51.39
N ASN C 684 -34.97 3.27 -50.77
CA ASN C 684 -36.22 3.80 -50.23
C ASN C 684 -37.21 4.11 -51.35
N GLN C 685 -36.73 4.69 -52.46
CA GLN C 685 -37.62 5.00 -53.57
C GLN C 685 -38.22 3.74 -54.16
N ALA C 686 -37.42 2.68 -54.29
CA ALA C 686 -37.94 1.43 -54.83
C ALA C 686 -38.97 0.79 -53.91
N CYS C 687 -38.84 1.01 -52.60
CA CYS C 687 -39.85 0.51 -51.66
C CYS C 687 -41.19 1.21 -51.89
N TYR C 688 -41.17 2.51 -52.15
CA TYR C 688 -42.40 3.24 -52.41
C TYR C 688 -43.03 2.81 -53.73
N LYS C 689 -42.21 2.61 -54.77
CA LYS C 689 -42.74 2.19 -56.05
C LYS C 689 -43.32 0.77 -55.97
N ALA C 690 -42.68 -0.10 -55.19
CA ALA C 690 -43.22 -1.44 -55.01
C ALA C 690 -44.54 -1.41 -54.24
N ALA C 691 -44.61 -0.57 -53.19
CA ALA C 691 -45.87 -0.42 -52.45
C ALA C 691 -46.94 0.22 -53.32
N GLU C 692 -46.55 1.21 -54.14
CA GLU C 692 -47.50 1.84 -55.05
C GLU C 692 -48.07 0.83 -56.04
N ALA C 693 -47.22 -0.05 -56.56
CA ALA C 693 -47.70 -1.07 -57.50
C ALA C 693 -48.62 -2.06 -56.80
N ARG C 694 -48.33 -2.41 -55.54
CA ARG C 694 -49.17 -3.35 -54.82
C ARG C 694 -50.57 -2.78 -54.59
N LYS C 695 -50.65 -1.50 -54.24
CA LYS C 695 -51.96 -0.88 -54.03
C LYS C 695 -52.76 -0.76 -55.32
N LYS C 696 -52.10 -0.88 -56.47
CA LYS C 696 -52.75 -0.81 -57.76
C LYS C 696 -53.23 -2.18 -58.24
N GLY C 697 -53.14 -3.21 -57.38
CA GLY C 697 -53.60 -4.53 -57.72
C GLY C 697 -52.63 -5.35 -58.54
N ASP C 698 -51.43 -4.84 -58.80
CA ASP C 698 -50.45 -5.58 -59.59
C ASP C 698 -49.98 -6.82 -58.85
N LYS C 699 -49.77 -7.90 -59.59
CA LYS C 699 -49.30 -9.14 -58.97
C LYS C 699 -47.79 -9.12 -58.77
N ASP C 700 -47.06 -8.58 -59.74
CA ASP C 700 -45.60 -8.52 -59.65
C ASP C 700 -45.13 -7.21 -59.03
N TRP C 701 -45.64 -6.90 -57.83
CA TRP C 701 -45.21 -5.69 -57.14
C TRP C 701 -43.83 -5.83 -56.53
N GLU C 702 -43.36 -7.06 -56.32
CA GLU C 702 -42.06 -7.27 -55.70
C GLU C 702 -40.90 -7.00 -56.65
N LYS C 703 -41.15 -6.93 -57.96
CA LYS C 703 -40.07 -6.73 -58.91
C LYS C 703 -39.65 -5.27 -59.03
N HIS C 704 -40.32 -4.36 -58.33
CA HIS C 704 -39.94 -2.96 -58.33
C HIS C 704 -38.92 -2.62 -57.24
N LYS C 705 -38.60 -3.56 -56.37
CA LYS C 705 -37.58 -3.36 -55.35
C LYS C 705 -36.20 -3.60 -55.92
N ILE C 706 -35.20 -3.00 -55.29
CA ILE C 706 -33.81 -3.23 -55.65
C ILE C 706 -33.07 -3.67 -54.38
N PRO C 707 -32.01 -4.46 -54.50
CA PRO C 707 -31.26 -4.85 -53.30
C PRO C 707 -30.50 -3.68 -52.70
N PHE C 708 -30.37 -3.71 -51.38
CA PHE C 708 -29.54 -2.72 -50.69
C PHE C 708 -28.07 -3.04 -50.90
N ILE C 709 -27.26 -2.00 -51.07
CA ILE C 709 -25.83 -2.16 -51.27
C ILE C 709 -25.10 -1.12 -50.43
N GLN C 710 -24.11 -1.56 -49.66
CA GLN C 710 -23.21 -0.67 -48.94
C GLN C 710 -21.79 -1.14 -49.13
N ASN C 711 -20.88 -0.20 -49.33
CA ASN C 711 -19.50 -0.55 -49.63
C ASN C 711 -18.61 0.65 -49.34
N THR C 712 -17.33 0.38 -49.19
CA THR C 712 -16.31 1.42 -49.16
C THR C 712 -15.74 1.60 -50.56
N ARG C 713 -15.24 2.80 -50.82
CA ARG C 713 -14.69 3.11 -52.13
C ARG C 713 -13.21 2.75 -52.25
N PHE C 714 -12.60 2.24 -51.20
CA PHE C 714 -11.23 1.77 -51.24
C PHE C 714 -11.14 0.52 -52.13
N THR C 715 -10.30 0.57 -53.15
CA THR C 715 -10.15 -0.51 -54.11
C THR C 715 -8.81 -1.21 -53.94
N PRO C 716 -8.66 -2.43 -54.46
CA PRO C 716 -7.34 -3.07 -54.44
C PRO C 716 -6.27 -2.28 -55.18
N GLN C 717 -6.65 -1.52 -56.21
CA GLN C 717 -5.69 -0.69 -56.92
C GLN C 717 -5.19 0.45 -56.04
N MET C 718 -6.03 0.96 -55.14
CA MET C 718 -5.58 2.01 -54.22
C MET C 718 -4.53 1.46 -53.26
N ALA C 719 -4.67 0.20 -52.83
CA ALA C 719 -3.66 -0.41 -51.99
C ALA C 719 -2.33 -0.52 -52.72
N LYS C 720 -2.37 -0.88 -54.01
CA LYS C 720 -1.14 -0.98 -54.79
C LYS C 720 -0.51 0.39 -55.03
N ASP C 721 -1.33 1.43 -55.18
CA ASP C 721 -0.79 2.77 -55.37
C ASP C 721 -0.16 3.30 -54.08
N ILE C 722 -0.69 2.90 -52.92
CA ILE C 722 -0.08 3.30 -51.66
C ILE C 722 1.33 2.72 -51.54
N LEU C 723 1.49 1.44 -51.88
CA LEU C 723 2.78 0.79 -51.77
C LEU C 723 3.77 1.31 -52.80
N ALA C 724 3.28 1.78 -53.95
CA ALA C 724 4.13 2.43 -54.93
C ALA C 724 4.47 3.86 -54.55
N GLY C 725 3.85 4.40 -53.50
CA GLY C 725 4.10 5.74 -53.05
C GLY C 725 3.33 6.82 -53.78
N THR C 726 2.51 6.46 -54.76
CA THR C 726 1.80 7.43 -55.58
C THR C 726 0.42 7.77 -55.03
N LEU C 727 0.08 7.28 -53.84
CA LEU C 727 -1.19 7.60 -53.20
C LEU C 727 -0.94 7.74 -51.70
N THR C 728 -1.22 8.92 -51.16
CA THR C 728 -0.99 9.21 -49.75
C THR C 728 -2.33 9.38 -49.05
N LEU C 729 -2.27 9.55 -47.73
CA LEU C 729 -3.49 9.77 -46.96
C LEU C 729 -4.12 11.12 -47.28
N GLU C 730 -3.32 12.09 -47.73
CA GLU C 730 -3.85 13.42 -48.02
C GLU C 730 -4.85 13.39 -49.17
N ASP C 731 -4.54 12.65 -50.23
CA ASP C 731 -5.46 12.60 -51.36
C ASP C 731 -6.48 11.47 -51.25
N LEU C 732 -6.33 10.58 -50.26
CA LEU C 732 -7.45 9.72 -49.90
C LEU C 732 -8.52 10.50 -49.17
N VAL C 733 -8.10 11.46 -48.33
CA VAL C 733 -9.05 12.38 -47.70
C VAL C 733 -9.62 13.34 -48.75
N ALA C 734 -8.77 13.82 -49.66
CA ALA C 734 -9.22 14.78 -50.66
C ALA C 734 -10.24 14.17 -51.62
N GLN C 735 -10.17 12.87 -51.86
CA GLN C 735 -11.09 12.20 -52.77
C GLN C 735 -12.32 11.66 -52.05
N GLY C 736 -12.50 11.97 -50.77
CA GLY C 736 -13.66 11.54 -50.04
C GLY C 736 -13.75 10.04 -49.82
N ILE C 737 -12.62 9.40 -49.57
CA ILE C 737 -12.57 7.96 -49.33
C ILE C 737 -12.43 7.66 -47.84
N CYS C 738 -11.64 8.47 -47.13
CA CYS C 738 -11.52 8.37 -45.68
C CYS C 738 -11.64 9.76 -45.07
N GLU C 739 -11.92 9.80 -43.77
CA GLU C 739 -12.01 11.05 -43.05
C GLU C 739 -11.60 10.83 -41.61
N PHE C 740 -11.20 11.91 -40.95
CA PHE C 740 -10.74 11.85 -39.58
C PHE C 740 -11.91 11.91 -38.62
N ILE C 741 -11.87 11.07 -37.58
CA ILE C 741 -12.92 10.99 -36.58
C ILE C 741 -12.30 11.09 -35.20
N THR C 742 -12.83 11.98 -34.39
CA THR C 742 -12.57 12.37 -33.02
C THR C 742 -13.45 11.56 -32.07
N PRO C 743 -13.02 11.27 -30.84
CA PRO C 743 -13.87 10.46 -29.95
C PRO C 743 -15.25 11.04 -29.67
N GLU C 744 -15.45 12.35 -29.80
CA GLU C 744 -16.81 12.85 -29.64
C GLU C 744 -17.62 12.73 -30.92
N GLU C 745 -16.96 12.86 -32.08
CA GLU C 745 -17.66 12.59 -33.33
C GLU C 745 -17.88 11.10 -33.55
N ALA C 746 -17.09 10.24 -32.89
CA ALA C 746 -17.26 8.81 -33.01
C ALA C 746 -18.58 8.31 -32.44
N GLU C 747 -19.27 9.14 -31.66
CA GLU C 747 -20.59 8.78 -31.15
C GLU C 747 -21.69 8.92 -32.19
N ASN C 748 -21.38 9.51 -33.35
CA ASN C 748 -22.29 9.58 -34.48
C ASN C 748 -21.89 8.60 -35.58
N CYS C 749 -21.10 7.58 -35.26
CA CYS C 749 -20.57 6.67 -36.24
C CYS C 749 -20.95 5.24 -35.89
N LEU C 750 -21.25 4.45 -36.92
CA LEU C 750 -21.41 3.00 -36.79
C LEU C 750 -20.33 2.36 -37.66
N VAL C 751 -19.32 1.79 -37.01
CA VAL C 751 -18.11 1.34 -37.69
C VAL C 751 -18.14 -0.17 -37.82
N ALA C 752 -17.85 -0.67 -39.03
CA ALA C 752 -17.63 -2.09 -39.24
C ALA C 752 -16.20 -2.43 -38.84
N PHE C 753 -16.04 -3.44 -38.00
CA PHE C 753 -14.73 -3.68 -37.41
C PHE C 753 -13.70 -4.19 -38.40
N SER C 754 -14.12 -4.63 -39.59
CA SER C 754 -13.17 -5.05 -40.62
C SER C 754 -13.87 -5.01 -41.96
N ILE C 755 -13.09 -5.18 -43.02
CA ILE C 755 -13.63 -5.27 -44.37
C ILE C 755 -14.39 -6.58 -44.59
N ILE C 756 -14.19 -7.56 -43.72
CA ILE C 756 -14.93 -8.81 -43.82
C ILE C 756 -16.33 -8.65 -43.22
N GLU C 757 -16.45 -7.85 -42.16
CA GLU C 757 -17.76 -7.57 -41.60
C GLU C 757 -18.58 -6.67 -42.51
N LEU C 758 -17.93 -5.75 -43.22
CA LEU C 758 -18.64 -4.92 -44.18
C LEU C 758 -19.17 -5.76 -45.34
N ARG C 759 -18.40 -6.75 -45.78
CA ARG C 759 -18.84 -7.59 -46.89
C ARG C 759 -19.93 -8.56 -46.46
N LYS C 760 -19.93 -8.98 -45.20
CA LYS C 760 -20.99 -9.84 -44.70
C LYS C 760 -22.33 -9.12 -44.71
N HIS C 761 -22.32 -7.81 -44.46
CA HIS C 761 -23.53 -7.00 -44.41
C HIS C 761 -23.66 -6.10 -45.64
N LYS C 762 -23.18 -6.56 -46.80
CA LYS C 762 -23.25 -5.73 -48.00
C LYS C 762 -24.68 -5.42 -48.41
N HIS C 763 -25.59 -6.37 -48.20
CA HIS C 763 -27.00 -6.18 -48.55
C HIS C 763 -27.89 -6.16 -47.32
N ASP C 764 -27.33 -5.87 -46.15
CA ASP C 764 -28.11 -5.79 -44.91
C ASP C 764 -28.57 -4.36 -44.72
N VAL C 765 -29.86 -4.11 -44.97
CA VAL C 765 -30.41 -2.77 -44.80
C VAL C 765 -30.65 -2.44 -43.34
N THR C 766 -30.63 -3.44 -42.46
CA THR C 766 -30.86 -3.22 -41.04
C THR C 766 -29.58 -2.94 -40.26
N ARG C 767 -28.43 -2.88 -40.94
CA ARG C 767 -27.17 -2.55 -40.31
C ARG C 767 -26.36 -1.78 -41.35
N ARG C 768 -26.48 -0.45 -41.31
CA ARG C 768 -25.89 0.44 -42.30
C ARG C 768 -24.74 1.18 -41.63
N PHE C 769 -23.52 0.73 -41.90
CA PHE C 769 -22.35 1.33 -41.30
C PHE C 769 -22.05 2.69 -41.93
N THR C 770 -21.46 3.57 -41.15
CA THR C 770 -20.97 4.85 -41.65
C THR C 770 -19.51 4.78 -42.05
N HIS C 771 -18.73 3.94 -41.39
CA HIS C 771 -17.31 3.78 -41.68
C HIS C 771 -16.94 2.31 -41.54
N VAL C 772 -15.77 1.97 -42.07
CA VAL C 772 -15.22 0.63 -41.94
C VAL C 772 -13.81 0.75 -41.36
N ASP C 773 -13.49 -0.14 -40.42
CA ASP C 773 -12.24 -0.07 -39.68
C ASP C 773 -11.25 -1.09 -40.22
N VAL C 774 -9.97 -0.78 -40.03
CA VAL C 774 -8.88 -1.75 -40.21
C VAL C 774 -8.57 -2.32 -38.83
N PRO C 775 -8.68 -3.63 -38.63
CA PRO C 775 -8.68 -4.17 -37.26
C PRO C 775 -7.44 -3.84 -36.46
N GLN C 776 -6.28 -3.71 -37.12
CA GLN C 776 -5.03 -3.47 -36.41
C GLN C 776 -4.91 -2.05 -35.87
N ALA C 777 -5.88 -1.19 -36.16
CA ALA C 777 -5.83 0.20 -35.71
C ALA C 777 -6.14 0.36 -34.22
N ILE C 778 -6.62 -0.68 -33.55
CA ILE C 778 -6.98 -0.59 -32.15
C ILE C 778 -5.81 -0.88 -31.21
N LEU C 779 -4.67 -1.27 -31.75
CA LEU C 779 -3.50 -1.61 -30.95
C LEU C 779 -2.41 -0.57 -31.15
N GLY C 780 -1.59 -0.38 -30.11
CA GLY C 780 -0.45 0.49 -30.19
C GLY C 780 0.73 -0.18 -30.87
N LEU C 781 1.86 0.52 -30.86
CA LEU C 781 3.03 0.01 -31.56
C LEU C 781 3.65 -1.17 -30.81
N ALA C 782 3.72 -1.10 -29.48
CA ALA C 782 4.35 -2.18 -28.73
C ALA C 782 3.44 -3.40 -28.64
N ALA C 783 2.13 -3.22 -28.74
CA ALA C 783 1.21 -4.34 -28.71
C ALA C 783 1.10 -5.04 -30.06
N LEU C 784 1.57 -4.41 -31.12
CA LEU C 784 1.60 -5.03 -32.44
C LEU C 784 2.84 -5.88 -32.66
N VAL C 785 3.79 -5.85 -31.72
CA VAL C 785 4.97 -6.71 -31.81
C VAL C 785 4.57 -8.16 -31.59
N SER C 786 3.61 -8.41 -30.72
CA SER C 786 3.17 -9.77 -30.40
C SER C 786 2.51 -10.42 -31.61
N PRO C 787 2.99 -11.58 -32.08
CA PRO C 787 2.40 -12.20 -33.26
C PRO C 787 1.14 -12.98 -32.90
N TYR C 788 0.15 -12.91 -33.79
CA TYR C 788 -1.14 -13.56 -33.58
C TYR C 788 -1.70 -13.18 -32.21
N ALA C 789 -1.65 -11.88 -31.91
CA ALA C 789 -2.01 -11.41 -30.57
C ALA C 789 -3.45 -11.72 -30.22
N ASN C 790 -4.33 -11.82 -31.22
CA ASN C 790 -5.72 -12.18 -30.96
C ASN C 790 -5.88 -13.66 -30.61
N CYS C 791 -4.85 -14.48 -30.80
CA CYS C 791 -4.88 -15.86 -30.38
C CYS C 791 -4.31 -16.06 -28.99
N THR C 792 -3.76 -15.02 -28.39
CA THR C 792 -3.22 -15.05 -27.04
C THR C 792 -4.24 -14.47 -26.07
N GLN C 793 -4.20 -14.92 -24.83
CA GLN C 793 -5.03 -14.32 -23.80
C GLN C 793 -4.72 -12.83 -23.72
N PRO C 794 -5.73 -11.95 -23.75
CA PRO C 794 -5.45 -10.51 -23.90
C PRO C 794 -4.58 -9.93 -22.79
N ALA C 795 -4.69 -10.43 -21.56
CA ALA C 795 -3.82 -9.93 -20.49
C ALA C 795 -2.35 -10.23 -20.77
N ARG C 796 -2.09 -11.29 -21.52
CA ARG C 796 -0.71 -11.62 -21.88
C ARG C 796 -0.16 -10.66 -22.93
N VAL C 797 -1.03 -10.07 -23.74
CA VAL C 797 -0.59 -9.06 -24.69
C VAL C 797 -0.18 -7.80 -23.95
N THR C 798 -0.82 -7.50 -22.81
CA THR C 798 -0.40 -6.39 -21.98
C THR C 798 1.02 -6.61 -21.44
N TYR C 799 1.33 -7.86 -21.09
CA TYR C 799 2.67 -8.17 -20.61
C TYR C 799 3.72 -7.90 -21.68
N GLU C 800 3.43 -8.28 -22.93
CA GLU C 800 4.39 -8.11 -24.00
C GLU C 800 4.67 -6.64 -24.28
N THR C 801 3.68 -5.75 -24.07
CA THR C 801 3.94 -4.33 -24.20
C THR C 801 4.99 -3.86 -23.20
N ASN C 802 4.93 -4.40 -21.98
CA ASN C 802 5.95 -4.07 -20.98
C ASN C 802 7.26 -4.77 -21.29
N GLN C 803 7.22 -6.04 -21.68
CA GLN C 803 8.43 -6.82 -21.91
C GLN C 803 9.11 -6.46 -23.22
N GLY C 804 8.35 -6.04 -24.23
CA GLY C 804 8.95 -5.62 -25.49
C GLY C 804 9.67 -4.30 -25.41
N ARG C 805 9.38 -3.49 -24.40
CA ARG C 805 10.01 -2.20 -24.21
C ARG C 805 11.23 -2.26 -23.30
N GLN C 806 11.54 -3.41 -22.73
CA GLN C 806 12.69 -3.59 -21.85
C GLN C 806 13.56 -4.72 -22.35
N THR C 807 13.63 -4.87 -23.66
CA THR C 807 14.34 -5.95 -24.32
C THR C 807 15.69 -5.45 -24.83
N GLY C 808 16.72 -6.28 -24.66
CA GLY C 808 18.03 -5.92 -25.16
C GLY C 808 18.03 -5.83 -26.68
N GLY C 809 18.80 -4.88 -27.20
CA GLY C 809 18.91 -4.72 -28.63
C GLY C 809 19.88 -3.61 -28.95
N TRP C 810 19.81 -3.11 -30.18
CA TRP C 810 20.57 -1.91 -30.51
C TRP C 810 19.85 -0.72 -29.90
N TYR C 811 20.17 -0.40 -28.64
CA TYR C 811 19.38 0.61 -27.91
C TYR C 811 19.50 1.98 -28.56
N CYS C 812 20.61 2.24 -29.25
CA CYS C 812 20.80 3.50 -29.94
C CYS C 812 21.77 3.23 -31.09
N PHE C 813 21.58 3.95 -32.20
CA PHE C 813 22.50 3.80 -33.31
C PHE C 813 23.74 4.66 -33.16
N SER C 814 23.74 5.61 -32.22
CA SER C 814 24.88 6.47 -31.95
C SER C 814 25.49 6.18 -30.57
N TRP C 815 25.43 4.92 -30.15
CA TRP C 815 25.93 4.55 -28.82
C TRP C 815 27.40 4.88 -28.58
N PRO C 816 28.34 4.70 -29.52
CA PRO C 816 29.75 4.98 -29.18
C PRO C 816 30.01 6.43 -28.84
N TYR C 817 29.18 7.36 -29.30
CA TYR C 817 29.34 8.78 -29.02
C TYR C 817 28.72 9.20 -27.70
N ARG C 818 28.13 8.27 -26.95
CA ARG C 818 27.39 8.58 -25.75
C ARG C 818 28.08 7.99 -24.53
N VAL C 819 27.97 8.70 -23.41
CA VAL C 819 28.34 8.15 -22.11
C VAL C 819 27.06 7.99 -21.31
N ASP C 820 26.45 6.81 -21.39
CA ASP C 820 25.16 6.55 -20.77
C ASP C 820 25.33 5.58 -19.61
N MET C 821 24.36 5.58 -18.70
CA MET C 821 24.42 4.80 -17.49
C MET C 821 23.39 3.68 -17.54
N ASN C 822 23.84 2.45 -17.27
CA ASN C 822 22.98 1.27 -17.23
C ASN C 822 22.32 1.01 -18.58
N ARG C 823 23.11 1.09 -19.64
CA ARG C 823 22.64 0.86 -20.99
C ARG C 823 23.31 -0.38 -21.57
N PHE C 824 22.54 -1.17 -22.31
CA PHE C 824 22.98 -2.46 -22.81
C PHE C 824 22.84 -2.48 -24.33
N PHE C 825 23.93 -2.81 -25.02
CA PHE C 825 23.93 -2.92 -26.47
C PHE C 825 24.10 -4.38 -26.84
N GLN C 826 22.99 -5.03 -27.21
CA GLN C 826 23.04 -6.41 -27.65
C GLN C 826 23.53 -6.47 -29.10
N PHE C 827 24.52 -7.33 -29.35
CA PHE C 827 25.22 -7.29 -30.63
C PHE C 827 24.33 -7.79 -31.78
N TYR C 828 23.76 -8.96 -31.64
CA TYR C 828 23.07 -9.63 -32.73
C TYR C 828 21.56 -9.52 -32.53
N ASN C 829 20.87 -9.08 -33.58
CA ASN C 829 19.42 -9.02 -33.59
C ASN C 829 18.92 -9.65 -34.87
N GLU C 830 17.74 -10.23 -34.81
CA GLU C 830 17.15 -10.90 -35.96
C GLU C 830 15.74 -10.41 -36.18
N MET C 831 15.34 -10.34 -37.44
CA MET C 831 13.94 -10.16 -37.77
C MET C 831 13.20 -11.46 -37.47
N PRO C 832 12.04 -11.39 -36.84
CA PRO C 832 11.27 -12.62 -36.59
C PRO C 832 10.92 -13.32 -37.89
N LEU C 833 10.92 -14.66 -37.83
CA LEU C 833 10.43 -15.41 -38.98
C LEU C 833 8.95 -15.13 -39.23
N VAL C 834 8.20 -14.91 -38.15
CA VAL C 834 6.84 -14.42 -38.23
C VAL C 834 6.83 -12.99 -37.71
N LYS C 835 7.00 -12.02 -38.62
CA LYS C 835 7.07 -10.62 -38.23
C LYS C 835 5.68 -10.01 -38.21
N THR C 836 5.60 -8.74 -37.84
CA THR C 836 4.35 -8.00 -37.81
C THR C 836 4.56 -6.64 -38.46
N ILE C 837 3.48 -5.85 -38.53
CA ILE C 837 3.57 -4.52 -39.12
C ILE C 837 4.34 -3.57 -38.23
N ALA C 838 4.47 -3.89 -36.94
CA ALA C 838 5.24 -3.05 -36.04
C ALA C 838 6.72 -3.01 -36.39
N HIS C 839 7.21 -3.98 -37.15
CA HIS C 839 8.61 -4.05 -37.52
C HIS C 839 8.94 -3.27 -38.77
N ASN C 840 7.95 -2.60 -39.37
CA ASN C 840 8.21 -1.61 -40.41
C ASN C 840 8.64 -0.27 -39.83
N TYR C 841 8.44 -0.06 -38.53
CA TYR C 841 8.69 1.24 -37.90
C TYR C 841 9.72 1.20 -36.79
N VAL C 842 9.97 0.04 -36.18
CA VAL C 842 11.01 -0.10 -35.17
C VAL C 842 11.87 -1.30 -35.49
N ILE C 843 13.12 -1.25 -35.05
CA ILE C 843 14.04 -2.37 -35.23
C ILE C 843 13.63 -3.51 -34.32
N PRO C 844 13.58 -4.75 -34.81
CA PRO C 844 13.33 -5.88 -33.92
C PRO C 844 14.49 -6.10 -32.96
N ASN C 845 14.14 -6.59 -31.77
CA ASN C 845 15.11 -6.83 -30.70
C ASN C 845 14.94 -8.26 -30.20
N GLY C 846 15.84 -9.14 -30.58
CA GLY C 846 15.79 -10.52 -30.14
C GLY C 846 16.43 -11.43 -31.16
N LEU C 847 16.21 -12.73 -30.96
CA LEU C 847 16.76 -13.76 -31.83
C LEU C 847 15.72 -14.85 -32.04
N ASN C 848 15.82 -15.54 -33.18
CA ASN C 848 14.91 -16.63 -33.50
C ASN C 848 15.47 -17.94 -32.92
N THR C 849 15.42 -18.01 -31.60
CA THR C 849 15.94 -19.17 -30.89
C THR C 849 15.10 -20.41 -31.21
N ILE C 850 15.78 -21.54 -31.38
CA ILE C 850 15.09 -22.83 -31.49
C ILE C 850 14.67 -23.25 -30.10
N VAL C 851 13.37 -23.51 -29.92
CA VAL C 851 12.81 -23.82 -28.61
C VAL C 851 12.20 -25.20 -28.66
N ALA C 852 12.55 -26.04 -27.69
CA ALA C 852 11.90 -27.33 -27.49
C ALA C 852 10.94 -27.22 -26.32
N TYR C 853 9.70 -27.64 -26.53
CA TYR C 853 8.67 -27.60 -25.49
C TYR C 853 8.61 -28.99 -24.89
N MET C 854 9.41 -29.23 -23.85
CA MET C 854 9.55 -30.57 -23.31
C MET C 854 9.98 -30.50 -21.85
N ILE C 855 9.84 -31.63 -21.18
CA ILE C 855 10.36 -31.83 -19.83
C ILE C 855 11.76 -32.43 -19.97
N TYR C 856 12.77 -31.72 -19.47
CA TYR C 856 14.15 -32.18 -19.55
C TYR C 856 14.80 -32.06 -18.18
N GLY C 857 14.61 -33.08 -17.34
CA GLY C 857 15.28 -33.15 -16.06
C GLY C 857 14.66 -32.33 -14.95
N GLY C 858 13.60 -31.57 -15.22
CA GLY C 858 12.97 -30.78 -14.18
C GLY C 858 13.63 -29.45 -13.89
N TYR C 859 14.54 -28.98 -14.74
CA TYR C 859 15.21 -27.71 -14.51
C TYR C 859 14.48 -26.53 -15.12
N ASN C 860 13.41 -26.76 -15.88
CA ASN C 860 12.64 -25.68 -16.47
C ASN C 860 11.25 -25.56 -15.84
N GLN C 861 11.05 -26.13 -14.66
CA GLN C 861 9.76 -26.02 -13.99
C GLN C 861 9.59 -24.63 -13.38
N GLU C 862 8.34 -24.31 -13.08
CA GLU C 862 7.98 -23.06 -12.40
C GLU C 862 8.57 -21.85 -13.11
N ASP C 863 8.48 -21.87 -14.43
CA ASP C 863 8.78 -20.75 -15.32
C ASP C 863 10.28 -20.55 -15.52
N SER C 864 11.11 -21.56 -15.22
CA SER C 864 12.51 -21.55 -15.58
C SER C 864 12.71 -22.08 -16.99
N VAL C 865 13.91 -21.86 -17.53
CA VAL C 865 14.28 -22.38 -18.83
C VAL C 865 15.66 -23.01 -18.75
N ILE C 866 15.93 -23.91 -19.69
CA ILE C 866 17.24 -24.52 -19.88
C ILE C 866 17.84 -23.96 -21.16
N VAL C 867 19.05 -23.42 -21.06
CA VAL C 867 19.71 -22.76 -22.18
C VAL C 867 20.88 -23.62 -22.64
N SER C 868 21.16 -23.56 -23.93
CA SER C 868 22.35 -24.20 -24.48
C SER C 868 23.57 -23.35 -24.15
N GLN C 869 24.59 -23.96 -23.54
CA GLN C 869 25.80 -23.23 -23.25
C GLN C 869 26.50 -22.81 -24.54
N SER C 870 26.43 -23.64 -25.58
CA SER C 870 27.02 -23.28 -26.87
C SER C 870 26.34 -22.05 -27.46
N PHE C 871 25.01 -21.96 -27.34
CA PHE C 871 24.30 -20.78 -27.80
C PHE C 871 24.78 -19.52 -27.08
N ILE C 872 25.13 -19.65 -25.80
CA ILE C 872 25.65 -18.51 -25.05
C ILE C 872 27.05 -18.13 -25.53
N ASP C 873 27.91 -19.12 -25.74
CA ASP C 873 29.30 -18.85 -26.14
C ASP C 873 29.37 -18.20 -27.52
N ARG C 874 28.41 -18.49 -28.38
CA ARG C 874 28.43 -17.96 -29.74
C ARG C 874 27.93 -16.53 -29.84
N GLY C 875 27.45 -15.96 -28.74
CA GLY C 875 26.97 -14.59 -28.75
C GLY C 875 25.47 -14.43 -28.68
N GLY C 876 24.71 -15.49 -28.39
CA GLY C 876 23.28 -15.38 -28.27
C GLY C 876 22.90 -14.51 -27.09
N PHE C 877 22.17 -13.42 -27.33
CA PHE C 877 21.75 -12.48 -26.30
C PHE C 877 22.92 -11.84 -25.56
N ALA C 878 24.11 -11.92 -26.13
CA ALA C 878 25.29 -11.29 -25.55
C ALA C 878 25.41 -9.86 -26.00
N GLY C 879 26.01 -9.04 -25.16
CA GLY C 879 26.20 -7.64 -25.49
C GLY C 879 27.15 -6.99 -24.52
N THR C 880 27.23 -5.67 -24.61
CA THR C 880 28.09 -4.87 -23.74
C THR C 880 27.24 -3.92 -22.92
N PHE C 881 27.50 -3.89 -21.62
CA PHE C 881 26.74 -3.10 -20.66
C PHE C 881 27.61 -1.95 -20.19
N TYR C 882 27.02 -0.77 -20.08
CA TYR C 882 27.78 0.46 -19.86
C TYR C 882 27.35 1.13 -18.57
N ARG C 883 28.31 1.74 -17.89
CA ARG C 883 28.07 2.55 -16.70
C ARG C 883 28.82 3.86 -16.83
N GLU C 884 28.45 4.82 -15.99
CA GLU C 884 28.97 6.17 -16.06
C GLU C 884 29.52 6.58 -14.70
N GLU C 885 30.61 7.35 -14.74
CA GLU C 885 31.20 7.95 -13.54
C GLU C 885 31.46 9.42 -13.83
N LYS C 886 30.59 10.29 -13.33
CA LYS C 886 30.75 11.73 -13.47
C LYS C 886 31.11 12.30 -12.10
N VAL C 887 32.27 12.92 -12.01
CA VAL C 887 32.77 13.49 -10.76
C VAL C 887 33.05 14.97 -10.98
N GLU C 888 32.65 15.79 -10.01
CA GLU C 888 32.80 17.23 -10.11
C GLU C 888 33.80 17.74 -9.08
N LEU C 889 34.27 18.96 -9.32
CA LEU C 889 35.29 19.59 -8.50
C LEU C 889 34.68 20.73 -7.69
N GLU C 890 35.45 21.21 -6.72
CA GLU C 890 35.18 22.47 -6.06
C GLU C 890 36.17 23.50 -6.58
N SER C 891 35.65 24.60 -7.11
CA SER C 891 36.48 25.58 -7.83
C SER C 891 37.62 26.11 -6.96
N ASP C 892 38.85 25.82 -7.38
CA ASP C 892 40.15 26.22 -6.84
C ASP C 892 40.52 25.47 -5.55
N ILE C 893 39.68 24.57 -5.07
CA ILE C 893 40.01 23.73 -3.91
C ILE C 893 40.43 22.34 -4.32
N GLU C 894 39.61 21.67 -5.13
CA GLU C 894 39.86 20.30 -5.53
C GLU C 894 40.60 20.26 -6.86
N SER C 895 41.25 19.12 -7.11
CA SER C 895 41.98 18.92 -8.36
C SER C 895 42.05 17.43 -8.65
N PHE C 896 42.36 17.11 -9.90
CA PHE C 896 42.50 15.73 -10.34
C PHE C 896 43.98 15.38 -10.35
N GLY C 897 44.35 14.33 -9.62
CA GLY C 897 45.73 13.90 -9.59
C GLY C 897 45.90 12.73 -8.63
N LYS C 898 47.00 12.02 -8.82
CA LYS C 898 47.31 10.88 -7.97
C LYS C 898 47.81 11.35 -6.62
N PRO C 899 47.18 10.95 -5.52
CA PRO C 899 47.64 11.38 -4.19
C PRO C 899 48.95 10.69 -3.81
N ASP C 900 49.54 11.19 -2.73
CA ASP C 900 50.74 10.61 -2.16
C ASP C 900 50.52 10.23 -0.71
N PRO C 901 50.94 9.02 -0.31
CA PRO C 901 50.63 8.54 1.05
C PRO C 901 51.25 9.37 2.17
N LEU C 902 52.35 10.08 1.90
CA LEU C 902 53.09 10.75 2.95
C LEU C 902 52.64 12.18 3.20
N ILE C 903 51.61 12.66 2.50
CA ILE C 903 51.10 14.00 2.73
C ILE C 903 49.59 13.95 2.98
N THR C 904 48.86 13.34 2.06
CA THR C 904 47.41 13.36 2.07
C THR C 904 46.85 12.57 3.26
N LYS C 905 45.61 12.89 3.62
CA LYS C 905 44.97 12.35 4.81
C LYS C 905 43.76 11.49 4.45
N ASN C 906 43.38 10.65 5.42
CA ASN C 906 42.23 9.75 5.37
C ASN C 906 42.03 9.11 3.99
N LEU C 907 43.11 8.51 3.50
CA LEU C 907 43.00 7.67 2.32
C LEU C 907 42.20 6.43 2.64
N LYS C 908 41.45 5.94 1.67
CA LYS C 908 40.62 4.76 1.90
C LYS C 908 41.50 3.54 2.13
N PRO C 909 41.24 2.75 3.16
CA PRO C 909 42.07 1.57 3.40
C PRO C 909 41.91 0.54 2.29
N GLY C 910 43.00 -0.16 1.99
CA GLY C 910 42.95 -1.21 0.99
C GLY C 910 42.55 -0.76 -0.39
N ALA C 911 42.95 0.45 -0.78
CA ALA C 911 42.64 0.98 -2.10
C ALA C 911 43.90 0.96 -2.97
N ASN C 912 43.69 0.76 -4.27
CA ASN C 912 44.76 0.66 -5.26
C ASN C 912 44.86 1.98 -6.00
N TYR C 913 45.70 2.89 -5.50
CA TYR C 913 45.95 4.16 -6.16
C TYR C 913 46.97 4.05 -7.29
N GLU C 914 47.49 2.85 -7.55
CA GLU C 914 48.60 2.68 -8.48
C GLU C 914 48.15 2.61 -9.94
N LYS C 915 46.86 2.45 -10.20
CA LYS C 915 46.38 2.39 -11.58
C LYS C 915 46.11 3.77 -12.17
N LEU C 916 46.15 4.82 -11.36
CA LEU C 916 45.89 6.16 -11.87
C LEU C 916 47.05 6.66 -12.72
N VAL C 917 46.72 7.43 -13.76
CA VAL C 917 47.69 8.16 -14.55
C VAL C 917 47.16 9.57 -14.69
N ASP C 918 47.82 10.53 -14.04
CA ASP C 918 47.39 11.93 -14.02
C ASP C 918 45.96 12.07 -13.50
N GLY C 919 45.64 11.30 -12.47
CA GLY C 919 44.36 11.41 -11.80
C GLY C 919 43.25 10.55 -12.36
N PHE C 920 43.42 10.00 -13.56
CA PHE C 920 42.41 9.17 -14.19
C PHE C 920 43.02 7.84 -14.60
N VAL C 921 42.28 6.77 -14.37
CA VAL C 921 42.74 5.46 -14.84
C VAL C 921 42.72 5.43 -16.36
N PRO C 922 43.80 4.99 -17.02
CA PRO C 922 43.84 5.08 -18.48
C PRO C 922 42.82 4.16 -19.15
N VAL C 923 42.43 4.54 -20.37
CA VAL C 923 41.41 3.81 -21.11
C VAL C 923 41.98 2.46 -21.56
N GLY C 924 41.23 1.39 -21.28
CA GLY C 924 41.61 0.06 -21.70
C GLY C 924 42.06 -0.87 -20.57
N THR C 925 42.15 -0.37 -19.35
CA THR C 925 42.60 -1.19 -18.22
C THR C 925 41.39 -1.72 -17.45
N VAL C 926 41.60 -2.88 -16.82
CA VAL C 926 40.53 -3.58 -16.10
C VAL C 926 40.55 -3.12 -14.65
N VAL C 927 39.42 -2.57 -14.19
CA VAL C 927 39.29 -2.06 -12.83
C VAL C 927 38.42 -3.01 -12.03
N LYS C 928 38.92 -3.45 -10.89
CA LYS C 928 38.21 -4.34 -9.98
C LYS C 928 37.89 -3.60 -8.69
N LYS C 929 37.22 -4.31 -7.79
CA LYS C 929 36.75 -3.71 -6.55
C LYS C 929 37.92 -3.20 -5.71
N GLY C 930 37.79 -1.97 -5.21
CA GLY C 930 38.83 -1.35 -4.43
C GLY C 930 39.84 -0.55 -5.22
N ASP C 931 39.75 -0.54 -6.55
CA ASP C 931 40.63 0.27 -7.37
C ASP C 931 40.12 1.71 -7.42
N ILE C 932 41.04 2.65 -7.31
CA ILE C 932 40.71 4.07 -7.43
C ILE C 932 40.70 4.42 -8.92
N ILE C 933 39.55 4.89 -9.41
CA ILE C 933 39.38 5.15 -10.83
C ILE C 933 39.62 6.62 -11.13
N ILE C 934 39.27 7.49 -10.18
CA ILE C 934 39.47 8.93 -10.33
C ILE C 934 40.11 9.45 -9.05
N GLY C 935 41.27 10.09 -9.19
CA GLY C 935 41.95 10.67 -8.05
C GLY C 935 41.57 12.12 -7.87
N LYS C 936 41.27 12.50 -6.63
CA LYS C 936 40.79 13.84 -6.33
C LYS C 936 41.17 14.18 -4.90
N VAL C 937 41.97 15.24 -4.72
CA VAL C 937 42.42 15.67 -3.41
C VAL C 937 42.03 17.14 -3.22
N ALA C 938 41.52 17.47 -2.05
CA ALA C 938 41.23 18.85 -1.69
C ALA C 938 42.35 19.41 -0.83
N LYS C 939 42.72 20.67 -1.10
CA LYS C 939 43.83 21.32 -0.42
C LYS C 939 43.33 21.95 0.87
N ILE C 940 43.85 21.49 2.00
CA ILE C 940 43.45 21.99 3.31
C ILE C 940 43.75 23.48 3.44
N LYS C 949 47.92 18.09 5.11
CA LYS C 949 48.05 19.12 4.06
C LYS C 949 46.96 18.95 3.00
N TYR C 950 46.66 17.70 2.66
CA TYR C 950 45.61 17.38 1.70
C TYR C 950 44.66 16.35 2.31
N ILE C 951 43.43 16.34 1.80
CA ILE C 951 42.43 15.33 2.17
C ILE C 951 42.02 14.60 0.89
N ASP C 952 41.89 13.28 0.99
CA ASP C 952 41.69 12.43 -0.18
C ASP C 952 40.20 12.27 -0.45
N ARG C 953 39.69 13.04 -1.41
CA ARG C 953 38.30 12.93 -1.85
C ARG C 953 38.21 12.09 -3.13
N SER C 954 38.73 10.86 -3.04
CA SER C 954 38.86 10.02 -4.21
C SER C 954 37.58 9.22 -4.47
N VAL C 955 37.52 8.62 -5.65
CA VAL C 955 36.41 7.78 -6.07
C VAL C 955 36.94 6.36 -6.25
N MET C 956 36.35 5.41 -5.55
CA MET C 956 36.79 4.02 -5.56
C MET C 956 35.75 3.16 -6.28
N TYR C 957 36.23 2.23 -7.11
CA TYR C 957 35.34 1.36 -7.89
C TYR C 957 34.72 0.32 -6.97
N GLY C 958 33.51 0.61 -6.49
CA GLY C 958 32.80 -0.31 -5.63
C GLY C 958 31.80 -1.22 -6.32
N PHE C 959 32.25 -2.09 -7.21
CA PHE C 959 31.40 -3.06 -7.86
C PHE C 959 32.06 -4.44 -7.83
N ASP C 960 31.24 -5.47 -7.70
CA ASP C 960 31.78 -6.83 -7.63
C ASP C 960 32.41 -7.25 -8.96
N GLU C 961 31.68 -7.10 -10.05
CA GLU C 961 32.21 -7.50 -11.35
C GLU C 961 33.21 -6.48 -11.87
N PRO C 962 34.36 -6.91 -12.36
CA PRO C 962 35.32 -5.96 -12.93
C PRO C 962 34.79 -5.33 -14.21
N ALA C 963 35.21 -4.09 -14.45
CA ALA C 963 34.87 -3.37 -15.66
C ALA C 963 36.14 -3.08 -16.44
N VAL C 964 35.96 -2.42 -17.59
CA VAL C 964 37.06 -1.90 -18.38
C VAL C 964 36.76 -0.44 -18.67
N VAL C 965 37.75 0.43 -18.46
CA VAL C 965 37.58 1.84 -18.75
C VAL C 965 37.44 2.01 -20.25
N ASP C 966 36.30 2.52 -20.70
CA ASP C 966 35.99 2.62 -22.11
C ASP C 966 36.28 4.00 -22.69
N ALA C 967 36.01 5.06 -21.93
CA ALA C 967 36.29 6.41 -22.39
C ALA C 967 36.50 7.31 -21.18
N VAL C 968 37.47 8.21 -21.29
CA VAL C 968 37.77 9.20 -20.25
C VAL C 968 37.85 10.56 -20.93
N MET C 969 37.18 11.56 -20.34
CA MET C 969 37.18 12.90 -20.90
C MET C 969 37.01 13.90 -19.77
N ARG C 970 37.41 15.15 -20.04
CA ARG C 970 37.31 16.23 -19.08
C ARG C 970 36.54 17.37 -19.73
N PRO C 971 35.21 17.26 -19.80
CA PRO C 971 34.41 18.30 -20.42
C PRO C 971 34.21 19.49 -19.49
N HIS C 972 33.61 20.53 -20.04
CA HIS C 972 33.38 21.80 -19.34
C HIS C 972 31.90 21.93 -19.02
N GLY C 973 31.59 22.16 -17.76
CA GLY C 973 30.21 22.19 -17.33
C GLY C 973 29.51 23.48 -17.71
N PRO C 974 28.27 23.61 -17.25
CA PRO C 974 27.55 24.87 -17.48
C PRO C 974 28.21 26.08 -16.85
N ASN C 975 29.00 25.88 -15.80
CA ASN C 975 29.74 26.96 -15.15
C ASN C 975 31.16 27.09 -15.66
N ASP C 976 31.49 26.43 -16.77
CA ASP C 976 32.84 26.43 -17.33
C ASP C 976 33.85 25.93 -16.31
N GLU C 977 33.46 24.91 -15.55
CA GLU C 977 34.34 24.27 -14.60
C GLU C 977 34.51 22.81 -14.95
N ILE C 978 35.73 22.31 -14.75
CA ILE C 978 36.07 20.96 -15.17
C ILE C 978 35.35 19.94 -14.31
N PHE C 979 34.79 18.91 -14.95
CA PHE C 979 34.35 17.71 -14.24
C PHE C 979 34.84 16.50 -15.03
N GLY C 980 35.02 15.39 -14.34
CA GLY C 980 35.54 14.18 -14.93
C GLY C 980 34.41 13.24 -15.33
N LEU C 981 34.45 12.78 -16.57
CA LEU C 981 33.47 11.86 -17.12
C LEU C 981 34.18 10.59 -17.55
N MET C 982 33.72 9.45 -17.03
CA MET C 982 34.31 8.15 -17.34
C MET C 982 33.21 7.19 -17.75
N ARG C 983 33.48 6.39 -18.78
CA ARG C 983 32.57 5.36 -19.25
C ARG C 983 33.20 4.01 -18.98
N LEU C 984 32.48 3.14 -18.27
CA LEU C 984 32.94 1.81 -17.94
C LEU C 984 32.06 0.80 -18.66
N ARG C 985 32.68 -0.23 -19.25
CA ARG C 985 31.96 -1.22 -20.04
C ARG C 985 32.09 -2.59 -19.41
N TYR C 986 31.05 -3.40 -19.60
CA TYR C 986 30.98 -4.75 -19.07
C TYR C 986 30.60 -5.71 -20.18
N GLU C 987 31.40 -6.76 -20.36
CA GLU C 987 31.10 -7.79 -21.36
C GLU C 987 30.06 -8.73 -20.77
N ARG C 988 28.81 -8.58 -21.20
CA ARG C 988 27.68 -9.30 -20.63
C ARG C 988 27.23 -10.39 -21.59
N ASN C 989 27.60 -11.64 -21.29
CA ASN C 989 26.99 -12.78 -21.93
C ASN C 989 25.67 -13.09 -21.23
N LEU C 990 24.90 -14.00 -21.82
CA LEU C 990 23.78 -14.58 -21.10
C LEU C 990 24.34 -15.52 -20.03
N ASN C 991 23.78 -15.44 -18.83
CA ASN C 991 24.24 -16.30 -17.75
C ASN C 991 23.06 -16.64 -16.85
N ILE C 992 23.29 -17.63 -15.98
CA ILE C 992 22.21 -18.17 -15.16
C ILE C 992 21.62 -17.09 -14.28
N GLY C 993 20.30 -16.96 -14.33
CA GLY C 993 19.59 -15.94 -13.61
C GLY C 993 19.14 -14.76 -14.45
N ASP C 994 19.59 -14.67 -15.69
CA ASP C 994 19.12 -13.62 -16.59
C ASP C 994 17.75 -13.98 -17.14
N LYS C 995 16.95 -12.95 -17.40
CA LYS C 995 15.56 -13.12 -17.79
C LYS C 995 15.41 -13.04 -19.30
N MET C 996 14.65 -13.95 -19.86
CA MET C 996 14.28 -13.95 -21.26
C MET C 996 12.77 -14.07 -21.38
N SER C 997 12.25 -13.71 -22.54
CA SER C 997 10.81 -13.73 -22.74
C SER C 997 10.50 -13.96 -24.21
N SER C 998 9.31 -14.49 -24.46
CA SER C 998 8.79 -14.59 -25.81
C SER C 998 7.89 -13.40 -26.10
N ARG C 999 7.56 -13.21 -27.38
CA ARG C 999 6.67 -12.13 -27.75
C ARG C 999 5.23 -12.35 -27.31
N SER C 1000 4.92 -13.48 -26.68
CA SER C 1000 3.62 -13.72 -26.09
C SER C 1000 3.57 -13.37 -24.61
N GLY C 1001 4.64 -12.82 -24.06
CA GLY C 1001 4.67 -12.44 -22.67
C GLY C 1001 5.08 -13.52 -21.70
N ASN C 1002 5.59 -14.64 -22.19
CA ASN C 1002 6.00 -15.75 -21.34
C ASN C 1002 7.47 -15.57 -20.99
N LYS C 1003 7.73 -14.90 -19.87
CA LYS C 1003 9.09 -14.66 -19.44
C LYS C 1003 9.63 -15.86 -18.67
N GLY C 1004 10.94 -15.85 -18.44
CA GLY C 1004 11.58 -16.96 -17.74
C GLY C 1004 12.98 -16.60 -17.34
N ILE C 1005 13.52 -17.40 -16.42
CA ILE C 1005 14.86 -17.21 -15.88
C ILE C 1005 15.73 -18.36 -16.34
N ALA C 1006 16.89 -18.05 -16.90
CA ALA C 1006 17.85 -19.07 -17.31
C ALA C 1006 18.33 -19.84 -16.10
N ALA C 1007 17.98 -21.13 -16.01
CA ALA C 1007 18.26 -21.93 -14.82
C ALA C 1007 19.44 -22.87 -15.00
N LEU C 1008 19.58 -23.49 -16.17
CA LEU C 1008 20.65 -24.43 -16.42
C LEU C 1008 21.21 -24.17 -17.81
N ALA C 1009 22.52 -24.33 -17.94
CA ALA C 1009 23.21 -24.22 -19.22
C ALA C 1009 23.89 -25.55 -19.50
N LEU C 1010 23.55 -26.17 -20.62
CA LEU C 1010 24.08 -27.47 -20.96
C LEU C 1010 25.03 -27.39 -22.14
N PRO C 1011 26.05 -28.25 -22.19
CA PRO C 1011 26.92 -28.31 -23.36
C PRO C 1011 26.17 -28.85 -24.56
N THR C 1012 26.77 -28.66 -25.74
CA THR C 1012 26.11 -29.05 -26.97
C THR C 1012 25.90 -30.56 -27.07
N SER C 1013 26.65 -31.35 -26.31
CA SER C 1013 26.47 -32.79 -26.32
C SER C 1013 25.47 -33.28 -25.30
N ASP C 1014 24.98 -32.41 -24.42
CA ASP C 1014 23.98 -32.78 -23.43
C ASP C 1014 22.57 -32.36 -23.82
N MET C 1015 22.43 -31.41 -24.74
CA MET C 1015 21.11 -30.99 -25.19
C MET C 1015 20.46 -32.11 -26.00
N PRO C 1016 19.13 -32.18 -25.98
CA PRO C 1016 18.44 -33.18 -26.82
C PRO C 1016 18.56 -32.81 -28.29
N PHE C 1017 18.50 -33.83 -29.14
CA PHE C 1017 18.61 -33.60 -30.57
C PHE C 1017 17.60 -34.47 -31.31
N THR C 1018 17.17 -33.98 -32.45
CA THR C 1018 16.25 -34.73 -33.31
C THR C 1018 17.03 -35.70 -34.19
N GLU C 1019 16.27 -36.56 -34.88
CA GLU C 1019 16.88 -37.51 -35.79
C GLU C 1019 17.69 -36.83 -36.89
N ASP C 1020 17.30 -35.61 -37.27
CA ASP C 1020 17.98 -34.87 -38.32
C ASP C 1020 19.05 -33.91 -37.76
N GLY C 1021 19.31 -33.97 -36.47
CA GLY C 1021 20.36 -33.19 -35.86
C GLY C 1021 19.95 -31.88 -35.23
N LEU C 1022 18.68 -31.49 -35.33
CA LEU C 1022 18.24 -30.23 -34.76
C LEU C 1022 18.19 -30.32 -33.25
N GLN C 1023 18.76 -29.33 -32.58
CA GLN C 1023 18.74 -29.24 -31.13
C GLN C 1023 18.30 -27.84 -30.71
N PRO C 1024 17.68 -27.71 -29.54
CA PRO C 1024 17.14 -26.41 -29.14
C PRO C 1024 18.20 -25.48 -28.57
N ASP C 1025 17.88 -24.19 -28.61
CA ASP C 1025 18.63 -23.18 -27.87
C ASP C 1025 18.07 -23.00 -26.48
N LEU C 1026 16.75 -22.98 -26.36
CA LEU C 1026 16.06 -22.93 -25.09
C LEU C 1026 15.14 -24.13 -24.97
N ILE C 1027 14.99 -24.63 -23.75
CA ILE C 1027 14.02 -25.67 -23.42
C ILE C 1027 13.05 -25.06 -22.42
N VAL C 1028 11.79 -24.93 -22.80
CA VAL C 1028 10.79 -24.32 -21.95
C VAL C 1028 9.77 -25.37 -21.54
N ASN C 1029 9.25 -25.23 -20.34
CA ASN C 1029 8.32 -26.21 -19.81
C ASN C 1029 7.00 -26.16 -20.58
N PRO C 1030 6.44 -27.31 -20.95
CA PRO C 1030 5.09 -27.31 -21.53
C PRO C 1030 4.03 -26.84 -20.55
N HIS C 1031 4.32 -26.82 -19.26
CA HIS C 1031 3.35 -26.42 -18.24
C HIS C 1031 3.21 -24.92 -18.11
N SER C 1032 3.95 -24.13 -18.87
CA SER C 1032 3.74 -22.70 -18.93
C SER C 1032 2.61 -22.31 -19.87
N HIS C 1033 2.17 -23.22 -20.74
CA HIS C 1033 1.09 -22.91 -21.66
C HIS C 1033 -0.33 -23.00 -21.09
N PRO C 1034 -0.76 -24.15 -20.54
CA PRO C 1034 -2.20 -24.38 -20.38
C PRO C 1034 -2.92 -23.37 -19.50
N SER C 1035 -2.27 -22.83 -18.47
CA SER C 1035 -2.92 -21.87 -17.59
C SER C 1035 -2.83 -20.44 -18.10
N ARG C 1036 -1.95 -20.17 -19.06
CA ARG C 1036 -1.75 -18.81 -19.56
C ARG C 1036 -2.35 -18.60 -20.94
N MET C 1037 -2.54 -19.67 -21.71
CA MET C 1037 -3.19 -19.61 -23.01
C MET C 1037 -2.49 -18.64 -23.95
N THR C 1038 -1.16 -18.74 -23.99
CA THR C 1038 -0.34 -17.98 -24.94
C THR C 1038 -0.23 -18.78 -26.24
N ASN C 1039 -1.36 -18.87 -26.94
CA ASN C 1039 -1.43 -19.69 -28.14
C ASN C 1039 -0.71 -19.07 -29.32
N GLY C 1040 -0.51 -17.75 -29.32
CA GLY C 1040 0.24 -17.12 -30.39
C GLY C 1040 1.69 -17.51 -30.42
N GLN C 1041 2.24 -17.99 -29.30
CA GLN C 1041 3.61 -18.47 -29.26
C GLN C 1041 3.73 -19.86 -29.88
N MET C 1042 2.71 -20.69 -29.72
CA MET C 1042 2.72 -22.03 -30.31
C MET C 1042 2.42 -21.97 -31.80
N ILE C 1043 1.56 -21.05 -32.23
CA ILE C 1043 1.29 -20.88 -33.65
C ILE C 1043 2.52 -20.31 -34.36
N GLU C 1044 3.23 -19.41 -33.69
CA GLU C 1044 4.44 -18.83 -34.26
C GLU C 1044 5.50 -19.91 -34.52
N THR C 1045 5.64 -20.84 -33.59
CA THR C 1045 6.58 -21.95 -33.79
C THR C 1045 6.14 -22.83 -34.96
N THR C 1046 4.84 -23.10 -35.07
CA THR C 1046 4.33 -23.91 -36.16
C THR C 1046 4.53 -23.22 -37.51
N VAL C 1047 4.25 -21.92 -37.57
CA VAL C 1047 4.43 -21.18 -38.82
C VAL C 1047 5.91 -21.01 -39.13
N GLY C 1048 6.70 -20.62 -38.14
CA GLY C 1048 8.11 -20.39 -38.35
C GLY C 1048 8.90 -21.64 -38.69
N LEU C 1049 8.38 -22.80 -38.31
CA LEU C 1049 9.04 -24.06 -38.67
C LEU C 1049 9.06 -24.27 -40.18
N ALA C 1050 7.94 -23.96 -40.84
CA ALA C 1050 7.87 -24.06 -42.29
C ALA C 1050 8.47 -22.85 -42.99
N ASN C 1051 8.53 -21.70 -42.32
CA ASN C 1051 9.18 -20.53 -42.91
C ASN C 1051 10.66 -20.77 -43.12
N ALA C 1052 11.32 -21.39 -42.14
CA ALA C 1052 12.75 -21.64 -42.23
C ALA C 1052 13.07 -22.57 -43.39
N LEU C 1053 12.31 -23.66 -43.53
CA LEU C 1053 12.58 -24.61 -44.60
C LEU C 1053 12.21 -24.04 -45.96
N GLN C 1054 11.11 -23.30 -46.05
CA GLN C 1054 10.73 -22.66 -47.29
C GLN C 1054 11.59 -21.44 -47.62
N GLY C 1055 12.36 -20.94 -46.66
CA GLY C 1055 13.23 -19.80 -46.91
C GLY C 1055 12.51 -18.47 -46.99
N VAL C 1056 11.46 -18.28 -46.20
CA VAL C 1056 10.58 -17.13 -46.32
C VAL C 1056 10.42 -16.48 -44.95
N VAL C 1057 9.91 -15.25 -44.96
CA VAL C 1057 9.51 -14.54 -43.76
C VAL C 1057 8.08 -14.06 -44.00
N THR C 1058 7.16 -14.47 -43.13
CA THR C 1058 5.74 -14.15 -43.29
C THR C 1058 5.31 -13.14 -42.23
N ASP C 1059 4.09 -12.65 -42.39
CA ASP C 1059 3.52 -11.65 -41.50
C ASP C 1059 2.52 -12.32 -40.58
N GLY C 1060 2.66 -12.08 -39.28
CA GLY C 1060 1.75 -12.63 -38.30
C GLY C 1060 1.11 -11.57 -37.44
N THR C 1061 0.80 -10.43 -38.05
CA THR C 1061 0.17 -9.33 -37.33
C THR C 1061 -1.18 -9.78 -36.77
N ALA C 1062 -1.57 -9.18 -35.66
CA ALA C 1062 -2.84 -9.50 -35.04
C ALA C 1062 -4.00 -9.17 -35.98
N PHE C 1063 -5.06 -9.97 -35.90
CA PHE C 1063 -6.31 -9.83 -36.62
C PHE C 1063 -6.20 -10.12 -38.10
N LEU C 1064 -5.03 -10.53 -38.58
CA LEU C 1064 -4.96 -11.04 -39.94
C LEU C 1064 -5.56 -12.45 -39.99
N PRO C 1065 -6.16 -12.82 -41.12
CA PRO C 1065 -6.83 -14.14 -41.19
C PRO C 1065 -5.82 -15.27 -41.10
N ILE C 1066 -6.06 -16.20 -40.18
CA ILE C 1066 -5.23 -17.39 -40.03
C ILE C 1066 -6.12 -18.61 -39.91
N ASN C 1067 -5.55 -19.76 -40.25
CA ASN C 1067 -6.23 -21.04 -40.13
C ASN C 1067 -5.18 -22.05 -39.66
N VAL C 1068 -5.19 -22.37 -38.37
CA VAL C 1068 -4.18 -23.25 -37.81
C VAL C 1068 -4.24 -24.64 -38.44
N GLN C 1069 -5.42 -25.05 -38.90
CA GLN C 1069 -5.53 -26.31 -39.62
C GLN C 1069 -4.74 -26.28 -40.92
N LEU C 1070 -4.82 -25.17 -41.66
CA LEU C 1070 -4.07 -25.05 -42.90
C LEU C 1070 -2.59 -24.77 -42.67
N LEU C 1071 -2.26 -24.07 -41.59
CA LEU C 1071 -0.85 -23.87 -41.25
C LEU C 1071 -0.19 -25.17 -40.86
N SER C 1072 -0.95 -26.10 -40.27
CA SER C 1072 -0.41 -27.41 -39.94
C SER C 1072 -0.24 -28.27 -41.18
N GLU C 1073 -1.18 -28.20 -42.11
CA GLU C 1073 -1.02 -28.89 -43.39
C GLU C 1073 0.13 -28.32 -44.19
N ARG C 1074 0.51 -27.06 -43.93
CA ARG C 1074 1.68 -26.48 -44.58
C ARG C 1074 2.96 -27.15 -44.12
N LEU C 1075 2.99 -27.65 -42.88
CA LEU C 1075 4.16 -28.37 -42.39
C LEU C 1075 4.38 -29.67 -43.15
N ALA C 1076 3.30 -30.43 -43.38
CA ALA C 1076 3.42 -31.71 -44.08
C ALA C 1076 3.83 -31.50 -45.54
N GLN C 1077 3.53 -30.34 -46.10
CA GLN C 1077 3.94 -30.05 -47.48
C GLN C 1077 5.45 -29.82 -47.58
N GLU C 1078 6.12 -29.54 -46.47
CA GLU C 1078 7.57 -29.33 -46.44
C GLU C 1078 8.33 -30.52 -45.87
N GLY C 1079 7.69 -31.68 -45.79
CA GLY C 1079 8.35 -32.89 -45.35
C GLY C 1079 8.34 -33.13 -43.85
N LEU C 1080 7.78 -32.23 -43.07
CA LEU C 1080 7.70 -32.42 -41.62
C LEU C 1080 6.42 -33.17 -41.28
N ARG C 1081 6.13 -33.28 -39.99
CA ARG C 1081 4.89 -33.88 -39.53
C ARG C 1081 3.80 -32.83 -39.43
N PHE C 1082 2.55 -33.30 -39.33
CA PHE C 1082 1.42 -32.39 -39.21
C PHE C 1082 1.54 -31.53 -37.96
N ASN C 1083 1.91 -32.14 -36.83
CA ASN C 1083 2.00 -31.43 -35.56
C ASN C 1083 3.32 -30.70 -35.36
N GLY C 1084 4.26 -30.82 -36.29
CA GLY C 1084 5.55 -30.18 -36.13
C GLY C 1084 6.46 -30.85 -35.14
N CYS C 1085 6.09 -32.00 -34.62
CA CYS C 1085 6.89 -32.74 -33.65
C CYS C 1085 7.85 -33.68 -34.37
N GLN C 1086 8.99 -33.94 -33.73
CA GLN C 1086 10.02 -34.77 -34.31
C GLN C 1086 10.53 -35.79 -33.29
N LYS C 1087 11.06 -36.88 -33.81
CA LYS C 1087 11.73 -37.87 -32.98
C LYS C 1087 13.03 -37.28 -32.43
N MET C 1088 13.13 -37.21 -31.11
CA MET C 1088 14.31 -36.66 -30.46
C MET C 1088 15.00 -37.72 -29.62
N PHE C 1089 16.28 -37.50 -29.35
CA PHE C 1089 17.09 -38.37 -28.51
C PHE C 1089 17.59 -37.57 -27.32
N ASN C 1090 17.75 -38.26 -26.19
CA ASN C 1090 18.38 -37.66 -25.02
C ASN C 1090 19.87 -37.53 -25.29
N GLY C 1091 20.39 -36.30 -25.19
CA GLY C 1091 21.79 -36.09 -25.53
C GLY C 1091 22.75 -36.72 -24.54
N GLN C 1092 22.32 -36.88 -23.28
CA GLN C 1092 23.20 -37.44 -22.26
C GLN C 1092 23.32 -38.95 -22.37
N THR C 1093 22.23 -39.64 -22.74
CA THR C 1093 22.23 -41.09 -22.82
C THR C 1093 22.17 -41.62 -24.25
N GLY C 1094 21.74 -40.81 -25.21
CA GLY C 1094 21.58 -41.29 -26.57
C GLY C 1094 20.28 -42.03 -26.82
N GLU C 1095 19.38 -42.08 -25.85
CA GLU C 1095 18.15 -42.84 -25.96
C GLU C 1095 17.03 -41.93 -26.46
N TYR C 1096 16.24 -42.46 -27.39
CA TYR C 1096 15.13 -41.69 -27.92
C TYR C 1096 13.99 -41.64 -26.93
N PHE C 1097 13.26 -40.53 -26.92
CA PHE C 1097 12.04 -40.44 -26.15
C PHE C 1097 10.94 -41.26 -26.81
N ASP C 1098 10.01 -41.75 -26.01
CA ASP C 1098 8.84 -42.44 -26.57
C ASP C 1098 7.73 -41.45 -26.86
N ALA C 1099 8.09 -40.35 -27.49
CA ALA C 1099 7.17 -39.27 -27.82
C ALA C 1099 7.87 -38.29 -28.75
N ALA C 1100 7.23 -37.92 -29.85
CA ALA C 1100 7.75 -36.86 -30.68
C ALA C 1100 7.64 -35.53 -29.93
N ILE C 1101 8.66 -34.69 -30.07
CA ILE C 1101 8.78 -33.45 -29.31
C ILE C 1101 8.55 -32.28 -30.25
N PHE C 1102 7.77 -31.31 -29.78
CA PHE C 1102 7.51 -30.09 -30.53
C PHE C 1102 8.70 -29.15 -30.39
N ILE C 1103 9.46 -29.00 -31.48
CA ILE C 1103 10.66 -28.17 -31.48
C ILE C 1103 10.64 -27.31 -32.74
N GLY C 1104 10.95 -26.03 -32.59
CA GLY C 1104 10.97 -25.11 -33.71
C GLY C 1104 11.38 -23.72 -33.31
N PRO C 1105 11.57 -22.84 -34.29
CA PRO C 1105 12.10 -21.49 -34.02
C PRO C 1105 11.02 -20.58 -33.44
N THR C 1106 11.22 -20.15 -32.20
CA THR C 1106 10.36 -19.19 -31.54
C THR C 1106 11.17 -17.96 -31.19
N TYR C 1107 10.67 -16.79 -31.58
CA TYR C 1107 11.39 -15.55 -31.33
C TYR C 1107 11.38 -15.23 -29.85
N HIS C 1108 12.57 -15.19 -29.26
CA HIS C 1108 12.73 -14.87 -27.84
C HIS C 1108 13.57 -13.61 -27.69
N GLN C 1109 13.31 -12.88 -26.62
CA GLN C 1109 13.96 -11.61 -26.35
C GLN C 1109 14.53 -11.62 -24.94
N ARG C 1110 15.69 -10.99 -24.78
CA ARG C 1110 16.34 -10.92 -23.47
C ARG C 1110 15.93 -9.64 -22.77
N LEU C 1111 15.30 -9.79 -21.60
CA LEU C 1111 14.90 -8.64 -20.81
C LEU C 1111 16.08 -8.11 -20.02
N GLN C 1112 16.15 -6.79 -19.89
CA GLN C 1112 17.31 -6.13 -19.29
C GLN C 1112 17.23 -6.15 -17.76
N LYS C 1113 17.11 -7.36 -17.23
CA LYS C 1113 17.17 -7.63 -15.79
C LYS C 1113 18.35 -8.56 -15.58
N PHE C 1114 19.48 -8.00 -15.18
CA PHE C 1114 20.72 -8.76 -15.05
C PHE C 1114 20.93 -9.18 -13.60
N VAL C 1115 21.20 -10.46 -13.39
CA VAL C 1115 21.45 -10.96 -12.05
C VAL C 1115 22.74 -10.39 -11.48
N LEU C 1116 23.69 -10.02 -12.34
CA LEU C 1116 24.93 -9.41 -11.88
C LEU C 1116 24.70 -8.03 -11.27
N ASP C 1117 23.59 -7.38 -11.60
CA ASP C 1117 23.27 -6.07 -11.06
C ASP C 1117 22.32 -6.12 -9.87
N ASP C 1118 21.51 -7.17 -9.75
CA ASP C 1118 20.53 -7.27 -8.69
C ASP C 1118 21.07 -7.97 -7.45
N ARG C 1119 22.01 -8.89 -7.62
CA ARG C 1119 22.53 -9.66 -6.50
C ARG C 1119 23.32 -8.76 -5.54
N TYR C 1120 23.37 -9.16 -4.28
CA TYR C 1120 24.06 -8.39 -3.27
C TYR C 1120 24.39 -9.27 -2.07
N ALA C 1121 25.58 -9.04 -1.50
CA ALA C 1121 25.99 -9.64 -0.24
C ALA C 1121 27.01 -8.69 0.37
N VAL C 1122 26.85 -8.32 1.63
CA VAL C 1122 27.66 -7.19 2.09
C VAL C 1122 28.85 -7.55 3.00
N ALA C 1123 28.60 -7.82 4.27
CA ALA C 1123 29.69 -7.90 5.25
C ALA C 1123 29.16 -8.02 6.67
N SER C 1124 30.07 -8.14 7.62
CA SER C 1124 29.75 -7.90 9.02
C SER C 1124 29.78 -6.42 9.40
N TYR C 1125 30.18 -5.54 8.48
CA TYR C 1125 30.41 -4.13 8.81
C TYR C 1125 30.35 -3.30 7.53
N GLY C 1126 30.28 -1.99 7.71
CA GLY C 1126 30.22 -1.07 6.61
C GLY C 1126 29.71 0.30 6.99
N PRO C 1127 29.28 1.08 6.01
CA PRO C 1127 28.77 2.43 6.30
C PRO C 1127 27.53 2.39 7.18
N THR C 1128 27.42 3.37 8.07
CA THR C 1128 26.40 3.40 9.10
C THR C 1128 25.72 4.77 9.12
N ASP C 1129 24.41 4.78 9.35
CA ASP C 1129 23.69 6.03 9.47
C ASP C 1129 24.10 6.77 10.74
N ALA C 1130 24.28 8.09 10.62
CA ALA C 1130 24.78 8.88 11.73
C ALA C 1130 23.73 9.04 12.82
N LEU C 1131 22.45 9.01 12.46
CA LEU C 1131 21.39 9.20 13.45
C LEU C 1131 20.98 7.89 14.11
N THR C 1132 20.50 6.94 13.31
CA THR C 1132 20.01 5.68 13.86
C THR C 1132 21.12 4.73 14.25
N GLY C 1133 22.31 4.87 13.68
CA GLY C 1133 23.37 3.92 13.94
C GLY C 1133 23.24 2.62 13.20
N GLN C 1134 22.29 2.50 12.29
CA GLN C 1134 22.01 1.32 11.50
C GLN C 1134 22.74 1.39 10.16
N PRO C 1135 22.90 0.24 9.48
CA PRO C 1135 23.51 0.25 8.15
C PRO C 1135 22.83 1.21 7.18
N LEU C 1136 23.55 1.62 6.13
CA LEU C 1136 22.93 2.41 5.08
C LEU C 1136 22.02 1.54 4.23
N ASP C 1137 21.38 2.14 3.24
CA ASP C 1137 20.29 1.50 2.51
C ASP C 1137 20.82 0.91 1.20
N GLY C 1138 20.90 -0.41 1.14
CA GLY C 1138 21.02 -1.12 -0.12
C GLY C 1138 22.40 -1.13 -0.75
N LYS C 1139 22.41 -1.56 -2.01
CA LYS C 1139 23.64 -1.77 -2.76
C LYS C 1139 24.39 -0.47 -3.02
N ARG C 1140 23.70 0.56 -3.51
CA ARG C 1140 24.39 1.75 -4.02
C ARG C 1140 25.17 2.47 -2.93
N SER C 1141 24.69 2.40 -1.70
CA SER C 1141 25.39 3.01 -0.57
C SER C 1141 26.29 2.02 0.16
N HIS C 1142 26.40 0.79 -0.35
CA HIS C 1142 27.23 -0.27 0.24
C HIS C 1142 26.81 -0.61 1.67
N GLY C 1143 25.55 -0.35 2.00
CA GLY C 1143 25.02 -0.68 3.31
C GLY C 1143 24.43 -2.08 3.34
N GLY C 1144 23.53 -2.29 4.28
CA GLY C 1144 22.90 -3.58 4.46
C GLY C 1144 21.54 -3.65 3.78
N LEU C 1145 20.90 -4.80 3.95
CA LEU C 1145 19.54 -5.03 3.50
C LEU C 1145 18.60 -4.98 4.69
N ARG C 1146 17.31 -4.82 4.42
CA ARG C 1146 16.33 -4.52 5.44
C ARG C 1146 15.59 -5.78 5.87
N LEU C 1147 15.64 -6.07 7.16
CA LEU C 1147 14.71 -7.00 7.80
C LEU C 1147 13.54 -6.15 8.29
N GLY C 1148 12.46 -6.11 7.52
CA GLY C 1148 11.41 -5.14 7.71
C GLY C 1148 10.42 -5.51 8.80
N GLU C 1149 9.31 -4.79 8.80
CA GLU C 1149 8.27 -4.99 9.80
C GLU C 1149 7.67 -6.39 9.70
N MET C 1150 7.44 -6.87 8.48
CA MET C 1150 6.79 -8.16 8.28
C MET C 1150 7.73 -9.33 8.55
N GLU C 1151 9.04 -9.14 8.43
CA GLU C 1151 9.98 -10.19 8.79
C GLU C 1151 10.03 -10.41 10.29
N HIS C 1152 9.90 -9.35 11.08
CA HIS C 1152 9.86 -9.50 12.53
C HIS C 1152 8.56 -10.15 12.98
N TRP C 1153 7.49 -9.98 12.22
CA TRP C 1153 6.24 -10.70 12.49
C TRP C 1153 6.44 -12.20 12.31
N VAL C 1154 7.13 -12.59 11.23
CA VAL C 1154 7.32 -14.01 10.95
C VAL C 1154 8.28 -14.63 11.96
N LEU C 1155 9.37 -13.94 12.29
CA LEU C 1155 10.31 -14.47 13.26
C LEU C 1155 9.69 -14.56 14.65
N THR C 1156 8.83 -13.60 15.00
CA THR C 1156 8.11 -13.67 16.26
C THR C 1156 7.10 -14.82 16.25
N ALA C 1157 6.43 -15.03 15.11
CA ALA C 1157 5.48 -16.13 15.00
C ALA C 1157 6.17 -17.47 15.15
N GLN C 1158 7.40 -17.58 14.66
CA GLN C 1158 8.18 -18.80 14.78
C GLN C 1158 8.79 -18.98 16.16
N GLY C 1159 8.79 -17.93 16.98
CA GLY C 1159 9.43 -17.99 18.28
C GLY C 1159 10.92 -17.75 18.26
N ALA C 1160 11.50 -17.44 17.10
CA ALA C 1160 12.95 -17.28 16.94
C ALA C 1160 13.35 -15.92 17.48
N MET C 1161 13.57 -15.86 18.79
CA MET C 1161 13.91 -14.60 19.44
C MET C 1161 15.41 -14.37 19.52
N GLN C 1162 16.21 -15.44 19.55
CA GLN C 1162 17.65 -15.28 19.51
C GLN C 1162 18.15 -14.90 18.12
N THR C 1163 17.36 -15.17 17.08
CA THR C 1163 17.66 -14.65 15.76
C THR C 1163 17.35 -13.17 15.64
N ILE C 1164 16.33 -12.70 16.34
CA ILE C 1164 16.02 -11.28 16.35
C ILE C 1164 17.10 -10.49 17.08
N ILE C 1165 17.65 -11.08 18.15
CA ILE C 1165 18.78 -10.43 18.83
C ILE C 1165 19.99 -10.37 17.91
N GLU C 1166 20.26 -11.46 17.20
CA GLU C 1166 21.45 -11.49 16.34
C GLU C 1166 21.34 -10.49 15.20
N LYS C 1167 20.16 -10.36 14.60
CA LYS C 1167 20.00 -9.51 13.43
C LYS C 1167 19.67 -8.07 13.79
N SER C 1168 18.66 -7.86 14.62
CA SER C 1168 18.19 -6.51 14.93
C SER C 1168 19.02 -5.81 16.00
N HIS C 1169 19.84 -6.54 16.75
CA HIS C 1169 20.68 -5.93 17.78
C HIS C 1169 22.17 -6.06 17.45
N ASP C 1170 22.67 -7.29 17.28
CA ASP C 1170 24.09 -7.47 17.05
C ASP C 1170 24.50 -6.96 15.68
N ASP C 1171 23.63 -7.13 14.68
CA ASP C 1171 23.98 -6.80 13.31
C ASP C 1171 23.41 -5.47 12.83
N SER C 1172 22.61 -4.78 13.62
CA SER C 1172 22.06 -3.51 13.17
C SER C 1172 22.50 -2.32 14.02
N ASP C 1173 21.99 -2.17 15.25
CA ASP C 1173 22.39 -1.02 16.06
C ASP C 1173 22.35 -1.29 17.56
N GLY C 1174 22.27 -2.55 17.99
CA GLY C 1174 22.12 -2.82 19.41
C GLY C 1174 23.24 -2.21 20.22
N CYS C 1175 22.88 -1.61 21.35
CA CYS C 1175 23.82 -0.93 22.21
C CYS C 1175 23.44 -1.20 23.66
N ILE C 1176 24.10 -0.52 24.58
CA ILE C 1176 23.83 -0.63 26.00
C ILE C 1176 23.35 0.72 26.52
N SER C 1177 22.19 0.73 27.17
CA SER C 1177 21.66 1.92 27.79
C SER C 1177 21.74 1.76 29.30
N TYR C 1178 22.15 2.82 29.99
CA TYR C 1178 22.27 2.80 31.44
C TYR C 1178 21.16 3.64 32.05
N ILE C 1179 20.43 3.04 32.98
CA ILE C 1179 19.24 3.65 33.57
C ILE C 1179 19.36 3.57 35.08
N CYS C 1180 19.11 4.70 35.76
CA CYS C 1180 19.14 4.72 37.21
C CYS C 1180 17.87 4.08 37.76
N ARG C 1181 18.04 3.17 38.73
CA ARG C 1181 16.88 2.55 39.37
C ARG C 1181 16.09 3.55 40.18
N ASN C 1182 16.77 4.48 40.86
CA ASN C 1182 16.09 5.35 41.82
C ASN C 1182 15.13 6.31 41.15
N CYS C 1183 15.39 6.70 39.91
CA CYS C 1183 14.60 7.71 39.25
C CYS C 1183 14.20 7.39 37.80
N GLY C 1184 14.72 6.34 37.20
CA GLY C 1184 14.28 5.92 35.89
C GLY C 1184 14.80 6.75 34.74
N GLU C 1185 15.72 7.65 34.99
CA GLU C 1185 16.29 8.49 33.95
C GLU C 1185 17.56 7.85 33.39
N PRO C 1186 17.96 8.22 32.18
CA PRO C 1186 19.25 7.76 31.66
C PRO C 1186 20.38 8.17 32.57
N ALA C 1187 21.34 7.28 32.76
CA ALA C 1187 22.49 7.53 33.61
C ALA C 1187 23.76 7.49 32.79
N ILE C 1188 24.88 7.75 33.46
CA ILE C 1188 26.19 7.84 32.82
C ILE C 1188 27.12 6.84 33.50
N TYR C 1189 27.57 5.85 32.74
CA TYR C 1189 28.49 4.85 33.26
C TYR C 1189 29.67 4.71 32.30
N ASN C 1190 30.86 4.57 32.87
CA ASN C 1190 32.08 4.38 32.09
C ASN C 1190 33.03 3.55 32.93
N ALA C 1191 33.22 2.28 32.54
CA ALA C 1191 34.07 1.39 33.30
C ALA C 1191 35.51 1.90 33.37
N SER C 1192 36.04 2.32 32.23
CA SER C 1192 37.33 2.99 32.18
C SER C 1192 37.12 4.49 32.35
N HIS C 1193 38.06 5.16 33.01
CA HIS C 1193 37.84 6.52 33.50
C HIS C 1193 36.56 6.51 34.31
N PRO C 1194 36.60 5.99 35.54
CA PRO C 1194 35.36 5.64 36.25
C PRO C 1194 34.37 6.79 36.38
N ILE C 1195 33.23 6.65 35.70
CA ILE C 1195 32.10 7.54 35.85
C ILE C 1195 30.90 6.69 36.27
N TYR C 1196 30.29 7.05 37.40
CA TYR C 1196 29.09 6.38 37.89
C TYR C 1196 28.24 7.50 38.48
N LYS C 1197 27.36 8.07 37.66
CA LYS C 1197 26.62 9.25 38.09
C LYS C 1197 25.25 9.27 37.44
N CYS C 1198 24.39 10.10 38.00
CA CYS C 1198 23.04 10.29 37.50
C CYS C 1198 22.66 11.74 37.76
N MET C 1199 22.32 12.48 36.70
CA MET C 1199 22.04 13.90 36.90
C MET C 1199 20.55 14.16 37.17
N ASN C 1200 19.98 13.36 38.07
CA ASN C 1200 18.68 13.66 38.67
C ASN C 1200 18.65 13.42 40.17
N CYS C 1201 19.47 12.52 40.68
CA CYS C 1201 19.58 12.21 42.09
C CYS C 1201 21.01 12.34 42.61
N ASP C 1202 21.99 11.87 41.86
CA ASP C 1202 23.37 12.34 41.92
C ASP C 1202 24.07 12.02 43.24
N VAL C 1203 23.34 11.49 44.21
CA VAL C 1203 23.94 10.92 45.41
C VAL C 1203 23.42 9.52 45.70
N GLN C 1204 22.24 9.17 45.21
CA GLN C 1204 21.61 7.89 45.43
C GLN C 1204 21.39 7.17 44.11
N ALA C 1205 22.41 7.18 43.25
CA ALA C 1205 22.32 6.56 41.94
C ALA C 1205 22.48 5.05 42.06
N ASP C 1206 21.66 4.31 41.32
CA ASP C 1206 21.71 2.86 41.26
C ASP C 1206 21.54 2.50 39.78
N ILE C 1207 22.64 2.40 39.06
CA ILE C 1207 22.62 2.28 37.61
C ILE C 1207 22.59 0.81 37.22
N GLY C 1208 21.66 0.46 36.35
CA GLY C 1208 21.61 -0.88 35.76
C GLY C 1208 21.67 -0.77 34.25
N MET C 1209 22.39 -1.70 33.63
CA MET C 1209 22.57 -1.69 32.19
C MET C 1209 21.47 -2.50 31.53
N VAL C 1210 20.81 -1.90 30.54
CA VAL C 1210 19.75 -2.55 29.80
C VAL C 1210 20.20 -2.70 28.35
N ASP C 1211 19.90 -3.85 27.76
CA ASP C 1211 20.23 -4.08 26.36
C ASP C 1211 19.21 -3.35 25.51
N SER C 1212 19.68 -2.32 24.79
CA SER C 1212 18.79 -1.52 23.95
C SER C 1212 19.38 -1.41 22.55
N ARG C 1213 18.79 -0.55 21.73
CA ARG C 1213 19.29 -0.29 20.40
C ARG C 1213 19.25 1.22 20.17
N ARG C 1214 20.20 1.70 19.36
CA ARG C 1214 20.43 3.14 19.26
C ARG C 1214 19.21 3.87 18.73
N SER C 1215 18.48 3.26 17.80
CA SER C 1215 17.27 3.89 17.27
C SER C 1215 16.25 4.15 18.36
N SER C 1216 16.20 3.28 19.38
CA SER C 1216 15.23 3.47 20.45
C SER C 1216 15.66 4.56 21.41
N ILE C 1217 16.96 4.69 21.67
CA ILE C 1217 17.46 5.75 22.52
C ILE C 1217 17.26 7.11 21.85
N VAL C 1218 17.49 7.17 20.53
CA VAL C 1218 17.19 8.38 19.77
C VAL C 1218 15.69 8.67 19.82
N PHE C 1219 14.87 7.63 19.72
CA PHE C 1219 13.42 7.80 19.76
C PHE C 1219 12.97 8.36 21.09
N GLN C 1220 13.57 7.91 22.20
CA GLN C 1220 13.22 8.44 23.50
C GLN C 1220 13.76 9.85 23.71
N HIS C 1221 14.92 10.16 23.11
CA HIS C 1221 15.44 11.52 23.17
C HIS C 1221 14.52 12.49 22.44
N GLU C 1222 13.93 12.05 21.34
CA GLU C 1222 13.02 12.92 20.58
C GLU C 1222 11.74 13.19 21.35
N MET C 1223 11.21 12.19 22.06
CA MET C 1223 10.02 12.41 22.87
C MET C 1223 10.30 13.37 24.02
N ARG C 1224 11.49 13.30 24.61
CA ARG C 1224 11.86 14.24 25.66
C ARG C 1224 12.06 15.64 25.11
N ALA C 1225 12.50 15.76 23.85
CA ALA C 1225 12.61 17.07 23.23
C ALA C 1225 11.26 17.74 23.10
N ALA C 1226 10.19 16.95 22.98
CA ALA C 1226 8.83 17.46 22.91
C ALA C 1226 8.21 17.66 24.29
N ASN C 1227 9.03 17.80 25.32
CA ASN C 1227 8.57 18.04 26.69
C ASN C 1227 7.67 16.92 27.20
N VAL C 1228 7.95 15.69 26.76
CA VAL C 1228 7.32 14.49 27.31
C VAL C 1228 8.39 13.74 28.09
N ASN C 1229 8.13 13.48 29.36
CA ASN C 1229 9.10 12.84 30.24
C ASN C 1229 8.94 11.33 30.15
N ILE C 1230 10.04 10.64 29.85
CA ILE C 1230 10.06 9.18 29.78
C ILE C 1230 10.87 8.69 30.96
N THR C 1231 10.21 7.99 31.89
CA THR C 1231 10.88 7.34 33.01
C THR C 1231 10.69 5.84 32.88
N SER C 1232 11.78 5.09 32.96
CA SER C 1232 11.77 3.65 32.80
C SER C 1232 11.80 3.00 34.18
N VAL C 1233 10.79 2.19 34.47
CA VAL C 1233 10.75 1.42 35.71
C VAL C 1233 11.46 0.09 35.45
N LEU C 1234 12.63 -0.07 36.06
CA LEU C 1234 13.40 -1.29 35.85
C LEU C 1234 12.75 -2.46 36.57
N SER C 1235 13.00 -3.66 36.07
CA SER C 1235 12.45 -4.85 36.68
C SER C 1235 13.03 -5.01 38.08
N PRO C 1236 12.20 -5.27 39.09
CA PRO C 1236 12.69 -5.27 40.48
C PRO C 1236 13.62 -6.43 40.77
N ARG C 1237 14.45 -6.24 41.79
CA ARG C 1237 15.28 -7.32 42.30
C ARG C 1237 14.41 -8.40 42.91
N VAL C 1238 14.77 -9.65 42.66
CA VAL C 1238 14.09 -10.82 43.22
C VAL C 1238 15.10 -11.60 44.04
N PHE C 1239 14.72 -11.99 45.25
CA PHE C 1239 15.62 -12.68 46.17
C PHE C 1239 15.00 -13.97 46.65
N GLN C 1240 15.84 -14.99 46.83
CA GLN C 1240 15.39 -16.21 47.47
C GLN C 1240 14.96 -15.91 48.90
N PRO C 1241 13.95 -16.60 49.41
CA PRO C 1241 13.50 -16.33 50.78
C PRO C 1241 14.40 -17.00 51.80
N ALA C 1242 15.44 -17.68 51.33
CA ALA C 1242 16.36 -18.40 52.20
C ALA C 1242 17.47 -17.47 52.70
N LYS D 3 34.41 -56.62 -37.76
CA LYS D 3 34.05 -55.36 -38.41
C LYS D 3 32.87 -54.70 -37.73
N ILE D 4 33.14 -53.99 -36.63
CA ILE D 4 32.08 -53.25 -35.96
C ILE D 4 31.63 -52.07 -36.81
N PHE D 5 32.59 -51.35 -37.38
CA PHE D 5 32.32 -50.15 -38.17
C PHE D 5 32.53 -50.50 -39.64
N GLN D 6 31.45 -50.45 -40.42
CA GLN D 6 31.51 -50.67 -41.86
C GLN D 6 30.60 -49.66 -42.55
N ASN D 7 30.80 -49.54 -43.87
CA ASN D 7 29.92 -48.75 -44.73
C ASN D 7 29.86 -47.29 -44.28
N VAL D 8 31.00 -46.63 -44.38
CA VAL D 8 31.06 -45.18 -44.26
C VAL D 8 30.79 -44.56 -45.62
N GLU D 9 30.19 -43.38 -45.64
CA GLU D 9 30.09 -42.60 -46.86
C GLU D 9 30.39 -41.14 -46.53
N ILE D 10 31.17 -40.51 -47.40
CA ILE D 10 31.68 -39.17 -47.18
C ILE D 10 31.29 -38.31 -48.36
N LYS D 11 30.71 -37.14 -48.08
CA LYS D 11 30.41 -36.20 -49.17
C LYS D 11 30.59 -34.76 -48.69
N PRO D 12 31.29 -33.94 -49.44
CA PRO D 12 31.46 -32.54 -49.03
C PRO D 12 30.24 -31.70 -49.36
N PHE D 13 30.18 -30.52 -48.75
CA PHE D 13 29.17 -29.51 -49.06
C PHE D 13 29.80 -28.49 -50.00
N LEU D 14 29.25 -28.39 -51.20
CA LEU D 14 29.86 -27.58 -52.26
C LEU D 14 28.90 -26.50 -52.73
N ILE D 15 29.46 -25.50 -53.38
CA ILE D 15 28.70 -24.37 -53.91
C ILE D 15 28.24 -24.71 -55.32
N ASP D 16 26.94 -24.51 -55.58
CA ASP D 16 26.37 -24.74 -56.90
C ASP D 16 26.52 -23.47 -57.72
N PHE D 17 27.43 -23.50 -58.70
CA PHE D 17 27.66 -22.36 -59.57
C PHE D 17 26.76 -22.36 -60.79
N SER D 18 25.85 -23.33 -60.92
CA SER D 18 24.84 -23.27 -61.96
C SER D 18 23.73 -22.30 -61.62
N ASN D 19 23.69 -21.77 -60.40
CA ASN D 19 22.75 -20.73 -60.04
C ASN D 19 23.35 -19.37 -60.40
N LEU D 20 22.62 -18.59 -61.18
CA LEU D 20 23.16 -17.34 -61.72
C LEU D 20 23.39 -16.31 -60.62
N PHE D 21 22.47 -16.22 -59.65
CA PHE D 21 22.63 -15.24 -58.58
C PHE D 21 23.87 -15.54 -57.74
N ILE D 22 24.03 -16.81 -57.35
CA ILE D 22 25.19 -17.20 -56.55
C ILE D 22 26.48 -17.01 -57.35
N LYS D 23 26.46 -17.40 -58.62
CA LYS D 23 27.64 -17.24 -59.47
C LYS D 23 28.05 -15.77 -59.58
N ASN D 24 27.08 -14.89 -59.85
CA ASN D 24 27.38 -13.48 -60.02
C ASN D 24 27.84 -12.85 -58.72
N ALA D 25 27.20 -13.19 -57.60
CA ALA D 25 27.61 -12.63 -56.31
C ALA D 25 29.02 -13.09 -55.95
N ALA D 26 29.32 -14.37 -56.17
CA ALA D 26 30.65 -14.89 -55.83
C ALA D 26 31.72 -14.28 -56.73
N LYS D 27 31.40 -14.05 -58.01
CA LYS D 27 32.40 -13.46 -58.89
C LYS D 27 32.61 -11.99 -58.58
N LYS D 28 31.55 -11.25 -58.26
CA LYS D 28 31.69 -9.83 -57.99
C LYS D 28 32.32 -9.55 -56.62
N LEU D 29 32.05 -10.40 -55.63
CA LEU D 29 32.57 -10.14 -54.29
C LEU D 29 34.03 -10.56 -54.17
N PHE D 30 34.32 -11.84 -54.37
CA PHE D 30 35.64 -12.40 -54.07
C PHE D 30 36.39 -12.84 -55.32
N GLN D 31 35.87 -12.56 -56.51
CA GLN D 31 36.41 -13.09 -57.75
C GLN D 31 36.50 -14.62 -57.68
N LEU D 32 35.45 -15.22 -57.13
CA LEU D 32 35.41 -16.64 -56.84
C LEU D 32 34.78 -17.38 -58.02
N GLU D 33 35.53 -18.34 -58.57
CA GLU D 33 35.07 -19.12 -59.71
C GLU D 33 34.92 -20.61 -59.41
N GLU D 34 35.62 -21.13 -58.40
CA GLU D 34 35.56 -22.54 -58.05
C GLU D 34 35.32 -22.67 -56.54
N GLN D 35 35.46 -23.90 -56.05
CA GLN D 35 35.18 -24.19 -54.65
C GLN D 35 36.17 -23.52 -53.72
N LEU D 36 35.74 -23.28 -52.49
CA LEU D 36 36.60 -22.70 -51.47
C LEU D 36 37.62 -23.73 -50.99
N PRO D 37 38.76 -23.27 -50.45
CA PRO D 37 39.79 -24.23 -50.03
C PRO D 37 39.33 -25.20 -48.96
N LEU D 38 38.45 -24.76 -48.06
CA LEU D 38 37.96 -25.59 -46.97
C LEU D 38 36.46 -25.73 -47.10
N VAL D 39 35.98 -26.97 -47.08
CA VAL D 39 34.56 -27.26 -47.29
C VAL D 39 34.03 -28.08 -46.11
N PRO D 40 32.75 -27.94 -45.77
CA PRO D 40 32.15 -28.86 -44.79
C PRO D 40 31.97 -30.24 -45.38
N VAL D 41 32.15 -31.25 -44.54
CA VAL D 41 32.14 -32.65 -44.97
C VAL D 41 31.16 -33.42 -44.11
N ASN D 42 30.18 -34.07 -44.74
CA ASN D 42 29.22 -34.92 -44.06
C ASN D 42 29.67 -36.37 -44.14
N VAL D 43 29.70 -37.05 -43.00
CA VAL D 43 30.17 -38.42 -42.88
C VAL D 43 29.06 -39.23 -42.23
N VAL D 44 28.62 -40.28 -42.90
CA VAL D 44 27.59 -41.18 -42.38
C VAL D 44 28.22 -42.55 -42.17
N MET D 45 28.06 -43.09 -40.97
CA MET D 45 28.75 -44.27 -40.51
C MET D 45 27.75 -45.31 -40.03
N ASP D 46 28.01 -46.57 -40.37
CA ASP D 46 27.18 -47.68 -39.93
C ASP D 46 27.96 -48.55 -38.95
N PHE D 47 27.38 -48.78 -37.78
CA PHE D 47 27.99 -49.60 -36.75
C PHE D 47 27.09 -50.79 -36.46
N LYS D 48 27.69 -51.97 -36.34
CA LYS D 48 26.93 -53.19 -36.12
C LYS D 48 27.53 -53.98 -34.96
N GLY D 49 26.67 -54.57 -34.14
CA GLY D 49 27.11 -55.34 -33.00
C GLY D 49 27.81 -54.52 -31.94
N ILE D 50 27.30 -53.33 -31.65
CA ILE D 50 27.92 -52.41 -30.70
C ILE D 50 26.80 -51.70 -29.95
N SER D 51 27.04 -51.44 -28.66
CA SER D 51 26.01 -50.84 -27.83
C SER D 51 25.79 -49.38 -28.19
N ARG D 52 24.60 -48.88 -27.87
CA ARG D 52 24.29 -47.47 -28.07
C ARG D 52 25.20 -46.56 -27.27
N ALA D 53 25.67 -47.02 -26.11
CA ALA D 53 26.55 -46.20 -25.28
C ALA D 53 27.85 -45.87 -25.99
N ALA D 54 28.45 -46.85 -26.66
CA ALA D 54 29.73 -46.62 -27.33
C ALA D 54 29.58 -45.68 -28.51
N VAL D 55 28.55 -45.90 -29.35
CA VAL D 55 28.35 -45.04 -30.50
C VAL D 55 28.01 -43.62 -30.08
N HIS D 56 27.16 -43.47 -29.06
CA HIS D 56 26.82 -42.12 -28.62
C HIS D 56 27.99 -41.45 -27.91
N GLY D 57 28.83 -42.21 -27.21
CA GLY D 57 30.02 -41.63 -26.63
C GLY D 57 30.99 -41.14 -27.69
N LEU D 58 31.16 -41.93 -28.76
CA LEU D 58 31.97 -41.48 -29.88
C LEU D 58 31.41 -40.21 -30.49
N SER D 59 30.08 -40.14 -30.66
CA SER D 59 29.45 -38.94 -31.19
C SER D 59 29.68 -37.74 -30.28
N ARG D 60 29.50 -37.92 -28.98
CA ARG D 60 29.69 -36.81 -28.04
C ARG D 60 31.12 -36.32 -28.03
N VAL D 61 32.08 -37.25 -28.05
CA VAL D 61 33.49 -36.86 -28.08
C VAL D 61 33.81 -36.11 -29.36
N LEU D 62 33.32 -36.59 -30.50
CA LEU D 62 33.53 -35.88 -31.76
C LEU D 62 32.85 -34.52 -31.75
N GLN D 63 31.77 -34.37 -30.98
CA GLN D 63 31.09 -33.08 -30.93
C GLN D 63 31.87 -32.06 -30.11
N ASP D 64 32.02 -32.30 -28.80
CA ASP D 64 32.59 -31.25 -27.98
C ASP D 64 33.49 -31.79 -26.85
N GLU D 65 34.13 -32.93 -27.07
CA GLU D 65 35.07 -33.45 -26.09
C GLU D 65 36.41 -33.85 -26.71
N ILE D 66 36.66 -33.45 -27.95
CA ILE D 66 37.92 -33.74 -28.63
C ILE D 66 38.75 -32.46 -28.63
N PRO D 67 40.06 -32.53 -28.39
CA PRO D 67 40.89 -31.33 -28.49
C PRO D 67 40.83 -30.72 -29.89
N ASN D 68 40.75 -29.40 -29.94
CA ASN D 68 40.50 -28.69 -31.17
C ASN D 68 41.15 -27.32 -31.11
N TYR D 69 41.31 -26.71 -32.27
CA TYR D 69 42.04 -25.46 -32.44
C TYR D 69 41.09 -24.34 -32.85
N MET D 70 41.36 -23.14 -32.35
CA MET D 70 40.64 -21.93 -32.77
C MET D 70 41.64 -20.79 -32.86
N LEU D 71 41.16 -19.65 -33.33
CA LEU D 71 41.94 -18.43 -33.38
C LEU D 71 41.53 -17.52 -32.24
N ASP D 72 42.50 -17.03 -31.48
CA ASP D 72 42.23 -16.15 -30.36
C ASP D 72 43.17 -14.96 -30.41
N ILE D 73 42.85 -13.94 -29.62
CA ILE D 73 43.63 -12.71 -29.54
C ILE D 73 44.37 -12.71 -28.21
N LYS D 74 45.69 -12.59 -28.27
CA LYS D 74 46.47 -12.49 -27.05
C LYS D 74 46.19 -11.16 -26.36
N PRO D 75 46.30 -11.11 -25.03
CA PRO D 75 46.05 -9.84 -24.31
C PRO D 75 46.97 -8.74 -24.81
N GLY D 76 46.37 -7.58 -25.08
CA GLY D 76 47.08 -6.47 -25.67
C GLY D 76 47.15 -6.50 -27.18
N GLY D 77 46.66 -7.56 -27.82
CA GLY D 77 46.72 -7.64 -29.27
C GLY D 77 45.86 -6.61 -29.95
N TYR D 78 44.68 -6.36 -29.40
CA TYR D 78 43.79 -5.31 -29.92
C TYR D 78 44.43 -3.95 -29.64
N LYS D 79 44.85 -3.26 -30.68
CA LYS D 79 45.62 -2.02 -30.54
C LYS D 79 44.66 -0.85 -30.42
N ILE D 80 44.41 -0.42 -29.18
CA ILE D 80 43.46 0.66 -28.94
C ILE D 80 43.93 1.97 -29.56
N GLU D 81 45.23 2.25 -29.48
CA GLU D 81 45.74 3.49 -30.05
C GLU D 81 45.52 3.55 -31.55
N ASP D 82 45.61 2.42 -32.23
CA ASP D 82 45.51 2.36 -33.68
C ASP D 82 44.12 2.04 -34.19
N SER D 83 43.30 1.34 -33.41
CA SER D 83 41.94 0.99 -33.82
C SER D 83 41.01 2.16 -33.48
N THR D 84 40.73 3.01 -34.47
CA THR D 84 39.89 4.17 -34.25
C THR D 84 38.41 3.90 -34.44
N ASP D 85 38.04 2.72 -34.96
CA ASP D 85 36.64 2.46 -35.24
C ASP D 85 35.85 2.32 -33.95
N LEU D 86 34.72 3.01 -33.88
CA LEU D 86 33.91 3.09 -32.67
C LEU D 86 32.94 1.92 -32.53
N PHE D 87 32.58 1.27 -33.63
CA PHE D 87 31.59 0.20 -33.59
C PHE D 87 32.20 -1.18 -33.53
N MET D 88 33.42 -1.36 -34.04
CA MET D 88 34.10 -2.66 -33.99
C MET D 88 34.87 -2.77 -32.68
N THR D 89 34.14 -3.19 -31.65
CA THR D 89 34.73 -3.34 -30.33
C THR D 89 35.53 -4.63 -30.26
N GLU D 90 36.32 -4.77 -29.18
CA GLU D 90 37.14 -5.95 -29.03
C GLU D 90 36.29 -7.20 -28.77
N GLN D 91 35.21 -7.05 -28.00
CA GLN D 91 34.35 -8.20 -27.71
C GLN D 91 33.72 -8.74 -29.00
N PHE D 92 33.20 -7.83 -29.84
CA PHE D 92 32.55 -8.25 -31.07
C PHE D 92 33.52 -8.94 -32.02
N ILE D 93 34.66 -8.30 -32.29
CA ILE D 93 35.61 -8.86 -33.24
C ILE D 93 36.22 -10.13 -32.70
N ARG D 94 36.49 -10.19 -31.39
CA ARG D 94 37.01 -11.41 -30.79
C ARG D 94 36.03 -12.55 -30.89
N ASN D 95 34.74 -12.30 -30.65
CA ASN D 95 33.74 -13.34 -30.82
C ASN D 95 33.67 -13.80 -32.27
N ARG D 96 33.78 -12.86 -33.22
CA ARG D 96 33.80 -13.24 -34.63
C ARG D 96 34.98 -14.15 -34.94
N ILE D 97 36.17 -13.76 -34.51
CA ILE D 97 37.39 -14.47 -34.88
C ILE D 97 37.45 -15.83 -34.21
N ASN D 98 36.96 -15.94 -32.96
CA ASN D 98 37.04 -17.20 -32.24
C ASN D 98 36.30 -18.32 -32.95
N PHE D 99 35.25 -18.00 -33.70
CA PHE D 99 34.38 -19.00 -34.29
C PHE D 99 34.61 -19.22 -35.77
N ILE D 100 35.69 -18.68 -36.33
CA ILE D 100 36.08 -19.04 -37.69
C ILE D 100 36.65 -20.45 -37.64
N PRO D 101 36.07 -21.41 -38.36
CA PRO D 101 36.59 -22.78 -38.31
C PRO D 101 37.91 -22.89 -39.06
N ILE D 102 38.94 -23.33 -38.35
CA ILE D 102 40.27 -23.45 -38.92
C ILE D 102 40.65 -24.92 -38.99
N TYR D 103 41.53 -25.24 -39.94
CA TYR D 103 42.16 -26.56 -40.04
C TYR D 103 43.65 -26.33 -39.93
N ALA D 104 44.15 -26.29 -38.70
CA ALA D 104 45.50 -25.85 -38.43
C ALA D 104 46.47 -27.02 -38.43
N LYS D 105 47.74 -26.71 -38.70
CA LYS D 105 48.82 -27.68 -38.73
C LYS D 105 49.73 -27.62 -37.52
N ASN D 106 49.85 -26.46 -36.87
CA ASN D 106 50.70 -26.32 -35.69
C ASN D 106 50.25 -25.09 -34.91
N GLU D 107 50.71 -25.02 -33.66
CA GLU D 107 50.35 -23.93 -32.76
C GLU D 107 51.30 -22.74 -32.84
N THR D 108 52.07 -22.63 -33.92
CA THR D 108 53.06 -21.57 -34.03
C THR D 108 52.63 -20.43 -34.96
N LEU D 109 51.56 -20.62 -35.74
CA LEU D 109 51.12 -19.58 -36.66
C LEU D 109 50.52 -18.41 -35.90
N VAL D 110 50.95 -17.20 -36.26
CA VAL D 110 50.42 -15.97 -35.68
C VAL D 110 50.02 -15.05 -36.82
N PHE D 111 48.81 -14.49 -36.73
CA PHE D 111 48.24 -13.64 -37.76
C PHE D 111 48.08 -12.21 -37.25
N ALA D 112 47.77 -11.31 -38.17
CA ALA D 112 47.50 -9.93 -37.83
C ALA D 112 46.44 -9.38 -38.78
N LEU D 113 45.76 -8.33 -38.33
CA LEU D 113 44.70 -7.69 -39.10
C LEU D 113 44.95 -6.19 -39.05
N ARG D 114 45.28 -5.60 -40.19
CA ARG D 114 45.64 -4.19 -40.29
C ARG D 114 44.75 -3.56 -41.36
N SER D 115 43.57 -3.09 -40.96
CA SER D 115 42.58 -2.57 -41.89
C SER D 115 42.53 -1.05 -41.77
N LEU D 116 42.70 -0.39 -42.92
CA LEU D 116 42.64 1.06 -43.03
C LEU D 116 41.54 1.43 -44.02
N ASN D 117 40.69 2.38 -43.64
CA ASN D 117 39.60 2.83 -44.48
C ASN D 117 39.88 4.26 -44.94
N ASN D 118 40.40 4.38 -46.16
CA ASN D 118 40.74 5.67 -46.73
C ASN D 118 39.67 6.20 -47.67
N SER D 119 38.47 5.66 -47.62
CA SER D 119 37.42 6.00 -48.57
C SER D 119 36.23 6.61 -47.83
N CYS D 120 35.25 7.07 -48.61
CA CYS D 120 34.04 7.67 -48.09
C CYS D 120 32.91 6.67 -47.92
N GLU D 121 33.17 5.38 -48.14
CA GLU D 121 32.17 4.34 -47.98
C GLU D 121 32.65 3.32 -46.96
N VAL D 122 31.69 2.72 -46.26
CA VAL D 122 32.01 1.71 -45.26
C VAL D 122 32.71 0.54 -45.93
N LYS D 123 33.79 0.08 -45.32
CA LYS D 123 34.62 -0.98 -45.89
C LYS D 123 34.54 -2.23 -45.04
N THR D 124 34.18 -3.34 -45.67
CA THR D 124 34.05 -4.60 -44.94
C THR D 124 35.40 -5.30 -44.84
N ILE D 125 35.74 -5.72 -43.63
CA ILE D 125 36.93 -6.51 -43.38
C ILE D 125 36.57 -7.98 -43.46
N TYR D 126 37.17 -8.67 -44.43
CA TYR D 126 36.99 -10.10 -44.63
C TYR D 126 38.16 -10.87 -44.05
N SER D 127 37.99 -12.19 -43.95
CA SER D 127 39.04 -13.05 -43.42
C SER D 127 40.20 -13.22 -44.39
N ARG D 128 40.07 -12.76 -45.63
CA ARG D 128 41.20 -12.71 -46.53
C ARG D 128 42.17 -11.61 -46.18
N ASP D 129 41.78 -10.69 -45.29
CA ASP D 129 42.65 -9.63 -44.81
C ASP D 129 43.43 -10.04 -43.56
N LEU D 130 43.29 -11.28 -43.12
CA LEU D 130 44.11 -11.79 -42.02
C LEU D 130 45.44 -12.26 -42.60
N ILE D 131 46.48 -11.46 -42.40
CA ILE D 131 47.81 -11.76 -42.92
C ILE D 131 48.57 -12.57 -41.89
N GLN D 132 49.25 -13.62 -42.35
CA GLN D 132 50.10 -14.41 -41.48
C GLN D 132 51.41 -13.66 -41.23
N VAL D 133 51.77 -13.51 -39.97
CA VAL D 133 52.98 -12.76 -39.59
C VAL D 133 53.99 -13.59 -38.84
N ALA D 134 53.65 -14.78 -38.37
CA ALA D 134 54.62 -15.63 -37.70
C ALA D 134 54.31 -17.09 -37.97
N GLY D 135 55.36 -17.91 -37.95
CA GLY D 135 55.26 -19.31 -38.26
C GLY D 135 55.75 -19.61 -39.66
N PRO D 136 55.88 -20.89 -39.99
CA PRO D 136 56.27 -21.26 -41.35
C PRO D 136 55.21 -20.81 -42.36
N LYS D 137 55.68 -20.43 -43.54
CA LYS D 137 54.78 -19.96 -44.58
C LYS D 137 53.79 -21.04 -44.96
N LEU D 138 52.51 -20.67 -45.02
CA LEU D 138 51.46 -21.64 -45.31
C LEU D 138 51.51 -22.05 -46.78
N LYS D 139 51.50 -23.35 -47.03
CA LYS D 139 51.37 -23.90 -48.37
C LYS D 139 49.91 -24.14 -48.75
N TYR D 140 48.98 -23.98 -47.81
CA TYR D 140 47.56 -24.16 -48.02
C TYR D 140 46.85 -23.36 -46.94
N PRO D 141 45.75 -22.69 -47.26
CA PRO D 141 45.05 -21.89 -46.25
C PRO D 141 44.52 -22.75 -45.12
N ILE D 142 44.44 -22.16 -43.92
CA ILE D 142 43.85 -22.84 -42.79
C ILE D 142 42.42 -22.39 -42.50
N PHE D 143 41.94 -21.35 -43.17
CA PHE D 143 40.54 -20.95 -43.09
C PHE D 143 40.12 -20.37 -44.43
N ASN D 144 38.80 -20.26 -44.60
CA ASN D 144 38.25 -19.68 -45.82
C ASN D 144 38.43 -18.17 -45.83
N PRO D 145 38.56 -17.57 -47.01
CA PRO D 145 38.71 -16.11 -47.11
C PRO D 145 37.40 -15.33 -47.24
N THR D 146 36.25 -15.95 -46.99
CA THR D 146 34.96 -15.33 -47.27
C THR D 146 34.20 -14.95 -46.01
N PHE D 147 34.87 -14.87 -44.86
CA PHE D 147 34.19 -14.52 -43.62
C PHE D 147 34.17 -13.02 -43.44
N GLU D 148 33.00 -12.49 -43.06
CA GLU D 148 32.84 -11.07 -42.76
C GLU D 148 33.32 -10.85 -41.32
N ILE D 149 34.58 -10.46 -41.16
CA ILE D 149 35.09 -10.20 -39.83
C ILE D 149 34.48 -8.94 -39.25
N GLY D 150 34.39 -7.88 -40.04
CA GLY D 150 33.83 -6.65 -39.52
C GLY D 150 33.58 -5.64 -40.61
N PHE D 151 33.34 -4.40 -40.20
CA PHE D 151 33.22 -3.30 -41.14
C PHE D 151 33.66 -2.02 -40.47
N LEU D 152 34.31 -1.14 -41.24
CA LEU D 152 34.83 0.12 -40.77
C LEU D 152 34.08 1.27 -41.40
N GLN D 153 33.70 2.24 -40.57
CA GLN D 153 33.14 3.49 -41.05
C GLN D 153 34.21 4.27 -41.79
N PRO D 154 33.82 5.22 -42.65
CA PRO D 154 34.81 5.98 -43.40
C PRO D 154 35.83 6.65 -42.48
N GLY D 155 37.10 6.53 -42.84
CA GLY D 155 38.16 7.15 -42.08
C GLY D 155 38.53 6.46 -40.79
N LYS D 156 38.17 5.20 -40.62
CA LYS D 156 38.45 4.47 -39.39
C LYS D 156 39.45 3.35 -39.65
N SER D 157 39.95 2.76 -38.56
CA SER D 157 41.00 1.76 -38.63
C SER D 157 40.66 0.62 -37.69
N LEU D 158 41.29 -0.53 -37.96
CA LEU D 158 41.21 -1.67 -37.04
C LEU D 158 42.53 -2.42 -37.11
N ILE D 159 43.29 -2.39 -36.02
CA ILE D 159 44.57 -3.06 -35.93
C ILE D 159 44.50 -4.08 -34.80
N ILE D 160 44.76 -5.34 -35.12
CA ILE D 160 44.79 -6.43 -34.15
C ILE D 160 46.03 -7.26 -34.42
N GLU D 161 46.87 -7.40 -33.40
CA GLU D 161 48.08 -8.20 -33.51
C GLU D 161 47.96 -9.43 -32.61
N ASP D 162 48.90 -10.36 -32.80
CA ASP D 162 49.00 -11.56 -31.97
C ASP D 162 47.71 -12.37 -31.99
N ILE D 163 47.26 -12.71 -33.20
CA ILE D 163 46.15 -13.65 -33.38
C ILE D 163 46.76 -15.03 -33.50
N TYR D 164 46.61 -15.84 -32.46
CA TYR D 164 47.30 -17.11 -32.33
C TYR D 164 46.29 -18.26 -32.31
N ILE D 165 46.82 -19.48 -32.30
CA ILE D 165 46.03 -20.70 -32.36
C ILE D 165 45.96 -21.28 -30.95
N LYS D 166 44.75 -21.39 -30.42
CA LYS D 166 44.49 -21.85 -29.07
C LYS D 166 43.83 -23.21 -29.10
N LYS D 167 44.18 -24.06 -28.15
CA LYS D 167 43.71 -25.44 -28.11
C LYS D 167 42.80 -25.66 -26.91
N GLY D 168 41.72 -26.41 -27.11
CA GLY D 168 40.80 -26.68 -26.03
C GLY D 168 39.73 -27.67 -26.46
N ILE D 169 38.83 -27.96 -25.52
CA ILE D 169 37.71 -28.87 -25.78
C ILE D 169 36.42 -28.08 -25.74
N GLY D 170 35.47 -28.50 -26.58
CA GLY D 170 34.28 -27.71 -26.82
C GLY D 170 33.36 -27.57 -25.63
N ARG D 171 33.40 -28.52 -24.69
CA ARG D 171 32.55 -28.43 -23.51
C ARG D 171 32.97 -27.29 -22.58
N LYS D 172 34.18 -26.77 -22.74
CA LYS D 172 34.60 -25.59 -21.98
C LYS D 172 34.16 -24.31 -22.69
N HIS D 173 34.51 -24.16 -23.96
CA HIS D 173 34.06 -23.07 -24.80
C HIS D 173 33.60 -23.63 -26.14
N ALA D 174 32.45 -23.16 -26.61
CA ALA D 174 31.85 -23.71 -27.82
C ALA D 174 32.66 -23.45 -29.07
N ALA D 175 33.65 -22.57 -29.01
CA ALA D 175 34.52 -22.34 -30.17
C ALA D 175 35.41 -23.53 -30.47
N PHE D 176 35.54 -24.47 -29.53
CA PHE D 176 36.31 -25.69 -29.74
C PHE D 176 35.45 -26.86 -30.19
N ASN D 177 34.15 -26.65 -30.39
CA ASN D 177 33.31 -27.72 -30.93
C ASN D 177 33.81 -28.13 -32.30
N LEU D 178 33.69 -29.42 -32.61
CA LEU D 178 34.19 -29.96 -33.87
C LEU D 178 33.06 -30.40 -34.80
N ALA D 179 32.23 -31.33 -34.37
CA ALA D 179 31.26 -31.95 -35.26
C ALA D 179 29.84 -31.54 -34.90
N VAL D 180 29.01 -31.34 -35.91
CA VAL D 180 27.59 -31.03 -35.74
C VAL D 180 26.79 -32.27 -36.12
N LYS D 181 25.78 -32.59 -35.33
CA LYS D 181 24.97 -33.76 -35.57
C LYS D 181 24.10 -33.56 -36.80
N THR D 182 24.11 -34.53 -37.71
CA THR D 182 23.23 -34.52 -38.86
C THR D 182 22.31 -35.73 -38.96
N HIS D 183 22.62 -36.82 -38.25
CA HIS D 183 21.75 -37.98 -38.31
C HIS D 183 22.07 -38.94 -37.16
N PHE D 184 21.03 -39.56 -36.62
CA PHE D 184 21.21 -40.66 -35.67
C PHE D 184 19.98 -41.56 -35.76
N SER D 185 20.21 -42.84 -36.04
CA SER D 185 19.09 -43.77 -36.11
C SER D 185 19.55 -45.17 -35.72
N HIS D 186 18.60 -45.99 -35.31
CA HIS D 186 18.81 -47.40 -35.04
C HIS D 186 18.24 -48.20 -36.20
N LEU D 187 19.08 -49.01 -36.84
CA LEU D 187 18.67 -49.75 -38.02
C LEU D 187 18.10 -51.12 -37.71
N ASP D 188 18.16 -51.57 -36.45
CA ASP D 188 17.62 -52.87 -36.07
C ASP D 188 16.32 -52.74 -35.29
N ILE D 189 15.71 -51.57 -35.27
CA ILE D 189 14.38 -51.36 -34.71
C ILE D 189 13.45 -50.91 -35.84
N GLU D 190 12.31 -51.56 -35.95
CA GLU D 190 11.34 -51.18 -36.96
C GLU D 190 10.70 -49.84 -36.63
N GLN D 191 10.13 -49.20 -37.64
CA GLN D 191 9.55 -47.87 -37.49
C GLN D 191 8.14 -47.83 -38.07
N TYR D 192 7.32 -46.98 -37.48
CA TYR D 192 5.99 -46.67 -38.01
C TYR D 192 6.10 -45.65 -39.13
N PRO D 193 5.10 -45.58 -40.00
CA PRO D 193 4.94 -44.40 -40.85
C PRO D 193 4.30 -43.28 -40.05
N THR D 194 5.09 -42.28 -39.68
CA THR D 194 4.63 -41.23 -38.78
C THR D 194 3.86 -40.13 -39.50
N ASP D 195 3.70 -40.24 -40.82
CA ASP D 195 2.82 -39.32 -41.54
C ASP D 195 1.38 -39.48 -41.08
N LYS D 196 0.95 -40.71 -40.85
CA LYS D 196 -0.41 -40.98 -40.42
C LYS D 196 -0.71 -40.30 -39.10
N LYS D 197 -1.92 -39.76 -38.97
CA LYS D 197 -2.30 -39.00 -37.79
C LYS D 197 -2.44 -39.85 -36.55
N GLU D 198 -2.46 -41.18 -36.69
CA GLU D 198 -2.53 -42.06 -35.54
C GLU D 198 -1.16 -42.38 -34.96
N TYR D 199 -0.08 -41.95 -35.61
CA TYR D 199 1.28 -42.22 -35.15
C TYR D 199 2.13 -40.97 -35.01
N MET D 200 1.60 -39.78 -35.33
CA MET D 200 2.43 -38.59 -35.40
C MET D 200 2.84 -38.07 -34.02
N ALA D 201 2.20 -38.51 -32.95
CA ALA D 201 2.59 -38.10 -31.61
C ALA D 201 3.63 -39.02 -30.99
N LEU D 202 3.96 -40.13 -31.63
CA LEU D 202 4.97 -41.06 -31.16
C LEU D 202 6.28 -40.82 -31.90
N SER D 203 7.36 -41.36 -31.33
CA SER D 203 8.67 -41.20 -31.94
C SER D 203 8.73 -41.88 -33.30
N GLY D 204 8.17 -43.08 -33.41
CA GLY D 204 8.19 -43.80 -34.66
C GLY D 204 8.70 -45.22 -34.52
N TYR D 205 9.61 -45.44 -33.58
CA TYR D 205 10.12 -46.77 -33.34
C TYR D 205 9.04 -47.66 -32.76
N LYS D 206 9.01 -48.92 -33.20
CA LYS D 206 7.98 -49.86 -32.78
C LYS D 206 8.27 -50.48 -31.42
N GLN D 207 9.43 -50.23 -30.84
CA GLN D 207 9.76 -50.67 -29.49
C GLN D 207 9.94 -49.46 -28.59
N SER D 208 9.66 -49.64 -27.30
CA SER D 208 9.84 -48.57 -26.34
C SER D 208 11.31 -48.45 -25.97
N SER D 209 11.74 -47.21 -25.70
CA SER D 209 13.11 -47.00 -25.27
C SER D 209 13.39 -47.60 -23.91
N MET D 210 12.35 -47.84 -23.11
CA MET D 210 12.50 -48.49 -21.83
C MET D 210 12.78 -49.99 -21.95
N THR D 211 12.67 -50.56 -23.15
CA THR D 211 12.80 -52.00 -23.31
C THR D 211 13.79 -52.35 -24.41
N SER D 212 13.91 -51.48 -25.42
CA SER D 212 14.73 -51.78 -26.58
C SER D 212 16.21 -51.74 -26.24
N ASP D 213 16.98 -52.59 -26.92
CA ASP D 213 18.43 -52.63 -26.80
C ASP D 213 19.04 -52.68 -28.19
N PRO D 214 19.06 -51.57 -28.90
CA PRO D 214 19.58 -51.58 -30.27
C PRO D 214 21.08 -51.80 -30.30
N ARG D 215 21.54 -52.54 -31.32
CA ARG D 215 22.96 -52.79 -31.49
C ARG D 215 23.40 -52.61 -32.94
N HIS D 216 22.65 -51.85 -33.73
CA HIS D 216 23.01 -51.57 -35.12
C HIS D 216 22.53 -50.16 -35.42
N HIS D 217 23.48 -49.24 -35.61
CA HIS D 217 23.20 -47.81 -35.62
C HIS D 217 23.77 -47.16 -36.87
N ARG D 218 23.17 -46.04 -37.24
CA ARG D 218 23.70 -45.13 -38.25
C ARG D 218 23.89 -43.76 -37.63
N LEU D 219 25.10 -43.22 -37.75
CA LEU D 219 25.48 -41.95 -37.14
C LEU D 219 26.07 -41.06 -38.21
N GLY D 220 25.51 -39.86 -38.37
CA GLY D 220 25.98 -38.93 -39.36
C GLY D 220 26.37 -37.60 -38.76
N LEU D 221 27.62 -37.20 -38.97
CA LEU D 221 28.19 -35.99 -38.40
C LEU D 221 28.81 -35.16 -39.51
N CYS D 222 28.75 -33.84 -39.35
CA CYS D 222 29.33 -32.91 -40.31
C CYS D 222 30.48 -32.16 -39.66
N PHE D 223 31.62 -32.16 -40.34
CA PHE D 223 32.81 -31.44 -39.93
C PHE D 223 32.91 -30.14 -40.70
N PRO D 224 33.11 -29.01 -40.01
CA PRO D 224 32.83 -27.71 -40.63
C PRO D 224 33.87 -27.23 -41.63
N ALA D 225 35.11 -27.67 -41.54
CA ALA D 225 36.16 -27.13 -42.41
C ALA D 225 37.21 -28.21 -42.63
N VAL D 226 37.23 -28.78 -43.83
CA VAL D 226 38.18 -29.82 -44.20
C VAL D 226 38.76 -29.47 -45.57
N PRO D 227 40.07 -29.61 -45.78
CA PRO D 227 40.64 -29.27 -47.09
C PRO D 227 40.06 -30.13 -48.20
N LEU D 228 39.87 -29.51 -49.37
CA LEU D 228 39.31 -30.23 -50.51
C LEU D 228 40.14 -31.44 -50.94
N PRO D 229 41.45 -31.34 -51.15
CA PRO D 229 42.19 -32.49 -51.68
C PRO D 229 42.58 -33.55 -50.66
N HIS D 230 42.23 -33.39 -49.39
CA HIS D 230 42.65 -34.31 -48.35
C HIS D 230 41.49 -34.74 -47.47
N ILE D 231 40.27 -34.75 -48.03
CA ILE D 231 39.08 -34.97 -47.21
C ILE D 231 39.17 -36.32 -46.50
N ASN D 232 39.44 -37.38 -47.26
CA ASN D 232 39.53 -38.71 -46.66
C ASN D 232 40.62 -38.78 -45.60
N GLN D 233 41.71 -38.03 -45.79
CA GLN D 233 42.77 -38.05 -44.79
C GLN D 233 42.35 -37.33 -43.52
N ALA D 234 41.54 -36.27 -43.66
CA ALA D 234 41.14 -35.51 -42.47
C ALA D 234 40.12 -36.28 -41.65
N VAL D 235 39.01 -36.67 -42.29
CA VAL D 235 37.92 -37.31 -41.57
C VAL D 235 38.43 -38.53 -40.82
N ARG D 236 39.17 -39.39 -41.50
CA ARG D 236 39.74 -40.58 -40.87
C ARG D 236 40.48 -40.19 -39.60
N THR D 237 41.38 -39.21 -39.70
CA THR D 237 42.12 -38.76 -38.53
C THR D 237 41.17 -38.44 -37.39
N TYR D 238 40.16 -37.61 -37.67
CA TYR D 238 39.22 -37.21 -36.64
C TYR D 238 38.65 -38.44 -35.95
N LEU D 239 38.16 -39.39 -36.74
CA LEU D 239 37.56 -40.59 -36.16
C LEU D 239 38.55 -41.27 -35.23
N LYS D 240 39.77 -41.53 -35.73
CA LYS D 240 40.75 -42.22 -34.92
C LYS D 240 41.04 -41.42 -33.66
N ASN D 241 41.19 -40.09 -33.81
CA ASN D 241 41.46 -39.25 -32.65
C ASN D 241 40.42 -39.50 -31.57
N ALA D 242 39.14 -39.47 -31.96
CA ALA D 242 38.08 -39.64 -30.98
C ALA D 242 38.27 -40.94 -30.22
N CYS D 243 38.52 -42.04 -30.95
CA CYS D 243 38.72 -43.32 -30.29
C CYS D 243 39.80 -43.22 -29.22
N ARG D 244 40.97 -42.69 -29.61
CA ARG D 244 42.06 -42.59 -28.65
C ARG D 244 41.63 -41.80 -27.43
N ILE D 245 40.93 -40.68 -27.64
CA ILE D 245 40.52 -39.85 -26.53
C ILE D 245 39.73 -40.69 -25.53
N ILE D 246 38.73 -41.41 -26.03
CA ILE D 246 37.90 -42.21 -25.14
C ILE D 246 38.77 -43.21 -24.40
N ILE D 247 39.63 -43.91 -25.14
CA ILE D 247 40.49 -44.91 -24.51
C ILE D 247 41.28 -44.27 -23.39
N GLY D 248 41.87 -43.11 -23.65
CA GLY D 248 42.66 -42.46 -22.62
C GLY D 248 41.88 -42.28 -21.34
N ARG D 249 40.67 -41.73 -21.47
CA ARG D 249 39.89 -41.46 -20.26
C ARG D 249 39.57 -42.76 -19.54
N ILE D 250 39.20 -43.80 -20.29
CA ILE D 250 38.91 -45.08 -19.67
C ILE D 250 40.15 -45.59 -18.95
N GLN D 251 41.32 -45.45 -19.59
CA GLN D 251 42.55 -45.91 -18.96
C GLN D 251 42.79 -45.21 -17.64
N SER D 252 42.39 -43.94 -17.52
CA SER D 252 42.57 -43.24 -16.26
C SER D 252 41.83 -43.96 -15.14
N ILE D 253 40.59 -44.39 -15.42
CA ILE D 253 39.84 -45.12 -14.41
C ILE D 253 40.46 -46.49 -14.17
N GLN D 254 41.09 -47.08 -15.18
CA GLN D 254 41.84 -48.30 -14.95
C GLN D 254 42.95 -48.08 -13.95
N LYS D 255 43.49 -46.86 -13.89
CA LYS D 255 44.53 -46.56 -12.91
C LYS D 255 43.96 -46.47 -11.49
N ILE D 256 42.66 -46.23 -11.34
CA ILE D 256 42.07 -46.16 -10.02
C ILE D 256 41.89 -47.56 -9.44
N TYR D 257 41.26 -48.45 -10.21
CA TYR D 257 40.96 -49.80 -9.71
C TYR D 257 42.23 -50.56 -9.38
N GLU D 258 43.31 -50.29 -10.10
CA GLU D 258 44.57 -50.97 -9.84
C GLU D 258 45.16 -50.62 -8.48
N ASN D 259 44.72 -49.52 -7.86
CA ASN D 259 45.22 -49.09 -6.56
C ASN D 259 44.12 -49.07 -5.51
N PHE D 260 43.27 -50.11 -5.50
CA PHE D 260 42.19 -50.18 -4.52
C PHE D 260 42.67 -50.61 -3.14
N GLU D 261 43.85 -51.21 -3.05
CA GLU D 261 44.38 -51.56 -1.73
C GLU D 261 44.88 -50.31 -1.00
N GLU D 262 45.54 -49.41 -1.72
CA GLU D 262 45.95 -48.14 -1.16
C GLU D 262 44.73 -47.22 -0.99
N PRO D 263 44.60 -46.56 0.16
CA PRO D 263 43.50 -45.61 0.36
C PRO D 263 43.58 -44.49 -0.66
N GLN D 264 42.55 -44.37 -1.49
CA GLN D 264 42.55 -43.47 -2.63
C GLN D 264 41.22 -42.72 -2.67
N PRO D 265 41.23 -41.40 -2.89
CA PRO D 265 39.98 -40.63 -2.75
C PRO D 265 38.97 -40.89 -3.86
N GLU D 266 39.41 -41.33 -5.04
CA GLU D 266 38.50 -41.53 -6.16
C GLU D 266 37.73 -42.85 -6.08
N LEU D 267 38.05 -43.71 -5.12
CA LEU D 267 37.37 -45.00 -5.01
C LEU D 267 37.10 -45.28 -3.54
N VAL D 268 35.86 -45.69 -3.24
CA VAL D 268 35.45 -46.07 -1.90
C VAL D 268 34.82 -47.45 -1.97
N LEU D 269 35.29 -48.36 -1.10
CA LEU D 269 34.78 -49.71 -1.04
C LEU D 269 34.15 -49.97 0.31
N PHE D 270 32.95 -50.55 0.30
CA PHE D 270 32.19 -50.87 1.50
C PHE D 270 31.81 -52.33 1.49
N SER D 271 31.80 -52.94 2.67
CA SER D 271 31.34 -54.31 2.85
C SER D 271 29.99 -54.25 3.57
N MET D 272 28.92 -54.48 2.84
CA MET D 272 27.58 -54.40 3.39
C MET D 272 27.13 -55.77 3.88
N ASP D 273 25.84 -55.88 4.20
CA ASP D 273 25.25 -57.15 4.62
C ASP D 273 25.03 -58.06 3.42
N GLU D 274 24.76 -59.33 3.72
CA GLU D 274 24.45 -60.35 2.71
C GLU D 274 25.57 -60.47 1.69
N GLU D 275 26.81 -60.47 2.19
CA GLU D 275 27.99 -60.70 1.38
C GLU D 275 28.11 -59.71 0.22
N LYS D 276 27.48 -58.54 0.36
CA LYS D 276 27.43 -57.57 -0.73
C LYS D 276 28.51 -56.51 -0.56
N THR D 277 29.13 -56.15 -1.67
CA THR D 277 30.18 -55.15 -1.71
C THR D 277 29.71 -53.97 -2.55
N LYS D 278 29.96 -52.77 -2.03
CA LYS D 278 29.60 -51.53 -2.68
C LYS D 278 30.86 -50.78 -3.08
N ALA D 279 30.87 -50.22 -4.29
CA ALA D 279 32.00 -49.45 -4.78
C ALA D 279 31.48 -48.13 -5.35
N ILE D 280 32.10 -47.03 -4.93
CA ILE D 280 31.73 -45.70 -5.39
C ILE D 280 32.97 -45.05 -5.99
N ILE D 281 32.88 -44.69 -7.26
CA ILE D 281 33.98 -44.09 -8.00
C ILE D 281 33.58 -42.67 -8.34
N THR D 282 34.30 -41.69 -7.80
CA THR D 282 34.01 -40.27 -8.00
C THR D 282 35.16 -39.66 -8.80
N ILE D 283 34.93 -39.40 -10.07
CA ILE D 283 35.92 -38.77 -10.94
C ILE D 283 35.45 -37.37 -11.25
N LYS D 284 36.27 -36.38 -10.92
CA LYS D 284 35.88 -35.00 -11.11
C LYS D 284 36.07 -34.57 -12.56
N ASP D 285 35.19 -33.67 -13.01
CA ASP D 285 35.22 -33.12 -14.36
C ASP D 285 35.05 -34.21 -15.43
N GLU D 286 34.20 -35.19 -15.16
CA GLU D 286 33.85 -36.20 -16.15
C GLU D 286 32.36 -36.10 -16.49
N THR D 287 32.03 -36.51 -17.69
CA THR D 287 30.72 -36.29 -18.29
C THR D 287 29.97 -37.61 -18.44
N HIS D 288 28.81 -37.55 -19.09
CA HIS D 288 27.97 -38.73 -19.27
C HIS D 288 28.58 -39.75 -20.22
N THR D 289 29.58 -39.36 -21.02
CA THR D 289 30.21 -40.31 -21.93
C THR D 289 30.80 -41.49 -21.18
N ILE D 290 31.77 -41.21 -20.32
CA ILE D 290 32.48 -42.27 -19.61
C ILE D 290 31.57 -42.95 -18.61
N GLY D 291 30.69 -42.20 -17.95
CA GLY D 291 29.76 -42.80 -17.01
C GLY D 291 28.83 -43.79 -17.67
N ASN D 292 28.27 -43.41 -18.82
CA ASN D 292 27.39 -44.31 -19.56
C ASN D 292 28.15 -45.53 -20.06
N LEU D 293 29.37 -45.33 -20.57
CA LEU D 293 30.17 -46.47 -21.01
C LEU D 293 30.42 -47.44 -19.86
N LEU D 294 30.83 -46.90 -18.71
CA LEU D 294 31.12 -47.75 -17.56
C LEU D 294 29.88 -48.50 -17.12
N LYS D 295 28.75 -47.81 -16.98
CA LYS D 295 27.53 -48.47 -16.55
C LYS D 295 27.13 -49.57 -17.53
N THR D 296 27.14 -49.27 -18.82
CA THR D 296 26.72 -50.24 -19.82
C THR D 296 27.61 -51.48 -19.82
N TYR D 297 28.93 -51.28 -19.76
CA TYR D 297 29.82 -52.44 -19.86
C TYR D 297 29.90 -53.22 -18.56
N ILE D 298 29.78 -52.57 -17.41
CA ILE D 298 29.67 -53.31 -16.15
C ILE D 298 28.39 -54.13 -16.15
N TYR D 299 27.28 -53.55 -16.62
CA TYR D 299 26.02 -54.26 -16.66
C TYR D 299 26.08 -55.44 -17.61
N GLU D 300 26.74 -55.28 -18.76
CA GLU D 300 26.92 -56.41 -19.67
C GLU D 300 27.81 -57.48 -19.07
N MET D 301 28.83 -57.09 -18.31
CA MET D 301 29.72 -58.06 -17.70
C MET D 301 29.04 -58.79 -16.56
N ILE D 302 28.20 -58.10 -15.79
CA ILE D 302 27.51 -58.70 -14.65
C ILE D 302 26.01 -58.58 -14.88
N PRO D 303 25.39 -59.54 -15.56
CA PRO D 303 23.93 -59.45 -15.79
C PRO D 303 23.11 -59.46 -14.52
N ASP D 304 23.55 -60.18 -13.49
CA ASP D 304 22.79 -60.30 -12.24
C ASP D 304 23.32 -59.37 -11.15
N ILE D 305 23.78 -58.18 -11.54
CA ILE D 305 24.28 -57.22 -10.56
C ILE D 305 23.11 -56.68 -9.74
N SER D 306 23.41 -56.31 -8.49
CA SER D 306 22.39 -55.73 -7.64
C SER D 306 22.09 -54.29 -8.00
N PHE D 307 23.11 -53.50 -8.34
CA PHE D 307 22.86 -52.14 -8.77
C PHE D 307 24.07 -51.56 -9.47
N VAL D 308 23.82 -50.70 -10.45
CA VAL D 308 24.86 -49.89 -11.07
C VAL D 308 24.23 -48.59 -11.56
N GLY D 309 24.87 -47.46 -11.26
CA GLY D 309 24.39 -46.15 -11.66
C GLY D 309 25.55 -45.19 -11.76
N TYR D 310 25.32 -44.06 -12.46
CA TYR D 310 26.44 -43.20 -12.82
C TYR D 310 26.15 -41.70 -12.66
N GLN D 311 25.20 -41.32 -11.80
CA GLN D 311 24.71 -39.95 -11.68
C GLN D 311 25.79 -38.89 -11.85
N CYS D 312 25.52 -37.92 -12.73
CA CYS D 312 26.39 -36.77 -12.96
C CYS D 312 25.57 -35.51 -12.69
N VAL D 313 25.81 -34.85 -11.56
CA VAL D 313 25.03 -33.69 -11.15
C VAL D 313 25.67 -32.43 -11.74
N PRO D 314 24.89 -31.59 -12.42
CA PRO D 314 25.50 -30.41 -13.08
C PRO D 314 26.21 -29.46 -12.13
N HIS D 315 25.70 -29.27 -10.92
CA HIS D 315 26.29 -28.30 -10.00
C HIS D 315 27.41 -28.90 -9.14
N LYS D 316 27.67 -30.19 -9.26
CA LYS D 316 28.78 -30.81 -8.56
C LYS D 316 29.99 -31.04 -9.44
N GLN D 317 29.79 -31.16 -10.76
CA GLN D 317 30.88 -31.21 -11.73
C GLN D 317 31.76 -32.44 -11.52
N GLU D 318 31.13 -33.61 -11.46
CA GLU D 318 31.82 -34.87 -11.27
C GLU D 318 30.90 -36.01 -11.62
N MET D 319 31.49 -37.16 -11.91
CA MET D 319 30.77 -38.39 -12.20
C MET D 319 30.93 -39.33 -11.02
N VAL D 320 29.81 -39.81 -10.49
CA VAL D 320 29.78 -40.73 -9.37
C VAL D 320 29.15 -42.04 -9.84
N LEU D 321 29.93 -43.10 -9.86
CA LEU D 321 29.48 -44.41 -10.30
C LEU D 321 29.35 -45.32 -9.08
N THR D 322 28.16 -45.84 -8.86
CA THR D 322 27.85 -46.73 -7.75
C THR D 322 27.62 -48.14 -8.29
N ILE D 323 28.32 -49.11 -7.72
CA ILE D 323 28.21 -50.51 -8.11
C ILE D 323 27.99 -51.33 -6.84
N ILE D 324 26.85 -52.02 -6.76
CA ILE D 324 26.54 -52.89 -5.64
C ILE D 324 26.41 -54.30 -6.18
N HIS D 325 27.27 -55.20 -5.71
CA HIS D 325 27.30 -56.56 -6.24
C HIS D 325 27.63 -57.53 -5.12
N LYS D 326 27.03 -58.72 -5.20
CA LYS D 326 27.07 -59.70 -4.12
C LYS D 326 28.40 -60.46 -4.03
N ALA D 327 29.44 -60.01 -4.71
CA ALA D 327 30.74 -60.65 -4.65
C ALA D 327 31.63 -59.96 -3.62
N SER D 328 32.79 -60.54 -3.39
CA SER D 328 33.78 -59.89 -2.52
C SER D 328 34.41 -58.71 -3.24
N GLN D 329 35.23 -57.96 -2.50
CA GLN D 329 35.87 -56.78 -3.08
C GLN D 329 36.81 -57.16 -4.21
N GLU D 330 37.56 -58.25 -4.04
CA GLU D 330 38.52 -58.67 -5.06
C GLU D 330 37.81 -59.11 -6.34
N ASP D 331 36.75 -59.91 -6.21
CA ASP D 331 35.99 -60.33 -7.38
C ASP D 331 35.36 -59.15 -8.09
N LEU D 332 34.84 -58.19 -7.32
CA LEU D 332 34.26 -57.00 -7.92
C LEU D 332 35.29 -56.21 -8.71
N ILE D 333 36.48 -56.01 -8.13
CA ILE D 333 37.52 -55.27 -8.83
C ILE D 333 37.96 -56.02 -10.09
N THR D 334 38.05 -57.35 -10.00
CA THR D 334 38.40 -58.15 -11.16
C THR D 334 37.40 -57.96 -12.29
N LEU D 335 36.11 -58.01 -11.96
CA LEU D 335 35.08 -57.77 -12.97
C LEU D 335 35.16 -56.35 -13.52
N LEU D 336 35.54 -55.39 -12.68
CA LEU D 336 35.68 -54.02 -13.15
C LEU D 336 36.80 -53.90 -14.19
N GLU D 337 37.96 -54.50 -13.93
CA GLU D 337 39.00 -54.45 -14.96
C GLU D 337 38.59 -55.24 -16.20
N LYS D 338 37.81 -56.30 -16.03
CA LYS D 338 37.31 -57.02 -17.21
C LYS D 338 36.44 -56.12 -18.08
N SER D 339 35.53 -55.36 -17.44
CA SER D 339 34.67 -54.44 -18.19
C SER D 339 35.49 -53.35 -18.87
N ILE D 340 36.48 -52.80 -18.17
CA ILE D 340 37.30 -51.76 -18.76
C ILE D 340 38.09 -52.31 -19.95
N GLN D 341 38.58 -53.55 -19.83
CA GLN D 341 39.28 -54.17 -20.95
C GLN D 341 38.36 -54.37 -22.13
N ASN D 342 37.10 -54.74 -21.87
CA ASN D 342 36.14 -54.87 -22.97
C ASN D 342 35.93 -53.53 -23.68
N ILE D 343 35.83 -52.43 -22.92
CA ILE D 343 35.68 -51.12 -23.54
C ILE D 343 36.89 -50.79 -24.41
N ILE D 344 38.09 -51.01 -23.86
CA ILE D 344 39.31 -50.71 -24.60
C ILE D 344 39.38 -51.51 -25.89
N GLN D 345 39.06 -52.81 -25.80
CA GLN D 345 39.08 -53.65 -26.99
C GLN D 345 38.08 -53.17 -28.02
N THR D 346 36.88 -52.79 -27.58
CA THR D 346 35.86 -52.31 -28.51
C THR D 346 36.35 -51.09 -29.28
N PHE D 347 36.95 -50.13 -28.58
CA PHE D 347 37.37 -48.92 -29.29
C PHE D 347 38.63 -49.13 -30.11
N GLN D 348 39.49 -50.09 -29.72
CA GLN D 348 40.60 -50.45 -30.59
C GLN D 348 40.11 -51.08 -31.89
N ILE D 349 39.09 -51.95 -31.80
CA ILE D 349 38.48 -52.50 -32.99
C ILE D 349 37.88 -51.39 -33.84
N LEU D 350 37.25 -50.40 -33.20
CA LEU D 350 36.70 -49.28 -33.94
C LEU D 350 37.79 -48.53 -34.71
N GLU D 351 38.93 -48.28 -34.06
CA GLU D 351 40.02 -47.59 -34.73
C GLU D 351 40.56 -48.40 -35.91
N LYS D 352 40.70 -49.71 -35.73
CA LYS D 352 41.15 -50.56 -36.83
C LYS D 352 40.17 -50.51 -38.00
N ASN D 353 38.87 -50.56 -37.72
CA ASN D 353 37.87 -50.49 -38.78
C ASN D 353 37.91 -49.13 -39.47
N VAL D 354 38.18 -48.06 -38.72
CA VAL D 354 38.31 -46.74 -39.33
C VAL D 354 39.47 -46.74 -40.31
N ASP D 355 40.60 -47.34 -39.93
CA ASP D 355 41.72 -47.45 -40.87
C ASP D 355 41.35 -48.30 -42.08
N GLU D 356 40.54 -49.35 -41.87
CA GLU D 356 40.22 -50.26 -42.96
C GLU D 356 39.20 -49.69 -43.95
N LEU D 357 38.36 -48.75 -43.51
CA LEU D 357 37.28 -48.27 -44.37
C LEU D 357 37.71 -47.07 -45.22
N ILE D 358 38.15 -45.99 -44.57
CA ILE D 358 38.48 -44.76 -45.27
C ILE D 358 39.84 -44.93 -45.92
N ALA D 359 39.85 -45.24 -47.21
CA ALA D 359 41.09 -45.46 -47.94
C ALA D 359 41.73 -44.15 -48.35
N MET E 1 -45.59 -6.44 15.47
CA MET E 1 -46.50 -6.90 16.52
C MET E 1 -45.76 -7.15 17.82
N ALA E 2 -45.06 -6.13 18.30
CA ALA E 2 -44.26 -6.27 19.52
C ALA E 2 -45.11 -6.52 20.74
N MET E 3 -46.31 -5.94 20.79
CA MET E 3 -47.16 -6.10 21.98
C MET E 3 -47.61 -7.54 22.16
N GLN E 4 -48.00 -8.20 21.07
CA GLN E 4 -48.45 -9.59 21.18
C GLN E 4 -47.32 -10.50 21.65
N LYS E 5 -46.12 -10.32 21.11
CA LYS E 5 -44.98 -11.12 21.55
C LYS E 5 -44.63 -10.83 23.00
N LEU E 6 -44.66 -9.55 23.38
CA LEU E 6 -44.36 -9.17 24.76
C LEU E 6 -45.34 -9.82 25.72
N PHE E 7 -46.63 -9.79 25.39
CA PHE E 7 -47.66 -10.24 26.34
C PHE E 7 -47.44 -11.69 26.77
N THR E 8 -46.81 -12.50 25.95
CA THR E 8 -46.51 -13.88 26.31
C THR E 8 -45.09 -14.06 26.84
N TYR E 9 -44.11 -13.46 26.18
CA TYR E 9 -42.74 -13.73 26.58
C TYR E 9 -42.29 -12.95 27.80
N ILE E 10 -43.03 -11.91 28.21
CA ILE E 10 -42.72 -11.29 29.50
C ILE E 10 -43.08 -12.24 30.64
N TYR E 11 -44.19 -12.98 30.50
CA TYR E 11 -44.52 -13.97 31.51
C TYR E 11 -43.61 -15.19 31.42
N GLU E 12 -43.17 -15.54 30.21
CA GLU E 12 -42.14 -16.56 30.08
C GLU E 12 -40.85 -16.12 30.78
N PHE E 13 -40.51 -14.84 30.69
CA PHE E 13 -39.35 -14.28 31.36
C PHE E 13 -39.51 -14.30 32.88
N ILE E 14 -40.70 -13.96 33.36
CA ILE E 14 -40.97 -14.05 34.80
C ILE E 14 -40.81 -15.48 35.29
N GLU E 15 -41.28 -16.44 34.48
CA GLU E 15 -41.13 -17.84 34.86
C GLU E 15 -39.67 -18.28 34.85
N TYR E 16 -38.89 -17.81 33.87
CA TYR E 16 -37.51 -18.25 33.72
C TYR E 16 -36.63 -17.85 34.89
N ARG E 17 -36.99 -16.79 35.62
CA ARG E 17 -36.25 -16.37 36.80
C ARG E 17 -36.81 -16.97 38.07
N LYS E 18 -37.76 -17.90 37.97
CA LYS E 18 -38.34 -18.60 39.11
C LYS E 18 -39.05 -17.63 40.05
N MET E 19 -39.93 -16.81 39.48
CA MET E 19 -40.68 -15.82 40.22
C MET E 19 -42.16 -16.17 40.24
N VAL E 20 -42.82 -15.87 41.36
CA VAL E 20 -44.23 -16.15 41.55
C VAL E 20 -45.03 -14.91 41.20
N LEU E 21 -46.02 -15.07 40.32
CA LEU E 21 -46.89 -13.97 39.96
C LEU E 21 -47.78 -13.58 41.13
N LEU E 22 -47.96 -12.28 41.32
CA LEU E 22 -48.81 -11.76 42.39
C LEU E 22 -50.23 -11.46 41.92
N GLU E 23 -50.37 -10.77 40.79
CA GLU E 23 -51.68 -10.45 40.24
C GLU E 23 -52.01 -11.41 39.11
N GLU E 24 -53.26 -11.87 39.10
CA GLU E 24 -53.71 -12.81 38.08
C GLU E 24 -53.68 -12.18 36.70
N LYS E 25 -53.44 -13.01 35.69
CA LYS E 25 -53.30 -12.53 34.33
C LYS E 25 -54.62 -12.00 33.78
N VAL E 26 -54.52 -11.17 32.74
CA VAL E 26 -55.66 -10.62 32.04
C VAL E 26 -55.50 -10.95 30.57
N PRO E 27 -56.60 -10.91 29.79
CA PRO E 27 -56.49 -11.17 28.36
C PRO E 27 -55.61 -10.15 27.65
N TYR E 28 -55.15 -10.54 26.46
CA TYR E 28 -54.26 -9.67 25.68
C TYR E 28 -54.98 -8.39 25.27
N ASP E 29 -56.27 -8.49 24.94
CA ASP E 29 -57.04 -7.29 24.59
C ASP E 29 -57.10 -6.34 25.77
N LYS E 30 -57.30 -6.87 26.98
CA LYS E 30 -57.31 -6.03 28.17
C LYS E 30 -55.94 -5.40 28.40
N PHE E 31 -54.87 -6.14 28.12
CA PHE E 31 -53.51 -5.59 28.23
C PHE E 31 -53.31 -4.43 27.29
N VAL E 32 -53.75 -4.57 26.03
CA VAL E 32 -53.65 -3.48 25.07
C VAL E 32 -54.49 -2.30 25.49
N GLN E 33 -55.71 -2.56 25.97
CA GLN E 33 -56.59 -1.48 26.43
C GLN E 33 -55.97 -0.71 27.59
N MET E 34 -55.37 -1.42 28.54
CA MET E 34 -54.71 -0.75 29.66
C MET E 34 -53.50 0.06 29.19
N VAL E 35 -52.72 -0.50 28.26
CA VAL E 35 -51.55 0.22 27.77
C VAL E 35 -51.97 1.50 27.05
N LEU E 36 -53.02 1.43 26.24
CA LEU E 36 -53.47 2.62 25.51
C LEU E 36 -54.12 3.64 26.44
N ASN E 37 -54.91 3.17 27.41
CA ASN E 37 -55.62 4.09 28.29
C ASN E 37 -54.68 4.68 29.33
N THR E 38 -54.06 3.84 30.15
CA THR E 38 -53.21 4.32 31.23
C THR E 38 -51.90 4.88 30.72
N GLY E 39 -51.31 4.22 29.71
CA GLY E 39 -49.97 4.52 29.26
C GLY E 39 -48.94 3.48 29.63
N PHE E 40 -49.31 2.50 30.46
CA PHE E 40 -48.39 1.43 30.83
C PHE E 40 -49.20 0.27 31.39
N PHE E 41 -48.53 -0.88 31.48
CA PHE E 41 -49.04 -2.08 32.12
C PHE E 41 -48.03 -2.53 33.17
N ARG E 42 -48.51 -3.03 34.30
CA ARG E 42 -47.65 -3.39 35.41
C ARG E 42 -47.83 -4.85 35.76
N ILE E 43 -46.71 -5.57 35.92
CA ILE E 43 -46.70 -6.97 36.32
C ILE E 43 -45.80 -7.10 37.55
N ASN E 44 -46.36 -7.63 38.63
CA ASN E 44 -45.63 -7.76 39.89
C ASN E 44 -45.32 -9.23 40.13
N ALA E 45 -44.09 -9.51 40.55
CA ALA E 45 -43.61 -10.88 40.72
C ALA E 45 -42.88 -11.02 42.05
N GLU E 46 -43.00 -12.22 42.62
CA GLU E 46 -42.43 -12.58 43.92
C GLU E 46 -41.17 -13.40 43.71
N THR E 47 -40.09 -13.00 44.35
CA THR E 47 -38.83 -13.72 44.28
C THR E 47 -38.73 -14.67 45.49
N LEU E 48 -37.81 -15.63 45.42
CA LEU E 48 -37.66 -16.60 46.50
C LEU E 48 -37.30 -15.92 47.82
N ASN E 49 -36.42 -14.92 47.78
CA ASN E 49 -36.03 -14.20 49.00
C ASN E 49 -37.04 -13.14 49.39
N HIS E 50 -38.28 -13.24 48.90
CA HIS E 50 -39.39 -12.36 49.24
C HIS E 50 -39.20 -10.95 48.70
N GLY E 51 -38.27 -10.75 47.77
CA GLY E 51 -38.19 -9.49 47.05
C GLY E 51 -39.30 -9.38 46.03
N ILE E 52 -39.63 -8.15 45.68
CA ILE E 52 -40.69 -7.85 44.71
C ILE E 52 -40.06 -7.24 43.48
N VAL E 53 -40.41 -7.76 42.31
CA VAL E 53 -39.95 -7.23 41.04
C VAL E 53 -41.16 -6.73 40.28
N SER E 54 -41.13 -5.44 39.91
CA SER E 54 -42.22 -4.81 39.18
C SER E 54 -41.76 -4.50 37.76
N VAL E 55 -42.57 -4.90 36.79
CA VAL E 55 -42.27 -4.73 35.37
C VAL E 55 -43.27 -3.74 34.79
N PHE E 56 -42.77 -2.66 34.21
CA PHE E 56 -43.59 -1.63 33.59
C PHE E 56 -43.37 -1.70 32.08
N ILE E 57 -44.42 -2.08 31.36
CA ILE E 57 -44.41 -2.07 29.91
C ILE E 57 -45.07 -0.78 29.45
N PHE E 58 -44.33 0.05 28.73
CA PHE E 58 -44.79 1.37 28.32
C PHE E 58 -45.16 1.36 26.84
N GLY E 59 -46.26 2.02 26.51
CA GLY E 59 -46.65 2.15 25.13
C GLY E 59 -45.71 3.06 24.36
N ALA E 60 -45.54 2.75 23.07
CA ALA E 60 -44.64 3.53 22.24
C ALA E 60 -45.12 4.96 22.07
N ASN E 61 -46.42 5.19 22.19
CA ASN E 61 -47.01 6.52 22.08
C ASN E 61 -47.61 7.00 23.40
N GLY E 62 -47.04 6.54 24.52
CA GLY E 62 -47.49 7.01 25.81
C GLY E 62 -46.80 8.29 26.23
N LYS E 63 -47.36 8.92 27.27
CA LYS E 63 -46.82 10.19 27.74
C LYS E 63 -45.54 10.01 28.55
N TYR E 64 -45.42 8.90 29.29
CA TYR E 64 -44.28 8.70 30.18
C TYR E 64 -42.96 8.60 29.44
N VAL E 65 -42.98 8.25 28.15
CA VAL E 65 -41.75 8.14 27.38
C VAL E 65 -41.45 9.39 26.57
N HIS E 66 -42.34 10.38 26.59
CA HIS E 66 -42.13 11.65 25.90
C HIS E 66 -41.82 12.79 26.86
N HIS E 67 -42.57 12.90 27.95
CA HIS E 67 -42.36 13.95 28.95
C HIS E 67 -41.66 13.33 30.15
N GLY E 68 -40.48 13.85 30.48
CA GLY E 68 -39.73 13.29 31.59
C GLY E 68 -40.40 13.50 32.93
N GLY E 69 -41.25 14.52 33.04
CA GLY E 69 -41.93 14.77 34.30
C GLY E 69 -42.87 13.65 34.69
N ASP E 70 -43.62 13.11 33.72
CA ASP E 70 -44.54 12.02 34.00
C ASP E 70 -43.79 10.77 34.45
N MET E 71 -42.69 10.44 33.77
CA MET E 71 -41.88 9.30 34.20
C MET E 71 -41.29 9.55 35.57
N ARG E 72 -40.87 10.78 35.84
CA ARG E 72 -40.30 11.12 37.15
C ARG E 72 -41.31 10.90 38.26
N THR E 73 -42.52 11.44 38.09
CA THR E 73 -43.54 11.27 39.14
C THR E 73 -43.97 9.82 39.26
N LEU E 74 -44.06 9.09 38.15
CA LEU E 74 -44.44 7.68 38.21
C LEU E 74 -43.40 6.88 38.99
N LEU E 75 -42.11 7.09 38.69
CA LEU E 75 -41.06 6.36 39.39
C LEU E 75 -41.01 6.75 40.86
N THR E 76 -41.16 8.04 41.17
CA THR E 76 -41.14 8.48 42.55
C THR E 76 -42.30 7.89 43.34
N ASN E 77 -43.49 7.83 42.72
CA ASN E 77 -44.66 7.30 43.43
C ASN E 77 -44.60 5.79 43.57
N THR E 78 -44.01 5.08 42.59
CA THR E 78 -43.88 3.65 42.73
C THR E 78 -42.71 3.23 43.61
N LEU E 79 -41.75 4.11 43.85
CA LEU E 79 -40.59 3.77 44.65
C LEU E 79 -40.73 4.15 46.11
N ASN E 80 -41.86 4.72 46.53
CA ASN E 80 -42.15 4.96 47.93
C ASN E 80 -43.43 4.25 48.35
N GLU E 81 -43.58 3.01 47.91
CA GLU E 81 -44.71 2.16 48.25
C GLU E 81 -44.26 1.10 49.24
N LYS E 82 -45.19 0.66 50.10
CA LYS E 82 -44.89 -0.34 51.13
C LYS E 82 -44.78 -1.70 50.46
N LYS E 83 -43.68 -1.90 49.74
CA LYS E 83 -43.38 -3.18 49.11
C LYS E 83 -41.88 -3.42 49.21
N HIS E 84 -41.50 -4.69 49.32
CA HIS E 84 -40.09 -5.07 49.44
C HIS E 84 -39.46 -5.13 48.05
N TYR E 85 -39.32 -3.95 47.47
CA TYR E 85 -38.81 -3.84 46.10
C TYR E 85 -37.36 -4.28 46.02
N GLU E 86 -37.02 -4.97 44.93
CA GLU E 86 -35.62 -5.24 44.63
C GLU E 86 -35.23 -4.88 43.21
N GLU E 87 -36.16 -4.78 42.27
CA GLU E 87 -35.85 -4.37 40.91
C GLU E 87 -37.11 -3.91 40.22
N LEU E 88 -37.01 -2.80 39.48
CA LEU E 88 -38.06 -2.35 38.58
C LEU E 88 -37.54 -2.47 37.16
N ILE E 89 -38.35 -3.10 36.30
CA ILE E 89 -37.99 -3.31 34.91
C ILE E 89 -38.90 -2.43 34.06
N LEU E 90 -38.30 -1.50 33.33
CA LEU E 90 -39.01 -0.51 32.53
C LEU E 90 -38.80 -0.85 31.06
N ILE E 91 -39.75 -1.54 30.46
CA ILE E 91 -39.66 -1.96 29.07
C ILE E 91 -40.27 -0.86 28.20
N VAL E 92 -39.42 -0.19 27.43
CA VAL E 92 -39.82 0.93 26.60
C VAL E 92 -39.40 0.64 25.16
N ASP E 93 -40.02 1.35 24.23
CA ASP E 93 -39.67 1.22 22.83
C ASP E 93 -38.21 1.64 22.62
N LYS E 94 -37.58 1.02 21.62
CA LYS E 94 -36.17 1.28 21.37
C LYS E 94 -35.83 2.76 21.17
N PRO E 95 -36.62 3.56 20.45
CA PRO E 95 -36.29 4.99 20.35
C PRO E 95 -36.21 5.69 21.69
N VAL E 96 -36.97 5.24 22.69
CA VAL E 96 -36.93 5.86 24.01
C VAL E 96 -35.55 5.68 24.64
N LEU E 97 -34.81 4.65 24.24
CA LEU E 97 -33.49 4.43 24.81
C LEU E 97 -32.51 5.52 24.41
N SER E 98 -32.77 6.20 23.30
CA SER E 98 -31.94 7.31 22.87
C SER E 98 -32.42 8.66 23.37
N LYS E 99 -33.59 8.72 23.99
CA LYS E 99 -34.09 9.97 24.55
C LYS E 99 -33.33 10.28 25.83
N LYS E 100 -32.52 11.34 25.81
CA LYS E 100 -31.61 11.61 26.91
C LYS E 100 -32.36 11.95 28.20
N ASN E 101 -33.47 12.69 28.09
CA ASN E 101 -34.17 13.13 29.28
C ASN E 101 -34.70 11.94 30.09
N ILE E 102 -35.31 10.96 29.42
CA ILE E 102 -35.84 9.79 30.13
C ILE E 102 -34.72 9.08 30.88
N LEU E 103 -33.56 8.91 30.23
CA LEU E 103 -32.43 8.30 30.90
C LEU E 103 -31.96 9.13 32.08
N ASP E 104 -32.07 10.46 31.97
CA ASP E 104 -31.69 11.32 33.10
C ASP E 104 -32.59 11.09 34.30
N ILE E 105 -33.90 10.99 34.08
CA ILE E 105 -34.78 10.62 35.20
C ILE E 105 -34.43 9.23 35.73
N ILE E 106 -34.08 8.30 34.84
CA ILE E 106 -33.74 6.95 35.30
C ILE E 106 -32.53 6.99 36.23
N VAL E 107 -31.49 7.70 35.83
CA VAL E 107 -30.27 7.74 36.64
C VAL E 107 -30.48 8.58 37.90
N GLU E 108 -31.32 9.60 37.84
CA GLU E 108 -31.65 10.37 39.04
C GLU E 108 -32.38 9.48 40.06
N GLN E 109 -33.32 8.66 39.59
CA GLN E 109 -34.01 7.72 40.47
C GLN E 109 -33.04 6.70 41.03
N ARG E 110 -32.08 6.23 40.21
CA ARG E 110 -31.06 5.32 40.70
C ARG E 110 -30.25 5.96 41.82
N ALA E 111 -29.83 7.20 41.64
CA ALA E 111 -29.06 7.90 42.66
C ALA E 111 -29.87 8.09 43.94
N ALA E 112 -31.14 8.45 43.80
CA ALA E 112 -31.99 8.63 44.97
C ALA E 112 -32.34 7.30 45.64
N ASN E 113 -32.22 6.18 44.94
CA ASN E 113 -32.56 4.86 45.47
C ASN E 113 -31.35 3.95 45.25
N PRO E 114 -30.39 3.95 46.17
CA PRO E 114 -29.16 3.19 45.93
C PRO E 114 -29.30 1.69 46.07
N THR E 115 -30.30 1.20 46.81
CA THR E 115 -30.46 -0.22 47.06
C THR E 115 -31.47 -0.89 46.15
N ILE E 116 -32.01 -0.17 45.16
CA ILE E 116 -33.01 -0.72 44.24
C ILE E 116 -32.40 -0.73 42.85
N VAL E 117 -32.49 -1.88 42.19
CA VAL E 117 -31.96 -2.03 40.84
C VAL E 117 -32.98 -1.47 39.86
N ILE E 118 -32.56 -0.50 39.05
CA ILE E 118 -33.42 0.16 38.08
C ILE E 118 -32.85 -0.10 36.71
N ASN E 119 -33.61 -0.77 35.86
CA ASN E 119 -33.17 -1.11 34.51
C ASN E 119 -34.24 -0.73 33.51
N ILE E 120 -33.81 -0.19 32.37
CA ILE E 120 -34.69 0.19 31.27
C ILE E 120 -34.25 -0.60 30.04
N TYR E 121 -35.20 -1.32 29.44
CA TYR E 121 -34.89 -2.26 28.37
C TYR E 121 -35.76 -2.00 27.14
N PRO E 122 -35.27 -2.35 25.96
CA PRO E 122 -36.09 -2.24 24.75
C PRO E 122 -37.12 -3.35 24.65
N TYR E 123 -38.00 -3.27 23.64
CA TYR E 123 -39.03 -4.28 23.46
C TYR E 123 -38.45 -5.64 23.10
N HIS E 124 -37.46 -5.67 22.19
CA HIS E 124 -37.04 -6.95 21.62
C HIS E 124 -36.42 -7.88 22.64
N LEU E 125 -36.05 -7.36 23.81
CA LEU E 125 -35.50 -8.21 24.86
C LEU E 125 -36.51 -9.22 25.38
N PHE E 126 -37.81 -8.94 25.25
CA PHE E 126 -38.85 -9.80 25.78
C PHE E 126 -39.90 -10.15 24.73
N CYS E 127 -39.55 -10.07 23.45
CA CYS E 127 -40.44 -10.49 22.37
C CYS E 127 -40.15 -11.91 21.90
N ILE E 128 -39.24 -12.61 22.58
CA ILE E 128 -38.89 -13.99 22.26
C ILE E 128 -38.42 -14.66 23.55
N ASN E 129 -38.27 -15.98 23.53
CA ASN E 129 -37.64 -16.69 24.63
C ASN E 129 -36.13 -16.71 24.36
N ILE E 130 -35.42 -15.78 24.99
CA ILE E 130 -33.99 -15.61 24.70
C ILE E 130 -33.18 -16.87 24.98
N PRO E 131 -33.33 -17.56 26.13
CA PRO E 131 -32.53 -18.76 26.35
C PRO E 131 -32.72 -19.84 25.29
N LYS E 132 -33.92 -19.95 24.72
CA LYS E 132 -34.20 -21.00 23.74
C LYS E 132 -33.74 -20.65 22.34
N VAL E 133 -33.17 -19.47 22.13
CA VAL E 133 -32.64 -19.11 20.81
C VAL E 133 -31.43 -19.97 20.51
N SER E 134 -31.35 -20.47 19.27
CA SER E 134 -30.33 -21.45 18.92
C SER E 134 -28.92 -20.86 18.99
N ALA E 135 -28.75 -19.61 18.56
CA ALA E 135 -27.42 -19.02 18.50
C ALA E 135 -26.88 -18.63 19.86
N ILE E 136 -27.68 -18.71 20.92
CA ILE E 136 -27.29 -18.26 22.25
C ILE E 136 -26.80 -19.48 23.03
N PRO E 137 -25.53 -19.50 23.47
CA PRO E 137 -25.04 -20.64 24.27
C PRO E 137 -25.72 -20.76 25.61
N LYS E 138 -25.38 -21.77 26.41
CA LYS E 138 -26.04 -21.99 27.68
C LYS E 138 -25.34 -21.18 28.75
N HIS E 139 -25.99 -20.12 29.23
CA HIS E 139 -25.47 -19.31 30.32
C HIS E 139 -25.97 -19.83 31.66
N LYS E 140 -25.18 -19.60 32.70
CA LYS E 140 -25.55 -20.08 34.03
C LYS E 140 -24.77 -19.28 35.07
N LEU E 141 -25.47 -18.57 35.95
CA LEU E 141 -24.78 -17.88 37.03
C LEU E 141 -24.12 -18.90 37.96
N ILE E 142 -22.93 -18.56 38.46
CA ILE E 142 -22.23 -19.41 39.41
C ILE E 142 -22.03 -18.64 40.70
N THR E 143 -21.82 -19.38 41.79
CA THR E 143 -21.72 -18.80 43.11
C THR E 143 -20.36 -18.12 43.28
N GLN E 144 -20.28 -17.28 44.32
CA GLN E 144 -19.03 -16.58 44.62
C GLN E 144 -17.96 -17.53 45.10
N GLU E 145 -18.32 -18.53 45.91
CA GLU E 145 -17.33 -19.46 46.43
C GLU E 145 -16.74 -20.31 45.30
N GLU E 146 -17.59 -20.79 44.40
CA GLU E 146 -17.11 -21.59 43.27
C GLU E 146 -16.20 -20.78 42.35
N ALA E 147 -16.59 -19.53 42.09
CA ALA E 147 -15.76 -18.66 41.26
C ALA E 147 -14.43 -18.36 41.94
N GLN E 148 -14.44 -18.14 43.25
CA GLN E 148 -13.19 -17.90 43.98
C GLN E 148 -12.29 -19.12 43.94
N GLU E 149 -12.86 -20.32 44.07
CA GLU E 149 -12.05 -21.53 43.95
C GLU E 149 -11.42 -21.64 42.56
N PHE E 150 -12.21 -21.36 41.52
CA PHE E 150 -11.67 -21.38 40.16
C PHE E 150 -10.53 -20.37 39.99
N LEU E 151 -10.76 -19.13 40.44
CA LEU E 151 -9.75 -18.09 40.29
C LEU E 151 -8.50 -18.40 41.09
N GLY E 152 -8.66 -18.97 42.29
CA GLY E 152 -7.50 -19.33 43.08
C GLY E 152 -6.69 -20.44 42.44
N ARG E 153 -7.36 -21.43 41.85
CA ARG E 153 -6.63 -22.46 41.12
C ARG E 153 -5.90 -21.85 39.92
N GLU E 154 -6.51 -20.88 39.25
CA GLU E 154 -5.92 -20.29 38.05
C GLU E 154 -5.00 -19.11 38.35
N TYR E 155 -4.83 -18.75 39.62
CA TYR E 155 -4.02 -17.57 40.00
C TYR E 155 -4.52 -16.31 39.31
N LEU E 156 -5.83 -16.14 39.26
CA LEU E 156 -6.45 -15.04 38.54
C LEU E 156 -7.22 -14.14 39.49
N GLN E 157 -7.41 -12.90 39.05
CA GLN E 157 -8.32 -11.96 39.67
C GLN E 157 -9.58 -11.82 38.82
N PRO E 158 -10.70 -11.39 39.41
CA PRO E 158 -11.92 -11.21 38.61
C PRO E 158 -11.76 -10.22 37.47
N GLN E 159 -10.75 -9.35 37.53
CA GLN E 159 -10.55 -8.34 36.50
C GLN E 159 -9.75 -8.85 35.31
N ASP E 160 -9.26 -10.09 35.36
CA ASP E 160 -8.56 -10.68 34.24
C ASP E 160 -9.47 -11.50 33.33
N LEU E 161 -10.63 -11.92 33.83
CA LEU E 161 -11.56 -12.72 33.05
C LEU E 161 -12.17 -11.89 31.93
N MET E 162 -12.67 -12.59 30.91
CA MET E 162 -13.53 -11.96 29.94
C MET E 162 -14.76 -11.42 30.66
N GLN E 163 -15.25 -10.27 30.22
CA GLN E 163 -16.34 -9.61 30.91
C GLN E 163 -17.56 -9.47 30.02
N ILE E 164 -18.73 -9.51 30.63
CA ILE E 164 -20.01 -9.48 29.94
C ILE E 164 -20.89 -8.43 30.61
N SER E 165 -21.63 -7.68 29.80
CA SER E 165 -22.47 -6.62 30.34
C SER E 165 -23.69 -7.21 31.06
N ALA E 166 -24.17 -6.49 32.07
CA ALA E 166 -25.35 -6.93 32.79
C ALA E 166 -26.62 -6.76 31.97
N SER E 167 -26.58 -5.95 30.91
CA SER E 167 -27.70 -5.78 30.02
C SER E 167 -27.68 -6.74 28.84
N ASP E 168 -26.72 -7.67 28.82
CA ASP E 168 -26.69 -8.69 27.80
C ASP E 168 -27.94 -9.57 27.92
N PRO E 169 -28.62 -9.88 26.82
CA PRO E 169 -29.94 -10.52 26.90
C PRO E 169 -29.95 -11.80 27.73
N PRO E 170 -29.03 -12.75 27.50
CA PRO E 170 -29.02 -13.94 28.36
C PRO E 170 -28.74 -13.61 29.82
N VAL E 171 -27.88 -12.62 30.08
CA VAL E 171 -27.60 -12.22 31.44
C VAL E 171 -28.81 -11.55 32.07
N VAL E 172 -29.56 -10.77 31.27
CA VAL E 172 -30.79 -10.17 31.77
C VAL E 172 -31.80 -11.25 32.16
N TRP E 173 -31.95 -12.26 31.30
CA TRP E 173 -32.89 -13.34 31.61
C TRP E 173 -32.42 -14.16 32.81
N LEU E 174 -31.11 -14.30 32.99
CA LEU E 174 -30.60 -14.97 34.18
C LEU E 174 -30.84 -14.13 35.43
N GLY E 175 -30.77 -12.81 35.32
CA GLY E 175 -30.82 -11.94 36.47
C GLY E 175 -29.43 -11.63 36.98
N GLY E 176 -28.48 -11.48 36.06
CA GLY E 176 -27.10 -11.25 36.44
C GLY E 176 -26.88 -9.81 36.86
N ARG E 177 -26.21 -9.64 37.99
CA ARG E 177 -25.87 -8.34 38.54
C ARG E 177 -24.38 -8.07 38.35
N PRO E 178 -23.96 -6.81 38.26
CA PRO E 178 -22.53 -6.52 38.19
C PRO E 178 -21.81 -7.06 39.43
N GLY E 179 -20.64 -7.66 39.19
CA GLY E 179 -19.92 -8.36 40.22
C GLY E 179 -20.19 -9.84 40.29
N ASP E 180 -21.09 -10.36 39.47
CA ASP E 180 -21.38 -11.78 39.43
C ASP E 180 -20.55 -12.47 38.35
N PHE E 181 -20.55 -13.80 38.39
CA PHE E 181 -19.84 -14.62 37.42
C PHE E 181 -20.84 -15.50 36.69
N VAL E 182 -20.73 -15.56 35.37
CA VAL E 182 -21.59 -16.39 34.54
C VAL E 182 -20.71 -17.41 33.82
N GLN E 183 -21.02 -18.69 33.98
CA GLN E 183 -20.39 -19.76 33.24
C GLN E 183 -21.19 -20.02 31.97
N ILE E 184 -20.49 -20.04 30.84
CA ILE E 184 -21.10 -20.22 29.54
C ILE E 184 -20.59 -21.54 28.95
N GLU E 185 -21.51 -22.46 28.70
CA GLU E 185 -21.25 -23.67 27.94
C GLU E 185 -21.58 -23.38 26.48
N ARG E 186 -20.55 -23.40 25.63
CA ARG E 186 -20.75 -22.98 24.25
C ARG E 186 -20.23 -24.03 23.29
N PRO E 187 -20.87 -24.15 22.12
CA PRO E 187 -20.41 -25.14 21.13
C PRO E 187 -19.06 -24.76 20.55
N SER E 188 -18.32 -25.78 20.14
CA SER E 188 -17.01 -25.59 19.54
C SER E 188 -16.86 -26.53 18.35
N GLU E 189 -16.24 -26.04 17.29
CA GLU E 189 -15.95 -26.88 16.14
C GLU E 189 -14.55 -27.46 16.19
N THR E 190 -13.86 -27.32 17.32
CA THR E 190 -12.55 -27.92 17.55
C THR E 190 -12.54 -28.91 18.69
N ALA E 191 -13.32 -28.68 19.75
CA ALA E 191 -13.39 -29.58 20.89
C ALA E 191 -14.79 -30.07 21.17
N MET E 192 -15.75 -29.74 20.30
CA MET E 192 -17.16 -30.15 20.34
C MET E 192 -17.94 -29.39 21.42
N HIS E 193 -17.25 -28.73 22.34
CA HIS E 193 -17.85 -27.78 23.27
C HIS E 193 -16.77 -27.26 24.20
N ALA E 194 -17.04 -26.11 24.81
CA ALA E 194 -16.09 -25.46 25.69
C ALA E 194 -16.84 -24.74 26.80
N VAL E 195 -16.12 -24.44 27.87
CA VAL E 195 -16.65 -23.75 29.03
C VAL E 195 -15.82 -22.49 29.26
N VAL E 196 -16.49 -21.35 29.38
CA VAL E 196 -15.82 -20.12 29.78
C VAL E 196 -16.55 -19.53 30.98
N ILE E 197 -15.85 -18.66 31.70
CA ILE E 197 -16.41 -17.96 32.85
C ILE E 197 -16.19 -16.47 32.63
N ARG E 198 -17.27 -15.69 32.72
CA ARG E 198 -17.23 -14.27 32.43
C ARG E 198 -17.64 -13.48 33.68
N PHE E 199 -17.09 -12.28 33.79
CA PHE E 199 -17.34 -11.40 34.91
C PHE E 199 -18.34 -10.34 34.48
N ILE E 200 -19.46 -10.24 35.19
CA ILE E 200 -20.55 -9.36 34.78
C ILE E 200 -20.23 -7.93 35.18
N THR E 201 -20.36 -7.01 34.23
CA THR E 201 -20.05 -5.60 34.42
C THR E 201 -21.34 -4.78 34.29
N LYS E 202 -21.18 -3.46 34.49
CA LYS E 202 -22.33 -2.57 34.57
C LYS E 202 -23.09 -2.48 33.25
N SER E 203 -24.39 -2.25 33.36
CA SER E 203 -25.25 -2.11 32.21
C SER E 203 -24.93 -0.84 31.43
N LYS E 204 -25.15 -0.92 30.11
CA LYS E 204 -24.80 0.20 29.24
C LYS E 204 -25.69 1.43 29.45
N ILE E 205 -26.94 1.25 29.85
CA ILE E 205 -27.79 2.39 30.18
C ILE E 205 -28.06 2.42 31.68
N MET F 1 25.55 -7.67 -35.30
CA MET F 1 25.59 -6.58 -36.27
C MET F 1 25.80 -7.10 -37.68
N LEU F 2 26.08 -8.41 -37.79
CA LEU F 2 26.25 -9.08 -39.07
C LEU F 2 25.66 -10.47 -38.98
N ILE F 3 25.58 -11.15 -40.12
CA ILE F 3 25.21 -12.56 -40.09
C ILE F 3 26.29 -13.33 -39.34
N PRO F 4 25.93 -14.15 -38.35
CA PRO F 4 26.97 -14.75 -37.49
C PRO F 4 27.92 -15.65 -38.27
N VAL F 5 29.14 -15.78 -37.74
CA VAL F 5 30.15 -16.60 -38.37
C VAL F 5 29.70 -18.05 -38.41
N VAL F 6 29.08 -18.53 -37.33
CA VAL F 6 28.52 -19.86 -37.26
C VAL F 6 27.07 -19.76 -36.81
N CYS F 7 26.31 -20.82 -37.08
CA CYS F 7 24.94 -20.88 -36.61
C CYS F 7 24.90 -20.82 -35.09
N PHE F 8 24.04 -19.96 -34.55
CA PHE F 8 23.94 -19.82 -33.10
C PHE F 8 23.55 -21.11 -32.41
N THR F 9 22.83 -21.98 -33.11
CA THR F 9 22.30 -23.18 -32.51
C THR F 9 23.28 -24.35 -32.57
N CYS F 10 23.70 -24.72 -33.78
CA CYS F 10 24.52 -25.91 -33.96
C CYS F 10 25.97 -25.63 -34.28
N GLY F 11 26.30 -24.44 -34.78
CA GLY F 11 27.67 -24.11 -35.07
C GLY F 11 28.15 -24.44 -36.48
N PHE F 12 27.23 -24.67 -37.42
CA PHE F 12 27.63 -24.85 -38.80
C PHE F 12 28.18 -23.54 -39.35
N PRO F 13 29.27 -23.57 -40.13
CA PRO F 13 29.88 -22.32 -40.59
C PRO F 13 29.03 -21.57 -41.61
N ILE F 14 27.99 -20.90 -41.11
CA ILE F 14 27.12 -20.09 -41.95
C ILE F 14 27.86 -18.89 -42.53
N GLY F 15 28.79 -18.31 -41.78
CA GLY F 15 29.39 -17.05 -42.17
C GLY F 15 30.15 -17.08 -43.48
N THR F 16 30.76 -18.23 -43.81
CA THR F 16 31.58 -18.30 -45.01
C THR F 16 30.77 -18.11 -46.29
N TYR F 17 29.44 -18.25 -46.22
CA TYR F 17 28.57 -17.98 -47.34
C TYR F 17 27.69 -16.76 -47.12
N ALA F 18 27.90 -16.04 -46.02
CA ALA F 18 27.00 -14.93 -45.69
C ALA F 18 27.07 -13.83 -46.74
N ALA F 19 28.28 -13.30 -46.97
CA ALA F 19 28.44 -12.17 -47.89
C ALA F 19 27.81 -12.46 -49.24
N ILE F 20 28.15 -13.61 -49.83
CA ILE F 20 27.55 -13.99 -51.10
C ILE F 20 26.03 -14.03 -50.98
N PHE F 21 25.53 -14.73 -49.95
CA PHE F 21 24.09 -14.82 -49.77
C PHE F 21 23.45 -13.44 -49.64
N ASP F 22 24.19 -12.48 -49.10
CA ASP F 22 23.69 -11.11 -49.09
C ASP F 22 23.43 -10.64 -50.52
N LYS F 23 24.50 -10.54 -51.31
CA LYS F 23 24.38 -9.91 -52.61
C LYS F 23 23.35 -10.61 -53.47
N ALA F 24 23.49 -11.93 -53.61
CA ALA F 24 22.54 -12.71 -54.38
C ALA F 24 21.11 -12.43 -53.94
N ARG F 25 20.87 -12.42 -52.63
CA ARG F 25 19.51 -12.21 -52.15
C ARG F 25 18.94 -10.92 -52.70
N THR F 26 19.71 -9.83 -52.62
CA THR F 26 19.24 -8.55 -53.13
C THR F 26 18.87 -8.68 -54.60
N GLU F 27 19.77 -9.29 -55.40
CA GLU F 27 19.47 -9.45 -56.81
C GLU F 27 18.16 -10.21 -57.00
N TYR F 28 17.98 -11.29 -56.24
CA TYR F 28 16.74 -12.05 -56.38
C TYR F 28 15.53 -11.18 -56.09
N ILE F 29 15.61 -10.36 -55.03
CA ILE F 29 14.47 -9.52 -54.69
C ILE F 29 14.21 -8.52 -55.80
N LYS F 30 15.27 -8.03 -56.44
CA LYS F 30 15.09 -7.06 -57.52
C LYS F 30 14.28 -7.66 -58.66
N THR F 31 14.31 -8.99 -58.81
CA THR F 31 13.51 -9.63 -59.85
C THR F 31 12.04 -9.67 -59.46
N LYS F 32 11.75 -9.91 -58.17
CA LYS F 32 10.39 -10.14 -57.71
C LYS F 32 9.72 -8.89 -57.15
N MET F 33 10.46 -7.79 -57.00
CA MET F 33 9.97 -6.65 -56.25
C MET F 33 8.70 -6.04 -56.86
N GLY F 34 8.83 -5.35 -57.99
CA GLY F 34 7.67 -5.08 -58.81
C GLY F 34 6.92 -3.83 -58.42
N GLY F 35 7.11 -2.72 -59.15
CA GLY F 35 6.31 -1.52 -58.99
C GLY F 35 6.01 -1.06 -57.58
N THR F 36 6.83 -1.47 -56.62
CA THR F 36 6.58 -1.20 -55.21
C THR F 36 7.83 -0.59 -54.60
N LEU F 37 7.66 0.44 -53.77
CA LEU F 37 8.81 1.05 -53.13
C LEU F 37 9.50 0.06 -52.21
N PRO F 38 10.82 0.15 -52.08
CA PRO F 38 11.56 -0.84 -51.28
C PRO F 38 11.07 -0.96 -49.85
N GLN F 39 10.86 0.16 -49.16
CA GLN F 39 10.48 0.13 -47.76
C GLN F 39 9.08 -0.44 -47.57
N ASN F 40 8.34 -0.61 -48.66
CA ASN F 40 7.00 -1.19 -48.63
C ASN F 40 7.00 -2.67 -49.00
N ILE F 41 8.18 -3.27 -49.20
CA ILE F 41 8.23 -4.71 -49.52
C ILE F 41 7.54 -5.56 -48.45
N PRO F 42 7.74 -5.34 -47.14
CA PRO F 42 7.06 -6.19 -46.15
C PRO F 42 5.57 -5.92 -46.01
N LEU F 43 5.00 -5.14 -46.92
CA LEU F 43 3.58 -4.81 -46.88
C LEU F 43 2.84 -5.15 -48.18
N ASP F 44 3.53 -5.76 -49.16
CA ASP F 44 2.97 -5.84 -50.51
C ASP F 44 1.75 -6.74 -50.59
N ALA F 45 1.72 -7.82 -49.82
CA ALA F 45 0.62 -8.78 -49.78
C ALA F 45 0.41 -9.50 -51.11
N SER F 46 1.37 -9.42 -52.02
CA SER F 46 1.33 -10.18 -53.26
C SER F 46 2.67 -10.83 -53.57
N LEU F 47 3.62 -10.78 -52.64
CA LEU F 47 4.97 -11.26 -52.87
C LEU F 47 5.11 -12.72 -52.48
N GLN F 48 5.98 -13.44 -53.18
CA GLN F 48 6.24 -14.85 -52.98
C GLN F 48 7.74 -15.11 -52.93
N ILE F 49 8.46 -14.29 -52.16
CA ILE F 49 9.92 -14.31 -52.17
C ILE F 49 10.39 -15.49 -51.32
N GLU F 50 10.92 -16.51 -51.97
CA GLU F 50 11.42 -17.72 -51.32
C GLU F 50 12.89 -17.89 -51.67
N LEU F 51 13.73 -18.06 -50.65
CA LEU F 51 15.17 -18.20 -50.83
C LEU F 51 15.66 -19.63 -50.65
N LYS F 52 14.76 -20.61 -50.70
CA LYS F 52 15.14 -21.99 -50.45
C LYS F 52 16.21 -22.48 -51.43
N ASP F 53 15.95 -22.31 -52.72
CA ASP F 53 16.89 -22.80 -53.73
C ASP F 53 18.15 -21.97 -53.76
N LEU F 54 18.05 -20.68 -53.44
CA LEU F 54 19.24 -19.84 -53.35
C LEU F 54 20.18 -20.31 -52.25
N ILE F 55 19.63 -20.63 -51.08
CA ILE F 55 20.46 -21.14 -49.99
C ILE F 55 20.98 -22.53 -50.30
N THR F 56 20.16 -23.35 -50.96
CA THR F 56 20.62 -24.68 -51.34
C THR F 56 21.79 -24.62 -52.30
N ALA F 57 21.77 -23.67 -53.23
CA ALA F 57 22.88 -23.52 -54.18
C ALA F 57 24.19 -23.15 -53.49
N LEU F 58 24.13 -22.64 -52.26
CA LEU F 58 25.33 -22.32 -51.51
C LEU F 58 25.94 -23.53 -50.81
N GLY F 59 25.26 -24.66 -50.81
CA GLY F 59 25.72 -25.84 -50.11
C GLY F 59 25.28 -25.93 -48.66
N ILE F 60 24.61 -24.91 -48.15
CA ILE F 60 24.11 -24.95 -46.76
C ILE F 60 23.06 -26.05 -46.64
N PRO F 61 23.12 -26.90 -45.61
CA PRO F 61 22.17 -28.01 -45.51
C PRO F 61 20.74 -27.55 -45.26
N MET F 62 19.84 -28.50 -45.09
CA MET F 62 18.42 -28.21 -44.91
C MET F 62 18.05 -28.04 -43.44
N ARG F 63 18.97 -27.53 -42.64
CA ARG F 63 18.75 -27.40 -41.21
C ARG F 63 17.91 -26.16 -40.90
N VAL F 64 16.94 -26.32 -40.00
CA VAL F 64 16.04 -25.22 -39.66
C VAL F 64 16.82 -24.07 -39.05
N CYS F 65 17.70 -24.38 -38.11
CA CYS F 65 18.42 -23.33 -37.37
C CYS F 65 19.32 -22.51 -38.28
N CYS F 66 20.08 -23.19 -39.14
CA CYS F 66 21.06 -22.50 -39.97
C CYS F 66 20.38 -21.53 -40.93
N ARG F 67 19.37 -22.01 -41.64
CA ARG F 67 18.65 -21.16 -42.57
C ARG F 67 17.88 -20.07 -41.84
N THR F 68 17.37 -20.35 -40.66
CA THR F 68 16.72 -19.30 -39.86
C THR F 68 17.69 -18.16 -39.57
N HIS F 69 18.87 -18.50 -39.04
CA HIS F 69 19.81 -17.46 -38.64
C HIS F 69 20.43 -16.77 -39.84
N LEU F 70 20.53 -17.46 -40.98
CA LEU F 70 21.02 -16.81 -42.19
C LEU F 70 19.99 -15.84 -42.76
N ILE F 71 18.72 -16.26 -42.79
CA ILE F 71 17.68 -15.44 -43.41
C ILE F 71 17.35 -14.23 -42.54
N THR F 72 17.29 -14.41 -41.22
CA THR F 72 16.64 -13.42 -40.37
C THR F 72 17.59 -12.41 -39.74
N THR F 73 18.90 -12.61 -39.82
CA THR F 73 19.83 -11.75 -39.08
C THR F 73 19.87 -10.36 -39.70
N LEU F 74 19.75 -9.34 -38.85
CA LEU F 74 19.83 -7.96 -39.28
C LEU F 74 21.28 -7.56 -39.52
N ASP F 75 21.48 -6.62 -40.44
CA ASP F 75 22.80 -6.13 -40.80
C ASP F 75 22.90 -4.66 -40.37
N TYR F 76 23.89 -4.36 -39.53
CA TYR F 76 24.04 -3.00 -39.02
C TYR F 76 24.45 -2.02 -40.11
N ARG F 77 25.17 -2.49 -41.13
CA ARG F 77 25.57 -1.60 -42.22
C ARG F 77 24.37 -1.06 -42.97
N LYS F 78 23.27 -1.81 -43.00
CA LYS F 78 22.09 -1.45 -43.77
C LYS F 78 21.12 -0.57 -43.00
N TYR F 79 21.36 -0.31 -41.72
CA TYR F 79 20.51 0.57 -40.93
C TYR F 79 21.25 1.80 -40.44
N TYR F 80 22.53 1.94 -40.74
CA TYR F 80 23.34 3.04 -40.22
C TYR F 80 24.16 3.68 -41.32
N MET G 1 -43.49 30.84 -9.01
CA MET G 1 -43.44 31.90 -8.02
C MET G 1 -44.49 32.96 -8.31
N LYS G 2 -44.50 34.02 -7.50
CA LYS G 2 -45.25 35.23 -7.79
C LYS G 2 -44.25 36.36 -8.04
N ILE G 3 -44.49 37.13 -9.10
CA ILE G 3 -43.60 38.20 -9.51
C ILE G 3 -44.28 39.53 -9.19
N CYS G 4 -43.57 40.38 -8.45
CA CYS G 4 -44.10 41.69 -8.09
C CYS G 4 -44.38 42.52 -9.33
N LYS G 5 -45.57 43.11 -9.39
CA LYS G 5 -45.93 43.92 -10.55
C LYS G 5 -45.18 45.24 -10.57
N ALA G 6 -44.62 45.65 -9.43
CA ALA G 6 -43.87 46.90 -9.37
C ALA G 6 -42.42 46.72 -9.82
N CYS G 7 -41.67 45.89 -9.09
CA CYS G 7 -40.23 45.75 -9.31
C CYS G 7 -39.84 44.41 -9.91
N SER G 8 -40.81 43.60 -10.35
CA SER G 8 -40.55 42.30 -10.98
C SER G 8 -39.70 41.39 -10.08
N SER G 9 -39.83 41.53 -8.78
CA SER G 9 -39.09 40.73 -7.82
C SER G 9 -39.87 39.48 -7.45
N CYS G 10 -39.17 38.52 -6.87
CA CYS G 10 -39.77 37.26 -6.42
C CYS G 10 -40.32 37.45 -5.02
N MET G 11 -41.65 37.41 -4.90
CA MET G 11 -42.31 37.69 -3.63
C MET G 11 -42.21 36.50 -2.70
N VAL G 12 -42.35 36.77 -1.40
CA VAL G 12 -42.30 35.74 -0.37
C VAL G 12 -43.73 35.34 0.01
N ARG G 13 -43.98 34.04 0.09
CA ARG G 13 -45.31 33.50 0.34
C ARG G 13 -45.50 33.24 1.83
N THR G 14 -46.60 33.77 2.38
CA THR G 14 -46.99 33.51 3.76
C THR G 14 -48.46 33.09 3.76
N TYR G 15 -48.91 32.55 4.89
CA TYR G 15 -50.26 32.03 5.02
C TYR G 15 -50.94 32.70 6.22
N VAL G 16 -52.06 33.38 5.96
CA VAL G 16 -52.78 34.12 6.98
C VAL G 16 -54.26 33.74 6.90
N ASP G 17 -54.81 33.31 8.03
CA ASP G 17 -56.22 32.91 8.19
C ASP G 17 -56.75 32.13 7.00
N GLY G 18 -55.97 31.15 6.55
CA GLY G 18 -56.40 30.30 5.47
C GLY G 18 -56.34 30.93 4.09
N ASN G 19 -55.38 31.82 3.86
CA ASN G 19 -55.21 32.46 2.56
C ASN G 19 -53.72 32.67 2.32
N ILE G 20 -53.34 32.66 1.05
CA ILE G 20 -51.95 32.85 0.65
C ILE G 20 -51.73 34.32 0.34
N ILE G 21 -50.73 34.91 0.97
CA ILE G 21 -50.37 36.31 0.77
C ILE G 21 -48.92 36.36 0.31
N PHE G 22 -48.70 36.93 -0.87
CA PHE G 22 -47.35 37.17 -1.37
C PHE G 22 -46.94 38.59 -1.03
N ARG G 23 -45.92 38.71 -0.19
CA ARG G 23 -45.39 40.01 0.23
C ARG G 23 -44.00 40.19 -0.35
N CYS G 24 -43.78 41.33 -1.00
CA CYS G 24 -42.50 41.67 -1.58
C CYS G 24 -41.67 42.48 -0.59
N SER G 25 -40.39 42.69 -0.93
CA SER G 25 -39.51 43.49 -0.10
C SER G 25 -39.71 44.98 -0.32
N CYS G 26 -40.54 45.38 -1.29
CA CYS G 26 -40.87 46.77 -1.54
C CYS G 26 -42.18 47.18 -0.91
N GLY G 27 -42.77 46.32 -0.08
CA GLY G 27 -44.01 46.63 0.61
C GLY G 27 -45.26 46.21 -0.13
N GLU G 28 -45.18 45.99 -1.44
CA GLU G 28 -46.34 45.56 -2.20
C GLU G 28 -46.74 44.16 -1.79
N SER G 29 -48.03 43.95 -1.56
CA SER G 29 -48.56 42.65 -1.18
C SER G 29 -49.76 42.32 -2.04
N VAL G 30 -49.86 41.06 -2.46
CA VAL G 30 -50.95 40.56 -3.28
C VAL G 30 -51.41 39.26 -2.65
N GLN G 31 -52.59 38.79 -3.07
CA GLN G 31 -53.10 37.50 -2.64
C GLN G 31 -53.42 36.65 -3.85
N GLY G 32 -52.85 35.45 -3.91
CA GLY G 32 -53.11 34.55 -5.01
C GLY G 32 -54.53 34.02 -4.99
N ASP G 33 -55.08 33.79 -6.17
CA ASP G 33 -56.48 33.36 -6.27
C ASP G 33 -56.61 31.84 -6.37
N SER G 34 -56.12 31.25 -7.45
CA SER G 34 -56.21 29.80 -7.62
C SER G 34 -54.90 29.16 -8.04
N GLN G 35 -54.12 29.82 -8.89
CA GLN G 35 -52.92 29.22 -9.47
C GLN G 35 -51.75 29.17 -8.49
N ASN G 36 -51.90 29.73 -7.29
CA ASN G 36 -50.81 29.76 -6.31
C ASN G 36 -51.03 28.75 -5.19
N LEU G 37 -52.02 27.89 -5.30
CA LEU G 37 -52.26 26.86 -4.29
C LEU G 37 -51.49 25.58 -4.60
N LEU G 38 -50.19 25.71 -4.84
CA LEU G 38 -49.29 24.58 -5.10
C LEU G 38 -48.03 24.84 -4.27
N VAL G 39 -48.02 24.31 -3.05
CA VAL G 39 -46.91 24.58 -2.14
C VAL G 39 -45.65 23.88 -2.61
N SER G 40 -45.76 22.61 -2.99
CA SER G 40 -44.60 21.83 -3.39
C SER G 40 -45.07 20.66 -4.24
N SER G 41 -44.11 20.05 -4.93
CA SER G 41 -44.41 18.91 -5.78
C SER G 41 -43.13 18.11 -6.01
N LYS G 42 -43.31 16.87 -6.46
CA LYS G 42 -42.20 16.04 -6.91
C LYS G 42 -42.74 15.02 -7.88
N VAL G 43 -41.93 14.64 -8.87
CA VAL G 43 -42.27 13.63 -9.84
C VAL G 43 -41.18 12.56 -9.84
N TYR G 44 -41.60 11.30 -9.86
CA TYR G 44 -40.69 10.17 -9.74
C TYR G 44 -40.40 9.55 -11.09
N HIS G 45 -39.30 8.80 -11.15
CA HIS G 45 -38.83 8.16 -12.38
C HIS G 45 -38.63 9.20 -13.49
N THR G 46 -37.93 10.28 -13.16
CA THR G 46 -37.67 11.33 -14.13
C THR G 46 -36.72 10.90 -15.22
N GLY G 47 -35.88 9.89 -14.97
CA GLY G 47 -34.93 9.42 -15.94
C GLY G 47 -35.49 8.51 -17.01
N GLU G 48 -36.79 8.20 -16.95
CA GLU G 48 -37.39 7.33 -17.96
C GLU G 48 -38.77 7.80 -18.40
N MET G 49 -39.13 9.05 -18.16
CA MET G 49 -40.44 9.54 -18.55
C MET G 49 -40.44 9.93 -20.02
N GLU G 50 -41.65 9.98 -20.60
CA GLU G 50 -41.79 10.28 -22.03
C GLU G 50 -41.34 11.71 -22.35
N ASP G 51 -41.42 12.62 -21.38
CA ASP G 51 -40.99 13.99 -21.61
C ASP G 51 -39.48 14.12 -21.74
N LYS G 52 -38.71 13.17 -21.21
CA LYS G 52 -37.26 13.19 -21.34
C LYS G 52 -36.78 12.78 -22.72
N TYR G 53 -37.43 11.81 -23.34
CA TYR G 53 -36.96 11.22 -24.60
C TYR G 53 -37.69 11.77 -25.81
N LYS G 54 -38.45 12.86 -25.67
CA LYS G 54 -39.21 13.38 -26.79
C LYS G 54 -38.29 13.74 -27.96
N ILE G 55 -37.25 14.51 -27.69
CA ILE G 55 -36.32 14.91 -28.76
C ILE G 55 -35.59 13.70 -29.31
N PHE G 56 -35.14 12.80 -28.43
CA PHE G 56 -34.43 11.61 -28.89
C PHE G 56 -35.32 10.72 -29.74
N ILE G 57 -36.56 10.49 -29.30
CA ILE G 57 -37.47 9.64 -30.06
C ILE G 57 -37.83 10.29 -31.39
N LYS G 58 -37.96 11.62 -31.41
CA LYS G 58 -38.20 12.31 -32.66
C LYS G 58 -37.01 12.18 -33.61
N ASN G 59 -35.79 12.22 -33.06
CA ASN G 59 -34.58 12.14 -33.86
C ASN G 59 -34.12 10.71 -34.13
N ALA G 60 -34.74 9.72 -33.50
CA ALA G 60 -34.26 8.35 -33.62
C ALA G 60 -34.20 7.82 -35.05
N PRO G 61 -35.21 8.03 -35.91
CA PRO G 61 -35.10 7.49 -37.27
C PRO G 61 -33.95 8.06 -38.09
N PHE G 62 -33.41 9.21 -37.70
CA PHE G 62 -32.35 9.85 -38.46
C PHE G 62 -30.95 9.57 -37.90
N ASP G 63 -30.85 9.13 -36.67
CA ASP G 63 -29.55 8.78 -36.11
C ASP G 63 -29.06 7.49 -36.76
N PRO G 64 -27.90 7.50 -37.43
CA PRO G 64 -27.43 6.27 -38.08
C PRO G 64 -26.87 5.23 -37.12
N THR G 65 -26.72 5.57 -35.84
CA THR G 65 -26.16 4.65 -34.85
C THR G 65 -27.23 3.85 -34.12
N ASN G 66 -28.49 3.97 -34.52
CA ASN G 66 -29.59 3.30 -33.84
C ASN G 66 -29.89 1.96 -34.51
N CYS G 67 -30.34 1.01 -33.69
CA CYS G 67 -30.62 -0.34 -34.17
C CYS G 67 -31.81 -0.33 -35.13
N GLN G 68 -31.69 -1.08 -36.21
CA GLN G 68 -32.77 -1.25 -37.17
C GLN G 68 -33.36 -2.65 -37.07
N ILE G 69 -34.59 -2.79 -37.56
CA ILE G 69 -35.29 -4.06 -37.52
C ILE G 69 -35.97 -4.27 -38.87
N LYS G 70 -35.97 -5.51 -39.34
CA LYS G 70 -36.61 -5.85 -40.62
C LYS G 70 -38.10 -6.05 -40.36
N LYS G 71 -38.83 -4.94 -40.41
CA LYS G 71 -40.27 -4.95 -40.20
C LYS G 71 -40.88 -3.76 -40.94
N ASP G 72 -41.95 -4.01 -41.68
CA ASP G 72 -42.54 -2.98 -42.52
C ASP G 72 -43.12 -1.85 -41.69
N CYS G 73 -42.95 -0.63 -42.18
CA CYS G 73 -43.64 0.52 -41.61
C CYS G 73 -45.07 0.54 -42.13
N PRO G 74 -46.08 0.52 -41.25
CA PRO G 74 -47.46 0.45 -41.75
C PRO G 74 -47.96 1.71 -42.41
N ASN G 75 -47.21 2.81 -42.33
CA ASN G 75 -47.65 4.08 -42.92
C ASN G 75 -47.09 4.30 -44.33
N CYS G 76 -45.77 4.36 -44.47
CA CYS G 76 -45.14 4.59 -45.76
C CYS G 76 -44.69 3.30 -46.43
N HIS G 77 -44.87 2.15 -45.76
CA HIS G 77 -44.58 0.84 -46.34
C HIS G 77 -43.11 0.68 -46.70
N LEU G 78 -42.24 1.36 -45.97
CA LEU G 78 -40.82 1.07 -45.99
C LEU G 78 -40.57 -0.20 -45.19
N ASP G 79 -39.64 -1.03 -45.67
CA ASP G 79 -39.50 -2.38 -45.15
C ASP G 79 -38.57 -2.50 -43.95
N TYR G 80 -38.20 -1.39 -43.32
CA TYR G 80 -37.38 -1.44 -42.13
C TYR G 80 -37.83 -0.35 -41.16
N LEU G 81 -37.63 -0.62 -39.87
CA LEU G 81 -37.98 0.32 -38.81
C LEU G 81 -36.78 0.49 -37.87
N THR G 82 -36.80 1.57 -37.11
CA THR G 82 -35.79 1.83 -36.10
C THR G 82 -36.35 1.44 -34.74
N GLN G 83 -35.68 0.50 -34.06
CA GLN G 83 -36.15 0.01 -32.78
C GLN G 83 -35.31 0.62 -31.66
N ILE G 84 -35.98 1.14 -30.64
CA ILE G 84 -35.31 1.71 -29.47
C ILE G 84 -35.89 1.07 -28.23
N CYS G 85 -35.05 0.94 -27.20
CA CYS G 85 -35.41 0.27 -25.95
C CYS G 85 -35.07 1.21 -24.80
N ILE G 86 -36.09 1.83 -24.22
CA ILE G 86 -35.90 2.86 -23.19
C ILE G 86 -36.52 2.41 -21.89
N GLY G 87 -35.86 2.73 -20.78
CA GLY G 87 -36.38 2.52 -19.45
C GLY G 87 -35.86 1.25 -18.80
N SER G 88 -36.14 1.14 -17.51
CA SER G 88 -35.80 -0.07 -16.76
C SER G 88 -36.79 -1.19 -16.97
N GLN G 89 -37.95 -0.90 -17.55
CA GLN G 89 -38.88 -1.93 -17.99
C GLN G 89 -38.67 -2.35 -19.43
N LYS G 90 -37.65 -1.77 -20.08
CA LYS G 90 -37.27 -2.12 -21.45
C LYS G 90 -38.45 -1.97 -22.41
N ILE G 91 -38.93 -0.74 -22.51
CA ILE G 91 -40.03 -0.42 -23.41
C ILE G 91 -39.48 -0.29 -24.82
N ILE G 92 -40.06 -1.04 -25.75
CA ILE G 92 -39.62 -1.08 -27.14
C ILE G 92 -40.51 -0.18 -27.97
N ILE G 93 -39.91 0.75 -28.70
CA ILE G 93 -40.61 1.67 -29.58
C ILE G 93 -40.02 1.54 -30.98
N LEU G 94 -40.89 1.34 -31.96
CA LEU G 94 -40.50 1.32 -33.37
C LEU G 94 -40.87 2.64 -34.00
N VAL G 95 -39.91 3.25 -34.69
CA VAL G 95 -40.09 4.57 -35.28
C VAL G 95 -39.64 4.53 -36.74
N CYS G 96 -40.17 5.46 -37.52
CA CYS G 96 -39.81 5.59 -38.93
C CYS G 96 -39.60 7.06 -39.26
N ARG G 97 -38.84 7.31 -40.34
CA ARG G 97 -38.55 8.68 -40.72
C ARG G 97 -39.77 9.41 -41.25
N CYS G 98 -40.85 8.69 -41.57
CA CYS G 98 -42.06 9.32 -42.07
C CYS G 98 -42.91 9.91 -40.95
N GLY G 99 -42.64 9.57 -39.69
CA GLY G 99 -43.43 10.02 -38.58
C GLY G 99 -44.17 8.91 -37.85
N TYR G 100 -44.17 7.70 -38.38
CA TYR G 100 -44.81 6.58 -37.68
C TYR G 100 -44.09 6.28 -36.38
N MET G 101 -44.85 5.87 -35.37
CA MET G 101 -44.29 5.57 -34.06
C MET G 101 -45.17 4.54 -33.38
N SER G 102 -44.63 3.34 -33.18
CA SER G 102 -45.33 2.34 -32.38
C SER G 102 -45.48 2.86 -30.95
N ASN G 103 -46.61 2.49 -30.33
CA ASN G 103 -47.23 3.07 -29.13
C ASN G 103 -48.06 4.30 -29.47
N ARG G 104 -48.31 4.53 -30.76
CA ARG G 104 -49.26 5.51 -31.30
C ARG G 104 -48.76 6.95 -31.20
N GLY G 105 -47.58 7.18 -30.63
CA GLY G 105 -47.05 8.52 -30.50
C GLY G 105 -46.53 9.11 -31.80
N PRO H 74 18.30 37.14 62.20
CA PRO H 74 18.32 38.61 62.08
C PRO H 74 16.91 39.20 62.12
N ILE H 75 16.32 39.40 60.96
CA ILE H 75 14.96 39.93 60.85
C ILE H 75 14.00 38.76 60.80
N GLU H 76 12.78 38.99 61.29
CA GLU H 76 11.78 37.94 61.29
C GLU H 76 11.36 37.57 59.87
N ALA H 77 11.47 38.51 58.93
CA ALA H 77 11.06 38.23 57.56
C ALA H 77 11.91 37.12 56.95
N TYR H 78 13.22 37.15 57.21
CA TYR H 78 14.11 36.13 56.66
C TYR H 78 13.72 34.74 57.15
N ILE H 79 13.48 34.60 58.46
CA ILE H 79 13.16 33.30 59.03
C ILE H 79 11.79 32.83 58.54
N ARG H 80 10.79 33.70 58.61
CA ARG H 80 9.44 33.30 58.21
C ARG H 80 9.29 33.18 56.70
N GLN H 81 10.30 33.59 55.92
CA GLN H 81 10.31 33.27 54.50
C GLN H 81 11.05 31.95 54.26
N LEU H 82 12.07 31.66 55.05
CA LEU H 82 12.75 30.37 54.94
C LEU H 82 11.80 29.23 55.28
N LEU H 83 10.98 29.41 56.32
CA LEU H 83 10.09 28.34 56.77
C LEU H 83 8.99 28.02 55.76
N VAL H 84 8.69 28.93 54.83
CA VAL H 84 7.60 28.71 53.87
C VAL H 84 7.99 27.75 52.75
N ASP H 85 9.29 27.51 52.55
CA ASP H 85 9.76 26.67 51.44
C ASP H 85 9.12 25.29 51.39
N PRO H 86 9.03 24.51 52.49
CA PRO H 86 8.43 23.18 52.38
C PRO H 86 6.95 23.22 52.06
N ASP H 87 6.48 22.14 51.42
CA ASP H 87 5.06 21.99 51.13
C ASP H 87 4.22 21.98 52.40
N VAL H 88 4.79 21.53 53.52
CA VAL H 88 4.13 21.57 54.82
C VAL H 88 4.07 23.02 55.28
N VAL H 89 3.37 23.25 56.39
CA VAL H 89 3.08 24.56 57.00
C VAL H 89 2.53 25.54 55.96
N PRO H 90 1.27 25.37 55.55
CA PRO H 90 0.58 26.46 54.87
C PRO H 90 0.27 27.60 55.83
N ILE H 91 -0.03 28.76 55.27
CA ILE H 91 -0.20 29.98 56.05
C ILE H 91 -1.62 30.49 55.88
N VAL H 92 -2.11 31.20 56.90
CA VAL H 92 -3.42 31.83 56.88
C VAL H 92 -3.23 33.34 56.71
N SER H 93 -4.06 33.94 55.87
CA SER H 93 -3.92 35.34 55.48
C SER H 93 -5.17 36.13 55.84
N GLU H 94 -4.96 37.30 56.44
CA GLU H 94 -6.03 38.24 56.76
C GLU H 94 -5.59 39.64 56.37
N LYS H 95 -6.33 40.25 55.45
CA LYS H 95 -5.95 41.55 54.89
C LYS H 95 -5.84 42.58 56.01
N LYS H 96 -4.62 42.98 56.32
CA LYS H 96 -4.30 43.90 57.41
C LYS H 96 -2.87 44.36 57.18
N LYS H 97 -2.30 45.06 58.18
CA LYS H 97 -0.93 45.57 58.09
C LYS H 97 -0.13 44.93 59.22
N GLU H 98 0.39 43.73 58.95
CA GLU H 98 1.20 42.95 59.88
C GLU H 98 1.83 41.79 59.14
N LEU H 99 3.15 41.62 59.31
CA LEU H 99 3.87 40.45 58.81
C LEU H 99 3.73 40.29 57.28
N ARG H 100 4.29 41.26 56.55
CA ARG H 100 4.25 41.22 55.09
C ARG H 100 5.37 40.33 54.58
N VAL H 101 5.02 39.27 53.85
CA VAL H 101 5.99 38.34 53.31
C VAL H 101 5.69 38.06 51.85
N ARG H 102 6.75 37.97 51.04
CA ARG H 102 6.66 37.45 49.69
C ARG H 102 7.43 36.14 49.66
N PRO H 103 6.78 35.01 49.36
CA PRO H 103 7.49 33.74 49.35
C PRO H 103 8.48 33.66 48.20
N SER H 104 9.32 32.62 48.23
CA SER H 104 10.30 32.39 47.20
C SER H 104 9.77 31.49 46.07
N THR H 105 8.54 31.03 46.18
CA THR H 105 7.92 30.19 45.16
C THR H 105 6.41 30.26 45.34
N ARG H 106 5.68 29.66 44.40
CA ARG H 106 4.24 29.58 44.56
C ARG H 106 3.90 28.82 45.83
N LYS H 107 2.96 29.35 46.61
CA LYS H 107 2.63 28.77 47.90
C LYS H 107 1.12 28.64 48.02
N GLU H 108 0.67 27.48 48.48
CA GLU H 108 -0.74 27.26 48.76
C GLU H 108 -1.03 27.71 50.20
N ILE H 109 -1.81 28.77 50.33
CA ILE H 109 -2.12 29.36 51.63
C ILE H 109 -3.63 29.27 51.85
N PHE H 110 -4.02 29.57 53.09
CA PHE H 110 -5.41 29.60 53.50
C PHE H 110 -5.80 31.03 53.86
N LEU H 111 -7.10 31.26 53.91
CA LEU H 111 -7.65 32.53 54.35
C LEU H 111 -8.44 32.31 55.64
N ILE H 112 -8.62 33.39 56.39
CA ILE H 112 -9.57 33.35 57.49
C ILE H 112 -10.96 33.15 56.91
N ASN H 113 -11.75 32.31 57.58
CA ASN H 113 -12.99 31.63 57.19
C ASN H 113 -12.68 30.37 56.36
N GLY H 114 -11.42 29.98 56.23
CA GLY H 114 -11.07 28.69 55.66
C GLY H 114 -11.32 28.53 54.17
N THR H 115 -10.55 29.25 53.35
CA THR H 115 -10.58 29.08 51.91
C THR H 115 -9.15 28.89 51.41
N HIS H 116 -8.95 27.91 50.54
CA HIS H 116 -7.63 27.49 50.10
C HIS H 116 -7.33 28.07 48.73
N LEU H 117 -6.28 28.90 48.65
CA LEU H 117 -5.88 29.51 47.39
C LEU H 117 -4.36 29.49 47.29
N ALA H 118 -3.86 29.44 46.06
CA ALA H 118 -2.43 29.51 45.82
C ALA H 118 -2.04 30.94 45.49
N VAL H 119 -0.75 31.24 45.64
CA VAL H 119 -0.21 32.53 45.24
C VAL H 119 1.08 32.29 44.46
N PRO H 120 1.38 33.13 43.47
CA PRO H 120 2.58 32.92 42.65
C PRO H 120 3.88 33.13 43.41
N ALA H 121 5.00 33.03 42.69
CA ALA H 121 6.33 33.03 43.30
C ALA H 121 6.69 34.36 43.96
N GLU H 122 5.95 35.43 43.71
CA GLU H 122 6.25 36.71 44.36
C GLU H 122 4.92 37.44 44.54
N ALA H 123 4.33 37.28 45.72
CA ALA H 123 3.06 37.93 46.05
C ALA H 123 3.09 38.36 47.50
N PRO H 124 2.74 39.62 47.80
CA PRO H 124 2.75 40.08 49.19
C PRO H 124 1.56 39.52 49.96
N ILE H 125 1.84 38.55 50.83
CA ILE H 125 0.82 37.91 51.65
C ILE H 125 1.10 38.26 53.10
N GLU H 126 0.03 38.55 53.85
CA GLU H 126 0.15 38.91 55.25
C GLU H 126 -0.16 37.72 56.14
N ILE H 127 0.66 37.53 57.17
CA ILE H 127 0.69 36.30 57.95
C ILE H 127 -0.18 36.51 59.18
N TYR H 128 -1.44 36.04 59.13
CA TYR H 128 -2.22 35.97 60.36
C TYR H 128 -1.64 34.94 61.31
N GLY H 129 -1.17 33.82 60.78
CA GLY H 129 -0.59 32.78 61.61
C GLY H 129 -0.06 31.66 60.76
N LEU H 130 0.69 30.78 61.40
CA LEU H 130 1.32 29.63 60.76
C LEU H 130 0.69 28.34 61.24
N LYS H 131 0.30 27.49 60.29
CA LYS H 131 -0.24 26.17 60.61
C LYS H 131 0.61 25.11 59.92
N LEU H 132 1.37 24.37 60.72
CA LEU H 132 2.03 23.17 60.21
C LEU H 132 1.05 22.00 60.22
N ARG H 133 1.01 21.26 59.12
CA ARG H 133 0.22 20.04 59.05
C ARG H 133 1.09 18.86 59.41
N LEU H 134 0.69 18.13 60.45
CA LEU H 134 1.42 16.95 60.91
C LEU H 134 1.14 15.81 59.93
N LYS H 135 2.06 15.61 58.98
CA LYS H 135 1.87 14.60 57.96
C LYS H 135 1.90 13.20 58.57
N THR H 136 1.06 12.32 58.03
CA THR H 136 1.02 10.94 58.44
C THR H 136 1.29 10.03 57.24
N PHE H 137 2.08 8.98 57.47
CA PHE H 137 2.38 8.02 56.43
C PHE H 137 2.12 6.60 56.93
N SER H 138 2.54 5.61 56.15
CA SER H 138 2.50 4.24 56.58
C SER H 138 3.93 3.74 56.86
N PRO H 139 4.10 2.77 57.74
CA PRO H 139 5.43 2.17 57.91
C PRO H 139 5.93 1.49 56.65
N GLN H 140 5.04 1.18 55.71
CA GLN H 140 5.47 0.61 54.44
C GLN H 140 6.31 1.60 53.65
N CYS H 141 6.02 2.90 53.76
CA CYS H 141 6.85 3.90 53.09
C CYS H 141 8.26 3.92 53.66
N PHE H 142 8.40 3.86 54.97
CA PHE H 142 9.72 3.80 55.59
C PHE H 142 10.44 2.51 55.22
N MET H 143 9.70 1.40 55.16
CA MET H 143 10.29 0.14 54.72
C MET H 143 10.80 0.23 53.29
N ARG H 144 10.03 0.87 52.40
CA ARG H 144 10.47 1.03 51.02
C ARG H 144 11.69 1.93 50.92
N MET H 145 11.73 3.00 51.71
CA MET H 145 12.90 3.88 51.68
C MET H 145 14.15 3.17 52.19
N ALA H 146 14.01 2.37 53.26
CA ALA H 146 15.13 1.59 53.74
C ALA H 146 15.53 0.51 52.74
N GLU H 147 14.55 -0.02 52.01
CA GLU H 147 14.84 -0.97 50.94
C GLU H 147 15.69 -0.32 49.86
N ILE H 148 15.35 0.91 49.47
CA ILE H 148 16.20 1.66 48.55
C ILE H 148 17.56 1.92 49.18
N GLY H 149 17.58 2.29 50.46
CA GLY H 149 18.80 2.32 51.23
C GLY H 149 19.79 3.40 50.88
N SER H 150 19.32 4.53 50.33
CA SER H 150 20.23 5.60 49.93
C SER H 150 19.71 6.99 50.29
N PHE H 151 18.59 7.08 51.00
CA PHE H 151 18.04 8.37 51.36
C PHE H 151 18.88 9.05 52.45
N SER H 152 18.78 10.37 52.50
CA SER H 152 19.46 11.11 53.54
C SER H 152 18.84 10.80 54.91
N PRO H 153 19.64 10.88 55.98
CA PRO H 153 19.05 10.67 57.31
C PRO H 153 17.93 11.63 57.65
N GLU H 154 17.98 12.87 57.15
CA GLU H 154 16.92 13.82 57.45
C GLU H 154 15.59 13.38 56.85
N THR H 155 15.59 12.93 55.59
CA THR H 155 14.37 12.44 54.97
C THR H 155 13.87 11.17 55.65
N LEU H 156 14.79 10.27 55.99
CA LEU H 156 14.41 9.05 56.70
C LEU H 156 13.73 9.38 58.01
N GLY H 157 14.32 10.28 58.80
CA GLY H 157 13.71 10.65 60.06
C GLY H 157 12.39 11.39 59.90
N TYR H 158 12.29 12.23 58.87
CA TYR H 158 11.03 12.93 58.60
C TYR H 158 9.91 11.94 58.33
N VAL H 159 10.17 10.94 57.48
CA VAL H 159 9.14 9.95 57.19
C VAL H 159 8.87 9.07 58.39
N ALA H 160 9.91 8.74 59.16
CA ALA H 160 9.73 7.91 60.35
C ALA H 160 8.83 8.60 61.37
N SER H 161 9.04 9.90 61.59
CA SER H 161 8.14 10.66 62.44
C SER H 161 6.74 10.74 61.83
N GLY H 162 6.67 10.89 60.51
CA GLY H 162 5.38 10.90 59.84
C GLY H 162 4.62 9.59 59.98
N ALA H 163 5.34 8.47 59.93
CA ALA H 163 4.73 7.15 60.04
C ALA H 163 4.65 6.66 61.48
N ASN H 164 4.91 7.54 62.45
CA ASN H 164 4.84 7.25 63.88
C ASN H 164 5.86 6.21 64.34
N LEU H 165 6.87 5.91 63.51
CA LEU H 165 7.97 5.09 63.98
C LEU H 165 8.85 5.82 64.97
N THR H 166 8.81 7.15 64.96
CA THR H 166 9.42 8.01 65.96
C THR H 166 8.42 9.11 66.30
N ASN H 167 8.87 10.09 67.09
CA ASN H 167 7.98 11.17 67.50
C ASN H 167 8.67 12.53 67.51
N PHE H 168 9.82 12.66 66.85
CA PHE H 168 10.64 13.86 67.02
C PHE H 168 9.91 15.13 66.58
N ILE H 169 9.17 15.05 65.46
CA ILE H 169 8.45 16.23 64.98
C ILE H 169 7.43 16.67 66.02
N ARG H 170 6.69 15.73 66.61
CA ARG H 170 5.67 16.09 67.58
C ARG H 170 6.25 16.54 68.92
N VAL H 171 7.45 16.07 69.28
CA VAL H 171 8.01 16.45 70.58
C VAL H 171 8.78 17.76 70.52
N PHE H 172 9.38 18.11 69.38
CA PHE H 172 9.96 19.44 69.24
C PHE H 172 8.87 20.50 69.24
N MET H 173 7.75 20.20 68.59
CA MET H 173 6.61 21.10 68.46
C MET H 173 5.58 20.81 69.55
N LYS H 174 4.33 21.20 69.31
CA LYS H 174 3.23 21.26 70.28
C LYS H 174 3.40 22.44 71.22
N CYS H 175 3.77 23.59 70.64
CA CYS H 175 3.57 24.89 71.25
C CYS H 175 2.29 25.55 70.76
N VAL H 176 1.25 24.75 70.48
CA VAL H 176 0.01 25.25 69.90
C VAL H 176 -0.66 26.21 70.86
N ASP H 177 -1.03 27.39 70.36
CA ASP H 177 -1.59 28.45 71.19
C ASP H 177 -2.91 28.00 71.80
N GLN H 178 -3.91 27.84 70.94
CA GLN H 178 -5.22 27.31 71.31
C GLN H 178 -5.75 26.57 70.10
N GLU H 179 -7.04 26.29 70.10
CA GLU H 179 -7.72 25.88 68.87
C GLU H 179 -8.20 27.10 68.10
N THR H 180 -7.28 28.03 67.86
CA THR H 180 -7.62 29.32 67.26
C THR H 180 -8.09 29.19 65.82
N TRP H 181 -7.55 28.21 65.09
CA TRP H 181 -7.98 27.99 63.71
C TRP H 181 -8.03 26.48 63.49
N LYS H 182 -9.09 26.01 62.84
CA LYS H 182 -9.29 24.57 62.65
C LYS H 182 -9.68 24.29 61.19
N LYS H 183 -9.27 23.12 60.71
CA LYS H 183 -9.73 22.59 59.44
C LYS H 183 -9.48 21.08 59.43
N ASN H 184 -9.55 20.48 58.24
CA ASN H 184 -9.41 19.05 58.09
C ASN H 184 -8.09 18.55 58.68
N GLY H 185 -6.97 19.01 58.11
CA GLY H 185 -5.68 18.48 58.52
C GLY H 185 -5.35 18.86 59.95
N GLU H 186 -4.98 17.85 60.75
CA GLU H 186 -4.49 18.12 62.09
C GLU H 186 -3.09 18.72 62.02
N GLY H 187 -2.73 19.47 63.05
CA GLY H 187 -1.41 20.06 63.08
C GLY H 187 -1.28 21.10 64.19
N VAL H 188 -0.29 21.96 64.01
CA VAL H 188 0.05 22.99 64.99
C VAL H 188 -0.33 24.34 64.39
N VAL H 189 -1.19 25.07 65.09
CA VAL H 189 -1.64 26.39 64.67
C VAL H 189 -1.10 27.42 65.65
N VAL H 190 -0.50 28.48 65.13
CA VAL H 190 0.08 29.54 65.94
C VAL H 190 -0.31 30.88 65.32
N THR H 191 -1.13 31.66 66.05
CA THR H 191 -1.59 32.97 65.57
C THR H 191 -1.35 34.02 66.67
N THR H 192 -0.12 34.54 66.71
CA THR H 192 0.26 35.69 67.53
C THR H 192 1.71 36.05 67.27
N LYS H 193 2.21 37.10 67.91
CA LYS H 193 3.58 37.55 67.64
C LYS H 193 4.62 36.66 68.30
N GLU H 194 4.59 36.57 69.63
CA GLU H 194 5.64 35.87 70.36
C GLU H 194 5.69 34.39 69.98
N ASN H 195 4.53 33.75 69.87
CA ASN H 195 4.51 32.33 69.62
C ASN H 195 4.86 31.98 68.18
N ILE H 196 4.70 32.90 67.24
CA ILE H 196 5.26 32.68 65.90
C ILE H 196 6.78 32.60 65.98
N ILE H 197 7.39 33.47 66.79
CA ILE H 197 8.83 33.41 67.00
C ILE H 197 9.22 32.08 67.64
N GLN H 198 8.44 31.65 68.64
CA GLN H 198 8.71 30.35 69.27
C GLN H 198 8.58 29.21 68.27
N PHE H 199 7.56 29.25 67.41
CA PHE H 199 7.35 28.22 66.42
C PHE H 199 8.50 28.16 65.42
N THR H 200 8.96 29.34 64.96
CA THR H 200 10.10 29.37 64.05
C THR H 200 11.35 28.83 64.72
N HIS H 201 11.59 29.19 65.98
CA HIS H 201 12.74 28.67 66.71
C HIS H 201 12.67 27.15 66.84
N GLN H 202 11.48 26.62 67.15
CA GLN H 202 11.35 25.18 67.31
C GLN H 202 11.50 24.45 65.99
N TYR H 203 11.00 25.04 64.89
CA TYR H 203 11.22 24.47 63.57
C TYR H 203 12.71 24.41 63.23
N ILE H 204 13.42 25.52 63.47
CA ILE H 204 14.85 25.55 63.20
C ILE H 204 15.57 24.49 64.02
N GLU H 205 15.24 24.39 65.31
CA GLU H 205 15.91 23.42 66.16
C GLU H 205 15.58 21.99 65.75
N LEU H 206 14.33 21.74 65.34
CA LEU H 206 13.94 20.39 64.94
C LEU H 206 14.71 19.94 63.70
N TYR H 207 14.78 20.80 62.68
CA TYR H 207 15.57 20.40 61.51
C TYR H 207 17.07 20.42 61.76
N LYS H 208 17.54 21.21 62.72
CA LYS H 208 18.95 21.13 63.08
C LYS H 208 19.23 19.80 63.79
N PHE H 209 18.24 19.27 64.50
CA PHE H 209 18.37 17.94 65.09
C PHE H 209 18.33 16.86 64.02
N LEU H 210 17.46 17.02 63.02
CA LEU H 210 17.34 15.99 61.98
C LEU H 210 18.62 15.85 61.17
N ARG H 211 19.38 16.94 60.99
CA ARG H 211 20.63 16.91 60.24
C ARG H 211 21.83 16.58 61.11
N SER H 212 21.69 16.61 62.42
CA SER H 212 22.86 16.53 63.31
C SER H 212 23.41 15.11 63.36
N GLY H 213 24.54 14.97 64.06
CA GLY H 213 25.10 13.65 64.28
C GLY H 213 24.15 12.74 65.03
N GLY H 214 23.50 13.28 66.06
CA GLY H 214 22.39 12.59 66.65
C GLY H 214 21.22 12.49 65.68
N HIS H 215 20.43 11.42 65.84
CA HIS H 215 19.33 11.07 64.94
C HIS H 215 19.87 10.60 63.59
N SER H 216 21.18 10.69 63.38
CA SER H 216 21.81 10.03 62.25
C SER H 216 22.22 8.61 62.62
N TRP H 217 22.83 8.45 63.80
CA TRP H 217 23.01 7.13 64.38
C TRP H 217 21.67 6.46 64.63
N LEU H 218 20.71 7.22 65.16
CA LEU H 218 19.42 6.66 65.55
C LEU H 218 18.64 6.15 64.34
N ILE H 219 18.50 6.99 63.31
CA ILE H 219 17.69 6.60 62.16
C ILE H 219 18.37 5.51 61.36
N ASN H 220 19.70 5.55 61.25
CA ASN H 220 20.41 4.49 60.53
C ASN H 220 20.29 3.16 61.25
N ARG H 221 20.46 3.17 62.58
CA ARG H 221 20.29 1.95 63.35
C ARG H 221 18.87 1.42 63.24
N LEU H 222 17.88 2.32 63.32
CA LEU H 222 16.48 1.92 63.21
C LEU H 222 16.18 1.29 61.86
N ALA H 223 16.61 1.93 60.77
CA ALA H 223 16.35 1.39 59.45
C ALA H 223 17.04 0.04 59.27
N GLU H 224 18.30 -0.06 59.68
CA GLU H 224 19.02 -1.32 59.55
C GLU H 224 18.34 -2.43 60.33
N GLU H 225 17.95 -2.16 61.58
CA GLU H 225 17.39 -3.24 62.39
C GLU H 225 15.99 -3.61 61.92
N MET H 226 15.19 -2.63 61.48
CA MET H 226 13.87 -2.96 60.98
C MET H 226 13.95 -3.80 59.71
N VAL H 227 14.81 -3.41 58.76
CA VAL H 227 14.90 -4.20 57.53
C VAL H 227 15.49 -5.58 57.83
N HIS H 228 16.45 -5.67 58.76
CA HIS H 228 17.04 -6.97 59.06
C HIS H 228 16.03 -7.88 59.77
N ARG H 229 15.20 -7.32 60.64
CA ARG H 229 14.16 -8.12 61.30
C ARG H 229 13.12 -8.57 60.30
N LYS H 230 12.76 -7.71 59.34
CA LYS H 230 11.83 -8.12 58.29
C LYS H 230 12.42 -9.28 57.49
N LEU H 231 13.70 -9.18 57.11
CA LEU H 231 14.35 -10.25 56.38
C LEU H 231 14.38 -11.54 57.18
N ASP H 232 14.72 -11.46 58.47
CA ASP H 232 14.80 -12.65 59.29
C ASP H 232 13.42 -13.30 59.47
N ARG H 233 12.38 -12.48 59.68
CA ARG H 233 11.06 -13.06 59.89
C ARG H 233 10.49 -13.66 58.61
N GLU H 234 10.82 -13.08 57.44
CA GLU H 234 10.42 -13.72 56.20
C GLU H 234 11.36 -14.85 55.79
N ASP H 235 12.50 -14.99 56.46
CA ASP H 235 13.52 -15.96 56.12
C ASP H 235 13.69 -17.03 57.19
N GLN H 236 13.99 -16.64 58.42
CA GLN H 236 14.25 -17.60 59.49
C GLN H 236 12.96 -18.05 60.17
N GLY H 237 12.03 -17.14 60.41
CA GLY H 237 10.74 -17.50 60.97
C GLY H 237 9.79 -18.13 60.00
N SER H 238 10.11 -18.10 58.71
CA SER H 238 9.28 -18.71 57.68
C SER H 238 10.11 -19.67 56.83
N HIS H 239 9.54 -20.16 55.74
CA HIS H 239 10.26 -21.06 54.85
C HIS H 239 9.91 -20.79 53.38
N ASP H 672 45.96 27.15 -18.31
CA ASP H 672 46.07 28.20 -19.32
C ASP H 672 44.95 28.13 -20.33
N ASP H 673 44.97 29.03 -21.31
CA ASP H 673 43.89 29.08 -22.30
C ASP H 673 44.08 28.06 -23.40
N THR H 674 45.32 27.64 -23.66
CA THR H 674 45.55 26.61 -24.67
C THR H 674 44.87 25.30 -24.29
N LYS H 675 45.04 24.87 -23.04
CA LYS H 675 44.45 23.62 -22.60
C LYS H 675 42.92 23.69 -22.61
N VAL H 676 42.36 24.80 -22.15
CA VAL H 676 40.89 24.91 -22.11
C VAL H 676 40.33 24.96 -23.53
N LEU H 677 41.01 25.65 -24.45
CA LEU H 677 40.55 25.67 -25.84
C LEU H 677 40.62 24.29 -26.47
N LEU H 678 41.72 23.57 -26.23
CA LEU H 678 41.86 22.22 -26.78
C LEU H 678 40.80 21.29 -26.23
N THR H 679 40.54 21.36 -24.92
CA THR H 679 39.52 20.50 -24.33
C THR H 679 38.13 20.86 -24.84
N GLU H 680 37.84 22.14 -25.02
CA GLU H 680 36.55 22.55 -25.56
C GLU H 680 36.37 22.03 -26.98
N ILE H 681 37.41 22.11 -27.81
CA ILE H 681 37.22 21.81 -29.23
C ILE H 681 37.33 20.31 -29.51
N LEU H 682 38.13 19.58 -28.74
CA LEU H 682 38.24 18.13 -28.97
C LEU H 682 36.94 17.40 -28.64
N LEU H 683 36.04 18.01 -27.87
CA LEU H 683 34.74 17.43 -27.57
C LEU H 683 33.65 17.96 -28.49
N ASP H 684 34.00 18.80 -29.46
CA ASP H 684 33.05 19.28 -30.44
C ASP H 684 32.83 18.21 -31.51
N PRO H 685 31.59 17.80 -31.77
CA PRO H 685 31.35 16.84 -32.87
C PRO H 685 31.80 17.36 -34.21
N MET H 686 31.70 18.67 -34.44
CA MET H 686 32.23 19.26 -35.67
C MET H 686 33.71 18.94 -35.83
N TYR H 687 34.46 18.93 -34.72
CA TYR H 687 35.88 18.63 -34.80
C TYR H 687 36.12 17.20 -35.26
N ASP H 688 35.39 16.23 -34.69
CA ASP H 688 35.62 14.85 -35.10
C ASP H 688 35.18 14.62 -36.54
N TYR H 689 34.14 15.32 -36.99
CA TYR H 689 33.71 15.19 -38.38
C TYR H 689 34.75 15.75 -39.33
N ALA H 690 35.29 16.94 -39.02
CA ALA H 690 36.34 17.51 -39.84
C ALA H 690 37.61 16.65 -39.81
N ALA H 691 37.92 16.06 -38.66
CA ALA H 691 39.07 15.17 -38.57
C ALA H 691 38.87 13.92 -39.41
N THR H 692 37.65 13.39 -39.44
CA THR H 692 37.36 12.24 -40.30
C THR H 692 37.56 12.62 -41.77
N VAL H 693 37.08 13.79 -42.17
CA VAL H 693 37.24 14.21 -43.56
C VAL H 693 38.72 14.41 -43.88
N ALA H 694 39.49 14.91 -42.92
CA ALA H 694 40.93 15.09 -43.14
C ALA H 694 41.65 13.74 -43.23
N ARG H 695 41.22 12.76 -42.44
CA ARG H 695 41.82 11.43 -42.50
C ARG H 695 41.49 10.73 -43.82
N ILE H 696 40.28 10.94 -44.34
CA ILE H 696 39.84 10.23 -45.55
C ILE H 696 40.78 10.53 -46.71
N ASP H 697 41.22 11.76 -46.84
CA ASP H 697 42.13 12.15 -47.92
C ASP H 697 43.58 12.30 -47.46
N GLY H 698 43.92 11.77 -46.28
CA GLY H 698 45.31 11.63 -45.89
C GLY H 698 45.97 12.89 -45.37
N SER H 699 45.22 13.96 -45.09
CA SER H 699 45.84 15.18 -44.60
C SER H 699 46.40 15.00 -43.19
N ILE H 700 45.80 14.12 -42.39
CA ILE H 700 46.29 13.84 -41.04
C ILE H 700 46.42 12.33 -40.88
N PRO H 701 47.27 11.88 -39.95
CA PRO H 701 47.43 10.44 -39.75
C PRO H 701 46.13 9.76 -39.36
N MET H 702 45.96 8.52 -39.80
CA MET H 702 44.73 7.76 -39.57
C MET H 702 44.54 7.37 -38.12
N HIS H 703 45.55 7.53 -37.27
CA HIS H 703 45.43 7.24 -35.86
C HIS H 703 45.31 8.54 -35.06
N LYS H 704 44.82 8.41 -33.84
CA LYS H 704 44.72 9.55 -32.96
C LYS H 704 46.11 10.03 -32.56
N PRO H 705 46.26 11.31 -32.24
CA PRO H 705 47.56 11.82 -31.79
C PRO H 705 48.03 11.11 -30.53
N ARG H 706 49.32 10.80 -30.48
CA ARG H 706 49.93 10.16 -29.31
C ARG H 706 50.84 11.09 -28.53
N THR H 707 51.24 12.21 -29.13
CA THR H 707 52.21 13.14 -28.58
C THR H 707 51.66 14.55 -28.72
N PRO H 708 52.18 15.51 -27.93
CA PRO H 708 51.72 16.89 -28.09
C PRO H 708 51.91 17.44 -29.50
N LYS H 709 53.01 17.07 -30.16
CA LYS H 709 53.26 17.55 -31.52
C LYS H 709 52.19 17.06 -32.48
N GLU H 710 51.81 15.79 -32.38
CA GLU H 710 50.77 15.24 -33.25
C GLU H 710 49.44 15.94 -33.02
N ALA H 711 49.09 16.18 -31.74
CA ALA H 711 47.84 16.86 -31.44
C ALA H 711 47.84 18.28 -31.99
N GLU H 712 48.94 19.00 -31.82
CA GLU H 712 49.01 20.36 -32.34
C GLU H 712 48.91 20.39 -33.85
N TYR H 713 49.59 19.45 -34.53
CA TYR H 713 49.51 19.39 -35.99
C TYR H 713 48.10 19.06 -36.45
N GLU H 714 47.43 18.11 -35.79
CA GLU H 714 46.07 17.76 -36.16
C GLU H 714 45.12 18.93 -35.97
N PHE H 715 45.29 19.66 -34.85
CA PHE H 715 44.47 20.85 -34.63
C PHE H 715 44.71 21.90 -35.70
N LYS H 716 45.98 22.14 -36.03
CA LYS H 716 46.30 23.13 -37.05
C LYS H 716 45.70 22.75 -38.39
N THR H 717 45.71 21.46 -38.73
CA THR H 717 45.19 21.04 -40.02
C THR H 717 43.67 21.09 -40.05
N VAL H 718 43.01 20.65 -38.98
CA VAL H 718 41.56 20.54 -38.97
C VAL H 718 40.91 21.91 -38.78
N ILE H 719 41.23 22.59 -37.68
CA ILE H 719 40.63 23.88 -37.41
C ILE H 719 41.12 24.93 -38.40
N GLY H 720 42.33 24.79 -38.90
CA GLY H 720 42.91 25.76 -39.80
C GLY H 720 43.65 26.89 -39.12
N ARG H 721 43.68 26.92 -37.79
CA ARG H 721 44.40 27.94 -37.05
C ARG H 721 45.10 27.31 -35.86
N THR H 722 46.23 27.91 -35.48
CA THR H 722 46.95 27.49 -34.29
C THR H 722 46.12 27.81 -33.05
N PRO H 723 46.13 26.94 -32.03
CA PRO H 723 45.36 27.24 -30.81
C PRO H 723 45.72 28.58 -30.18
N ALA H 724 47.01 28.94 -30.16
CA ALA H 724 47.39 30.25 -29.64
C ALA H 724 46.91 31.36 -30.56
N GLU H 725 46.95 31.13 -31.87
CA GLU H 725 46.46 32.09 -32.83
C GLU H 725 44.94 32.16 -32.89
N LEU H 726 44.26 31.09 -32.48
CA LEU H 726 42.80 31.11 -32.44
C LEU H 726 42.30 32.17 -31.46
N LEU H 727 42.85 32.26 -30.27
CA LEU H 727 42.42 33.30 -29.38
C LEU H 727 42.60 34.62 -30.04
N SER H 728 43.74 34.83 -30.67
CA SER H 728 44.07 36.10 -31.27
C SER H 728 42.99 36.77 -32.06
N GLN H 729 42.13 36.01 -32.72
CA GLN H 729 41.14 36.61 -33.57
C GLN H 729 39.73 36.33 -33.08
N LYS H 730 38.75 36.46 -33.97
CA LYS H 730 37.35 36.22 -33.60
C LYS H 730 36.58 35.33 -34.59
N GLU H 731 37.29 34.62 -35.47
CA GLU H 731 36.63 33.76 -36.42
C GLU H 731 36.97 32.34 -36.04
N PHE H 732 36.23 31.36 -36.52
CA PHE H 732 36.43 30.01 -36.05
C PHE H 732 36.06 29.03 -37.09
N TYR H 733 35.09 29.40 -37.90
CA TYR H 733 34.55 28.47 -38.85
C TYR H 733 34.97 28.78 -40.20
N ASP H 734 35.68 29.84 -40.37
CA ASP H 734 36.00 30.25 -41.69
C ASP H 734 37.04 29.36 -42.32
N LYS H 735 37.91 28.76 -41.53
CA LYS H 735 39.00 28.01 -42.10
C LYS H 735 39.08 26.56 -41.70
N ILE H 736 37.95 25.94 -41.45
CA ILE H 736 37.93 24.58 -41.04
C ILE H 736 38.21 23.77 -42.28
N TYR H 737 38.75 22.59 -42.11
CA TYR H 737 39.16 21.79 -43.26
C TYR H 737 38.14 21.82 -44.35
N THR H 738 38.57 21.65 -45.58
CA THR H 738 37.68 21.63 -46.68
C THR H 738 38.27 20.51 -47.45
N SER H 739 37.48 19.49 -47.75
CA SER H 739 38.01 18.32 -48.42
C SER H 739 38.80 18.62 -49.65
N LYS H 740 39.76 17.78 -49.92
CA LYS H 740 40.62 18.02 -51.04
C LYS H 740 39.93 17.67 -52.30
N TYR H 741 39.42 16.46 -52.45
CA TYR H 741 38.82 16.18 -53.75
C TYR H 741 37.47 16.81 -53.85
N ARG H 742 37.32 17.66 -54.85
CA ARG H 742 36.05 18.32 -55.08
C ARG H 742 35.35 17.62 -56.21
N PRO H 743 34.61 16.55 -55.90
CA PRO H 743 33.96 15.76 -56.94
C PRO H 743 32.89 16.58 -57.60
N ASP H 744 32.21 16.06 -58.61
CA ASP H 744 31.15 16.85 -59.19
C ASP H 744 29.83 16.41 -58.64
N PHE H 745 29.22 17.26 -57.84
CA PHE H 745 28.01 16.91 -57.18
C PHE H 745 26.81 17.11 -58.08
N THR H 746 27.05 17.51 -59.32
CA THR H 746 25.95 17.74 -60.24
C THR H 746 25.67 16.46 -60.95
N GLN H 747 26.25 15.38 -60.49
CA GLN H 747 25.94 14.10 -61.04
C GLN H 747 25.14 13.50 -59.91
N LEU H 748 24.93 14.27 -58.85
CA LEU H 748 24.08 13.79 -57.79
C LEU H 748 22.72 14.05 -58.35
N THR H 749 22.66 14.65 -59.53
CA THR H 749 21.38 14.86 -60.21
C THR H 749 20.97 13.53 -60.81
N ARG H 750 21.06 12.48 -60.01
CA ARG H 750 20.74 11.13 -60.45
C ARG H 750 21.76 10.72 -61.50
N LEU H 751 21.95 11.55 -62.50
CA LEU H 751 22.89 11.21 -63.57
C LEU H 751 24.19 10.47 -63.23
N ARG H 768 30.56 1.31 -61.61
CA ARG H 768 31.40 2.04 -60.66
C ARG H 768 30.75 3.36 -60.27
N ASP H 769 29.42 3.40 -60.30
CA ASP H 769 28.66 4.61 -59.99
C ASP H 769 28.08 4.62 -58.58
N GLU H 770 27.64 3.48 -58.07
CA GLU H 770 26.95 3.46 -56.79
C GLU H 770 27.89 3.78 -55.63
N GLU H 771 29.09 3.22 -55.64
CA GLU H 771 30.09 3.62 -54.65
C GLU H 771 30.49 5.08 -54.85
N LYS H 772 30.59 5.52 -56.10
CA LYS H 772 30.79 6.94 -56.37
C LYS H 772 29.61 7.75 -55.85
N THR H 773 28.40 7.23 -55.96
CA THR H 773 27.23 7.92 -55.41
C THR H 773 27.33 8.07 -53.91
N SER H 774 27.76 7.01 -53.21
CA SER H 774 27.94 7.10 -51.77
C SER H 774 29.02 8.12 -51.40
N THR H 775 30.12 8.12 -52.15
CA THR H 775 31.17 9.10 -51.92
C THR H 775 30.65 10.53 -52.11
N LEU H 776 29.89 10.75 -53.18
CA LEU H 776 29.34 12.07 -53.44
C LEU H 776 28.37 12.49 -52.35
N ILE H 777 27.55 11.56 -51.87
CA ILE H 777 26.63 11.87 -50.78
C ILE H 777 27.39 12.30 -49.54
N TYR H 778 28.44 11.55 -49.19
CA TYR H 778 29.24 11.88 -48.01
C TYR H 778 29.87 13.25 -48.14
N LEU H 779 30.52 13.51 -49.28
CA LEU H 779 31.24 14.78 -49.46
C LEU H 779 30.27 15.95 -49.52
N ARG H 780 29.14 15.80 -50.21
CA ARG H 780 28.15 16.87 -50.27
C ARG H 780 27.55 17.14 -48.90
N ALA H 781 27.32 16.09 -48.10
CA ALA H 781 26.80 16.28 -46.75
C ALA H 781 27.79 17.07 -45.90
N TYR H 782 29.08 16.72 -45.99
CA TYR H 782 30.07 17.48 -45.22
C TYR H 782 30.15 18.93 -45.70
N GLU H 783 30.11 19.13 -47.01
CA GLU H 783 30.23 20.48 -47.55
C GLU H 783 29.04 21.34 -47.12
N LEU H 784 27.84 20.77 -47.12
CA LEU H 784 26.67 21.52 -46.69
C LEU H 784 26.68 21.75 -45.18
N PHE H 785 27.20 20.79 -44.41
CA PHE H 785 27.37 21.01 -42.98
C PHE H 785 28.28 22.20 -42.72
N LEU H 786 29.40 22.27 -43.44
CA LEU H 786 30.31 23.40 -43.31
C LEU H 786 29.64 24.69 -43.75
N LYS H 787 28.85 24.65 -44.82
CA LYS H 787 28.14 25.84 -45.27
C LYS H 787 27.16 26.33 -44.22
N TYR H 788 26.43 25.40 -43.59
CA TYR H 788 25.48 25.78 -42.55
C TYR H 788 26.19 26.41 -41.37
N LEU H 789 27.34 25.87 -40.97
CA LEU H 789 28.08 26.48 -39.88
C LEU H 789 28.49 27.92 -40.22
N GLN H 790 28.86 28.16 -41.47
CA GLN H 790 29.35 29.46 -41.91
C GLN H 790 28.24 30.42 -42.35
N ASN H 791 26.99 29.98 -42.33
CA ASN H 791 25.86 30.79 -42.81
C ASN H 791 26.11 31.29 -44.23
N ALA H 792 26.59 30.40 -45.08
CA ALA H 792 26.89 30.78 -46.45
C ALA H 792 25.60 31.12 -47.20
N PRO H 793 25.61 32.17 -48.02
CA PRO H 793 24.38 32.57 -48.71
C PRO H 793 23.92 31.52 -49.70
N ASN H 794 22.60 31.49 -49.94
CA ASN H 794 21.98 30.53 -50.84
C ASN H 794 22.23 29.09 -50.38
N PHE H 795 21.86 28.82 -49.13
CA PHE H 795 22.08 27.52 -48.50
C PHE H 795 20.80 26.68 -48.38
N ASN H 796 19.66 27.32 -48.11
CA ASN H 796 18.43 26.56 -47.89
C ASN H 796 17.99 25.81 -49.14
N SER H 797 18.10 26.44 -50.32
CA SER H 797 17.74 25.78 -51.55
C SER H 797 18.64 24.58 -51.83
N GLU H 798 19.96 24.77 -51.66
CA GLU H 798 20.89 23.67 -51.82
C GLU H 798 20.63 22.57 -50.80
N LEU H 799 20.27 22.96 -49.58
CA LEU H 799 19.96 21.96 -48.55
C LEU H 799 18.75 21.13 -48.93
N ALA H 800 17.68 21.75 -49.44
CA ALA H 800 16.51 20.99 -49.85
C ALA H 800 16.83 20.09 -51.05
N GLU H 801 17.63 20.60 -51.98
CA GLU H 801 18.04 19.80 -53.13
C GLU H 801 18.79 18.54 -52.68
N PHE H 802 19.77 18.71 -51.79
CA PHE H 802 20.51 17.56 -51.29
C PHE H 802 19.64 16.66 -50.42
N LYS H 803 18.63 17.23 -49.75
CA LYS H 803 17.71 16.39 -49.01
C LYS H 803 16.94 15.46 -49.94
N THR H 804 16.50 15.98 -51.09
CA THR H 804 15.86 15.11 -52.08
C THR H 804 16.84 14.05 -52.60
N TYR H 805 18.07 14.46 -52.88
CA TYR H 805 19.07 13.50 -53.35
C TYR H 805 19.27 12.38 -52.33
N GLU H 806 19.41 12.75 -51.05
CA GLU H 806 19.67 11.76 -50.02
C GLU H 806 18.42 10.93 -49.71
N ASN H 807 17.22 11.46 -49.96
CA ASN H 807 16.04 10.62 -49.85
C ASN H 807 16.04 9.55 -50.92
N ALA H 808 16.45 9.89 -52.15
CA ALA H 808 16.58 8.85 -53.18
C ALA H 808 17.64 7.83 -52.79
N TYR H 809 18.78 8.30 -52.28
CA TYR H 809 19.85 7.39 -51.86
C TYR H 809 19.39 6.49 -50.72
N GLY H 810 18.63 7.03 -49.78
CA GLY H 810 18.07 6.23 -48.70
C GLY H 810 17.05 5.23 -49.19
N GLU H 811 16.32 5.56 -50.25
CA GLU H 811 15.45 4.57 -50.87
C GLU H 811 16.26 3.39 -51.42
N GLN H 812 17.39 3.69 -52.07
CA GLN H 812 18.25 2.61 -52.54
C GLN H 812 18.76 1.76 -51.38
N LYS H 813 19.17 2.41 -50.30
CA LYS H 813 19.68 1.66 -49.14
C LYS H 813 18.57 0.84 -48.50
N ALA H 814 17.34 1.35 -48.50
CA ALA H 814 16.20 0.58 -48.01
C ALA H 814 15.95 -0.64 -48.87
N LEU H 815 16.15 -0.51 -50.18
CA LEU H 815 16.11 -1.70 -51.04
C LEU H 815 17.17 -2.70 -50.63
N LEU H 816 18.37 -2.22 -50.33
CA LEU H 816 19.44 -3.11 -49.89
C LEU H 816 19.13 -3.77 -48.55
N ALA H 817 18.29 -3.15 -47.71
CA ALA H 817 18.02 -3.62 -46.36
C ALA H 817 16.74 -4.44 -46.25
N GLN H 818 16.38 -5.20 -47.28
CA GLN H 818 15.13 -5.96 -47.29
C GLN H 818 15.44 -7.45 -47.14
N GLN H 819 14.84 -8.07 -46.12
CA GLN H 819 15.04 -9.49 -45.86
C GLN H 819 14.19 -10.37 -46.76
N GLY H 820 13.16 -9.83 -47.39
CA GLY H 820 12.19 -10.60 -48.14
C GLY H 820 10.86 -10.68 -47.42
N PHE H 821 9.85 -11.17 -48.15
CA PHE H 821 8.51 -11.27 -47.60
C PHE H 821 7.72 -12.29 -48.42
N TYR H 822 6.83 -13.01 -47.73
CA TYR H 822 6.05 -14.07 -48.35
C TYR H 822 4.61 -13.98 -47.87
N ASN H 823 3.69 -14.38 -48.74
CA ASN H 823 2.26 -14.41 -48.42
C ASN H 823 1.74 -15.81 -48.76
N ILE H 824 1.05 -16.44 -47.82
CA ILE H 824 0.48 -17.75 -48.08
C ILE H 824 -0.80 -17.54 -48.89
N PHE H 825 -0.77 -17.96 -50.15
CA PHE H 825 -1.89 -17.74 -51.05
C PHE H 825 -2.91 -18.87 -50.93
N ASP H 826 -4.17 -18.52 -51.13
CA ASP H 826 -5.22 -19.53 -51.28
C ASP H 826 -5.13 -20.11 -52.69
N PRO H 827 -4.96 -21.42 -52.84
CA PRO H 827 -4.90 -21.99 -54.20
C PRO H 827 -6.15 -21.73 -55.03
N ASN H 828 -7.33 -21.70 -54.42
CA ASN H 828 -8.55 -21.43 -55.18
C ASN H 828 -8.54 -20.03 -55.76
N THR H 829 -8.11 -19.04 -54.98
CA THR H 829 -7.86 -17.70 -55.47
C THR H 829 -6.41 -17.61 -55.94
N GLY H 830 -5.91 -16.39 -56.13
CA GLY H 830 -4.51 -16.21 -56.46
C GLY H 830 -3.87 -15.13 -55.61
N ARG H 831 -4.34 -14.97 -54.38
CA ARG H 831 -3.92 -13.88 -53.51
C ARG H 831 -3.88 -14.38 -52.08
N ALA H 832 -3.63 -13.46 -51.15
CA ALA H 832 -3.43 -13.81 -49.75
C ALA H 832 -4.63 -14.59 -49.21
N ASP H 833 -4.34 -15.65 -48.46
CA ASP H 833 -5.38 -16.54 -47.97
C ASP H 833 -6.31 -15.81 -47.02
N GLN H 834 -7.61 -15.96 -47.24
CA GLN H 834 -8.63 -15.39 -46.37
C GLN H 834 -9.40 -16.45 -45.60
N ARG H 835 -9.11 -17.73 -45.83
CA ARG H 835 -9.82 -18.80 -45.13
C ARG H 835 -9.52 -18.75 -43.64
N THR H 836 -10.57 -18.88 -42.83
CA THR H 836 -10.45 -18.80 -41.38
C THR H 836 -11.33 -19.87 -40.75
N ARG H 837 -11.01 -20.21 -39.51
CA ARG H 837 -11.82 -21.09 -38.70
C ARG H 837 -12.65 -20.31 -37.68
N LEU H 838 -13.00 -19.07 -38.01
CA LEU H 838 -13.79 -18.22 -37.13
C LEU H 838 -15.23 -18.72 -37.06
N PHE H 839 -15.93 -18.27 -36.02
CA PHE H 839 -17.34 -18.60 -35.87
C PHE H 839 -18.17 -17.84 -36.89
N GLU H 840 -19.16 -18.53 -37.45
CA GLU H 840 -20.04 -17.96 -38.46
C GLU H 840 -21.48 -18.18 -38.03
N TYR H 841 -22.19 -17.09 -37.74
CA TYR H 841 -23.53 -17.19 -37.22
C TYR H 841 -24.49 -17.79 -38.24
N LYS H 842 -25.45 -18.56 -37.75
CA LYS H 842 -26.46 -19.19 -38.60
C LYS H 842 -27.67 -19.49 -37.74
N ARG H 843 -28.84 -19.01 -38.14
CA ARG H 843 -30.06 -19.29 -37.40
C ARG H 843 -30.44 -20.75 -37.60
N LEU H 844 -30.27 -21.55 -36.55
CA LEU H 844 -30.63 -22.96 -36.60
C LEU H 844 -32.15 -23.12 -36.52
N PRO H 845 -32.66 -24.26 -36.97
CA PRO H 845 -34.09 -24.54 -36.77
C PRO H 845 -34.43 -24.59 -35.29
N ILE H 846 -35.65 -24.16 -34.96
CA ILE H 846 -36.06 -24.15 -33.56
C ILE H 846 -36.22 -25.58 -33.03
N SER H 847 -36.35 -26.57 -33.90
CA SER H 847 -36.44 -27.96 -33.46
C SER H 847 -35.15 -28.45 -32.81
N THR H 848 -34.03 -27.73 -32.99
CA THR H 848 -32.78 -28.10 -32.33
C THR H 848 -32.77 -27.77 -30.85
N LEU H 849 -33.79 -27.05 -30.36
CA LEU H 849 -33.92 -26.72 -28.95
C LEU H 849 -35.18 -27.25 -28.31
N TYR H 850 -36.26 -27.46 -29.07
CA TYR H 850 -37.54 -27.87 -28.52
C TYR H 850 -38.14 -28.99 -29.37
N ASP H 851 -38.98 -29.80 -28.74
CA ASP H 851 -39.59 -30.94 -29.40
C ASP H 851 -40.98 -30.56 -29.92
N GLU H 852 -41.68 -31.53 -30.51
CA GLU H 852 -42.99 -31.29 -31.07
C GLU H 852 -44.06 -31.03 -30.00
N ARG H 853 -43.75 -31.27 -28.72
CA ARG H 853 -44.64 -30.87 -27.63
C ARG H 853 -44.18 -29.56 -26.98
N GLY H 854 -43.13 -28.95 -27.50
CA GLY H 854 -42.68 -27.65 -27.03
C GLY H 854 -41.71 -27.68 -25.88
N LEU H 855 -41.35 -28.84 -25.38
CA LEU H 855 -40.44 -28.87 -24.25
C LEU H 855 -38.99 -28.82 -24.72
N PRO H 856 -38.08 -28.26 -23.91
CA PRO H 856 -36.68 -28.21 -24.31
C PRO H 856 -36.03 -29.58 -24.27
N HIS H 857 -34.97 -29.73 -25.06
CA HIS H 857 -34.20 -30.97 -25.09
C HIS H 857 -33.23 -31.01 -23.92
N LYS H 858 -33.01 -32.23 -23.40
CA LYS H 858 -32.06 -32.48 -22.33
C LYS H 858 -31.20 -33.68 -22.75
N TRP H 859 -30.08 -33.38 -23.39
CA TRP H 859 -29.21 -34.42 -23.94
C TRP H 859 -28.43 -35.11 -22.84
N THR H 860 -29.02 -36.12 -22.22
CA THR H 860 -28.43 -36.71 -21.02
C THR H 860 -28.32 -38.23 -21.10
N ILE H 861 -28.65 -38.84 -22.24
CA ILE H 861 -28.52 -40.27 -22.43
C ILE H 861 -27.45 -40.51 -23.48
N TYR H 862 -26.36 -41.14 -23.09
CA TYR H 862 -25.27 -41.47 -23.98
C TYR H 862 -25.52 -42.84 -24.60
N VAL H 863 -25.45 -42.91 -25.92
CA VAL H 863 -25.73 -44.13 -26.68
C VAL H 863 -24.41 -44.65 -27.22
N TYR H 864 -24.08 -45.89 -26.87
CA TYR H 864 -22.83 -46.52 -27.28
C TYR H 864 -23.13 -47.70 -28.18
N LYS H 865 -22.45 -47.76 -29.31
CA LYS H 865 -22.57 -48.88 -30.24
C LYS H 865 -21.30 -49.72 -30.20
N ALA H 866 -21.48 -51.03 -30.29
CA ALA H 866 -20.33 -51.94 -30.25
C ALA H 866 -19.50 -51.78 -31.52
N VAL H 867 -18.18 -51.66 -31.34
CA VAL H 867 -17.29 -51.53 -32.49
C VAL H 867 -17.30 -52.81 -33.32
N ASP H 868 -17.26 -53.97 -32.65
CA ASP H 868 -17.27 -55.26 -33.33
C ASP H 868 -18.70 -55.74 -33.53
N SER H 869 -18.96 -56.34 -34.69
CA SER H 869 -20.31 -56.79 -35.00
C SER H 869 -20.76 -57.92 -34.09
N SER H 870 -19.85 -58.84 -33.75
CA SER H 870 -20.22 -59.97 -32.92
C SER H 870 -20.53 -59.58 -31.48
N GLN H 871 -20.07 -58.42 -31.04
CA GLN H 871 -20.29 -58.00 -29.66
C GLN H 871 -21.78 -57.78 -29.39
N LYS H 872 -22.23 -58.23 -28.22
CA LYS H 872 -23.61 -58.08 -27.81
C LYS H 872 -23.67 -57.51 -26.40
N PRO H 873 -24.66 -56.67 -26.10
CA PRO H 873 -25.73 -56.17 -26.98
C PRO H 873 -25.21 -55.15 -27.97
N ALA H 874 -25.94 -54.89 -29.06
CA ALA H 874 -25.44 -53.98 -30.09
C ALA H 874 -25.29 -52.56 -29.55
N GLU H 875 -26.25 -52.09 -28.75
CA GLU H 875 -26.21 -50.74 -28.21
C GLU H 875 -26.46 -50.77 -26.71
N ILE H 876 -25.87 -49.79 -26.02
CA ILE H 876 -26.10 -49.58 -24.60
C ILE H 876 -26.33 -48.10 -24.37
N GLU H 877 -27.43 -47.76 -23.71
CA GLU H 877 -27.74 -46.37 -23.37
C GLU H 877 -27.55 -46.18 -21.87
N VAL H 878 -26.66 -45.27 -21.50
CA VAL H 878 -26.31 -45.06 -20.11
C VAL H 878 -26.30 -43.56 -19.81
N THR H 879 -26.31 -43.24 -18.53
CA THR H 879 -26.17 -41.87 -18.06
C THR H 879 -24.72 -41.63 -17.63
N ARG H 880 -24.38 -40.35 -17.45
CA ARG H 880 -22.99 -39.97 -17.19
C ARG H 880 -22.42 -40.69 -15.97
N LYS H 881 -23.24 -40.95 -14.95
CA LYS H 881 -22.74 -41.59 -13.74
C LYS H 881 -22.54 -43.09 -13.91
N ASP H 882 -23.04 -43.68 -15.00
CA ASP H 882 -22.98 -45.11 -15.22
C ASP H 882 -22.00 -45.52 -16.30
N VAL H 883 -21.37 -44.56 -16.98
CA VAL H 883 -20.48 -44.88 -18.10
C VAL H 883 -19.33 -45.74 -17.63
N ILE H 884 -18.73 -45.39 -16.50
CA ILE H 884 -17.61 -46.17 -15.96
C ILE H 884 -18.05 -47.56 -15.53
N LYS H 885 -19.35 -47.78 -15.33
CA LYS H 885 -19.84 -49.04 -14.79
C LYS H 885 -20.35 -50.01 -15.84
N LYS H 886 -20.66 -49.54 -17.05
CA LYS H 886 -21.28 -50.39 -18.05
C LYS H 886 -20.63 -50.33 -19.42
N ILE H 887 -19.67 -49.45 -19.66
CA ILE H 887 -19.08 -49.27 -20.97
C ILE H 887 -17.57 -49.53 -20.87
N ASP H 888 -17.07 -50.35 -21.78
CA ASP H 888 -15.63 -50.61 -21.91
C ASP H 888 -15.18 -50.18 -23.30
N ASN H 889 -13.91 -50.48 -23.63
CA ASN H 889 -13.37 -50.07 -24.92
C ASN H 889 -13.94 -50.86 -26.09
N HIS H 890 -14.81 -51.83 -25.84
CA HIS H 890 -15.48 -52.54 -26.91
C HIS H 890 -16.62 -51.74 -27.54
N TYR H 891 -16.97 -50.60 -26.94
CA TYR H 891 -18.06 -49.75 -27.43
C TYR H 891 -17.54 -48.36 -27.70
N ALA H 892 -18.23 -47.65 -28.59
CA ALA H 892 -17.90 -46.27 -28.93
C ALA H 892 -19.16 -45.41 -28.85
N LEU H 893 -18.98 -44.16 -28.45
CA LEU H 893 -20.10 -43.24 -28.30
C LEU H 893 -20.62 -42.82 -29.66
N ALA H 894 -21.85 -43.22 -29.97
CA ALA H 894 -22.47 -42.90 -31.25
C ALA H 894 -23.17 -41.55 -31.22
N ASP H 895 -24.10 -41.35 -30.29
CA ASP H 895 -24.92 -40.16 -30.27
C ASP H 895 -25.44 -39.92 -28.85
N LEU H 896 -25.92 -38.71 -28.62
CA LEU H 896 -26.62 -38.39 -27.39
C LEU H 896 -28.11 -38.61 -27.57
N ARG H 897 -28.83 -38.67 -26.45
CA ARG H 897 -30.27 -38.82 -26.49
C ARG H 897 -30.91 -37.88 -25.47
N CYS H 898 -32.08 -37.36 -25.84
CA CYS H 898 -32.86 -36.54 -24.94
C CYS H 898 -33.62 -37.42 -23.96
N SER H 899 -33.75 -36.95 -22.73
CA SER H 899 -34.45 -37.67 -21.68
C SER H 899 -35.92 -37.29 -21.59
N VAL H 900 -36.42 -36.47 -22.52
CA VAL H 900 -37.80 -36.02 -22.48
C VAL H 900 -38.57 -36.59 -23.67
N CYS H 901 -38.15 -36.27 -24.89
CA CYS H 901 -38.80 -36.76 -26.08
C CYS H 901 -38.17 -38.03 -26.63
N HIS H 902 -37.01 -38.42 -26.11
CA HIS H 902 -36.34 -39.68 -26.47
C HIS H 902 -36.04 -39.72 -27.97
N VAL H 903 -35.32 -38.71 -28.43
CA VAL H 903 -34.87 -38.64 -29.82
C VAL H 903 -33.35 -38.54 -29.83
N LEU H 904 -32.73 -39.14 -30.84
CA LEU H 904 -31.31 -38.99 -31.03
C LEU H 904 -30.98 -37.58 -31.50
N GLN H 905 -29.82 -37.07 -31.09
CA GLN H 905 -29.44 -35.72 -31.47
C GLN H 905 -29.28 -35.58 -32.99
N HIS H 906 -28.72 -36.59 -33.64
CA HIS H 906 -28.54 -36.51 -35.09
C HIS H 906 -29.85 -36.68 -35.84
N GLU H 907 -30.88 -37.22 -35.19
CA GLU H 907 -32.20 -37.36 -35.80
C GLU H 907 -33.18 -36.29 -35.32
N VAL H 908 -32.66 -35.14 -34.87
CA VAL H 908 -33.52 -34.07 -34.42
C VAL H 908 -34.17 -33.34 -35.59
N GLY H 909 -33.56 -33.40 -36.78
CA GLY H 909 -34.12 -32.75 -37.95
C GLY H 909 -35.31 -33.45 -38.55
N GLN H 910 -35.66 -34.63 -38.04
CA GLN H 910 -36.87 -35.32 -38.47
C GLN H 910 -38.12 -34.81 -37.78
N LEU H 911 -37.98 -33.94 -36.78
CA LEU H 911 -39.13 -33.34 -36.11
C LEU H 911 -39.76 -32.30 -37.01
N ASN H 912 -41.09 -32.28 -37.03
CA ASN H 912 -41.81 -31.30 -37.85
C ASN H 912 -41.66 -29.92 -37.23
N ILE H 913 -41.04 -28.99 -37.97
CA ILE H 913 -40.73 -27.68 -37.41
C ILE H 913 -42.00 -26.86 -37.18
N LYS H 914 -43.03 -27.06 -38.00
CA LYS H 914 -44.29 -26.34 -37.79
C LYS H 914 -44.95 -26.76 -36.48
N LYS H 915 -45.00 -28.07 -36.22
CA LYS H 915 -45.53 -28.55 -34.96
C LYS H 915 -44.69 -28.06 -33.79
N VAL H 916 -43.38 -28.05 -33.95
CA VAL H 916 -42.49 -27.56 -32.89
C VAL H 916 -42.80 -26.09 -32.59
N GLN H 917 -42.95 -25.28 -33.64
CA GLN H 917 -43.21 -23.86 -33.44
C GLN H 917 -44.57 -23.63 -32.77
N THR H 918 -45.61 -24.34 -33.21
CA THR H 918 -46.93 -24.16 -32.61
C THR H 918 -46.93 -24.58 -31.16
N ALA H 919 -46.38 -25.76 -30.87
CA ALA H 919 -46.32 -26.25 -29.49
C ALA H 919 -45.47 -25.34 -28.62
N LEU H 920 -44.36 -24.83 -29.16
CA LEU H 920 -43.52 -23.92 -28.39
C LEU H 920 -44.24 -22.62 -28.10
N LYS H 921 -45.00 -22.09 -29.06
CA LYS H 921 -45.78 -20.88 -28.81
C LYS H 921 -46.78 -21.11 -27.68
N ALA H 922 -47.52 -22.22 -27.75
CA ALA H 922 -48.51 -22.50 -26.70
C ALA H 922 -47.85 -22.70 -25.35
N SER H 923 -46.75 -23.46 -25.31
CA SER H 923 -46.07 -23.73 -24.05
C SER H 923 -45.47 -22.46 -23.46
N LEU H 924 -44.86 -21.61 -24.30
CA LEU H 924 -44.30 -20.36 -23.82
C LEU H 924 -45.40 -19.44 -23.28
N GLU H 925 -46.54 -19.39 -23.97
CA GLU H 925 -47.60 -18.49 -23.53
C GLU H 925 -48.16 -18.95 -22.19
N PHE H 926 -48.40 -20.26 -22.05
CA PHE H 926 -48.85 -20.80 -20.77
C PHE H 926 -47.82 -20.60 -19.67
N ASN H 927 -46.53 -20.79 -20.00
CA ASN H 927 -45.49 -20.62 -19.00
C ASN H 927 -45.41 -19.18 -18.52
N THR H 928 -45.52 -18.22 -19.43
CA THR H 928 -45.52 -16.82 -19.03
C THR H 928 -46.73 -16.49 -18.18
N PHE H 929 -47.90 -16.99 -18.56
CA PHE H 929 -49.11 -16.73 -17.77
C PHE H 929 -48.98 -17.28 -16.35
N TYR H 930 -48.47 -18.51 -16.22
CA TYR H 930 -48.41 -19.12 -14.90
C TYR H 930 -47.21 -18.69 -14.10
N ALA H 931 -46.17 -18.13 -14.74
CA ALA H 931 -45.10 -17.50 -13.98
C ALA H 931 -45.51 -16.13 -13.48
N PHE H 932 -46.35 -15.42 -14.24
CA PHE H 932 -46.88 -14.15 -13.75
C PHE H 932 -47.77 -14.38 -12.53
N TYR H 933 -48.74 -15.28 -12.64
CA TYR H 933 -49.65 -15.57 -11.54
C TYR H 933 -49.14 -16.72 -10.67
N GLU H 934 -47.88 -16.61 -10.24
CA GLU H 934 -47.31 -17.57 -9.32
C GLU H 934 -47.55 -17.14 -7.88
N SER H 935 -47.09 -15.93 -7.53
CA SER H 935 -47.44 -15.28 -6.28
C SER H 935 -48.52 -14.23 -6.46
N ARG H 936 -48.49 -13.49 -7.57
CA ARG H 936 -49.48 -12.47 -7.83
C ARG H 936 -50.87 -13.10 -7.97
N CYS H 937 -51.85 -12.50 -7.32
CA CYS H 937 -53.20 -13.04 -7.41
C CYS H 937 -54.02 -12.23 -8.41
N PRO H 938 -54.79 -12.88 -9.28
CA PRO H 938 -55.66 -12.12 -10.19
C PRO H 938 -56.71 -11.30 -9.46
N LYS H 939 -57.06 -11.67 -8.23
CA LYS H 939 -58.06 -10.96 -7.46
C LYS H 939 -57.46 -9.85 -6.59
N GLY H 940 -56.17 -9.61 -6.70
CA GLY H 940 -55.52 -8.54 -5.98
C GLY H 940 -54.61 -9.09 -4.88
N GLY H 941 -53.47 -8.43 -4.70
CA GLY H 941 -52.53 -8.89 -3.70
C GLY H 941 -51.88 -10.19 -4.12
N LEU H 942 -51.39 -10.92 -3.12
CA LEU H 942 -50.77 -12.22 -3.33
C LEU H 942 -51.77 -13.33 -3.00
N HIS H 943 -51.42 -14.55 -3.41
CA HIS H 943 -52.30 -15.68 -3.24
C HIS H 943 -52.46 -16.04 -1.76
N ASP H 944 -53.65 -16.53 -1.42
CA ASP H 944 -53.97 -16.99 -0.08
C ASP H 944 -54.24 -18.50 -0.17
N PHE H 945 -53.17 -19.29 -0.08
CA PHE H 945 -53.23 -20.72 -0.37
C PHE H 945 -53.72 -21.47 0.86
N GLN H 946 -54.90 -22.07 0.77
CA GLN H 946 -55.47 -22.90 1.83
C GLN H 946 -56.03 -24.17 1.21
N ASP H 947 -55.61 -25.31 1.76
CA ASP H 947 -56.00 -26.62 1.22
C ASP H 947 -55.53 -26.79 -0.22
N LYS H 948 -54.30 -26.34 -0.50
CA LYS H 948 -53.64 -26.36 -1.81
C LYS H 948 -54.30 -25.44 -2.82
N LYS H 949 -55.36 -24.72 -2.46
CA LYS H 949 -56.11 -23.89 -3.39
C LYS H 949 -56.24 -22.49 -2.82
N CYS H 950 -55.93 -21.48 -3.62
CA CYS H 950 -56.12 -20.10 -3.20
C CYS H 950 -57.59 -19.84 -2.91
N VAL H 951 -57.85 -19.11 -1.83
CA VAL H 951 -59.24 -18.76 -1.48
C VAL H 951 -59.79 -17.74 -2.46
N LYS H 952 -58.99 -16.73 -2.82
CA LYS H 952 -59.48 -15.63 -3.63
C LYS H 952 -59.80 -16.07 -5.06
N CYS H 953 -58.88 -16.82 -5.67
CA CYS H 953 -59.06 -17.31 -7.04
C CYS H 953 -59.11 -18.84 -7.01
N GLY H 954 -59.11 -19.45 -8.20
CA GLY H 954 -59.21 -20.89 -8.29
C GLY H 954 -57.88 -21.58 -8.55
N LEU H 955 -56.77 -20.95 -8.17
CA LEU H 955 -55.46 -21.50 -8.46
C LEU H 955 -55.15 -22.69 -7.58
N PHE H 956 -54.65 -23.76 -8.19
CA PHE H 956 -54.18 -24.94 -7.49
C PHE H 956 -52.66 -24.93 -7.45
N THR H 957 -52.09 -25.38 -6.34
CA THR H 957 -50.64 -25.36 -6.18
C THR H 957 -49.95 -26.26 -7.20
N TYR H 958 -50.53 -27.42 -7.48
CA TYR H 958 -49.93 -28.40 -8.38
C TYR H 958 -50.13 -28.07 -9.85
N ILE H 959 -50.51 -26.85 -10.18
CA ILE H 959 -50.69 -26.44 -11.56
C ILE H 959 -49.71 -25.33 -11.97
N ILE H 960 -49.13 -24.60 -11.03
CA ILE H 960 -48.27 -23.48 -11.36
C ILE H 960 -47.07 -23.93 -12.20
N TYR H 961 -46.45 -25.03 -11.82
CA TYR H 961 -45.24 -25.52 -12.48
C TYR H 961 -45.49 -26.69 -13.42
N ASP H 962 -46.70 -27.24 -13.41
CA ASP H 962 -47.06 -28.35 -14.29
C ASP H 962 -48.24 -27.93 -15.15
N HIS H 963 -48.09 -28.08 -16.47
CA HIS H 963 -49.16 -27.77 -17.41
C HIS H 963 -49.45 -28.95 -18.34
N LEU H 964 -48.98 -30.14 -18.00
CA LEU H 964 -49.17 -31.33 -18.81
C LEU H 964 -49.97 -32.42 -18.11
N SER H 965 -49.78 -32.60 -16.81
CA SER H 965 -50.41 -33.70 -16.09
C SER H 965 -51.92 -33.60 -16.11
N GLN H 966 -52.46 -32.40 -15.89
CA GLN H 966 -53.91 -32.17 -15.88
C GLN H 966 -54.22 -30.99 -16.80
N PRO H 967 -54.15 -31.20 -18.12
CA PRO H 967 -54.35 -30.08 -19.05
C PRO H 967 -55.72 -29.45 -18.97
N GLU H 968 -56.75 -30.18 -18.53
CA GLU H 968 -58.08 -29.61 -18.44
C GLU H 968 -58.14 -28.49 -17.42
N LEU H 969 -57.48 -28.68 -16.26
CA LEU H 969 -57.45 -27.65 -15.23
C LEU H 969 -56.56 -26.47 -15.61
N VAL H 970 -55.47 -26.72 -16.33
CA VAL H 970 -54.64 -25.63 -16.82
C VAL H 970 -55.36 -24.74 -17.82
N HIS H 971 -56.25 -25.32 -18.64
CA HIS H 971 -57.03 -24.55 -19.60
C HIS H 971 -58.23 -23.86 -18.97
N ASP H 972 -58.61 -24.23 -17.75
CA ASP H 972 -59.74 -23.61 -17.07
C ASP H 972 -59.33 -22.35 -16.33
N TYR H 973 -58.29 -22.44 -15.49
CA TYR H 973 -57.78 -21.27 -14.79
C TYR H 973 -57.26 -20.23 -15.79
N TYR H 974 -56.58 -20.69 -16.84
CA TYR H 974 -56.07 -19.77 -17.84
C TYR H 974 -57.19 -19.01 -18.53
N ASN H 975 -58.28 -19.71 -18.90
CA ASN H 975 -59.38 -19.06 -19.58
C ASN H 975 -60.07 -18.03 -18.70
N ASN H 976 -60.12 -18.27 -17.38
CA ASN H 976 -60.83 -17.37 -16.48
C ASN H 976 -60.18 -16.00 -16.44
N TYR H 977 -58.85 -15.95 -16.35
CA TYR H 977 -58.16 -14.69 -16.13
C TYR H 977 -57.22 -14.34 -17.29
N LYS H 978 -57.62 -14.69 -18.51
CA LYS H 978 -56.78 -14.42 -19.65
C LYS H 978 -56.86 -12.98 -20.03
N ASP H 979 -58.07 -12.42 -20.06
CA ASP H 979 -58.23 -11.02 -20.40
C ASP H 979 -57.58 -10.03 -19.43
N GLN H 980 -58.00 -10.07 -18.19
CA GLN H 980 -57.32 -9.40 -17.14
C GLN H 980 -55.88 -9.57 -17.37
N TYR H 981 -55.44 -10.79 -17.68
CA TYR H 981 -53.99 -10.86 -17.89
C TYR H 981 -53.55 -10.01 -19.07
N ASP H 982 -54.31 -10.01 -20.16
CA ASP H 982 -53.89 -9.30 -21.37
C ASP H 982 -53.84 -7.80 -21.14
N LYS H 983 -54.83 -7.24 -20.45
CA LYS H 983 -54.82 -5.80 -20.17
C LYS H 983 -53.64 -5.44 -19.28
N GLU H 984 -53.36 -6.25 -18.26
CA GLU H 984 -52.22 -5.99 -17.39
C GLU H 984 -50.91 -6.06 -18.17
N LYS H 985 -50.79 -7.03 -19.08
CA LYS H 985 -49.58 -7.14 -19.88
C LYS H 985 -49.42 -5.93 -20.79
N MET H 986 -50.51 -5.46 -21.40
CA MET H 986 -50.44 -4.27 -22.23
C MET H 986 -50.09 -3.02 -21.40
N SER H 987 -50.70 -2.89 -20.22
CA SER H 987 -50.48 -1.71 -19.40
C SER H 987 -49.03 -1.60 -18.95
N ILE H 988 -48.40 -2.73 -18.62
CA ILE H 988 -47.00 -2.72 -18.22
C ILE H 988 -46.12 -2.20 -19.36
N ARG H 989 -46.46 -2.56 -20.59
CA ARG H 989 -45.67 -2.23 -21.77
C ARG H 989 -45.91 -0.83 -22.30
N SER H 990 -46.65 0.01 -21.57
CA SER H 990 -47.01 1.34 -22.03
C SER H 990 -46.29 2.40 -21.21
N ILE H 991 -46.25 3.62 -21.77
CA ILE H 991 -45.59 4.79 -21.19
C ILE H 991 -44.30 4.47 -20.47
N GLU H 1011 -52.68 50.53 -29.21
CA GLU H 1011 -52.43 51.94 -28.95
C GLU H 1011 -51.07 52.37 -29.49
N PRO H 1012 -51.07 53.30 -30.45
CA PRO H 1012 -49.81 53.72 -31.08
C PRO H 1012 -48.97 54.62 -30.19
N TRP H 1013 -47.82 54.11 -29.75
CA TRP H 1013 -46.90 54.88 -28.92
C TRP H 1013 -45.80 55.48 -29.77
N THR H 1014 -45.49 56.75 -29.48
CA THR H 1014 -44.40 57.44 -30.15
C THR H 1014 -43.52 58.11 -29.11
N PHE H 1015 -42.22 58.21 -29.43
CA PHE H 1015 -41.27 58.85 -28.53
C PHE H 1015 -41.54 60.35 -28.46
N ASP H 1016 -41.46 60.90 -27.25
CA ASP H 1016 -41.69 62.32 -27.01
C ASP H 1016 -40.43 62.91 -26.39
N TYR H 1017 -39.66 63.66 -27.19
CA TYR H 1017 -38.42 64.24 -26.70
C TYR H 1017 -38.68 65.42 -25.76
N GLY H 1018 -39.92 65.93 -25.70
CA GLY H 1018 -40.19 67.06 -24.83
C GLY H 1018 -40.17 66.71 -23.36
N LYS H 1019 -40.37 65.43 -23.02
CA LYS H 1019 -40.38 65.03 -21.62
C LYS H 1019 -38.98 65.00 -21.04
N ILE H 1020 -37.98 64.63 -21.85
CA ILE H 1020 -36.59 64.70 -21.39
C ILE H 1020 -36.15 66.15 -21.25
N ILE H 1021 -36.56 67.01 -22.18
CA ILE H 1021 -36.23 68.43 -22.10
C ILE H 1021 -36.81 69.03 -20.83
N LYS H 1022 -38.08 68.73 -20.54
CA LYS H 1022 -38.72 69.27 -19.34
C LYS H 1022 -38.06 68.73 -18.07
N THR H 1023 -37.77 67.43 -18.04
CA THR H 1023 -37.18 66.83 -16.86
C THR H 1023 -35.79 67.38 -16.59
N ALA H 1024 -34.99 67.56 -17.63
CA ALA H 1024 -33.62 68.02 -17.46
C ALA H 1024 -33.56 69.44 -16.89
N LYS H 1025 -34.49 70.30 -17.32
CA LYS H 1025 -34.49 71.68 -16.85
C LYS H 1025 -34.78 71.76 -15.35
N ILE H 1026 -35.62 70.84 -14.84
CA ILE H 1026 -35.88 70.80 -13.41
C ILE H 1026 -34.62 70.46 -12.64
N LEU H 1027 -33.84 69.50 -13.13
CA LEU H 1027 -32.62 69.08 -12.46
C LEU H 1027 -31.44 69.98 -12.76
N ASP H 1028 -31.59 70.95 -13.67
CA ASP H 1028 -30.51 71.84 -14.08
C ASP H 1028 -29.33 71.05 -14.64
N ILE H 1029 -29.63 70.03 -15.44
CA ILE H 1029 -28.63 69.20 -16.08
C ILE H 1029 -28.93 69.16 -17.58
N SER H 1030 -27.90 68.92 -18.37
CA SER H 1030 -28.08 68.84 -19.81
C SER H 1030 -28.91 67.61 -20.16
N PRO H 1031 -29.78 67.69 -21.17
CA PRO H 1031 -30.55 66.52 -21.58
C PRO H 1031 -29.69 65.37 -22.10
N ALA H 1032 -28.45 65.65 -22.50
CA ALA H 1032 -27.56 64.58 -22.94
C ALA H 1032 -27.26 63.61 -21.81
N VAL H 1033 -27.37 64.05 -20.56
CA VAL H 1033 -27.17 63.15 -19.42
C VAL H 1033 -28.32 62.16 -19.33
N ILE H 1034 -29.55 62.62 -19.54
CA ILE H 1034 -30.70 61.72 -19.45
C ILE H 1034 -30.71 60.72 -20.59
N GLU H 1035 -30.41 61.19 -21.81
CA GLU H 1035 -30.37 60.28 -22.96
C GLU H 1035 -29.24 59.27 -22.87
N ALA H 1036 -28.24 59.51 -22.02
CA ALA H 1036 -27.08 58.64 -21.91
C ALA H 1036 -27.11 57.77 -20.65
N ILE H 1037 -28.31 57.46 -20.14
CA ILE H 1037 -28.40 56.54 -19.02
C ILE H 1037 -28.08 55.14 -19.52
N GLY H 1038 -27.17 54.46 -18.84
CA GLY H 1038 -26.72 53.14 -19.25
C GLY H 1038 -25.64 53.13 -20.30
N ALA H 1039 -25.28 54.29 -20.85
CA ALA H 1039 -24.21 54.41 -21.84
C ALA H 1039 -23.02 55.19 -21.31
N MET H 1040 -22.94 55.41 -20.00
CA MET H 1040 -21.91 56.28 -19.43
C MET H 1040 -20.58 55.59 -19.22
N GLU H 1041 -20.52 54.25 -19.31
CA GLU H 1041 -19.26 53.56 -19.10
C GLU H 1041 -18.29 53.86 -20.24
N GLY H 1042 -17.04 54.15 -19.89
CA GLY H 1042 -16.02 54.39 -20.89
C GLY H 1042 -15.95 55.80 -21.42
N ARG H 1043 -16.67 56.74 -20.82
CA ARG H 1043 -16.63 58.13 -21.24
C ARG H 1043 -16.51 59.02 -20.02
N SER H 1044 -15.74 60.08 -20.15
CA SER H 1044 -15.64 61.07 -19.08
C SER H 1044 -16.96 61.83 -18.95
N TYR H 1045 -17.36 62.09 -17.72
CA TYR H 1045 -18.65 62.75 -17.48
C TYR H 1045 -18.72 64.12 -18.15
N ALA H 1046 -17.58 64.77 -18.37
CA ALA H 1046 -17.58 66.02 -19.11
C ALA H 1046 -18.08 65.81 -20.53
N ASP H 1047 -17.51 64.84 -21.25
CA ASP H 1047 -17.92 64.60 -22.63
C ASP H 1047 -19.37 64.12 -22.71
N ILE H 1048 -19.83 63.38 -21.70
CA ILE H 1048 -21.22 62.96 -21.65
C ILE H 1048 -22.15 64.18 -21.57
N ARG H 1049 -21.75 65.17 -20.76
CA ARG H 1049 -22.64 66.29 -20.49
C ARG H 1049 -22.94 67.09 -21.75
N GLU H 1050 -21.92 67.31 -22.60
CA GLU H 1050 -22.21 67.92 -23.89
C GLU H 1050 -22.75 66.92 -24.91
N GLY H 1051 -22.65 65.63 -24.64
CA GLY H 1051 -23.17 64.63 -25.55
C GLY H 1051 -22.20 64.18 -26.62
N GLN H 1052 -20.90 64.40 -26.43
CA GLN H 1052 -19.91 63.97 -27.40
C GLN H 1052 -19.62 62.48 -27.24
N GLY H 1053 -19.47 61.80 -28.37
CA GLY H 1053 -19.21 60.38 -28.33
C GLY H 1053 -20.39 59.52 -27.97
N ALA H 1054 -21.61 59.99 -28.22
CA ALA H 1054 -22.79 59.22 -27.90
C ALA H 1054 -22.86 57.98 -28.77
N PRO H 1055 -22.95 56.78 -28.20
CA PRO H 1055 -23.02 55.57 -29.03
C PRO H 1055 -24.30 55.54 -29.84
N PRO H 1056 -24.29 54.88 -30.99
CA PRO H 1056 -25.48 54.86 -31.85
C PRO H 1056 -26.61 54.10 -31.20
N PRO H 1057 -27.83 54.21 -31.73
CA PRO H 1057 -28.95 53.50 -31.13
C PRO H 1057 -28.73 51.99 -31.18
N PRO H 1058 -29.27 51.25 -30.23
CA PRO H 1058 -29.08 49.80 -30.22
C PRO H 1058 -29.74 49.14 -31.41
N THR H 1059 -29.16 48.02 -31.85
CA THR H 1059 -29.73 47.20 -32.90
C THR H 1059 -30.03 45.77 -32.45
N SER H 1060 -29.46 45.32 -31.34
CA SER H 1060 -29.63 43.95 -30.85
C SER H 1060 -30.47 43.95 -29.58
N MET H 1061 -31.32 42.93 -29.44
CA MET H 1061 -32.08 42.75 -28.20
C MET H 1061 -31.20 42.34 -27.03
N ASP H 1062 -29.95 41.97 -27.30
CA ASP H 1062 -28.98 41.61 -26.25
C ASP H 1062 -28.02 42.75 -25.95
N ASP H 1063 -28.39 43.98 -26.28
CA ASP H 1063 -27.53 45.12 -25.96
C ASP H 1063 -27.59 45.39 -24.46
N PRO H 1064 -26.44 45.45 -23.78
CA PRO H 1064 -26.47 45.76 -22.34
C PRO H 1064 -27.05 47.12 -22.01
N ARG H 1065 -27.15 48.03 -22.98
CA ARG H 1065 -27.77 49.32 -22.73
C ARG H 1065 -29.25 49.18 -22.38
N LEU H 1066 -29.94 48.25 -23.04
CA LEU H 1066 -31.37 48.06 -22.75
C LEU H 1066 -31.59 47.58 -21.32
N MET H 1067 -30.78 46.64 -20.86
CA MET H 1067 -30.92 46.15 -19.49
C MET H 1067 -30.51 47.20 -18.48
N ALA H 1068 -29.57 48.07 -18.83
CA ALA H 1068 -29.11 49.08 -17.88
C ALA H 1068 -30.18 50.13 -17.63
N VAL H 1069 -30.84 50.61 -18.68
CA VAL H 1069 -31.87 51.62 -18.50
C VAL H 1069 -33.09 51.02 -17.81
N ASP H 1070 -33.42 49.77 -18.15
CA ASP H 1070 -34.52 49.08 -17.47
C ASP H 1070 -34.22 48.89 -15.99
N SER H 1071 -32.95 48.62 -15.66
CA SER H 1071 -32.56 48.53 -14.26
C SER H 1071 -32.75 49.87 -13.56
N ALA H 1072 -32.46 50.97 -14.25
CA ALA H 1072 -32.66 52.29 -13.67
C ALA H 1072 -34.13 52.55 -13.39
N VAL H 1073 -35.02 52.11 -14.28
CA VAL H 1073 -36.45 52.33 -14.08
C VAL H 1073 -36.95 51.61 -12.84
N ARG H 1074 -36.57 50.34 -12.66
CA ARG H 1074 -37.16 49.55 -11.59
C ARG H 1074 -36.63 49.91 -10.22
N ILE H 1075 -35.49 50.60 -10.12
CA ILE H 1075 -35.08 51.12 -8.82
C ILE H 1075 -35.82 52.40 -8.47
N PHE H 1076 -36.33 53.12 -9.48
CA PHE H 1076 -37.25 54.21 -9.21
C PHE H 1076 -38.60 53.68 -8.74
N LEU H 1077 -39.07 52.60 -9.36
CA LEU H 1077 -40.34 52.02 -8.95
C LEU H 1077 -40.22 51.29 -7.62
N TYR H 1078 -39.09 50.60 -7.40
CA TYR H 1078 -38.89 49.90 -6.13
C TYR H 1078 -38.82 50.89 -4.97
N ASN H 1079 -38.11 52.00 -5.16
CA ASN H 1079 -37.99 52.99 -4.08
C ASN H 1079 -39.28 53.78 -3.91
N TYR H 1080 -40.05 53.96 -4.98
CA TYR H 1080 -41.30 54.69 -4.87
C TYR H 1080 -42.33 53.93 -4.04
N ASN H 1081 -42.42 52.61 -4.23
CA ASN H 1081 -43.36 51.82 -3.44
C ASN H 1081 -42.93 51.71 -1.99
N CYS H 1082 -41.62 51.82 -1.72
CA CYS H 1082 -41.18 51.84 -0.32
C CYS H 1082 -41.71 53.07 0.39
N LEU H 1083 -41.72 54.22 -0.29
CA LEU H 1083 -42.41 55.40 0.23
C LEU H 1083 -43.93 55.19 0.21
N ARG H 1084 -44.44 54.57 -0.86
CA ARG H 1084 -45.87 54.34 -0.98
C ARG H 1084 -46.39 53.38 0.08
N HIS H 1085 -45.57 52.39 0.47
CA HIS H 1085 -45.93 51.41 1.49
C HIS H 1085 -45.07 51.57 2.74
N VAL H 1086 -44.82 52.81 3.15
CA VAL H 1086 -43.89 53.07 4.24
C VAL H 1086 -44.40 52.50 5.56
N SER H 1087 -45.72 52.36 5.70
CA SER H 1087 -46.27 51.87 6.96
C SER H 1087 -46.02 50.39 7.15
N THR H 1088 -46.15 49.60 6.09
CA THR H 1088 -46.04 48.14 6.21
C THR H 1088 -44.67 47.70 6.68
N PHE H 1089 -43.64 48.52 6.47
CA PHE H 1089 -42.29 48.17 6.89
C PHE H 1089 -42.18 48.19 8.41
N ASN H 1090 -41.49 47.19 8.97
CA ASN H 1090 -41.17 47.21 10.39
C ASN H 1090 -40.38 48.46 10.75
N LYS H 1091 -39.31 48.73 10.01
CA LYS H 1091 -38.57 49.97 10.09
C LYS H 1091 -38.28 50.36 8.63
N PRO H 1092 -38.75 51.52 8.20
CA PRO H 1092 -38.60 51.89 6.78
C PRO H 1092 -37.14 52.07 6.42
N PRO H 1093 -36.78 51.91 5.14
CA PRO H 1093 -35.39 52.10 4.73
C PRO H 1093 -34.93 53.54 4.92
N ILE H 1094 -33.61 53.70 4.89
CA ILE H 1094 -33.01 55.00 5.22
C ILE H 1094 -33.34 56.05 4.16
N HIS H 1095 -33.68 55.63 2.94
CA HIS H 1095 -33.95 56.59 1.89
C HIS H 1095 -35.31 57.26 2.04
N VAL H 1096 -36.20 56.69 2.84
CA VAL H 1096 -37.55 57.22 2.98
C VAL H 1096 -37.79 57.73 4.39
N GLU H 1097 -37.12 57.12 5.37
CA GLU H 1097 -37.36 57.49 6.77
C GLU H 1097 -36.88 58.90 7.08
N ARG H 1098 -35.88 59.39 6.35
CA ARG H 1098 -35.33 60.72 6.64
C ARG H 1098 -36.29 61.84 6.25
N LEU H 1099 -37.37 61.53 5.53
CA LEU H 1099 -38.37 62.53 5.17
C LEU H 1099 -39.74 62.27 5.77
N VAL H 1100 -40.09 61.00 6.03
CA VAL H 1100 -41.37 60.68 6.66
C VAL H 1100 -41.26 60.65 8.18
N LYS H 1101 -40.12 61.07 8.73
CA LYS H 1101 -39.91 61.02 10.18
C LYS H 1101 -40.87 61.94 10.92
N HIS H 1102 -41.14 63.12 10.37
CA HIS H 1102 -41.95 64.12 11.05
C HIS H 1102 -43.45 63.86 10.93
N LEU H 1103 -43.86 62.87 10.16
CA LEU H 1103 -45.28 62.57 10.00
C LEU H 1103 -45.78 61.72 11.17
N SER H 1104 -47.10 61.56 11.23
CA SER H 1104 -47.75 60.76 12.25
C SER H 1104 -48.15 59.41 11.69
N TYR H 1105 -48.20 58.42 12.60
CA TYR H 1105 -48.46 57.04 12.18
C TYR H 1105 -49.80 56.91 11.46
N GLU H 1106 -50.77 57.74 11.83
CA GLU H 1106 -52.07 57.71 11.14
C GLU H 1106 -51.92 58.07 9.67
N GLU H 1107 -51.21 59.15 9.37
CA GLU H 1107 -50.99 59.56 7.99
C GLU H 1107 -49.73 58.93 7.40
N LYS H 1108 -48.89 58.30 8.22
CA LYS H 1108 -47.85 57.44 7.69
C LYS H 1108 -48.44 56.15 7.15
N GLU H 1109 -49.50 55.65 7.78
CA GLU H 1109 -50.28 54.55 7.21
C GLU H 1109 -50.92 54.96 5.89
N ASP H 1110 -51.11 56.25 5.68
CA ASP H 1110 -51.58 56.78 4.40
C ASP H 1110 -50.41 56.82 3.44
N LEU H 1111 -50.56 57.56 2.34
CA LEU H 1111 -49.64 57.71 1.22
C LEU H 1111 -49.77 56.54 0.24
N GLU H 1112 -50.62 55.56 0.52
CA GLU H 1112 -50.94 54.52 -0.44
C GLU H 1112 -52.32 54.69 -1.06
N LYS H 1113 -53.17 55.52 -0.45
CA LYS H 1113 -54.46 55.88 -1.03
C LYS H 1113 -54.44 57.23 -1.75
N VAL H 1114 -53.48 58.10 -1.41
CA VAL H 1114 -53.41 59.43 -1.99
C VAL H 1114 -52.36 59.55 -3.09
N LEU H 1115 -51.47 58.57 -3.22
CA LEU H 1115 -50.41 58.64 -4.22
C LEU H 1115 -50.76 57.77 -5.42
N PRO H 1116 -50.40 58.20 -6.63
CA PRO H 1116 -50.72 57.40 -7.81
C PRO H 1116 -49.78 56.21 -7.97
N ASN H 1117 -50.26 55.24 -8.75
CA ASN H 1117 -49.44 54.07 -9.10
C ASN H 1117 -48.87 54.30 -10.50
N VAL H 1118 -47.55 54.40 -10.59
CA VAL H 1118 -46.89 54.81 -11.82
C VAL H 1118 -46.18 53.64 -12.50
N VAL H 1119 -46.58 52.42 -12.19
CA VAL H 1119 -45.97 51.23 -12.78
C VAL H 1119 -47.00 50.56 -13.68
N ASN H 1120 -47.88 51.38 -14.26
CA ASN H 1120 -49.10 50.91 -14.92
C ASN H 1120 -48.87 49.79 -15.94
N GLU H 1121 -48.13 50.06 -17.02
CA GLU H 1121 -47.88 49.04 -18.05
C GLU H 1121 -46.46 49.12 -18.57
N TYR H 1122 -45.49 49.37 -17.69
CA TYR H 1122 -44.11 49.45 -18.14
C TYR H 1122 -43.53 48.08 -18.45
N HIS H 1123 -43.60 47.16 -17.49
CA HIS H 1123 -42.93 45.88 -17.63
C HIS H 1123 -43.46 45.09 -18.83
N THR H 1124 -44.78 45.12 -19.04
CA THR H 1124 -45.36 44.40 -20.16
C THR H 1124 -44.94 45.00 -21.50
N THR H 1125 -44.81 46.32 -21.57
CA THR H 1125 -44.47 46.97 -22.83
C THR H 1125 -42.98 46.90 -23.12
N PHE H 1126 -42.14 46.93 -22.09
CA PHE H 1126 -40.71 46.86 -22.32
C PHE H 1126 -40.30 45.51 -22.92
N LYS H 1127 -40.89 44.43 -22.42
CA LYS H 1127 -40.56 43.11 -22.94
C LYS H 1127 -41.02 42.94 -24.38
N HIS H 1128 -42.08 43.64 -24.77
CA HIS H 1128 -42.51 43.61 -26.17
C HIS H 1128 -41.56 44.40 -27.06
N LEU H 1129 -41.17 45.60 -26.63
CA LEU H 1129 -40.35 46.46 -27.48
C LEU H 1129 -38.91 45.96 -27.56
N ARG H 1130 -38.39 45.36 -26.49
CA ARG H 1130 -37.03 44.87 -26.49
C ARG H 1130 -36.82 43.82 -27.56
N VAL H 1131 -37.73 42.86 -27.66
CA VAL H 1131 -37.62 41.82 -28.67
C VAL H 1131 -37.90 42.38 -30.05
N THR H 1132 -38.94 43.21 -30.19
CA THR H 1132 -39.36 43.68 -31.50
C THR H 1132 -38.34 44.64 -32.11
N ASP H 1133 -38.10 45.77 -31.44
CA ASP H 1133 -37.15 46.78 -31.94
C ASP H 1133 -36.36 47.34 -30.76
N PRO H 1134 -35.11 46.90 -30.60
CA PRO H 1134 -34.30 47.38 -29.46
C PRO H 1134 -34.03 48.87 -29.49
N ALA H 1135 -34.12 49.52 -30.65
CA ALA H 1135 -33.94 50.97 -30.70
C ALA H 1135 -35.04 51.69 -29.93
N SER H 1136 -36.29 51.22 -30.05
CA SER H 1136 -37.40 51.84 -29.36
C SER H 1136 -37.42 51.49 -27.88
N ALA H 1137 -36.87 50.34 -27.50
CA ALA H 1137 -36.87 49.94 -26.10
C ALA H 1137 -36.05 50.92 -25.26
N LEU H 1138 -34.91 51.38 -25.79
CA LEU H 1138 -34.10 52.33 -25.06
C LEU H 1138 -34.84 53.64 -24.82
N LEU H 1139 -35.56 54.12 -25.83
CA LEU H 1139 -36.26 55.40 -25.70
C LEU H 1139 -37.50 55.26 -24.83
N TYR H 1140 -38.22 54.15 -24.95
CA TYR H 1140 -39.42 53.95 -24.12
C TYR H 1140 -39.08 53.94 -22.64
N SER H 1141 -38.02 53.22 -22.27
CA SER H 1141 -37.63 53.17 -20.87
C SER H 1141 -36.97 54.47 -20.40
N ILE H 1142 -36.32 55.19 -21.30
CA ILE H 1142 -35.81 56.50 -20.94
C ILE H 1142 -36.95 57.50 -20.77
N GLU H 1143 -37.90 57.49 -21.71
CA GLU H 1143 -39.04 58.40 -21.61
C GLU H 1143 -39.94 58.05 -20.43
N PHE H 1144 -40.10 56.76 -20.14
CA PHE H 1144 -40.93 56.35 -19.00
C PHE H 1144 -40.37 56.89 -17.70
N LEU H 1145 -39.05 56.86 -17.53
CA LEU H 1145 -38.44 57.38 -16.31
C LEU H 1145 -38.71 58.87 -16.14
N CYS H 1146 -38.73 59.61 -17.25
CA CYS H 1146 -39.01 61.03 -17.19
C CYS H 1146 -40.47 61.31 -16.93
N ILE H 1147 -41.37 60.55 -17.58
CA ILE H 1147 -42.80 60.75 -17.38
C ILE H 1147 -43.19 60.42 -15.95
N SER H 1148 -42.66 59.32 -15.41
CA SER H 1148 -42.97 58.94 -14.04
C SER H 1148 -42.47 59.99 -13.05
N PHE H 1149 -41.28 60.54 -13.30
CA PHE H 1149 -40.76 61.59 -12.43
C PHE H 1149 -41.64 62.84 -12.48
N LEU H 1150 -42.11 63.21 -13.67
CA LEU H 1150 -42.98 64.36 -13.79
C LEU H 1150 -44.30 64.14 -13.05
N THR H 1151 -44.83 62.91 -13.13
CA THR H 1151 -46.11 62.62 -12.48
C THR H 1151 -46.04 62.86 -10.98
N LEU H 1152 -44.98 62.38 -10.33
CA LEU H 1152 -44.81 62.64 -8.91
C LEU H 1152 -44.40 64.08 -8.62
N TYR H 1153 -44.09 64.85 -9.65
CA TYR H 1153 -43.66 66.24 -9.49
C TYR H 1153 -44.77 67.24 -9.75
N GLU H 1154 -45.74 66.89 -10.59
CA GLU H 1154 -46.80 67.82 -10.98
C GLU H 1154 -48.10 67.60 -10.21
N ILE H 1155 -48.08 66.80 -9.14
CA ILE H 1155 -49.27 66.67 -8.32
C ILE H 1155 -49.50 67.93 -7.51
N LYS H 1156 -50.74 68.14 -7.09
CA LYS H 1156 -51.11 69.32 -6.32
C LYS H 1156 -51.96 69.03 -5.09
N GLU H 1157 -52.65 67.90 -5.04
CA GLU H 1157 -53.57 67.59 -3.96
C GLU H 1157 -53.31 66.17 -3.48
N PRO H 1158 -53.38 65.93 -2.16
CA PRO H 1158 -53.62 66.88 -1.06
C PRO H 1158 -52.39 67.72 -0.73
N SER H 1159 -52.59 68.84 -0.03
CA SER H 1159 -51.49 69.77 0.23
C SER H 1159 -50.44 69.19 1.16
N TRP H 1160 -50.80 68.23 2.01
CA TRP H 1160 -49.86 67.68 2.98
C TRP H 1160 -48.89 66.68 2.38
N VAL H 1161 -49.06 66.32 1.11
CA VAL H 1161 -48.22 65.31 0.48
C VAL H 1161 -47.35 65.88 -0.64
N VAL H 1162 -47.63 67.10 -1.11
CA VAL H 1162 -46.87 67.66 -2.23
C VAL H 1162 -45.41 67.85 -1.84
N ASN H 1163 -45.16 68.37 -0.63
CA ASN H 1163 -43.79 68.63 -0.20
C ASN H 1163 -43.02 67.36 0.14
N ILE H 1164 -43.70 66.23 0.28
CA ILE H 1164 -43.04 65.00 0.74
C ILE H 1164 -42.61 64.09 -0.41
N VAL H 1165 -43.19 64.25 -1.60
CA VAL H 1165 -42.85 63.40 -2.74
C VAL H 1165 -42.00 64.18 -3.73
N ARG H 1166 -42.23 65.49 -3.81
CA ARG H 1166 -41.43 66.32 -4.70
C ARG H 1166 -39.96 66.29 -4.30
N GLU H 1167 -39.70 66.28 -3.00
CA GLU H 1167 -38.35 66.00 -2.51
C GLU H 1167 -37.94 64.57 -2.86
N PHE H 1168 -38.85 63.61 -2.69
CA PHE H 1168 -38.55 62.22 -3.00
C PHE H 1168 -38.27 62.02 -4.48
N ALA H 1169 -39.08 62.63 -5.34
CA ALA H 1169 -38.85 62.48 -6.78
C ALA H 1169 -37.51 63.08 -7.19
N LEU H 1170 -37.16 64.23 -6.62
CA LEU H 1170 -35.85 64.83 -6.91
C LEU H 1170 -34.71 63.97 -6.36
N THR H 1171 -34.90 63.40 -5.17
CA THR H 1171 -33.82 62.62 -4.55
C THR H 1171 -33.55 61.34 -5.31
N GLU H 1172 -34.61 60.63 -5.73
CA GLU H 1172 -34.42 59.36 -6.44
C GLU H 1172 -33.80 59.57 -7.81
N LEU H 1173 -34.35 60.51 -8.59
CA LEU H 1173 -33.84 60.71 -9.94
C LEU H 1173 -32.40 61.21 -9.92
N ASN H 1174 -32.03 61.97 -8.89
CA ASN H 1174 -30.64 62.39 -8.75
C ASN H 1174 -29.74 61.20 -8.45
N THR H 1175 -30.18 60.28 -7.58
CA THR H 1175 -29.37 59.11 -7.25
C THR H 1175 -29.25 58.17 -8.44
N ILE H 1176 -30.31 58.06 -9.25
CA ILE H 1176 -30.22 57.25 -10.46
C ILE H 1176 -29.16 57.81 -11.39
N ILE H 1177 -29.14 59.13 -11.57
CA ILE H 1177 -28.11 59.76 -12.39
C ILE H 1177 -26.75 59.62 -11.73
N GLN H 1178 -26.70 59.74 -10.40
CA GLN H 1178 -25.44 59.59 -9.68
C GLN H 1178 -24.86 58.19 -9.85
N SER H 1179 -25.70 57.16 -9.76
CA SER H 1179 -25.23 55.79 -9.93
C SER H 1179 -24.69 55.57 -11.34
N GLU H 1180 -25.37 56.11 -12.34
CA GLU H 1180 -24.84 56.04 -13.70
C GLU H 1180 -23.53 56.82 -13.82
N LYS H 1181 -23.44 57.96 -13.14
CA LYS H 1181 -22.23 58.78 -13.22
C LYS H 1181 -21.03 58.08 -12.61
N LEU H 1182 -21.24 57.28 -11.56
CA LEU H 1182 -20.14 56.57 -10.91
C LEU H 1182 -19.57 55.46 -11.77
N LEU H 1183 -20.20 55.12 -12.89
CA LEU H 1183 -19.69 54.12 -13.81
C LEU H 1183 -18.91 54.74 -14.97
N SER H 1184 -18.67 56.05 -14.93
CA SER H 1184 -18.00 56.75 -16.01
C SER H 1184 -16.49 56.76 -15.78
N LYS H 1185 -15.77 57.53 -16.58
CA LYS H 1185 -14.31 57.55 -16.50
C LYS H 1185 -13.87 58.44 -15.34
N PRO H 1186 -13.06 57.92 -14.41
CA PRO H 1186 -12.66 58.72 -13.24
C PRO H 1186 -11.72 59.85 -13.63
N GLY H 1187 -11.72 60.88 -12.79
CA GLY H 1187 -10.81 62.00 -12.97
C GLY H 1187 -9.44 61.74 -12.40
N ALA H 1188 -8.89 62.72 -11.69
CA ALA H 1188 -7.57 62.62 -11.07
C ALA H 1188 -7.72 62.64 -9.56
N PHE H 1189 -7.06 61.70 -8.90
CA PHE H 1189 -7.21 61.56 -7.45
C PHE H 1189 -5.98 60.85 -6.89
N ASN H 1190 -5.84 60.93 -5.57
CA ASN H 1190 -4.74 60.25 -4.88
C ASN H 1190 -5.02 58.76 -4.84
N PHE H 1191 -4.10 57.96 -5.37
CA PHE H 1191 -4.29 56.52 -5.47
C PHE H 1191 -3.97 55.78 -4.17
N MET H 1192 -3.49 56.48 -3.14
CA MET H 1192 -3.12 55.84 -1.88
C MET H 1192 -4.23 55.84 -0.84
N ILE H 1193 -5.39 56.42 -1.16
CA ILE H 1193 -6.50 56.46 -0.20
C ILE H 1193 -7.13 55.09 0.01
N PHE H 1194 -6.77 54.10 -0.81
CA PHE H 1194 -7.29 52.75 -0.62
C PHE H 1194 -6.62 52.05 0.57
N GLY H 1195 -5.49 52.55 1.04
CA GLY H 1195 -4.85 52.05 2.24
C GLY H 1195 -3.55 51.31 2.03
N GLU H 1196 -3.14 51.02 0.79
CA GLU H 1196 -1.91 50.29 0.52
C GLU H 1196 -1.02 51.09 -0.41
N ASP H 1197 0.20 50.57 -0.60
CA ASP H 1197 1.14 51.21 -1.52
C ASP H 1197 0.76 50.95 -2.97
N PHE H 1198 0.70 49.67 -3.35
CA PHE H 1198 0.42 49.30 -4.73
C PHE H 1198 -1.03 49.59 -5.08
N VAL H 1199 -1.26 49.91 -6.35
CA VAL H 1199 -2.59 49.99 -6.95
C VAL H 1199 -2.46 49.47 -8.36
N CYS H 1200 -3.21 48.42 -8.69
CA CYS H 1200 -3.18 47.81 -10.01
C CYS H 1200 -4.45 48.13 -10.78
N SER H 1201 -4.35 48.06 -12.11
CA SER H 1201 -5.47 48.33 -12.99
C SER H 1201 -6.07 47.02 -13.49
N GLY H 1202 -7.11 47.14 -14.31
CA GLY H 1202 -7.77 45.96 -14.85
C GLY H 1202 -7.01 45.24 -15.92
N GLU H 1203 -6.05 45.91 -16.58
CA GLU H 1203 -5.22 45.29 -17.60
C GLU H 1203 -3.90 44.78 -17.04
N ASP H 1204 -3.59 45.05 -15.78
CA ASP H 1204 -2.31 44.68 -15.21
C ASP H 1204 -2.20 43.17 -15.05
N SER H 1205 -1.00 42.64 -15.28
CA SER H 1205 -0.73 41.22 -15.12
C SER H 1205 0.48 40.97 -14.22
N SER H 1206 0.99 42.00 -13.55
CA SER H 1206 2.18 41.82 -12.72
C SER H 1206 1.86 41.05 -11.44
N MET H 1207 0.64 41.19 -10.93
CA MET H 1207 0.24 40.52 -9.69
C MET H 1207 -0.85 39.48 -9.93
N ASP H 1208 -0.83 38.84 -11.08
CA ASP H 1208 -1.75 37.74 -11.34
C ASP H 1208 -1.38 36.52 -10.50
N ASP H 1209 -2.40 35.74 -10.15
CA ASP H 1209 -2.16 34.52 -9.40
C ASP H 1209 -1.38 33.53 -10.26
N ILE H 1210 -0.29 33.00 -9.69
CA ILE H 1210 0.53 32.03 -10.42
C ILE H 1210 -0.22 30.72 -10.59
N SER H 1211 -0.95 30.30 -9.55
CA SER H 1211 -1.70 29.06 -9.63
C SER H 1211 -2.83 29.11 -10.65
N ALA H 1212 -3.19 30.30 -11.14
CA ALA H 1212 -4.24 30.43 -12.12
C ALA H 1212 -3.76 30.23 -13.55
N TYR H 1213 -2.45 30.11 -13.76
CA TYR H 1213 -1.94 29.79 -15.08
C TYR H 1213 -2.10 28.31 -15.41
N SER H 1214 -2.11 27.45 -14.41
CA SER H 1214 -2.43 26.05 -14.60
C SER H 1214 -3.91 25.89 -14.96
N SER H 1215 -4.29 24.66 -15.27
CA SER H 1215 -5.70 24.36 -15.45
C SER H 1215 -6.43 24.67 -14.15
N PRO H 1216 -7.49 25.48 -14.19
CA PRO H 1216 -8.12 25.93 -12.95
C PRO H 1216 -8.71 24.79 -12.16
N GLY H 1217 -8.71 24.96 -10.83
CA GLY H 1217 -9.20 23.93 -9.95
C GLY H 1217 -8.23 22.77 -9.81
N LEU H 1218 -8.78 21.64 -9.37
CA LEU H 1218 -8.00 20.42 -9.18
C LEU H 1218 -7.39 19.94 -10.49
N LEU H 1227 -9.51 8.10 2.49
CA LEU H 1227 -8.37 8.92 2.84
C LEU H 1227 -7.06 8.21 2.49
N ASP H 1228 -7.13 6.89 2.41
CA ASP H 1228 -5.98 6.07 2.05
C ASP H 1228 -5.98 5.80 0.55
N ASP H 1229 -4.80 5.77 -0.03
CA ASP H 1229 -4.66 5.41 -1.44
C ASP H 1229 -4.84 3.90 -1.58
N PRO H 1230 -5.86 3.43 -2.31
CA PRO H 1230 -6.09 1.98 -2.39
C PRO H 1230 -4.98 1.22 -3.09
N PHE H 1231 -4.15 1.89 -3.88
CA PHE H 1231 -3.11 1.21 -4.66
C PHE H 1231 -1.71 1.42 -4.09
N SER H 1232 -1.56 2.23 -3.04
CA SER H 1232 -0.26 2.52 -2.47
C SER H 1232 0.14 1.41 -1.50
N ILE H 1233 1.38 0.96 -1.61
CA ILE H 1233 1.91 -0.04 -0.68
C ILE H 1233 2.53 0.74 0.48
N GLU H 1234 1.67 1.15 1.41
CA GLU H 1234 2.09 1.91 2.58
C GLU H 1234 2.22 1.05 3.82
N ASP H 1235 1.33 0.07 4.00
CA ASP H 1235 1.44 -0.87 5.10
C ASP H 1235 2.18 -2.13 4.72
N VAL H 1236 2.66 -2.24 3.49
CA VAL H 1236 3.44 -3.38 3.03
C VAL H 1236 4.90 -2.99 3.11
N ASP H 1237 5.65 -3.67 3.99
CA ASP H 1237 7.07 -3.39 4.17
C ASP H 1237 7.85 -4.34 3.27
N ILE H 1238 8.03 -3.92 2.01
CA ILE H 1238 8.78 -4.66 1.01
C ILE H 1238 9.78 -3.71 0.38
N SER H 1239 10.98 -4.20 0.11
CA SER H 1239 12.03 -3.36 -0.46
C SER H 1239 11.62 -2.88 -1.85
N LEU H 1240 12.00 -1.64 -2.17
CA LEU H 1240 11.67 -1.06 -3.46
C LEU H 1240 12.51 -1.63 -4.59
N ASP H 1241 13.60 -2.33 -4.26
CA ASP H 1241 14.45 -2.98 -5.25
C ASP H 1241 14.00 -4.39 -5.60
N VAL H 1242 12.96 -4.89 -4.94
CA VAL H 1242 12.58 -6.29 -5.08
C VAL H 1242 11.10 -6.37 -5.40
N LEU H 1243 10.56 -5.30 -5.98
CA LEU H 1243 9.13 -5.22 -6.27
C LEU H 1243 8.65 -6.18 -7.34
N ASP H 1244 9.57 -6.84 -8.06
CA ASP H 1244 9.16 -7.83 -9.04
C ASP H 1244 8.56 -9.08 -8.41
N ASN H 1245 8.66 -9.24 -7.09
CA ASN H 1245 7.94 -10.31 -6.41
C ASN H 1245 6.44 -10.13 -6.49
N LEU H 1246 5.96 -8.93 -6.78
CA LEU H 1246 4.54 -8.62 -6.87
C LEU H 1246 4.02 -8.72 -8.30
N ALA H 1247 4.86 -9.12 -9.24
CA ALA H 1247 4.42 -9.22 -10.63
C ALA H 1247 3.31 -10.26 -10.75
N PRO H 1248 2.27 -9.99 -11.55
CA PRO H 1248 1.16 -10.95 -11.64
C PRO H 1248 1.57 -12.29 -12.20
N GLN H 1249 2.61 -12.33 -13.03
CA GLN H 1249 3.18 -13.58 -13.53
C GLN H 1249 2.15 -14.43 -14.26
N MET I 1 31.09 7.92 61.54
CA MET I 1 30.68 6.85 62.45
C MET I 1 30.62 5.50 61.73
N ILE I 2 31.27 4.50 62.32
CA ILE I 2 31.23 3.14 61.79
C ILE I 2 29.91 2.50 62.21
N ASP I 3 29.21 1.91 61.25
CA ASP I 3 27.90 1.32 61.50
C ASP I 3 27.67 0.20 60.48
N GLN I 4 26.49 -0.41 60.58
CA GLN I 4 26.10 -1.51 59.71
C GLN I 4 25.00 -1.07 58.77
N LYS I 5 25.09 -1.50 57.51
CA LYS I 5 24.12 -1.14 56.50
C LYS I 5 23.82 -2.36 55.64
N ILE I 6 22.64 -2.34 55.01
CA ILE I 6 22.21 -3.42 54.13
C ILE I 6 21.98 -2.83 52.75
N PHE I 7 22.63 -3.41 51.74
CA PHE I 7 22.56 -2.94 50.37
C PHE I 7 21.95 -4.01 49.48
N GLU I 8 21.38 -3.57 48.36
CA GLU I 8 20.90 -4.43 47.30
C GLU I 8 21.62 -4.09 46.02
N THR I 9 22.03 -5.12 45.27
CA THR I 9 22.75 -4.89 44.03
C THR I 9 22.48 -6.06 43.09
N THR I 10 22.93 -5.91 41.85
CA THR I 10 22.90 -6.98 40.86
C THR I 10 24.30 -7.14 40.32
N LEU I 11 24.84 -8.36 40.39
CA LEU I 11 26.16 -8.66 39.87
C LEU I 11 26.05 -9.44 38.57
N ASN I 12 26.83 -9.04 37.59
CA ASN I 12 26.99 -9.79 36.36
C ASN I 12 28.01 -10.90 36.56
N ILE I 13 27.77 -12.03 35.90
CA ILE I 13 28.59 -13.22 36.03
C ILE I 13 29.00 -13.65 34.63
N ASP I 14 30.30 -13.59 34.33
CA ASP I 14 30.77 -13.89 32.98
C ASP I 14 30.84 -15.38 32.71
N ASP I 15 31.14 -16.19 33.72
CA ASP I 15 31.23 -17.65 33.57
C ASP I 15 30.31 -18.29 34.59
N PRO I 16 29.02 -18.45 34.25
CA PRO I 16 28.08 -19.01 35.23
C PRO I 16 28.42 -20.43 35.67
N THR I 17 29.04 -21.22 34.81
CA THR I 17 29.37 -22.60 35.18
C THR I 17 30.42 -22.65 36.28
N ASN I 18 31.49 -21.87 36.13
CA ASN I 18 32.54 -21.83 37.15
C ASN I 18 32.07 -21.10 38.39
N PHE I 19 31.21 -20.09 38.24
CA PHE I 19 30.75 -19.32 39.39
C PHE I 19 29.96 -20.19 40.35
N CYS I 20 29.12 -21.08 39.83
CA CYS I 20 28.20 -21.85 40.66
C CYS I 20 28.87 -22.99 41.41
N THR I 21 30.15 -23.27 41.15
CA THR I 21 30.85 -24.31 41.89
C THR I 21 30.97 -23.92 43.37
N ASN I 22 31.26 -22.64 43.64
CA ASN I 22 31.32 -22.12 45.01
C ASN I 22 30.66 -20.74 44.99
N VAL I 23 29.34 -20.70 45.24
CA VAL I 23 28.60 -19.47 45.07
C VAL I 23 28.90 -18.49 46.20
N GLU I 24 29.00 -18.96 47.43
CA GLU I 24 29.20 -18.04 48.55
C GLU I 24 30.58 -17.40 48.50
N ALA I 25 31.62 -18.18 48.23
CA ALA I 25 32.97 -17.65 48.18
C ALA I 25 33.13 -16.69 47.00
N HIS I 26 32.66 -17.10 45.82
CA HIS I 26 32.75 -16.24 44.65
C HIS I 26 31.93 -14.97 44.84
N LEU I 27 30.76 -15.08 45.46
CA LEU I 27 29.92 -13.92 45.70
C LEU I 27 30.60 -12.92 46.62
N LEU I 28 31.17 -13.41 47.73
CA LEU I 28 31.88 -12.52 48.64
C LEU I 28 33.09 -11.90 47.95
N LYS I 29 33.82 -12.69 47.16
CA LYS I 29 34.99 -12.17 46.46
C LYS I 29 34.61 -11.05 45.50
N GLU I 30 33.55 -11.26 44.71
CA GLU I 30 33.13 -10.25 43.76
C GLU I 30 32.61 -9.00 44.46
N LEU I 31 31.85 -9.19 45.54
CA LEU I 31 31.35 -8.04 46.30
C LEU I 31 32.50 -7.22 46.87
N GLU I 32 33.53 -7.89 47.41
CA GLU I 32 34.68 -7.17 47.93
C GLU I 32 35.43 -6.45 46.82
N ASN I 33 35.58 -7.10 45.66
CA ASN I 33 36.29 -6.45 44.56
C ASN I 33 35.54 -5.24 44.02
N ILE I 34 34.21 -5.24 44.11
CA ILE I 34 33.43 -4.16 43.53
C ILE I 34 33.21 -3.01 44.52
N TYR I 35 32.86 -3.31 45.77
CA TYR I 35 32.31 -2.28 46.64
C TYR I 35 33.19 -1.86 47.81
N VAL I 36 34.18 -2.65 48.19
CA VAL I 36 35.02 -2.27 49.33
C VAL I 36 35.86 -1.06 48.97
N GLY I 37 35.86 -0.06 49.84
CA GLY I 37 36.66 1.12 49.63
C GLY I 37 36.09 2.13 48.68
N LYS I 38 34.77 2.17 48.52
CA LYS I 38 34.13 3.10 47.60
C LYS I 38 32.87 3.67 48.24
N CYS I 39 32.37 4.76 47.67
CA CYS I 39 31.14 5.38 48.12
C CYS I 39 29.97 4.89 47.28
N PHE I 40 28.91 4.47 47.96
CA PHE I 40 27.73 3.94 47.27
C PHE I 40 26.52 4.11 48.17
N LYS I 41 25.47 4.73 47.64
CA LYS I 41 24.20 4.91 48.34
C LYS I 41 24.39 5.67 49.65
N ASN I 42 25.01 6.85 49.54
CA ASN I 42 25.16 7.79 50.65
C ASN I 42 25.94 7.18 51.82
N SER I 43 26.94 6.37 51.50
CA SER I 43 27.78 5.77 52.52
C SER I 43 29.10 5.32 51.89
N PHE I 44 30.08 5.05 52.74
CA PHE I 44 31.39 4.56 52.32
C PHE I 44 31.56 3.15 52.86
N ILE I 45 31.64 2.17 51.96
CA ILE I 45 31.71 0.77 52.36
C ILE I 45 33.13 0.45 52.81
N LEU I 46 33.27 0.03 54.07
CA LEU I 46 34.56 -0.42 54.59
C LEU I 46 34.74 -1.91 54.43
N ASN I 47 33.75 -2.71 54.85
CA ASN I 47 33.86 -4.15 54.78
C ASN I 47 32.54 -4.74 54.29
N ILE I 48 32.62 -5.88 53.63
CA ILE I 48 31.45 -6.66 53.25
C ILE I 48 31.27 -7.73 54.31
N THR I 49 30.33 -7.51 55.22
CA THR I 49 30.16 -8.44 56.34
C THR I 49 29.61 -9.77 55.85
N GLY I 50 28.56 -9.76 55.05
CA GLY I 50 27.99 -11.02 54.61
C GLY I 50 26.90 -10.81 53.59
N VAL I 51 26.24 -11.92 53.24
CA VAL I 51 25.15 -11.93 52.27
C VAL I 51 23.91 -12.47 52.97
N ILE I 52 22.93 -11.60 53.21
CA ILE I 52 21.72 -12.04 53.91
C ILE I 52 20.94 -13.03 53.04
N GLN I 53 20.70 -12.67 51.78
CA GLN I 53 20.02 -13.55 50.86
C GLN I 53 20.29 -13.07 49.44
N ARG I 54 20.18 -14.01 48.50
CA ARG I 54 20.55 -13.76 47.12
C ARG I 54 19.45 -14.32 46.21
N SER I 55 19.72 -14.33 44.92
CA SER I 55 18.80 -14.89 43.93
C SER I 55 19.46 -16.08 43.25
N PRO I 56 18.71 -16.89 42.52
CA PRO I 56 19.35 -17.87 41.64
C PRO I 56 20.15 -17.15 40.56
N CYS I 57 21.10 -17.88 39.97
CA CYS I 57 21.86 -17.30 38.88
C CYS I 57 21.06 -17.36 37.59
N PHE I 58 20.34 -16.28 37.27
CA PHE I 58 19.60 -16.22 36.03
C PHE I 58 20.56 -16.06 34.86
N ILE I 59 20.07 -16.35 33.66
CA ILE I 59 20.82 -16.18 32.42
C ILE I 59 20.27 -14.95 31.72
N MET I 60 21.15 -14.08 31.26
CA MET I 60 20.73 -12.86 30.60
C MET I 60 19.87 -13.18 29.40
N ARG I 61 18.74 -12.49 29.29
CA ARG I 61 17.70 -12.83 28.34
C ARG I 61 17.70 -11.96 27.10
N THR I 62 18.23 -10.75 27.18
CA THR I 62 18.13 -9.79 26.09
C THR I 62 19.37 -9.74 25.20
N ASN I 63 20.29 -10.68 25.37
CA ASN I 63 21.47 -10.76 24.51
C ASN I 63 21.89 -12.21 24.37
N ASN I 64 22.71 -12.48 23.36
CA ASN I 64 23.15 -13.83 23.04
C ASN I 64 24.52 -14.15 23.62
N SER I 65 24.83 -13.59 24.78
CA SER I 65 26.14 -13.79 25.39
C SER I 65 26.21 -15.02 26.29
N GLY I 66 25.08 -15.51 26.79
CA GLY I 66 25.06 -16.65 27.66
C GLY I 66 25.51 -16.37 29.08
N ARG I 67 25.77 -15.11 29.43
CA ARG I 67 26.23 -14.74 30.75
C ARG I 67 25.07 -14.70 31.73
N GLY I 68 25.41 -14.62 33.02
CA GLY I 68 24.42 -14.66 34.07
C GLY I 68 24.39 -13.37 34.88
N TYR I 69 23.42 -13.31 35.78
CA TYR I 69 23.32 -12.20 36.71
C TYR I 69 22.65 -12.70 37.99
N MET I 70 22.89 -11.98 39.07
CA MET I 70 22.39 -12.41 40.38
C MET I 70 22.11 -11.20 41.25
N HIS I 71 20.92 -11.17 41.83
CA HIS I 71 20.57 -10.13 42.80
C HIS I 71 21.12 -10.52 44.17
N VAL I 72 21.85 -9.61 44.79
CA VAL I 72 22.51 -9.87 46.08
C VAL I 72 22.04 -8.81 47.08
N ARG I 73 21.61 -9.27 48.24
CA ARG I 73 21.25 -8.41 49.36
C ARG I 73 22.27 -8.67 50.46
N PHE I 74 23.18 -7.73 50.66
CA PHE I 74 24.36 -7.99 51.48
C PHE I 74 24.52 -6.93 52.57
N SER I 75 25.07 -7.36 53.70
CA SER I 75 25.33 -6.50 54.84
C SER I 75 26.80 -6.08 54.86
N ALA I 76 27.03 -4.79 55.04
CA ALA I 76 28.36 -4.20 54.99
C ALA I 76 28.58 -3.28 56.17
N VAL I 77 29.82 -3.24 56.63
CA VAL I 77 30.28 -2.26 57.62
C VAL I 77 30.68 -1.00 56.86
N VAL I 78 29.97 0.10 57.13
CA VAL I 78 30.14 1.35 56.42
C VAL I 78 30.45 2.45 57.42
N SER I 79 30.81 3.62 56.89
CA SER I 79 31.07 4.81 57.69
C SER I 79 30.25 5.98 57.15
N TYR I 80 29.76 6.82 58.06
CA TYR I 80 29.06 8.04 57.70
C TYR I 80 29.57 9.17 58.58
N LEU I 81 29.81 10.33 57.97
CA LEU I 81 30.30 11.50 58.68
C LEU I 81 29.22 12.58 58.70
N ASN I 82 29.06 13.22 59.84
CA ASN I 82 28.02 14.21 60.04
C ASN I 82 28.64 15.61 60.15
N ALA I 83 27.78 16.58 60.40
CA ALA I 83 28.25 17.94 60.67
C ALA I 83 28.86 18.01 62.06
N PHE I 84 29.72 19.03 62.25
CA PHE I 84 30.41 19.29 63.51
C PHE I 84 31.26 18.10 63.95
N ASP I 85 31.54 17.16 63.07
CA ASP I 85 32.30 15.98 63.44
C ASP I 85 33.79 16.32 63.52
N LEU I 86 34.46 15.75 64.51
CA LEU I 86 35.85 16.07 64.81
C LEU I 86 36.77 15.02 64.19
N ILE I 87 37.69 15.47 63.36
CA ILE I 87 38.68 14.62 62.71
C ILE I 87 40.04 15.07 63.21
N ALA I 88 40.70 14.22 63.99
CA ALA I 88 41.89 14.61 64.74
C ALA I 88 43.18 14.53 63.94
N ALA I 89 43.13 13.99 62.72
CA ALA I 89 44.36 13.86 61.92
C ALA I 89 43.97 13.99 60.44
N VAL I 90 44.11 15.19 59.91
CA VAL I 90 44.01 15.44 58.47
C VAL I 90 45.31 16.07 58.01
N LYS I 91 45.87 15.57 56.92
CA LYS I 91 47.13 16.05 56.40
C LYS I 91 46.87 17.08 55.31
N ILE I 92 47.55 18.22 55.39
CA ILE I 92 47.43 19.25 54.37
C ILE I 92 48.21 18.81 53.14
N ILE I 93 47.55 18.83 51.98
CA ILE I 93 48.17 18.38 50.75
C ILE I 93 48.37 19.52 49.75
N LYS I 94 47.62 20.61 49.87
CA LYS I 94 47.74 21.73 48.95
C LYS I 94 47.25 22.99 49.65
N ASN I 95 48.11 24.00 49.72
CA ASN I 95 47.78 25.28 50.34
C ASN I 95 48.13 26.38 49.34
N ASP I 96 47.12 26.95 48.72
CA ASP I 96 47.27 28.02 47.74
C ASP I 96 46.29 29.14 48.08
N SER I 97 46.19 30.12 47.20
CA SER I 97 45.33 31.27 47.46
C SER I 97 43.85 30.90 47.38
N ASN I 98 43.49 29.95 46.52
CA ASN I 98 42.08 29.61 46.34
C ASN I 98 41.54 28.84 47.54
N ILE I 99 42.09 27.66 47.80
CA ILE I 99 41.54 26.73 48.79
C ILE I 99 42.68 25.94 49.42
N ILE I 100 42.36 25.26 50.53
CA ILE I 100 43.28 24.33 51.18
C ILE I 100 42.68 22.94 51.08
N LEU I 101 43.50 21.96 50.74
CA LEU I 101 43.05 20.58 50.61
C LEU I 101 43.70 19.71 51.66
N GLY I 102 42.90 18.87 52.32
CA GLY I 102 43.41 17.96 53.31
C GLY I 102 42.84 16.57 53.12
N GLU I 103 43.62 15.57 53.50
CA GLU I 103 43.20 14.17 53.46
C GLU I 103 43.31 13.60 54.87
N SER I 104 42.20 13.12 55.40
CA SER I 104 42.20 12.52 56.72
C SER I 104 42.99 11.21 56.72
N LEU I 105 43.74 10.98 57.78
CA LEU I 105 44.59 9.81 57.90
C LEU I 105 43.96 8.72 58.77
N LEU I 106 42.64 8.79 58.98
CA LEU I 106 41.95 7.91 59.90
C LEU I 106 41.21 6.81 59.14
N THR I 107 40.40 6.04 59.85
CA THR I 107 39.64 4.94 59.30
C THR I 107 38.36 5.38 58.60
N GLU I 108 38.22 6.68 58.32
CA GLU I 108 37.08 7.22 57.58
C GLU I 108 37.62 8.11 56.47
N PRO I 109 37.94 7.53 55.32
CA PRO I 109 38.56 8.33 54.24
C PRO I 109 37.65 9.47 53.80
N VAL I 110 38.10 10.69 54.07
CA VAL I 110 37.40 11.90 53.67
C VAL I 110 38.43 12.93 53.24
N THR I 111 38.17 13.58 52.11
CA THR I 111 38.96 14.72 51.68
C THR I 111 38.21 16.00 52.04
N ILE I 112 38.90 16.92 52.70
CA ILE I 112 38.28 18.12 53.26
C ILE I 112 38.82 19.34 52.53
N VAL I 113 37.93 20.13 51.97
CA VAL I 113 38.27 21.42 51.41
C VAL I 113 38.10 22.47 52.50
N ILE I 114 39.01 23.44 52.52
CA ILE I 114 39.13 24.40 53.60
C ILE I 114 39.18 25.80 52.99
N PRO I 115 38.23 26.68 53.31
CA PRO I 115 38.29 28.04 52.76
C PRO I 115 39.46 28.82 53.34
N SER I 116 39.99 29.74 52.53
CA SER I 116 41.09 30.60 52.98
C SER I 116 40.60 31.91 53.58
N SER I 117 39.29 32.14 53.62
CA SER I 117 38.78 33.38 54.18
C SER I 117 39.00 33.46 55.68
N GLU I 118 38.91 32.34 56.37
CA GLU I 118 39.03 32.33 57.82
C GLU I 118 40.49 32.50 58.25
N SER I 119 40.71 33.25 59.32
CA SER I 119 42.06 33.45 59.85
C SER I 119 42.57 32.22 60.57
N GLN I 120 41.70 31.28 60.94
CA GLN I 120 42.16 30.01 61.47
C GLN I 120 43.04 29.28 60.46
N ASN I 121 42.65 29.34 59.19
CA ASN I 121 43.35 28.66 58.12
C ASN I 121 44.47 29.56 57.60
N ASN I 122 45.04 29.20 56.46
CA ASN I 122 46.19 29.87 55.86
C ASN I 122 47.43 29.81 56.76
N VAL I 123 47.39 28.99 57.81
CA VAL I 123 48.54 28.77 58.68
C VAL I 123 48.99 27.32 58.68
N ALA I 124 48.10 26.37 58.38
CA ALA I 124 48.47 24.97 58.27
C ALA I 124 49.25 24.79 56.97
N GLU I 125 50.57 24.91 57.07
CA GLU I 125 51.43 24.79 55.90
C GLU I 125 51.38 23.36 55.34
N VAL I 126 51.81 23.22 54.09
CA VAL I 126 51.75 21.92 53.42
C VAL I 126 52.62 20.92 54.17
N GLY I 127 52.07 19.74 54.41
CA GLY I 127 52.75 18.68 55.12
C GLY I 127 52.41 18.60 56.60
N GLN I 128 51.75 19.62 57.15
CA GLN I 128 51.38 19.59 58.55
C GLN I 128 50.16 18.69 58.77
N ILE I 129 50.05 18.16 59.98
CA ILE I 129 48.95 17.30 60.38
C ILE I 129 48.15 18.03 61.45
N VAL I 130 47.00 18.57 61.07
CA VAL I 130 46.21 19.39 61.98
C VAL I 130 44.89 18.69 62.26
N PRO I 131 44.26 18.92 63.42
CA PRO I 131 42.90 18.42 63.64
C PRO I 131 41.85 19.42 63.21
N VAL I 132 40.85 18.99 62.43
CA VAL I 132 39.82 19.88 61.93
C VAL I 132 38.46 19.39 62.40
N GLN I 133 37.48 20.29 62.32
CA GLN I 133 36.08 19.98 62.56
C GLN I 133 35.28 20.34 61.31
N LEU I 134 34.37 19.45 60.95
CA LEU I 134 33.57 19.63 59.75
C LEU I 134 32.52 20.72 59.97
N ALA I 135 32.16 21.40 58.87
CA ALA I 135 31.16 22.46 58.93
C ALA I 135 29.76 21.86 59.07
N ASN I 136 28.76 22.74 59.23
CA ASN I 136 27.37 22.32 59.40
C ASN I 136 26.72 22.04 58.03
N SER I 137 27.40 21.20 57.26
CA SER I 137 26.94 20.85 55.92
C SER I 137 27.05 19.35 55.73
N SER I 138 26.24 18.83 54.81
CA SER I 138 26.25 17.41 54.54
C SER I 138 27.55 17.00 53.86
N VAL I 139 28.10 15.86 54.30
CA VAL I 139 29.28 15.29 53.66
C VAL I 139 28.84 14.57 52.39
N TYR I 140 29.47 14.93 51.28
CA TYR I 140 29.07 14.42 49.98
C TYR I 140 29.68 13.04 49.76
N TYR I 141 28.86 12.09 49.34
CA TYR I 141 29.32 10.74 49.03
C TYR I 141 29.04 10.49 47.54
N ILE I 142 29.97 10.93 46.70
CA ILE I 142 29.82 10.74 45.25
C ILE I 142 30.01 9.27 44.92
N PRO I 143 29.08 8.63 44.21
CA PRO I 143 29.22 7.19 43.95
C PRO I 143 30.49 6.87 43.18
N GLY I 144 31.16 5.81 43.61
CA GLY I 144 32.36 5.34 42.96
C GLY I 144 33.65 5.98 43.44
N ARG I 145 33.58 6.98 44.30
CA ARG I 145 34.78 7.63 44.79
C ARG I 145 35.37 6.88 45.98
N GLN I 146 36.67 7.03 46.18
CA GLN I 146 37.37 6.36 47.25
C GLN I 146 37.53 7.22 48.49
N GLN I 147 36.95 8.42 48.51
CA GLN I 147 36.95 9.29 49.67
C GLN I 147 35.58 9.93 49.80
N ALA I 148 35.41 10.74 50.84
CA ALA I 148 34.23 11.55 51.04
C ALA I 148 34.59 13.01 50.89
N SER I 149 33.66 13.80 50.37
CA SER I 149 33.88 15.24 50.17
C SER I 149 33.20 15.99 51.30
N ALA I 150 33.98 16.81 52.01
CA ALA I 150 33.46 17.54 53.16
C ALA I 150 34.11 18.92 53.21
N THR I 151 33.49 19.79 53.99
CA THR I 151 34.01 21.13 54.26
C THR I 151 34.19 21.30 55.76
N GLY I 152 35.26 21.96 56.16
CA GLY I 152 35.53 22.14 57.57
C GLY I 152 36.66 23.11 57.78
N SER I 153 36.99 23.33 59.05
CA SER I 153 38.04 24.27 59.42
C SER I 153 38.80 23.72 60.62
N ILE I 154 40.01 24.25 60.83
CA ILE I 154 40.81 23.85 61.98
C ILE I 154 40.02 24.11 63.24
N PHE I 155 39.96 23.10 64.12
CA PHE I 155 39.03 23.11 65.23
C PHE I 155 39.43 24.16 66.25
N ILE I 156 38.57 25.15 66.45
CA ILE I 156 38.70 26.13 67.52
C ILE I 156 37.52 25.95 68.46
N PRO I 157 37.74 25.69 69.75
CA PRO I 157 36.62 25.43 70.66
C PRO I 157 35.66 26.62 70.72
N LYS I 158 34.37 26.32 70.79
CA LYS I 158 33.36 27.35 70.83
C LYS I 158 33.09 27.79 72.27
N HIS I 159 32.67 29.04 72.41
CA HIS I 159 32.30 29.61 73.70
C HIS I 159 30.81 29.58 73.96
N THR I 160 30.01 29.11 73.01
CA THR I 160 28.56 29.10 73.11
C THR I 160 28.06 27.66 73.27
N PHE I 161 26.97 27.51 74.02
CA PHE I 161 26.39 26.20 74.27
C PHE I 161 24.89 26.30 74.04
N SER I 162 24.17 25.22 74.36
CA SER I 162 22.73 25.17 74.19
C SER I 162 22.08 24.54 75.42
N VAL I 163 20.84 24.91 75.67
CA VAL I 163 20.06 24.39 76.78
C VAL I 163 18.87 23.62 76.23
N TYR I 164 18.67 22.41 76.72
CA TYR I 164 17.58 21.55 76.29
C TYR I 164 16.56 21.46 77.42
N HIS I 165 15.32 21.87 77.13
CA HIS I 165 14.23 21.80 78.08
C HIS I 165 13.45 20.51 77.82
N VAL I 166 13.61 19.56 78.74
CA VAL I 166 12.97 18.26 78.63
C VAL I 166 11.66 18.30 79.39
N GLN I 167 10.55 18.09 78.68
CA GLN I 167 9.22 18.03 79.26
C GLN I 167 8.58 16.66 79.08
N GLU I 168 9.33 15.68 78.58
CA GLU I 168 8.83 14.33 78.34
C GLU I 168 9.74 13.31 79.02
N GLU I 169 9.13 12.32 79.65
CA GLU I 169 9.89 11.28 80.32
C GLU I 169 10.60 10.38 79.32
N LEU I 170 11.59 9.66 79.81
CA LEU I 170 12.33 8.68 79.00
C LEU I 170 11.63 7.33 79.09
N THR I 171 11.25 6.78 77.95
CA THR I 171 10.62 5.48 77.91
C THR I 171 11.67 4.37 78.04
N GLN I 172 11.24 3.21 78.54
CA GLN I 172 12.16 2.10 78.72
C GLN I 172 12.72 1.61 77.40
N GLU I 173 11.91 1.62 76.34
CA GLU I 173 12.41 1.26 75.02
C GLU I 173 13.50 2.22 74.56
N GLN I 174 13.31 3.52 74.80
CA GLN I 174 14.33 4.50 74.44
C GLN I 174 15.59 4.30 75.27
N ALA I 175 15.45 3.93 76.54
CA ALA I 175 16.62 3.65 77.36
C ALA I 175 17.38 2.43 76.85
N LEU I 176 16.66 1.38 76.47
CA LEU I 176 17.30 0.21 75.88
C LEU I 176 17.96 0.53 74.54
N ASN I 177 17.43 1.53 73.83
CA ASN I 177 18.10 1.99 72.62
C ASN I 177 19.38 2.75 72.96
N LEU I 178 19.33 3.61 73.98
CA LEU I 178 20.48 4.45 74.33
C LEU I 178 21.60 3.68 75.01
N THR I 179 21.30 2.51 75.59
CA THR I 179 22.38 1.75 76.22
C THR I 179 23.43 1.31 75.21
N LYS I 180 23.12 1.30 73.92
CA LYS I 180 24.13 1.01 72.91
C LYS I 180 25.16 2.14 72.82
N LEU I 181 24.69 3.39 72.80
CA LEU I 181 25.62 4.52 72.87
C LEU I 181 26.36 4.53 74.19
N VAL I 182 25.69 4.09 75.26
CA VAL I 182 26.37 3.96 76.56
C VAL I 182 27.51 2.97 76.46
N ASN I 183 27.28 1.83 75.80
CA ASN I 183 28.34 0.83 75.65
C ASN I 183 29.47 1.35 74.76
N ILE I 184 29.14 2.12 73.73
CA ILE I 184 30.18 2.74 72.91
C ILE I 184 31.02 3.68 73.76
N ILE I 185 30.37 4.46 74.64
CA ILE I 185 31.08 5.35 75.54
C ILE I 185 32.00 4.54 76.46
N GLU I 186 31.50 3.42 76.99
CA GLU I 186 32.33 2.58 77.84
C GLU I 186 33.55 2.06 77.10
N MET I 187 33.36 1.62 75.86
CA MET I 187 34.48 1.11 75.07
C MET I 187 35.52 2.21 74.81
N LEU I 188 35.05 3.41 74.46
CA LEU I 188 35.99 4.51 74.22
C LEU I 188 36.73 4.89 75.50
N LEU I 189 36.04 4.89 76.63
CA LEU I 189 36.68 5.24 77.90
C LEU I 189 37.74 4.20 78.27
N GLU I 190 37.42 2.91 78.11
CA GLU I 190 38.38 1.88 78.50
C GLU I 190 39.52 1.77 77.50
N SER I 191 39.31 2.22 76.26
CA SER I 191 40.43 2.33 75.33
C SER I 191 41.29 3.55 75.64
N ARG I 192 40.68 4.62 76.18
CA ARG I 192 41.44 5.81 76.51
C ARG I 192 42.39 5.56 77.67
N SER I 193 41.96 4.79 78.67
CA SER I 193 42.80 4.52 79.82
C SER I 193 44.09 3.79 79.44
N LYS I 194 44.06 3.03 78.34
CA LYS I 194 45.25 2.32 77.89
C LYS I 194 46.30 3.25 77.28
N LYS I 195 45.96 4.50 77.01
CA LYS I 195 46.86 5.41 76.32
C LYS I 195 47.69 6.20 77.35
N ASP I 196 48.40 7.21 76.87
CA ASP I 196 49.30 7.97 77.73
C ASP I 196 48.55 9.08 78.45
N PHE I 197 48.71 9.13 79.77
CA PHE I 197 47.95 10.10 80.57
C PHE I 197 48.45 11.52 80.35
N LYS I 198 49.77 11.68 80.14
CA LYS I 198 50.31 13.02 79.89
C LYS I 198 49.76 13.60 78.59
N GLN I 199 49.67 12.77 77.55
CA GLN I 199 49.10 13.24 76.29
C GLN I 199 47.64 13.64 76.46
N ILE I 200 46.88 12.84 77.21
CA ILE I 200 45.47 13.16 77.47
C ILE I 200 45.37 14.51 78.18
N CYS I 201 46.18 14.70 79.22
CA CYS I 201 46.14 15.94 79.98
C CYS I 201 46.51 17.14 79.12
N PHE I 202 47.57 17.00 78.32
CA PHE I 202 47.99 18.10 77.46
C PHE I 202 46.90 18.45 76.44
N PHE I 203 46.34 17.44 75.79
CA PHE I 203 45.39 17.71 74.73
C PHE I 203 44.04 18.19 75.27
N GLU I 204 43.69 17.84 76.50
CA GLU I 204 42.48 18.40 77.10
C GLU I 204 42.71 19.81 77.63
N LYS I 205 43.90 20.10 78.17
CA LYS I 205 44.22 21.47 78.54
C LYS I 205 44.29 22.38 77.31
N LEU I 206 44.74 21.83 76.19
CA LEU I 206 44.92 22.62 74.97
C LEU I 206 43.58 23.07 74.40
N TYR I 207 42.61 22.16 74.32
CA TYR I 207 41.33 22.44 73.69
C TYR I 207 40.23 22.77 74.69
N TYR I 208 40.59 23.04 75.93
CA TYR I 208 39.61 23.51 76.90
C TYR I 208 39.20 24.93 76.57
N THR I 209 37.90 25.22 76.72
CA THR I 209 37.39 26.53 76.33
C THR I 209 38.05 27.65 77.12
N TYR I 210 38.15 27.49 78.43
CA TYR I 210 38.87 28.42 79.28
C TYR I 210 40.34 28.00 79.33
N SER I 211 41.10 28.62 80.23
CA SER I 211 42.47 28.21 80.52
C SER I 211 42.50 27.51 81.87
N ILE I 212 43.11 26.32 81.91
CA ILE I 212 43.17 25.57 83.15
C ILE I 212 44.07 26.32 84.14
N SER I 213 43.57 26.48 85.37
CA SER I 213 44.31 27.25 86.37
C SER I 213 45.62 26.56 86.75
N SER I 214 45.54 25.27 87.09
CA SER I 214 46.73 24.54 87.53
C SER I 214 46.46 23.05 87.35
N ASP I 215 47.49 22.25 87.63
CA ASP I 215 47.39 20.80 87.53
C ASP I 215 46.44 20.29 88.61
N GLU I 216 45.27 19.79 88.19
CA GLU I 216 44.29 19.22 89.11
C GLU I 216 43.37 18.33 88.30
N ILE I 217 43.34 17.04 88.62
CA ILE I 217 42.66 16.03 87.83
C ILE I 217 41.51 15.44 88.63
N LEU I 218 40.31 15.47 88.06
CA LEU I 218 39.17 14.76 88.60
C LEU I 218 39.16 13.33 88.08
N ASP I 219 38.91 12.40 89.01
CA ASP I 219 38.74 10.98 88.69
C ASP I 219 37.37 10.55 89.16
N LEU I 220 36.56 10.06 88.23
CA LEU I 220 35.21 9.59 88.53
C LEU I 220 35.11 8.07 88.51
N LYS I 221 36.25 7.38 88.57
CA LYS I 221 36.40 5.93 88.49
C LYS I 221 36.05 5.39 87.11
N ILE I 222 35.54 6.22 86.20
CA ILE I 222 35.33 5.83 84.82
C ILE I 222 35.93 6.83 83.84
N TRP I 223 36.11 8.09 84.22
CA TRP I 223 36.73 9.10 83.38
C TRP I 223 37.68 9.92 84.24
N LYS I 224 38.90 10.14 83.74
CA LYS I 224 39.95 10.81 84.48
C LYS I 224 40.50 11.94 83.62
N GLY I 225 40.48 13.16 84.14
CA GLY I 225 40.97 14.30 83.39
C GLY I 225 41.08 15.58 84.18
N PRO I 226 41.87 16.53 83.68
CA PRO I 226 42.10 17.77 84.43
C PRO I 226 40.80 18.54 84.66
N LYS I 227 40.73 19.19 85.84
CA LYS I 227 39.57 19.98 86.23
C LYS I 227 39.68 21.38 85.67
N GLY I 228 38.53 21.94 85.29
CA GLY I 228 38.48 23.31 84.82
C GLY I 228 37.69 24.22 85.74
N LYS I 229 37.06 25.25 85.16
CA LYS I 229 36.25 26.15 85.95
C LYS I 229 34.95 25.47 86.37
N GLU I 230 34.31 26.04 87.39
CA GLU I 230 32.99 25.62 87.84
C GLU I 230 31.97 26.67 87.41
N MET I 231 30.73 26.47 87.83
CA MET I 231 29.63 27.41 87.56
C MET I 231 28.96 27.72 88.89
N SER I 232 29.50 28.72 89.59
CA SER I 232 29.01 29.10 90.92
C SER I 232 28.95 27.91 91.86
N ARG I 233 27.74 27.47 92.19
CA ARG I 233 27.55 26.36 93.13
C ARG I 233 26.88 25.16 92.49
N LEU I 234 26.76 25.13 91.16
CA LEU I 234 26.07 24.04 90.48
C LEU I 234 27.01 22.86 90.30
N LYS I 235 26.49 21.65 90.55
CA LYS I 235 27.28 20.43 90.51
C LYS I 235 26.85 19.56 89.34
N PRO I 236 27.79 19.04 88.55
CA PRO I 236 27.45 18.18 87.43
C PRO I 236 27.08 16.77 87.89
N CYS I 237 26.45 16.02 86.99
CA CYS I 237 26.08 14.64 87.23
C CYS I 237 26.59 13.76 86.10
N ASN I 238 26.99 12.54 86.44
CA ASN I 238 27.41 11.58 85.42
C ASN I 238 26.21 11.15 84.61
N VAL I 239 26.31 11.29 83.28
CA VAL I 239 25.22 10.88 82.40
C VAL I 239 25.08 9.36 82.38
N LEU I 240 26.19 8.64 82.43
CA LEU I 240 26.15 7.19 82.35
C LEU I 240 25.39 6.59 83.53
N SER I 241 25.69 7.06 84.74
CA SER I 241 24.97 6.57 85.92
C SER I 241 23.50 6.94 85.86
N PHE I 242 23.20 8.15 85.39
CA PHE I 242 21.81 8.56 85.26
C PHE I 242 21.05 7.66 84.30
N LEU I 243 21.67 7.32 83.16
CA LEU I 243 21.04 6.41 82.21
C LEU I 243 20.85 5.02 82.80
N TYR I 244 21.89 4.50 83.45
CA TYR I 244 21.78 3.16 84.03
C TYR I 244 20.73 3.11 85.13
N ASP I 245 20.53 4.22 85.85
CA ASP I 245 19.47 4.26 86.85
C ASP I 245 18.10 4.39 86.19
N ALA I 246 18.00 5.20 85.13
CA ALA I 246 16.76 5.31 84.38
C ALA I 246 16.34 3.99 83.74
N LEU I 247 17.31 3.08 83.53
CA LEU I 247 16.95 1.71 83.15
C LEU I 247 16.09 1.06 84.23
N LYS I 248 16.36 1.37 85.50
CA LYS I 248 15.58 0.85 86.62
C LYS I 248 14.40 1.75 86.96
N ASN I 249 14.17 2.82 86.21
CA ASN I 249 13.04 3.73 86.41
C ASN I 249 13.07 4.34 87.80
N LYS I 250 14.18 5.04 88.09
CA LYS I 250 14.39 5.64 89.39
C LYS I 250 14.74 7.12 89.35
N ASN I 251 14.76 7.75 88.18
CA ASN I 251 15.15 9.15 88.07
C ASN I 251 14.21 9.87 87.11
N SER I 252 14.08 11.19 87.33
CA SER I 252 13.30 12.06 86.47
C SER I 252 14.23 12.84 85.55
N SER I 253 13.99 12.75 84.24
CA SER I 253 14.84 13.36 83.24
C SER I 253 14.37 14.75 82.81
N LEU I 254 13.27 15.24 83.37
CA LEU I 254 12.75 16.54 82.96
C LEU I 254 13.66 17.67 83.46
N GLY I 255 13.44 18.85 82.93
CA GLY I 255 14.12 20.04 83.39
C GLY I 255 15.04 20.64 82.34
N PHE I 256 15.91 21.53 82.81
CA PHE I 256 16.83 22.27 81.95
C PHE I 256 18.19 21.57 81.99
N TRP I 257 18.57 20.96 80.87
CA TRP I 257 19.84 20.28 80.72
C TRP I 257 20.80 21.14 79.92
N ALA I 258 22.06 21.11 80.29
CA ALA I 258 23.06 21.92 79.58
C ALA I 258 24.45 21.36 79.86
N ARG I 259 25.34 21.62 78.92
CA ARG I 259 26.78 21.37 79.07
C ARG I 259 27.50 22.68 78.78
N PRO I 260 27.82 23.44 79.80
CA PRO I 260 28.52 24.71 79.59
C PRO I 260 29.99 24.46 79.31
N PRO I 261 30.70 25.47 78.77
CA PRO I 261 32.13 25.28 78.47
C PRO I 261 32.98 24.94 79.68
N ASN I 262 32.50 25.24 80.90
CA ASN I 262 33.26 24.91 82.10
C ASN I 262 33.56 23.42 82.22
N LEU I 263 32.66 22.57 81.74
CA LEU I 263 32.89 21.13 81.78
C LEU I 263 33.89 20.72 80.71
N LEU I 264 34.45 19.53 80.90
CA LEU I 264 35.27 18.91 79.87
C LEU I 264 34.35 18.12 78.93
N LYS I 265 34.40 18.45 77.65
CA LYS I 265 33.47 17.86 76.69
C LYS I 265 33.59 16.34 76.63
N SER I 266 34.79 15.81 76.83
CA SER I 266 35.02 14.38 76.79
C SER I 266 34.51 13.65 78.02
N SER I 267 34.09 14.37 79.06
CA SER I 267 33.60 13.76 80.29
C SER I 267 32.10 13.58 80.25
N PRO I 268 31.57 12.54 80.88
CA PRO I 268 30.13 12.30 80.89
C PRO I 268 29.34 13.20 81.84
N LEU I 269 29.94 14.26 82.36
CA LEU I 269 29.23 15.18 83.24
C LEU I 269 28.23 16.02 82.45
N ALA I 270 27.16 16.42 83.13
CA ALA I 270 26.16 17.30 82.56
C ALA I 270 25.44 18.02 83.68
N TYR I 271 24.78 19.12 83.33
CA TYR I 271 24.08 19.95 84.29
C TYR I 271 22.58 19.84 84.06
N GLN I 272 21.89 19.19 84.99
CA GLN I 272 20.43 19.16 85.01
C GLN I 272 19.94 20.03 86.15
N GLN I 273 19.00 20.93 85.84
CA GLN I 273 18.45 21.84 86.85
C GLN I 273 16.94 21.84 86.73
N ASP I 274 16.28 22.21 87.83
CA ASP I 274 14.84 22.41 87.81
C ASP I 274 14.45 23.79 87.30
N GLN I 275 15.41 24.69 87.14
CA GLN I 275 15.17 26.02 86.63
C GLN I 275 16.25 26.35 85.59
N ASN I 276 15.92 27.28 84.70
CA ASN I 276 16.88 27.74 83.69
C ASN I 276 17.86 28.71 84.35
N SER I 277 18.79 28.15 85.11
CA SER I 277 19.83 28.93 85.76
C SER I 277 21.06 29.10 84.89
N PHE I 278 21.02 28.60 83.66
CA PHE I 278 22.15 28.74 82.74
C PHE I 278 22.10 30.10 82.06
N ASN I 279 23.28 30.69 81.85
CA ASN I 279 23.39 31.99 81.20
C ASN I 279 23.46 31.82 79.68
N ALA I 280 22.42 31.18 79.14
CA ALA I 280 22.35 30.90 77.71
C ALA I 280 22.07 32.17 76.92
N THR I 281 22.66 32.26 75.73
CA THR I 281 22.46 33.37 74.83
C THR I 281 21.44 33.07 73.74
N GLU I 282 20.57 32.09 73.99
CA GLU I 282 19.54 31.72 73.01
C GLU I 282 18.39 31.06 73.76
N LEU I 283 17.24 30.99 73.11
CA LEU I 283 16.05 30.42 73.73
C LEU I 283 16.25 28.93 73.96
N PRO I 284 15.93 28.40 75.15
CA PRO I 284 16.04 26.97 75.39
C PRO I 284 15.23 26.15 74.40
N ILE I 285 15.75 25.01 73.98
CA ILE I 285 15.14 24.18 72.97
C ILE I 285 14.21 23.18 73.65
N ILE I 286 12.90 23.33 73.41
CA ILE I 286 11.93 22.39 73.98
C ILE I 286 12.03 21.08 73.24
N CYS I 287 12.17 19.99 73.98
CA CYS I 287 12.31 18.66 73.37
C CYS I 287 11.95 17.61 74.40
N SER I 288 12.24 16.35 74.06
CA SER I 288 12.04 15.22 74.95
C SER I 288 13.38 14.77 75.52
N ALA I 289 13.30 13.79 76.43
CA ALA I 289 14.52 13.27 77.05
C ALA I 289 15.39 12.53 76.05
N GLU I 290 14.75 11.82 75.11
CA GLU I 290 15.51 11.06 74.12
C GLU I 290 16.37 11.98 73.24
N VAL I 291 15.81 13.11 72.82
CA VAL I 291 16.56 14.03 71.96
C VAL I 291 17.80 14.55 72.66
N MET I 292 17.62 15.04 73.89
CA MET I 292 18.75 15.62 74.63
C MET I 292 19.77 14.57 74.99
N PHE I 293 19.32 13.39 75.42
CA PHE I 293 20.25 12.29 75.69
C PHE I 293 21.05 11.92 74.46
N VAL I 294 20.39 11.81 73.30
CA VAL I 294 21.10 11.47 72.07
C VAL I 294 22.13 12.54 71.74
N THR I 295 21.74 13.81 71.85
CA THR I 295 22.64 14.89 71.50
C THR I 295 23.87 14.90 72.41
N LEU I 296 23.64 14.90 73.74
CA LEU I 296 24.77 14.94 74.67
C LEU I 296 25.64 13.71 74.55
N LEU I 297 25.03 12.53 74.41
CA LEU I 297 25.81 11.31 74.23
C LEU I 297 26.69 11.42 73.00
N LYS I 298 26.08 11.64 71.83
CA LYS I 298 26.86 11.74 70.59
C LYS I 298 27.96 12.79 70.70
N GLU I 299 27.70 13.87 71.44
CA GLU I 299 28.78 14.83 71.70
C GLU I 299 29.91 14.18 72.49
N ILE I 300 29.58 13.36 73.49
CA ILE I 300 30.62 12.72 74.29
C ILE I 300 31.40 11.71 73.44
N ILE I 301 30.71 10.92 72.62
CA ILE I 301 31.42 10.04 71.68
C ILE I 301 32.35 10.86 70.78
N ASN I 302 31.84 11.98 70.24
CA ASN I 302 32.65 12.78 69.34
C ASN I 302 33.92 13.27 70.00
N TYR I 303 33.80 13.83 71.20
CA TYR I 303 34.99 14.38 71.86
C TYR I 303 35.92 13.31 72.40
N LEU I 304 35.38 12.16 72.84
CA LEU I 304 36.23 11.05 73.23
C LEU I 304 37.05 10.54 72.05
N GLN I 305 36.38 10.35 70.91
CA GLN I 305 37.09 9.97 69.69
C GLN I 305 38.14 11.01 69.34
N PHE I 306 37.80 12.29 69.44
CA PHE I 306 38.73 13.35 69.11
C PHE I 306 39.99 13.27 69.97
N ILE I 307 39.82 13.19 71.28
CA ILE I 307 40.98 13.21 72.18
C ILE I 307 41.82 11.94 72.01
N ASN I 308 41.15 10.77 71.99
CA ASN I 308 41.89 9.52 71.88
C ASN I 308 42.66 9.46 70.56
N ASP I 309 42.03 9.88 69.46
CA ASP I 309 42.68 9.80 68.17
C ASP I 309 43.76 10.88 68.02
N LEU I 310 43.59 12.01 68.69
CA LEU I 310 44.66 13.00 68.77
C LEU I 310 45.89 12.41 69.46
N CYS I 311 45.69 11.70 70.56
CA CYS I 311 46.81 11.07 71.24
C CYS I 311 47.41 9.95 70.39
N ASP I 312 46.57 9.22 69.65
CA ASP I 312 47.07 8.17 68.78
C ASP I 312 47.94 8.74 67.66
N THR I 313 47.51 9.85 67.05
CA THR I 313 48.27 10.43 65.95
C THR I 313 49.57 11.06 66.44
N PHE I 314 49.49 11.85 67.51
CA PHE I 314 50.64 12.56 68.05
C PHE I 314 51.21 11.73 69.20
N ASN I 315 52.24 10.95 68.89
CA ASN I 315 52.84 10.05 69.87
C ASN I 315 54.14 10.59 70.47
N ASN I 316 54.86 11.46 69.77
CA ASN I 316 56.14 11.96 70.23
C ASN I 316 56.11 13.48 70.30
N GLU I 317 57.01 14.02 71.14
CA GLU I 317 57.10 15.47 71.30
C GLU I 317 57.64 16.16 70.05
N GLN I 318 58.29 15.42 69.15
CA GLN I 318 58.81 16.04 67.94
C GLN I 318 57.68 16.61 67.09
N LEU I 319 56.60 15.84 66.90
CA LEU I 319 55.45 16.34 66.16
C LEU I 319 54.74 17.45 66.93
N ILE I 320 54.80 17.40 68.27
CA ILE I 320 54.21 18.48 69.07
C ILE I 320 54.92 19.79 68.77
N LYS I 321 56.26 19.76 68.74
CA LYS I 321 57.02 20.98 68.47
C LYS I 321 56.89 21.40 67.00
N ARG I 322 56.80 20.41 66.09
CA ARG I 322 56.61 20.75 64.69
C ARG I 322 55.25 21.41 64.45
N HIS I 323 54.27 21.12 65.29
CA HIS I 323 52.95 21.71 65.21
C HIS I 323 52.70 22.76 66.27
N GLU I 324 53.75 23.32 66.86
CA GLU I 324 53.58 24.30 67.93
C GLU I 324 52.89 25.56 67.44
N ASN I 325 52.97 25.85 66.13
CA ASN I 325 52.23 26.98 65.58
C ASN I 325 50.73 26.76 65.68
N ILE I 326 50.27 25.55 65.32
CA ILE I 326 48.85 25.24 65.45
C ILE I 326 48.43 25.31 66.90
N TRP I 327 49.30 24.82 67.80
CA TRP I 327 48.96 24.89 69.23
C TRP I 327 48.89 26.32 69.73
N MET I 328 49.74 27.21 69.19
CA MET I 328 49.66 28.61 69.59
C MET I 328 48.39 29.26 69.07
N LEU I 329 47.99 28.95 67.84
CA LEU I 329 46.70 29.42 67.33
C LEU I 329 45.54 28.89 68.17
N ILE I 330 45.66 27.66 68.67
CA ILE I 330 44.62 27.12 69.54
C ILE I 330 44.57 27.87 70.87
N GLU I 331 45.74 28.06 71.48
CA GLU I 331 45.81 28.67 72.81
C GLU I 331 45.42 30.14 72.79
N GLN I 332 45.69 30.83 71.68
CA GLN I 332 45.45 32.27 71.63
C GLN I 332 43.96 32.59 71.73
N ARG I 333 43.11 31.76 71.13
CA ARG I 333 41.67 32.05 71.08
C ARG I 333 40.96 31.30 72.19
N LYS I 334 41.08 31.85 73.40
CA LYS I 334 40.29 31.44 74.55
C LYS I 334 39.77 32.68 75.26
N ILE I 335 38.60 32.55 75.88
CA ILE I 335 38.00 33.66 76.62
C ILE I 335 38.62 33.74 78.00
N GLY I 336 38.83 34.97 78.48
CA GLY I 336 39.49 35.19 79.75
C GLY I 336 38.69 34.76 80.96
MG MG J . 7.54 -13.50 -9.94
ZN ZN K . 28.25 11.32 26.06
ZN ZN L . -11.73 34.46 41.25
ZN ZN M . 58.59 -12.60 29.21
ZN ZN N . 19.13 8.64 39.46
ZN ZN O . 22.42 -24.63 -37.38
ZN ZN P . -42.65 5.08 -42.41
ZN ZN Q . -41.81 44.46 -5.22
ZN ZN R . -55.13 -16.46 -5.85
ZN ZN S . -36.40 -33.65 -26.12
#